data_8FTW
#
_entry.id   8FTW
#
_entity_poly.entity_id   1
_entity_poly.type   'polypeptide(L)'
_entity_poly.pdbx_seq_one_letter_code
;MTSTVEFINRWQRIALLSQSLLELAQRGEWDLLLQQEVSYLQSIETVMEKQTPPGITRSIQDMVAGYIKQTLDNEQLLKG
LLQQRLDELSSLIGQVLFQGPSAGLVPRGSGGIEGSNLNTDMGNGIASNRWINYQQFIQTLEKAIEQHRLQLTQWTQKVD
LALKSW
;
_entity_poly.pdbx_strand_id   A
#
# COMPACT_ATOMS: atom_id res chain seq x y z
N MET A 1 9.91 28.30 5.13
CA MET A 1 9.83 27.66 3.80
C MET A 1 10.44 26.25 3.83
N THR A 2 11.75 26.18 4.16
CA THR A 2 12.58 24.95 4.03
C THR A 2 11.93 23.69 4.66
N SER A 3 11.53 23.81 5.95
CA SER A 3 10.94 22.69 6.72
C SER A 3 9.61 22.21 6.11
N THR A 4 8.80 23.19 5.68
CA THR A 4 7.51 22.94 5.04
C THR A 4 7.71 22.25 3.68
N VAL A 5 8.77 22.65 2.95
CA VAL A 5 9.13 22.06 1.66
C VAL A 5 9.59 20.60 1.85
N GLU A 6 10.33 20.33 2.94
CA GLU A 6 10.76 18.95 3.31
C GLU A 6 9.53 18.04 3.48
N PHE A 7 8.57 18.56 4.25
CA PHE A 7 7.29 17.91 4.57
C PHE A 7 6.50 17.55 3.28
N ILE A 8 6.25 18.57 2.44
CA ILE A 8 5.50 18.45 1.17
C ILE A 8 6.22 17.49 0.21
N ASN A 9 7.55 17.68 0.07
CA ASN A 9 8.44 16.88 -0.81
C ASN A 9 8.33 15.38 -0.51
N ARG A 10 8.32 15.05 0.78
CA ARG A 10 8.26 13.66 1.24
C ARG A 10 6.83 13.07 1.12
N TRP A 11 5.80 13.93 1.21
CA TRP A 11 4.41 13.51 0.91
C TRP A 11 4.17 13.39 -0.61
N GLN A 12 4.94 14.15 -1.41
CA GLN A 12 4.95 14.04 -2.89
C GLN A 12 5.60 12.71 -3.27
N ARG A 13 6.66 12.36 -2.51
CA ARG A 13 7.37 11.08 -2.65
C ARG A 13 6.36 9.94 -2.50
N ILE A 14 5.68 9.87 -1.33
CA ILE A 14 4.72 8.76 -1.03
C ILE A 14 3.54 8.74 -2.02
N ALA A 15 3.00 9.94 -2.34
CA ALA A 15 1.83 10.10 -3.23
C ALA A 15 2.08 9.46 -4.61
N LEU A 16 3.13 9.96 -5.29
CA LEU A 16 3.48 9.55 -6.67
C LEU A 16 4.07 8.13 -6.69
N LEU A 17 4.72 7.74 -5.59
CA LEU A 17 5.36 6.42 -5.42
C LEU A 17 4.30 5.31 -5.35
N SER A 18 3.34 5.48 -4.41
CA SER A 18 2.23 4.54 -4.22
C SER A 18 1.33 4.52 -5.45
N GLN A 19 1.22 5.69 -6.12
CA GLN A 19 0.48 5.82 -7.39
C GLN A 19 1.13 4.96 -8.48
N SER A 20 2.46 5.08 -8.62
CA SER A 20 3.25 4.30 -9.59
C SER A 20 3.12 2.79 -9.33
N LEU A 21 3.14 2.41 -8.04
CA LEU A 21 3.06 1.00 -7.61
C LEU A 21 1.66 0.42 -7.84
N LEU A 22 0.64 1.24 -7.62
CA LEU A 22 -0.74 0.87 -7.89
C LEU A 22 -0.89 0.53 -9.39
N GLU A 23 -0.42 1.46 -10.24
CA GLU A 23 -0.45 1.31 -11.71
C GLU A 23 0.41 0.11 -12.15
N LEU A 24 1.55 -0.08 -11.47
CA LEU A 24 2.53 -1.14 -11.79
C LEU A 24 1.86 -2.52 -11.65
N ALA A 25 1.19 -2.69 -10.50
CA ALA A 25 0.40 -3.89 -10.18
C ALA A 25 -0.74 -4.12 -11.21
N GLN A 26 -1.54 -3.06 -11.48
CA GLN A 26 -2.66 -3.09 -12.47
C GLN A 26 -2.19 -3.55 -13.88
N ARG A 27 -0.98 -3.15 -14.27
CA ARG A 27 -0.37 -3.50 -15.56
C ARG A 27 0.14 -4.96 -15.58
N GLY A 28 0.42 -5.52 -14.40
CA GLY A 28 0.87 -6.90 -14.25
C GLY A 28 2.37 -7.02 -14.01
N GLU A 29 2.98 -5.97 -13.45
CA GLU A 29 4.39 -5.96 -13.03
C GLU A 29 4.44 -6.19 -11.50
N TRP A 30 4.09 -7.41 -11.12
CA TRP A 30 3.92 -7.83 -9.71
C TRP A 30 5.26 -8.20 -9.04
N ASP A 31 6.11 -8.88 -9.80
CA ASP A 31 7.45 -9.26 -9.34
C ASP A 31 8.32 -7.99 -9.19
N LEU A 32 8.06 -7.02 -10.11
CA LEU A 32 8.72 -5.70 -10.12
C LEU A 32 8.21 -4.88 -8.92
N LEU A 33 6.91 -5.07 -8.60
CA LEU A 33 6.26 -4.46 -7.42
C LEU A 33 6.99 -4.86 -6.14
N LEU A 34 7.35 -6.16 -6.06
CA LEU A 34 8.12 -6.71 -4.93
C LEU A 34 9.61 -6.31 -4.98
N GLN A 35 10.13 -6.02 -6.18
CA GLN A 35 11.49 -5.40 -6.33
C GLN A 35 11.48 -3.93 -5.87
N GLN A 36 10.27 -3.37 -5.71
CA GLN A 36 10.04 -2.01 -5.18
C GLN A 36 9.29 -2.04 -3.83
N GLU A 37 8.97 -3.25 -3.31
CA GLU A 37 8.43 -3.46 -1.95
C GLU A 37 9.23 -2.70 -0.90
N VAL A 38 10.51 -3.08 -0.77
CA VAL A 38 11.42 -2.52 0.24
C VAL A 38 11.67 -1.02 0.00
N SER A 39 11.76 -0.63 -1.30
CA SER A 39 11.86 0.78 -1.70
C SER A 39 10.72 1.63 -1.09
N TYR A 40 9.49 1.12 -1.28
CA TYR A 40 8.24 1.76 -0.83
C TYR A 40 8.17 1.82 0.70
N LEU A 41 8.12 0.63 1.31
CA LEU A 41 7.96 0.47 2.76
C LEU A 41 9.03 1.24 3.56
N GLN A 42 10.30 1.21 3.09
CA GLN A 42 11.40 1.97 3.71
C GLN A 42 11.10 3.49 3.65
N SER A 43 10.86 4.02 2.43
CA SER A 43 10.64 5.46 2.23
C SER A 43 9.41 5.98 3.01
N ILE A 44 8.30 5.21 2.95
CA ILE A 44 7.01 5.60 3.54
C ILE A 44 7.14 5.70 5.08
N GLU A 45 7.89 4.77 5.69
CA GLU A 45 8.20 4.80 7.14
C GLU A 45 9.10 6.00 7.49
N THR A 46 10.16 6.22 6.68
CA THR A 46 11.17 7.28 6.95
C THR A 46 10.60 8.70 6.71
N VAL A 47 9.43 8.78 6.04
CA VAL A 47 8.66 10.04 5.96
C VAL A 47 7.75 10.19 7.20
N MET A 48 6.89 9.18 7.44
CA MET A 48 5.81 9.25 8.47
C MET A 48 6.36 9.28 9.92
N GLU A 49 7.64 8.89 10.11
CA GLU A 49 8.31 8.97 11.42
C GLU A 49 8.60 10.45 11.80
N LYS A 50 8.64 11.34 10.79
CA LYS A 50 8.80 12.80 10.98
C LYS A 50 7.47 13.41 11.43
N GLN A 51 7.56 14.43 12.30
CA GLN A 51 6.38 15.18 12.77
C GLN A 51 6.14 16.40 11.86
N THR A 52 4.87 16.82 11.77
CA THR A 52 4.45 17.94 10.91
C THR A 52 5.05 19.29 11.41
N PRO A 53 5.97 19.93 10.61
CA PRO A 53 6.61 21.23 10.97
C PRO A 53 5.65 22.45 10.82
N PRO A 54 5.99 23.63 11.44
CA PRO A 54 5.20 24.88 11.28
C PRO A 54 5.50 25.63 9.96
N GLY A 55 4.91 26.83 9.82
CA GLY A 55 5.04 27.64 8.61
C GLY A 55 4.00 27.30 7.54
N ILE A 56 3.04 26.45 7.93
CA ILE A 56 2.00 25.92 7.02
C ILE A 56 0.95 27.02 6.72
N THR A 57 0.41 27.02 5.48
CA THR A 57 -0.69 27.91 5.08
C THR A 57 -1.93 27.06 4.69
N ARG A 58 -3.01 27.74 4.28
CA ARG A 58 -4.26 27.12 3.80
C ARG A 58 -3.95 26.24 2.58
N SER A 59 -3.29 26.86 1.58
CA SER A 59 -2.89 26.19 0.32
C SER A 59 -2.04 24.93 0.58
N ILE A 60 -1.09 25.07 1.53
CA ILE A 60 -0.16 23.98 1.88
C ILE A 60 -0.90 22.78 2.50
N GLN A 61 -1.79 23.05 3.47
CA GLN A 61 -2.53 21.99 4.19
C GLN A 61 -3.42 21.19 3.23
N ASP A 62 -4.16 21.92 2.37
CA ASP A 62 -5.07 21.31 1.37
C ASP A 62 -4.29 20.51 0.32
N MET A 63 -3.12 21.04 -0.08
CA MET A 63 -2.26 20.40 -1.11
C MET A 63 -1.64 19.09 -0.58
N VAL A 64 -1.09 19.16 0.65
CA VAL A 64 -0.53 17.98 1.36
C VAL A 64 -1.64 16.96 1.64
N ALA A 65 -2.83 17.47 2.00
CA ALA A 65 -4.03 16.63 2.18
C ALA A 65 -4.36 15.88 0.89
N GLY A 66 -4.13 16.56 -0.26
CA GLY A 66 -4.28 15.97 -1.58
C GLY A 66 -3.27 14.84 -1.82
N TYR A 67 -2.02 15.03 -1.36
CA TYR A 67 -0.96 14.00 -1.48
C TYR A 67 -1.25 12.76 -0.62
N ILE A 68 -1.62 12.99 0.65
CA ILE A 68 -1.87 11.92 1.62
C ILE A 68 -3.12 11.12 1.18
N LYS A 69 -4.19 11.85 0.80
CA LYS A 69 -5.46 11.25 0.34
C LYS A 69 -5.23 10.49 -0.99
N GLN A 70 -4.34 11.02 -1.84
CA GLN A 70 -3.94 10.37 -3.12
C GLN A 70 -3.41 8.97 -2.82
N THR A 71 -2.40 8.91 -1.91
CA THR A 71 -1.79 7.63 -1.51
C THR A 71 -2.71 6.81 -0.58
N LEU A 72 -3.74 7.43 0.04
CA LEU A 72 -4.78 6.67 0.78
C LEU A 72 -5.55 5.79 -0.21
N ASP A 73 -5.90 6.39 -1.36
CA ASP A 73 -6.55 5.68 -2.47
C ASP A 73 -5.62 4.62 -3.04
N ASN A 74 -4.36 5.00 -3.27
CA ASN A 74 -3.34 4.14 -3.89
C ASN A 74 -3.05 2.89 -3.03
N GLU A 75 -2.99 3.09 -1.70
CA GLU A 75 -2.73 2.01 -0.72
C GLU A 75 -3.94 1.07 -0.62
N GLN A 76 -5.16 1.63 -0.48
CA GLN A 76 -6.41 0.81 -0.31
C GLN A 76 -6.72 -0.02 -1.58
N LEU A 77 -6.41 0.57 -2.74
CA LEU A 77 -6.61 -0.09 -4.03
C LEU A 77 -5.53 -1.16 -4.22
N LEU A 78 -4.28 -0.85 -3.80
CA LEU A 78 -3.17 -1.83 -3.82
C LEU A 78 -3.51 -3.03 -2.90
N LYS A 79 -4.19 -2.74 -1.76
CA LYS A 79 -4.74 -3.78 -0.86
C LYS A 79 -5.69 -4.70 -1.65
N GLY A 80 -6.62 -4.04 -2.38
CA GLY A 80 -7.65 -4.74 -3.15
C GLY A 80 -7.10 -5.73 -4.16
N LEU A 81 -6.32 -5.25 -5.15
CA LEU A 81 -5.90 -6.10 -6.28
C LEU A 81 -4.67 -6.96 -5.95
N LEU A 82 -3.87 -6.58 -4.91
CA LEU A 82 -2.75 -7.43 -4.45
C LEU A 82 -3.31 -8.61 -3.67
N GLN A 83 -4.36 -8.38 -2.85
CA GLN A 83 -5.05 -9.46 -2.14
C GLN A 83 -5.73 -10.39 -3.15
N GLN A 84 -6.39 -9.80 -4.18
CA GLN A 84 -6.99 -10.58 -5.28
C GLN A 84 -5.91 -11.41 -6.02
N ARG A 85 -4.70 -10.82 -6.14
CA ARG A 85 -3.54 -11.50 -6.73
C ARG A 85 -3.12 -12.69 -5.85
N LEU A 86 -3.23 -12.54 -4.52
CA LEU A 86 -2.92 -13.62 -3.56
C LEU A 86 -3.89 -14.79 -3.75
N ASP A 87 -5.18 -14.45 -3.82
CA ASP A 87 -6.29 -15.40 -4.08
C ASP A 87 -6.01 -16.26 -5.33
N GLU A 88 -5.76 -15.58 -6.46
CA GLU A 88 -5.56 -16.26 -7.74
C GLU A 88 -4.25 -17.07 -7.76
N LEU A 89 -3.15 -16.54 -7.15
CA LEU A 89 -1.83 -17.24 -7.07
C LEU A 89 -1.98 -18.61 -6.36
N SER A 90 -2.78 -18.61 -5.29
CA SER A 90 -3.03 -19.80 -4.48
C SER A 90 -3.85 -20.86 -5.21
N SER A 91 -4.89 -20.41 -5.92
CA SER A 91 -5.75 -21.29 -6.73
C SER A 91 -5.07 -21.69 -8.07
N LEU A 92 -4.05 -20.91 -8.47
CA LEU A 92 -3.26 -21.12 -9.71
C LEU A 92 -2.23 -22.24 -9.51
N ILE A 93 -1.41 -22.07 -8.46
CA ILE A 93 -0.37 -23.05 -8.08
C ILE A 93 -1.00 -24.24 -7.35
N GLY A 94 -1.73 -23.94 -6.26
CA GLY A 94 -2.31 -24.95 -5.39
C GLY A 94 -1.36 -25.38 -4.26
N GLN A 95 -1.75 -26.48 -3.60
CA GLN A 95 -1.02 -27.04 -2.44
C GLN A 95 0.29 -27.72 -2.91
N VAL A 96 1.26 -27.74 -2.00
CA VAL A 96 2.59 -28.32 -2.23
C VAL A 96 3.20 -28.63 -0.83
N LEU A 97 4.49 -28.33 -0.57
CA LEU A 97 5.10 -28.36 0.79
C LEU A 97 4.23 -27.57 1.78
N PHE A 98 3.70 -26.45 1.27
CA PHE A 98 2.81 -25.54 1.99
C PHE A 98 1.36 -25.87 1.59
N GLN A 99 0.53 -26.19 2.59
CA GLN A 99 -0.90 -26.50 2.38
C GLN A 99 -1.70 -25.19 2.15
N GLY A 100 -3.01 -25.34 1.90
CA GLY A 100 -3.88 -24.20 1.60
C GLY A 100 -5.35 -24.51 1.84
N PRO A 101 -6.25 -23.50 1.67
CA PRO A 101 -7.70 -23.66 1.93
C PRO A 101 -8.42 -24.34 0.75
N SER A 102 -8.15 -25.65 0.55
CA SER A 102 -8.84 -26.52 -0.43
C SER A 102 -8.76 -25.97 -1.88
N ALA A 103 -7.63 -25.32 -2.21
CA ALA A 103 -7.41 -24.69 -3.53
C ALA A 103 -7.09 -25.73 -4.62
N GLY A 104 -6.91 -27.01 -4.22
CA GLY A 104 -6.44 -28.07 -5.12
C GLY A 104 -4.93 -27.97 -5.29
N LEU A 105 -4.34 -28.74 -6.24
CA LEU A 105 -2.89 -28.65 -6.53
C LEU A 105 -2.62 -28.89 -8.01
N VAL A 106 -1.59 -28.18 -8.52
CA VAL A 106 -1.11 -28.32 -9.90
C VAL A 106 0.43 -28.48 -9.84
N PRO A 107 0.99 -29.65 -10.31
CA PRO A 107 2.46 -29.87 -10.37
C PRO A 107 3.11 -28.93 -11.41
N ARG A 108 3.44 -27.71 -10.96
CA ARG A 108 4.06 -26.66 -11.78
C ARG A 108 5.00 -25.85 -10.88
N GLY A 109 6.25 -25.66 -11.33
CA GLY A 109 7.25 -24.89 -10.59
C GLY A 109 7.21 -23.42 -10.95
N SER A 110 5.99 -22.83 -10.87
CA SER A 110 5.70 -21.42 -11.23
C SER A 110 6.00 -21.15 -12.74
N GLY A 111 5.98 -19.87 -13.14
CA GLY A 111 6.37 -19.47 -14.50
C GLY A 111 6.35 -17.96 -14.65
N GLY A 112 7.12 -17.29 -13.78
CA GLY A 112 7.11 -15.82 -13.69
C GLY A 112 5.82 -15.34 -13.07
N ILE A 113 4.96 -14.69 -13.87
CA ILE A 113 3.59 -14.32 -13.47
C ILE A 113 2.64 -14.95 -14.49
N GLU A 114 2.12 -16.14 -14.15
CA GLU A 114 1.21 -16.90 -15.03
C GLU A 114 -0.14 -16.17 -15.10
N GLY A 115 -0.66 -15.76 -13.92
CA GLY A 115 -1.93 -15.05 -13.81
C GLY A 115 -3.14 -15.98 -13.92
N SER A 116 -4.28 -15.55 -13.37
CA SER A 116 -5.54 -16.33 -13.35
C SER A 116 -6.71 -15.51 -12.80
N ASN A 117 -7.90 -16.14 -12.66
CA ASN A 117 -9.12 -15.50 -12.13
C ASN A 117 -9.90 -16.50 -11.26
N LEU A 118 -9.56 -16.57 -9.95
CA LEU A 118 -10.26 -17.46 -8.99
C LEU A 118 -9.86 -17.07 -7.56
N ASN A 119 -10.84 -17.02 -6.63
CA ASN A 119 -10.60 -16.57 -5.24
C ASN A 119 -10.12 -17.73 -4.34
N THR A 120 -9.59 -17.36 -3.15
CA THR A 120 -9.09 -18.28 -2.12
C THR A 120 -9.37 -17.64 -0.73
N ASP A 121 -9.67 -18.49 0.28
CA ASP A 121 -10.04 -18.04 1.64
C ASP A 121 -8.95 -17.19 2.30
N MET A 122 -7.68 -17.58 2.07
CA MET A 122 -6.50 -16.78 2.48
C MET A 122 -5.43 -16.88 1.38
N GLY A 123 -4.69 -18.02 1.36
CA GLY A 123 -3.65 -18.20 0.35
C GLY A 123 -2.69 -19.36 0.60
N ASN A 124 -1.76 -19.54 -0.37
CA ASN A 124 -0.72 -20.62 -0.41
C ASN A 124 0.06 -20.55 -1.76
N GLY A 125 1.14 -21.36 -1.91
CA GLY A 125 1.84 -21.47 -3.20
C GLY A 125 3.23 -22.11 -3.11
N ILE A 126 3.85 -22.38 -4.28
CA ILE A 126 5.23 -22.94 -4.37
C ILE A 126 6.26 -21.81 -4.28
N ALA A 127 5.89 -20.62 -4.82
CA ALA A 127 6.73 -19.41 -4.76
C ALA A 127 6.71 -18.87 -3.32
N SER A 128 7.42 -19.61 -2.43
CA SER A 128 7.40 -19.43 -0.97
C SER A 128 7.88 -18.04 -0.59
N ASN A 129 9.12 -17.73 -1.02
CA ASN A 129 9.81 -16.45 -0.71
C ASN A 129 8.93 -15.26 -1.14
N ARG A 130 8.42 -15.34 -2.39
CA ARG A 130 7.63 -14.28 -3.02
C ARG A 130 6.28 -14.07 -2.30
N TRP A 131 5.67 -15.18 -1.86
CA TRP A 131 4.37 -15.15 -1.15
C TRP A 131 4.56 -14.54 0.27
N ILE A 132 5.67 -14.92 0.94
CA ILE A 132 6.04 -14.38 2.27
C ILE A 132 6.32 -12.87 2.15
N ASN A 133 6.89 -12.45 1.00
CA ASN A 133 7.12 -11.04 0.67
C ASN A 133 5.80 -10.27 0.54
N TYR A 134 4.82 -10.87 -0.14
CA TYR A 134 3.46 -10.29 -0.27
C TYR A 134 2.76 -10.12 1.09
N GLN A 135 2.93 -11.10 1.98
CA GLN A 135 2.45 -11.03 3.37
C GLN A 135 3.12 -9.86 4.12
N GLN A 136 4.46 -9.74 3.95
CA GLN A 136 5.26 -8.62 4.52
C GLN A 136 4.77 -7.28 3.97
N PHE A 137 4.38 -7.31 2.67
CA PHE A 137 3.88 -6.15 1.93
C PHE A 137 2.62 -5.66 2.65
N ILE A 138 1.61 -6.54 2.78
CA ILE A 138 0.29 -6.20 3.34
C ILE A 138 0.38 -5.74 4.80
N GLN A 139 1.26 -6.39 5.60
CA GLN A 139 1.42 -6.08 7.03
C GLN A 139 2.00 -4.66 7.21
N THR A 140 3.07 -4.35 6.46
CA THR A 140 3.71 -3.03 6.53
C THR A 140 2.82 -1.96 5.82
N LEU A 141 1.99 -2.40 4.84
CA LEU A 141 0.94 -1.54 4.22
C LEU A 141 -0.16 -1.25 5.25
N GLU A 142 -0.39 -2.21 6.17
CA GLU A 142 -1.47 -2.12 7.17
C GLU A 142 -1.11 -1.08 8.22
N LYS A 143 0.16 -1.14 8.65
CA LYS A 143 0.71 -0.19 9.62
C LYS A 143 0.96 1.18 8.94
N ALA A 144 1.25 1.15 7.62
CA ALA A 144 1.45 2.37 6.81
C ALA A 144 0.12 3.14 6.63
N ILE A 145 -0.96 2.39 6.32
CA ILE A 145 -2.30 2.96 6.10
C ILE A 145 -2.93 3.32 7.45
N GLU A 146 -2.46 2.67 8.54
CA GLU A 146 -2.83 3.02 9.92
C GLU A 146 -2.30 4.42 10.27
N GLN A 147 -0.98 4.63 10.09
CA GLN A 147 -0.32 5.92 10.39
C GLN A 147 -0.84 7.02 9.46
N HIS A 148 -1.07 6.65 8.19
CA HIS A 148 -1.64 7.56 7.17
C HIS A 148 -3.02 8.10 7.62
N ARG A 149 -3.91 7.15 7.96
CA ARG A 149 -5.26 7.42 8.51
C ARG A 149 -5.19 8.42 9.68
N LEU A 150 -4.53 7.99 10.78
CA LEU A 150 -4.43 8.77 12.05
C LEU A 150 -3.79 10.16 11.86
N GLN A 151 -2.75 10.24 11.03
CA GLN A 151 -1.99 11.49 10.81
C GLN A 151 -2.74 12.45 9.87
N LEU A 152 -3.54 11.91 8.92
CA LEU A 152 -4.31 12.76 7.96
C LEU A 152 -5.52 13.31 8.70
N THR A 153 -6.08 12.44 9.52
CA THR A 153 -7.13 12.73 10.49
C THR A 153 -6.69 13.89 11.42
N GLN A 154 -5.53 13.76 12.08
CA GLN A 154 -5.01 14.78 13.02
C GLN A 154 -4.69 16.09 12.24
N TRP A 155 -4.17 15.92 11.02
CA TRP A 155 -3.70 17.00 10.17
C TRP A 155 -4.84 17.93 9.70
N THR A 156 -5.90 17.34 9.13
CA THR A 156 -6.94 18.09 8.40
C THR A 156 -8.34 17.94 9.02
N GLN A 157 -8.62 16.76 9.58
CA GLN A 157 -9.99 16.37 10.01
C GLN A 157 -10.19 16.67 11.51
N LYS A 158 -11.18 17.51 11.83
CA LYS A 158 -11.53 17.86 13.24
C LYS A 158 -12.52 16.84 13.78
N VAL A 159 -13.68 16.75 13.08
CA VAL A 159 -14.76 15.82 13.44
C VAL A 159 -14.63 14.55 12.58
N ASP A 160 -14.29 13.42 13.23
CA ASP A 160 -14.18 12.13 12.54
C ASP A 160 -15.57 11.47 12.48
N LEU A 161 -16.41 12.02 11.59
CA LEU A 161 -17.77 11.50 11.36
C LEU A 161 -18.26 11.90 9.96
N ALA A 162 -19.16 11.06 9.44
CA ALA A 162 -19.83 11.25 8.15
C ALA A 162 -20.89 10.15 8.01
N LEU A 163 -22.08 10.39 8.56
CA LEU A 163 -23.19 9.44 8.52
C LEU A 163 -24.44 10.17 8.02
N LYS A 164 -24.58 10.22 6.69
CA LYS A 164 -25.77 10.72 5.98
C LYS A 164 -26.03 9.83 4.76
N SER A 165 -27.31 9.67 4.43
CA SER A 165 -27.75 8.95 3.22
C SER A 165 -27.76 9.92 2.03
N TRP A 166 -27.78 9.35 0.81
CA TRP A 166 -28.00 10.13 -0.43
C TRP A 166 -29.48 10.55 -0.50
N MET A 1 9.96 28.44 5.71
CA MET A 1 9.57 27.80 4.43
C MET A 1 10.33 26.49 4.20
N THR A 2 11.59 26.39 4.68
CA THR A 2 12.51 25.28 4.35
C THR A 2 11.95 23.90 4.77
N SER A 3 11.62 23.76 6.06
CA SER A 3 11.07 22.50 6.62
C SER A 3 9.68 22.20 6.03
N THR A 4 8.95 23.26 5.63
CA THR A 4 7.64 23.14 4.98
C THR A 4 7.81 22.51 3.58
N VAL A 5 8.80 23.01 2.81
CA VAL A 5 9.11 22.53 1.44
C VAL A 5 9.54 21.04 1.50
N GLU A 6 10.32 20.69 2.53
CA GLU A 6 10.72 19.29 2.80
C GLU A 6 9.46 18.42 3.01
N PHE A 7 8.62 18.85 3.97
CA PHE A 7 7.35 18.17 4.36
C PHE A 7 6.45 17.89 3.13
N ILE A 8 6.31 18.92 2.28
CA ILE A 8 5.55 18.86 1.03
C ILE A 8 6.18 17.79 0.11
N ASN A 9 7.51 17.87 -0.07
CA ASN A 9 8.28 16.97 -0.96
C ASN A 9 8.23 15.52 -0.45
N ARG A 10 8.09 15.35 0.87
CA ARG A 10 7.95 14.05 1.52
C ARG A 10 6.64 13.39 1.07
N TRP A 11 5.54 14.18 1.15
CA TRP A 11 4.21 13.72 0.73
C TRP A 11 4.04 13.65 -0.79
N GLN A 12 4.79 14.47 -1.55
CA GLN A 12 4.84 14.38 -3.03
C GLN A 12 5.42 13.02 -3.41
N ARG A 13 6.52 12.68 -2.70
CA ARG A 13 7.26 11.44 -2.89
C ARG A 13 6.33 10.24 -2.70
N ILE A 14 5.68 10.13 -1.52
CA ILE A 14 4.80 8.98 -1.19
C ILE A 14 3.62 8.89 -2.18
N ALA A 15 2.99 10.04 -2.49
CA ALA A 15 1.81 10.11 -3.38
C ALA A 15 2.07 9.50 -4.77
N LEU A 16 3.09 10.05 -5.44
CA LEU A 16 3.48 9.66 -6.81
C LEU A 16 4.05 8.24 -6.84
N LEU A 17 4.79 7.90 -5.78
CA LEU A 17 5.41 6.57 -5.55
C LEU A 17 4.32 5.48 -5.53
N SER A 18 3.38 5.61 -4.59
CA SER A 18 2.30 4.62 -4.36
C SER A 18 1.40 4.52 -5.60
N GLN A 19 1.23 5.65 -6.31
CA GLN A 19 0.48 5.68 -7.58
C GLN A 19 1.20 4.85 -8.65
N SER A 20 2.53 5.04 -8.77
CA SER A 20 3.36 4.29 -9.74
C SER A 20 3.33 2.79 -9.44
N LEU A 21 3.24 2.46 -8.14
CA LEU A 21 3.18 1.06 -7.65
C LEU A 21 1.83 0.42 -7.95
N LEU A 22 0.76 1.18 -7.73
CA LEU A 22 -0.61 0.76 -8.03
C LEU A 22 -0.72 0.41 -9.52
N GLU A 23 -0.26 1.37 -10.36
CA GLU A 23 -0.20 1.20 -11.82
C GLU A 23 0.65 0.00 -12.20
N LEU A 24 1.83 -0.12 -11.56
CA LEU A 24 2.85 -1.15 -11.88
C LEU A 24 2.23 -2.55 -11.76
N ALA A 25 1.57 -2.77 -10.61
CA ALA A 25 0.86 -4.02 -10.30
C ALA A 25 -0.27 -4.30 -11.32
N GLN A 26 -1.11 -3.27 -11.57
CA GLN A 26 -2.21 -3.32 -12.59
C GLN A 26 -1.68 -3.66 -14.02
N ARG A 27 -0.44 -3.26 -14.30
CA ARG A 27 0.23 -3.49 -15.62
C ARG A 27 0.89 -4.88 -15.69
N GLY A 28 0.79 -5.67 -14.61
CA GLY A 28 1.28 -7.05 -14.56
C GLY A 28 2.69 -7.18 -13.97
N GLU A 29 3.24 -6.07 -13.49
CA GLU A 29 4.59 -6.03 -12.90
C GLU A 29 4.51 -6.22 -11.37
N TRP A 30 4.16 -7.45 -10.98
CA TRP A 30 3.84 -7.82 -9.59
C TRP A 30 5.10 -8.08 -8.74
N ASP A 31 6.01 -8.85 -9.28
CA ASP A 31 7.27 -9.20 -8.61
C ASP A 31 8.31 -8.08 -8.80
N LEU A 32 8.08 -7.23 -9.83
CA LEU A 32 8.82 -5.98 -10.01
C LEU A 32 8.41 -5.04 -8.86
N LEU A 33 7.10 -5.13 -8.50
CA LEU A 33 6.51 -4.42 -7.35
C LEU A 33 7.15 -4.90 -6.04
N LEU A 34 7.40 -6.23 -5.93
CA LEU A 34 8.19 -6.79 -4.79
C LEU A 34 9.62 -6.23 -4.75
N GLN A 35 10.23 -6.00 -5.91
CA GLN A 35 11.57 -5.36 -5.97
C GLN A 35 11.49 -3.86 -5.61
N GLN A 36 10.30 -3.26 -5.76
CA GLN A 36 10.03 -1.85 -5.36
C GLN A 36 9.41 -1.76 -3.95
N GLU A 37 9.05 -2.94 -3.38
CA GLU A 37 8.49 -3.07 -2.02
C GLU A 37 9.39 -2.40 -0.99
N VAL A 38 10.68 -2.78 -1.02
CA VAL A 38 11.73 -2.23 -0.14
C VAL A 38 11.74 -0.69 -0.18
N SER A 39 11.70 -0.13 -1.40
CA SER A 39 11.67 1.33 -1.64
C SER A 39 10.42 1.98 -1.03
N TYR A 40 9.26 1.32 -1.24
CA TYR A 40 7.96 1.85 -0.78
C TYR A 40 7.95 1.96 0.74
N LEU A 41 8.10 0.80 1.38
CA LEU A 41 8.00 0.66 2.83
C LEU A 41 9.05 1.53 3.56
N GLN A 42 10.27 1.61 2.97
CA GLN A 42 11.35 2.48 3.49
C GLN A 42 10.89 3.95 3.55
N SER A 43 10.56 4.52 2.37
CA SER A 43 10.26 5.95 2.24
C SER A 43 8.96 6.33 2.99
N ILE A 44 7.94 5.45 2.92
CA ILE A 44 6.62 5.70 3.52
C ILE A 44 6.74 5.80 5.05
N GLU A 45 7.52 4.87 5.65
CA GLU A 45 7.80 4.87 7.09
C GLU A 45 8.57 6.13 7.50
N THR A 46 9.75 6.34 6.86
CA THR A 46 10.69 7.42 7.22
C THR A 46 10.03 8.82 7.19
N VAL A 47 9.10 9.03 6.25
CA VAL A 47 8.31 10.26 6.15
C VAL A 47 7.29 10.36 7.31
N MET A 48 6.52 9.28 7.52
CA MET A 48 5.44 9.27 8.56
C MET A 48 6.02 9.20 10.00
N GLU A 49 7.34 8.96 10.12
CA GLU A 49 8.07 9.05 11.41
C GLU A 49 8.42 10.50 11.77
N LYS A 50 8.32 11.42 10.79
CA LYS A 50 8.72 12.83 10.98
C LYS A 50 7.54 13.67 11.50
N GLN A 51 7.86 14.60 12.41
CA GLN A 51 6.89 15.57 12.96
C GLN A 51 6.56 16.63 11.90
N THR A 52 5.28 17.03 11.82
CA THR A 52 4.84 18.09 10.91
C THR A 52 5.40 19.45 11.39
N PRO A 53 6.21 20.15 10.53
CA PRO A 53 6.76 21.50 10.86
C PRO A 53 5.68 22.61 10.78
N PRO A 54 5.92 23.79 11.43
CA PRO A 54 5.06 24.99 11.26
C PRO A 54 5.24 25.67 9.89
N GLY A 55 4.58 26.83 9.72
CA GLY A 55 4.60 27.57 8.46
C GLY A 55 3.64 26.99 7.42
N ILE A 56 2.60 26.28 7.90
CA ILE A 56 1.59 25.67 7.03
C ILE A 56 0.41 26.65 6.84
N THR A 57 0.29 27.19 5.62
CA THR A 57 -0.84 28.05 5.23
C THR A 57 -2.01 27.17 4.75
N ARG A 58 -3.13 27.82 4.37
CA ARG A 58 -4.31 27.12 3.83
C ARG A 58 -3.94 26.37 2.53
N SER A 59 -3.18 27.06 1.64
CA SER A 59 -2.69 26.46 0.37
C SER A 59 -1.90 25.16 0.63
N ILE A 60 -1.01 25.22 1.64
CA ILE A 60 -0.18 24.06 2.02
C ILE A 60 -1.04 22.95 2.62
N GLN A 61 -2.10 23.33 3.37
CA GLN A 61 -3.04 22.38 3.99
C GLN A 61 -3.75 21.55 2.91
N ASP A 62 -4.39 22.22 1.93
CA ASP A 62 -5.16 21.55 0.85
C ASP A 62 -4.24 20.68 -0.03
N MET A 63 -3.05 21.23 -0.33
CA MET A 63 -2.07 20.58 -1.24
C MET A 63 -1.52 19.29 -0.62
N VAL A 64 -0.98 19.40 0.61
CA VAL A 64 -0.43 18.24 1.36
C VAL A 64 -1.51 17.20 1.60
N ALA A 65 -2.69 17.66 2.06
CA ALA A 65 -3.84 16.77 2.30
C ALA A 65 -4.29 16.07 1.00
N GLY A 66 -4.09 16.76 -0.14
CA GLY A 66 -4.35 16.18 -1.47
C GLY A 66 -3.36 15.08 -1.82
N TYR A 67 -2.08 15.26 -1.44
CA TYR A 67 -1.03 14.23 -1.62
C TYR A 67 -1.33 12.98 -0.78
N ILE A 68 -1.67 13.20 0.50
CA ILE A 68 -1.95 12.10 1.45
C ILE A 68 -3.21 11.34 1.00
N LYS A 69 -4.26 12.10 0.65
CA LYS A 69 -5.55 11.57 0.12
C LYS A 69 -5.30 10.71 -1.13
N GLN A 70 -4.41 11.20 -2.00
CA GLN A 70 -4.01 10.50 -3.25
C GLN A 70 -3.40 9.14 -2.90
N THR A 71 -2.37 9.15 -2.02
CA THR A 71 -1.67 7.93 -1.61
C THR A 71 -2.55 7.04 -0.73
N LEU A 72 -3.63 7.59 -0.11
CA LEU A 72 -4.62 6.77 0.64
C LEU A 72 -5.49 5.97 -0.33
N ASP A 73 -5.83 6.60 -1.47
CA ASP A 73 -6.53 5.91 -2.58
C ASP A 73 -5.64 4.80 -3.14
N ASN A 74 -4.37 5.14 -3.37
CA ASN A 74 -3.37 4.21 -3.94
C ASN A 74 -3.10 3.05 -2.96
N GLU A 75 -3.08 3.37 -1.65
CA GLU A 75 -2.93 2.38 -0.57
C GLU A 75 -4.09 1.38 -0.62
N GLN A 76 -5.34 1.89 -0.49
CA GLN A 76 -6.56 1.04 -0.34
C GLN A 76 -6.76 0.15 -1.58
N LEU A 77 -6.51 0.73 -2.76
CA LEU A 77 -6.63 0.02 -4.05
C LEU A 77 -5.57 -1.08 -4.14
N LEU A 78 -4.32 -0.76 -3.75
CA LEU A 78 -3.20 -1.74 -3.73
C LEU A 78 -3.47 -2.87 -2.70
N LYS A 79 -4.25 -2.56 -1.62
CA LYS A 79 -4.66 -3.57 -0.61
C LYS A 79 -5.56 -4.62 -1.27
N GLY A 80 -6.74 -4.17 -1.74
CA GLY A 80 -7.74 -5.07 -2.33
C GLY A 80 -7.24 -5.79 -3.57
N LEU A 81 -6.43 -5.09 -4.36
CA LEU A 81 -5.84 -5.59 -5.61
C LEU A 81 -4.80 -6.70 -5.36
N LEU A 82 -3.83 -6.43 -4.47
CA LEU A 82 -2.72 -7.37 -4.22
C LEU A 82 -3.21 -8.56 -3.39
N GLN A 83 -4.20 -8.32 -2.50
CA GLN A 83 -4.78 -9.38 -1.66
C GLN A 83 -5.61 -10.35 -2.53
N GLN A 84 -6.45 -9.79 -3.43
CA GLN A 84 -7.19 -10.60 -4.43
C GLN A 84 -6.19 -11.38 -5.30
N ARG A 85 -5.04 -10.72 -5.60
CA ARG A 85 -3.93 -11.35 -6.34
C ARG A 85 -3.32 -12.50 -5.55
N LEU A 86 -3.28 -12.39 -4.21
CA LEU A 86 -2.75 -13.46 -3.33
C LEU A 86 -3.61 -14.72 -3.42
N ASP A 87 -4.93 -14.55 -3.33
CA ASP A 87 -5.90 -15.66 -3.44
C ASP A 87 -5.82 -16.32 -4.84
N GLU A 88 -5.72 -15.51 -5.90
CA GLU A 88 -5.64 -16.02 -7.28
C GLU A 88 -4.25 -16.54 -7.66
N LEU A 89 -3.22 -16.12 -6.91
CA LEU A 89 -1.87 -16.74 -6.97
C LEU A 89 -1.96 -18.17 -6.44
N SER A 90 -2.61 -18.30 -5.30
CA SER A 90 -2.76 -19.58 -4.60
C SER A 90 -3.47 -20.63 -5.47
N SER A 91 -4.55 -20.19 -6.14
CA SER A 91 -5.29 -21.03 -7.09
C SER A 91 -4.49 -21.26 -8.40
N LEU A 92 -3.74 -20.22 -8.85
CA LEU A 92 -2.83 -20.31 -10.03
C LEU A 92 -1.85 -21.50 -9.91
N ILE A 93 -1.21 -21.58 -8.74
CA ILE A 93 -0.25 -22.64 -8.41
C ILE A 93 -1.00 -23.96 -8.23
N GLY A 94 -2.15 -23.86 -7.54
CA GLY A 94 -3.06 -24.99 -7.35
C GLY A 94 -2.48 -26.09 -6.48
N GLN A 95 -1.87 -27.10 -7.13
CA GLN A 95 -1.38 -28.33 -6.48
C GLN A 95 -0.22 -28.05 -5.50
N VAL A 96 -0.29 -28.70 -4.33
CA VAL A 96 0.71 -28.62 -3.24
C VAL A 96 0.27 -29.52 -2.08
N LEU A 97 -1.00 -29.41 -1.69
CA LEU A 97 -1.62 -30.21 -0.60
C LEU A 97 -2.53 -31.27 -1.21
N PHE A 98 -3.15 -30.88 -2.31
CA PHE A 98 -4.06 -31.72 -3.13
C PHE A 98 -3.39 -31.95 -4.49
N GLN A 99 -3.81 -33.05 -5.17
CA GLN A 99 -3.17 -33.60 -6.40
C GLN A 99 -1.78 -34.20 -6.06
N GLY A 100 -0.86 -33.36 -5.58
CA GLY A 100 0.43 -33.82 -5.05
C GLY A 100 0.53 -33.54 -3.55
N PRO A 101 0.04 -34.48 -2.67
CA PRO A 101 -0.01 -34.27 -1.20
C PRO A 101 1.38 -34.04 -0.56
N SER A 102 1.75 -32.76 -0.42
CA SER A 102 3.06 -32.32 0.11
C SER A 102 2.82 -31.29 1.22
N ALA A 103 3.25 -31.61 2.45
CA ALA A 103 3.18 -30.69 3.59
C ALA A 103 4.12 -29.49 3.36
N GLY A 104 3.54 -28.29 3.23
CA GLY A 104 4.28 -27.07 2.96
C GLY A 104 3.83 -25.92 3.84
N LEU A 105 3.87 -24.68 3.29
CA LEU A 105 3.48 -23.44 3.97
C LEU A 105 4.44 -23.16 5.14
N VAL A 106 5.54 -22.46 4.84
CA VAL A 106 6.56 -22.08 5.81
C VAL A 106 7.05 -20.63 5.50
N PRO A 107 6.94 -19.68 6.49
CA PRO A 107 7.39 -18.28 6.29
C PRO A 107 8.90 -18.19 5.97
N ARG A 108 9.21 -17.97 4.68
CA ARG A 108 10.59 -17.83 4.18
C ARG A 108 10.69 -16.61 3.26
N GLY A 109 11.70 -15.75 3.53
CA GLY A 109 11.98 -14.57 2.71
C GLY A 109 12.89 -14.93 1.54
N SER A 110 12.39 -14.70 0.32
CA SER A 110 13.11 -15.01 -0.93
C SER A 110 12.51 -14.21 -2.09
N GLY A 111 13.24 -14.18 -3.22
CA GLY A 111 12.84 -13.40 -4.39
C GLY A 111 11.52 -13.88 -5.02
N GLY A 112 10.79 -12.96 -5.66
CA GLY A 112 9.52 -13.25 -6.29
C GLY A 112 9.67 -13.99 -7.61
N ILE A 113 8.61 -14.67 -8.04
CA ILE A 113 8.52 -15.39 -9.31
C ILE A 113 7.23 -14.93 -10.00
N GLU A 114 7.29 -14.69 -11.33
CA GLU A 114 6.22 -14.03 -12.13
C GLU A 114 4.82 -14.58 -11.81
N GLY A 115 3.99 -13.73 -11.16
CA GLY A 115 2.63 -14.10 -10.75
C GLY A 115 1.56 -13.25 -11.42
N SER A 116 1.71 -13.07 -12.73
CA SER A 116 0.84 -12.22 -13.55
C SER A 116 -0.35 -13.02 -14.12
N ASN A 117 -1.15 -13.65 -13.23
CA ASN A 117 -2.35 -14.42 -13.63
C ASN A 117 -3.53 -14.14 -12.69
N LEU A 118 -4.73 -14.03 -13.29
CA LEU A 118 -5.97 -13.60 -12.61
C LEU A 118 -7.00 -14.75 -12.67
N ASN A 119 -7.36 -15.31 -11.49
CA ASN A 119 -8.19 -16.53 -11.39
C ASN A 119 -8.56 -16.86 -9.91
N THR A 120 -9.31 -15.97 -9.22
CA THR A 120 -9.71 -16.19 -7.80
C THR A 120 -10.68 -17.40 -7.70
N ASP A 121 -10.08 -18.60 -7.59
CA ASP A 121 -10.78 -19.90 -7.69
C ASP A 121 -10.77 -20.65 -6.36
N MET A 122 -9.65 -20.54 -5.62
CA MET A 122 -9.40 -21.30 -4.37
C MET A 122 -9.10 -20.34 -3.21
N GLY A 123 -8.54 -20.91 -2.11
CA GLY A 123 -8.18 -20.14 -0.92
C GLY A 123 -6.91 -19.31 -1.09
N ASN A 124 -6.10 -19.23 -0.01
CA ASN A 124 -4.87 -18.41 0.01
C ASN A 124 -3.72 -19.15 0.73
N GLY A 125 -2.47 -18.86 0.32
CA GLY A 125 -1.26 -19.31 1.04
C GLY A 125 -0.53 -20.45 0.36
N ILE A 126 -0.19 -20.28 -0.94
CA ILE A 126 0.52 -21.32 -1.73
C ILE A 126 1.82 -20.73 -2.36
N ALA A 127 2.88 -21.57 -2.51
CA ALA A 127 4.23 -21.15 -2.95
C ALA A 127 4.80 -20.08 -2.00
N SER A 128 5.33 -20.57 -0.87
CA SER A 128 5.71 -19.76 0.28
C SER A 128 6.77 -18.66 -0.02
N ASN A 129 7.53 -18.81 -1.11
CA ASN A 129 8.62 -17.86 -1.43
C ASN A 129 8.07 -16.46 -1.76
N ARG A 130 7.29 -16.38 -2.84
CA ARG A 130 6.72 -15.11 -3.30
C ARG A 130 5.49 -14.74 -2.46
N TRP A 131 4.79 -15.76 -1.92
CA TRP A 131 3.58 -15.52 -1.13
C TRP A 131 3.91 -14.86 0.21
N ILE A 132 4.95 -15.36 0.90
CA ILE A 132 5.40 -14.77 2.17
C ILE A 132 6.10 -13.43 1.92
N ASN A 133 6.78 -13.29 0.74
CA ASN A 133 7.31 -11.97 0.29
C ASN A 133 6.15 -10.92 0.27
N TYR A 134 5.05 -11.27 -0.41
CA TYR A 134 3.83 -10.43 -0.47
C TYR A 134 3.15 -10.31 0.91
N GLN A 135 3.27 -11.33 1.76
CA GLN A 135 2.63 -11.32 3.08
C GLN A 135 3.31 -10.26 3.97
N GLN A 136 4.64 -10.16 3.87
CA GLN A 136 5.43 -9.13 4.57
C GLN A 136 5.06 -7.73 4.01
N PHE A 137 4.83 -7.69 2.67
CA PHE A 137 4.34 -6.50 1.96
C PHE A 137 3.04 -6.02 2.64
N ILE A 138 2.07 -6.95 2.76
CA ILE A 138 0.71 -6.67 3.29
C ILE A 138 0.73 -6.25 4.78
N GLN A 139 1.63 -6.85 5.56
CA GLN A 139 1.79 -6.52 7.00
C GLN A 139 2.23 -5.06 7.18
N THR A 140 3.30 -4.68 6.46
CA THR A 140 3.85 -3.31 6.54
C THR A 140 2.92 -2.30 5.84
N LEU A 141 2.15 -2.77 4.83
CA LEU A 141 1.10 -1.96 4.16
C LEU A 141 -0.03 -1.64 5.15
N GLU A 142 -0.39 -2.63 5.98
CA GLU A 142 -1.51 -2.53 6.94
C GLU A 142 -1.15 -1.53 8.05
N LYS A 143 0.09 -1.66 8.53
CA LYS A 143 0.66 -0.74 9.53
C LYS A 143 0.77 0.67 8.90
N ALA A 144 1.22 0.71 7.62
CA ALA A 144 1.44 1.95 6.89
C ALA A 144 0.13 2.72 6.67
N ILE A 145 -0.97 2.01 6.32
CA ILE A 145 -2.29 2.64 6.04
C ILE A 145 -2.96 3.07 7.35
N GLU A 146 -2.73 2.34 8.45
CA GLU A 146 -3.26 2.74 9.77
C GLU A 146 -2.55 4.05 10.20
N GLN A 147 -1.20 4.02 10.16
CA GLN A 147 -0.34 5.19 10.49
C GLN A 147 -0.60 6.37 9.52
N HIS A 148 -0.95 6.03 8.28
CA HIS A 148 -1.28 7.01 7.22
C HIS A 148 -2.59 7.72 7.56
N ARG A 149 -3.58 6.89 7.97
CA ARG A 149 -4.93 7.34 8.32
C ARG A 149 -4.91 8.17 9.60
N LEU A 150 -4.11 7.72 10.58
CA LEU A 150 -3.97 8.39 11.88
C LEU A 150 -3.31 9.76 11.69
N GLN A 151 -2.20 9.78 10.94
CA GLN A 151 -1.48 11.03 10.61
C GLN A 151 -2.41 12.00 9.86
N LEU A 152 -3.14 11.47 8.85
CA LEU A 152 -4.02 12.27 7.99
C LEU A 152 -5.15 12.92 8.81
N THR A 153 -5.85 12.11 9.62
CA THR A 153 -7.03 12.60 10.37
C THR A 153 -6.59 13.62 11.44
N GLN A 154 -5.48 13.33 12.15
CA GLN A 154 -4.89 14.25 13.14
C GLN A 154 -4.45 15.56 12.47
N TRP A 155 -3.99 15.45 11.21
CA TRP A 155 -3.46 16.56 10.42
C TRP A 155 -4.57 17.44 9.82
N THR A 156 -5.68 16.85 9.35
CA THR A 156 -6.71 17.59 8.60
C THR A 156 -7.95 17.86 9.47
N GLN A 157 -8.54 16.78 10.03
CA GLN A 157 -9.77 16.87 10.82
C GLN A 157 -10.08 15.50 11.44
N LYS A 158 -9.87 15.40 12.75
CA LYS A 158 -10.33 14.26 13.53
C LYS A 158 -11.80 14.54 13.87
N VAL A 159 -12.72 13.96 13.08
CA VAL A 159 -14.17 14.08 13.28
C VAL A 159 -14.70 12.72 13.78
N ASP A 160 -15.39 12.74 14.94
CA ASP A 160 -15.89 11.54 15.62
C ASP A 160 -17.31 11.82 16.13
N LEU A 161 -18.30 11.26 15.44
CA LEU A 161 -19.72 11.41 15.79
C LEU A 161 -20.14 10.20 16.63
N ALA A 162 -20.41 9.07 15.93
CA ALA A 162 -20.87 7.80 16.51
C ALA A 162 -21.15 6.79 15.37
N LEU A 163 -21.45 5.54 15.74
CA LEU A 163 -21.84 4.50 14.77
C LEU A 163 -22.85 3.55 15.44
N LYS A 164 -23.94 3.25 14.72
CA LYS A 164 -24.96 2.29 15.15
C LYS A 164 -25.47 1.55 13.93
N SER A 165 -25.04 0.30 13.77
CA SER A 165 -25.52 -0.62 12.74
C SER A 165 -26.78 -1.36 13.24
N TRP A 166 -27.17 -2.43 12.54
CA TRP A 166 -28.31 -3.30 12.89
C TRP A 166 -28.36 -3.67 14.40
N MET A 1 11.47 28.06 5.72
CA MET A 1 10.64 27.38 4.68
C MET A 1 11.14 25.96 4.36
N THR A 2 12.45 25.70 4.61
CA THR A 2 13.11 24.41 4.26
C THR A 2 12.38 23.20 4.89
N SER A 3 11.95 23.36 6.15
CA SER A 3 11.21 22.35 6.91
C SER A 3 9.90 21.95 6.21
N THR A 4 9.19 22.97 5.66
CA THR A 4 7.95 22.78 4.92
C THR A 4 8.21 22.10 3.56
N VAL A 5 9.26 22.58 2.84
CA VAL A 5 9.67 22.01 1.53
C VAL A 5 9.93 20.50 1.65
N GLU A 6 10.62 20.12 2.73
CA GLU A 6 10.90 18.72 3.07
C GLU A 6 9.61 17.94 3.32
N PHE A 7 8.75 18.48 4.21
CA PHE A 7 7.44 17.88 4.58
C PHE A 7 6.55 17.58 3.34
N ILE A 8 6.45 18.58 2.45
CA ILE A 8 5.70 18.48 1.19
C ILE A 8 6.35 17.41 0.29
N ASN A 9 7.71 17.42 0.23
CA ASN A 9 8.50 16.46 -0.58
C ASN A 9 8.35 15.03 -0.04
N ARG A 10 8.07 14.90 1.27
CA ARG A 10 7.82 13.62 1.93
C ARG A 10 6.50 13.02 1.40
N TRP A 11 5.45 13.84 1.45
CA TRP A 11 4.09 13.42 1.01
C TRP A 11 3.96 13.36 -0.53
N GLN A 12 4.79 14.14 -1.26
CA GLN A 12 4.87 14.06 -2.74
C GLN A 12 5.50 12.72 -3.12
N ARG A 13 6.58 12.36 -2.38
CA ARG A 13 7.26 11.06 -2.51
C ARG A 13 6.23 9.93 -2.38
N ILE A 14 5.54 9.85 -1.22
CA ILE A 14 4.63 8.72 -0.91
C ILE A 14 3.44 8.66 -1.90
N ALA A 15 2.87 9.85 -2.23
CA ALA A 15 1.67 9.95 -3.09
C ALA A 15 1.92 9.41 -4.51
N LEU A 16 2.94 9.99 -5.17
CA LEU A 16 3.30 9.64 -6.56
C LEU A 16 3.84 8.19 -6.63
N LEU A 17 4.59 7.80 -5.59
CA LEU A 17 5.19 6.45 -5.43
C LEU A 17 4.13 5.34 -5.34
N SER A 18 3.11 5.56 -4.48
CA SER A 18 2.02 4.59 -4.28
C SER A 18 1.14 4.50 -5.53
N GLN A 19 0.98 5.65 -6.23
CA GLN A 19 0.29 5.71 -7.52
C GLN A 19 1.02 4.85 -8.56
N SER A 20 2.37 5.00 -8.60
CA SER A 20 3.25 4.25 -9.52
C SER A 20 3.10 2.74 -9.30
N LEU A 21 3.05 2.34 -8.00
CA LEU A 21 2.94 0.94 -7.58
C LEU A 21 1.56 0.35 -7.93
N LEU A 22 0.51 1.16 -7.75
CA LEU A 22 -0.87 0.74 -8.05
C LEU A 22 -1.01 0.43 -9.56
N GLU A 23 -0.50 1.37 -10.38
CA GLU A 23 -0.42 1.23 -11.85
C GLU A 23 0.42 0.00 -12.22
N LEU A 24 1.58 -0.14 -11.56
CA LEU A 24 2.61 -1.15 -11.89
C LEU A 24 2.06 -2.57 -11.72
N ALA A 25 1.36 -2.78 -10.60
CA ALA A 25 0.68 -4.03 -10.29
C ALA A 25 -0.44 -4.33 -11.31
N GLN A 26 -1.26 -3.31 -11.62
CA GLN A 26 -2.30 -3.40 -12.68
C GLN A 26 -1.70 -3.81 -14.05
N ARG A 27 -0.47 -3.33 -14.34
CA ARG A 27 0.25 -3.62 -15.61
C ARG A 27 0.74 -5.08 -15.66
N GLY A 28 0.96 -5.68 -14.48
CA GLY A 28 1.47 -7.04 -14.36
C GLY A 28 2.95 -7.11 -14.07
N GLU A 29 3.53 -5.98 -13.62
CA GLU A 29 4.96 -5.87 -13.28
C GLU A 29 5.13 -6.11 -11.77
N TRP A 30 4.69 -7.30 -11.34
CA TRP A 30 4.61 -7.69 -9.91
C TRP A 30 6.00 -7.93 -9.30
N ASP A 31 6.94 -8.40 -10.12
CA ASP A 31 8.36 -8.58 -9.73
C ASP A 31 8.98 -7.22 -9.40
N LEU A 32 8.77 -6.24 -10.33
CA LEU A 32 9.26 -4.86 -10.19
C LEU A 32 8.57 -4.20 -8.98
N LEU A 33 7.30 -4.62 -8.71
CA LEU A 33 6.52 -4.15 -7.55
C LEU A 33 7.19 -4.58 -6.25
N LEU A 34 7.62 -5.85 -6.20
CA LEU A 34 8.27 -6.45 -5.03
C LEU A 34 9.74 -6.00 -4.90
N GLN A 35 10.33 -5.48 -5.98
CA GLN A 35 11.63 -4.79 -5.92
C GLN A 35 11.44 -3.41 -5.25
N GLN A 36 10.42 -2.66 -5.74
CA GLN A 36 10.05 -1.33 -5.20
C GLN A 36 9.29 -1.42 -3.85
N GLU A 37 8.95 -2.66 -3.43
CA GLU A 37 8.40 -2.95 -2.09
C GLU A 37 9.33 -2.42 -1.00
N VAL A 38 10.64 -2.76 -1.14
CA VAL A 38 11.70 -2.29 -0.24
C VAL A 38 11.73 -0.75 -0.19
N SER A 39 11.79 -0.14 -1.39
CA SER A 39 11.89 1.31 -1.55
C SER A 39 10.66 2.07 -0.98
N TYR A 40 9.47 1.48 -1.19
CA TYR A 40 8.19 2.06 -0.76
C TYR A 40 8.12 2.08 0.75
N LEU A 41 8.11 0.87 1.33
CA LEU A 41 7.94 0.65 2.76
C LEU A 41 9.04 1.38 3.57
N GLN A 42 10.28 1.36 3.05
CA GLN A 42 11.42 2.13 3.62
C GLN A 42 11.07 3.62 3.76
N SER A 43 10.80 4.28 2.61
CA SER A 43 10.55 5.73 2.57
C SER A 43 9.29 6.14 3.36
N ILE A 44 8.20 5.35 3.23
CA ILE A 44 6.89 5.70 3.80
C ILE A 44 6.94 5.67 5.35
N GLU A 45 7.63 4.66 5.93
CA GLU A 45 7.85 4.56 7.37
C GLU A 45 8.71 5.74 7.85
N THR A 46 9.87 5.94 7.18
CA THR A 46 10.85 6.98 7.57
C THR A 46 10.33 8.42 7.36
N VAL A 47 9.21 8.58 6.63
CA VAL A 47 8.45 9.85 6.58
C VAL A 47 7.54 9.97 7.82
N MET A 48 6.71 8.94 8.04
CA MET A 48 5.62 8.98 9.06
C MET A 48 6.13 8.89 10.51
N GLU A 49 7.43 8.59 10.70
CA GLU A 49 8.11 8.71 12.01
C GLU A 49 8.20 10.18 12.47
N LYS A 50 8.30 11.08 11.48
CA LYS A 50 8.59 12.51 11.70
C LYS A 50 7.32 13.30 12.04
N GLN A 51 7.55 14.56 12.42
CA GLN A 51 6.52 15.52 12.84
C GLN A 51 6.12 16.43 11.65
N THR A 52 4.93 17.03 11.72
CA THR A 52 4.49 18.09 10.80
C THR A 52 5.12 19.45 11.23
N PRO A 53 6.07 20.03 10.44
CA PRO A 53 6.62 21.38 10.71
C PRO A 53 5.63 22.50 10.33
N PRO A 54 5.68 23.70 11.01
CA PRO A 54 4.96 24.91 10.53
C PRO A 54 5.46 25.45 9.16
N GLY A 55 4.99 26.64 8.76
CA GLY A 55 5.18 27.15 7.39
C GLY A 55 4.08 26.68 6.46
N ILE A 56 3.00 26.13 7.05
CA ILE A 56 1.86 25.57 6.35
C ILE A 56 0.80 26.66 6.16
N THR A 57 0.68 27.20 4.93
CA THR A 57 -0.41 28.11 4.56
C THR A 57 -1.69 27.29 4.28
N ARG A 58 -2.81 27.98 3.94
CA ARG A 58 -4.06 27.32 3.52
C ARG A 58 -3.79 26.44 2.29
N SER A 59 -3.02 27.02 1.34
CA SER A 59 -2.59 26.35 0.10
C SER A 59 -1.81 25.06 0.41
N ILE A 60 -0.79 25.18 1.29
CA ILE A 60 0.09 24.06 1.66
C ILE A 60 -0.70 22.94 2.39
N GLN A 61 -1.68 23.34 3.23
CA GLN A 61 -2.47 22.40 4.05
C GLN A 61 -3.31 21.49 3.16
N ASP A 62 -4.13 22.10 2.28
CA ASP A 62 -5.02 21.36 1.35
C ASP A 62 -4.20 20.56 0.33
N MET A 63 -3.05 21.12 -0.10
CA MET A 63 -2.16 20.46 -1.08
C MET A 63 -1.56 19.15 -0.51
N VAL A 64 -0.94 19.27 0.69
CA VAL A 64 -0.39 18.12 1.44
C VAL A 64 -1.48 17.09 1.75
N ALA A 65 -2.64 17.58 2.21
CA ALA A 65 -3.81 16.74 2.53
C ALA A 65 -4.26 15.97 1.28
N GLY A 66 -4.13 16.62 0.10
CA GLY A 66 -4.42 16.00 -1.19
C GLY A 66 -3.44 14.88 -1.52
N TYR A 67 -2.15 15.09 -1.19
CA TYR A 67 -1.09 14.05 -1.36
C TYR A 67 -1.34 12.84 -0.45
N ILE A 68 -1.70 13.11 0.84
CA ILE A 68 -1.96 12.04 1.83
C ILE A 68 -3.17 11.20 1.39
N LYS A 69 -4.24 11.91 0.98
CA LYS A 69 -5.49 11.29 0.50
C LYS A 69 -5.24 10.53 -0.82
N GLN A 70 -4.30 11.04 -1.64
CA GLN A 70 -3.91 10.41 -2.92
C GLN A 70 -3.32 9.02 -2.64
N THR A 71 -2.34 8.96 -1.70
CA THR A 71 -1.74 7.69 -1.27
C THR A 71 -2.70 6.85 -0.40
N LEU A 72 -3.76 7.48 0.19
CA LEU A 72 -4.85 6.69 0.87
C LEU A 72 -5.58 5.83 -0.16
N ASP A 73 -5.97 6.47 -1.30
CA ASP A 73 -6.67 5.81 -2.41
C ASP A 73 -5.78 4.78 -3.10
N ASN A 74 -4.52 5.17 -3.38
CA ASN A 74 -3.53 4.33 -4.08
C ASN A 74 -3.24 3.05 -3.27
N GLU A 75 -3.07 3.24 -1.94
CA GLU A 75 -2.87 2.11 -1.01
C GLU A 75 -4.10 1.19 -1.00
N GLN A 76 -5.30 1.72 -0.64
CA GLN A 76 -6.51 0.88 -0.42
C GLN A 76 -6.90 0.06 -1.67
N LEU A 77 -6.65 0.65 -2.86
CA LEU A 77 -6.85 -0.03 -4.14
C LEU A 77 -5.77 -1.11 -4.36
N LEU A 78 -4.50 -0.82 -3.98
CA LEU A 78 -3.39 -1.80 -4.06
C LEU A 78 -3.60 -2.96 -3.03
N LYS A 79 -4.33 -2.67 -1.92
CA LYS A 79 -4.62 -3.69 -0.89
C LYS A 79 -5.62 -4.70 -1.44
N GLY A 80 -6.75 -4.16 -1.95
CA GLY A 80 -7.82 -4.99 -2.52
C GLY A 80 -7.36 -5.77 -3.75
N LEU A 81 -6.62 -5.10 -4.63
CA LEU A 81 -6.10 -5.69 -5.87
C LEU A 81 -5.07 -6.80 -5.58
N LEU A 82 -4.13 -6.54 -4.64
CA LEU A 82 -3.10 -7.52 -4.28
C LEU A 82 -3.72 -8.65 -3.45
N GLN A 83 -4.86 -8.37 -2.77
CA GLN A 83 -5.61 -9.38 -2.01
C GLN A 83 -6.25 -10.38 -2.98
N GLN A 84 -6.92 -9.86 -4.04
CA GLN A 84 -7.40 -10.66 -5.18
C GLN A 84 -6.28 -11.56 -5.69
N ARG A 85 -5.11 -10.94 -5.88
CA ARG A 85 -3.92 -11.58 -6.43
C ARG A 85 -3.43 -12.70 -5.50
N LEU A 86 -3.52 -12.49 -4.17
CA LEU A 86 -3.09 -13.48 -3.18
C LEU A 86 -3.99 -14.73 -3.20
N ASP A 87 -5.31 -14.48 -3.25
CA ASP A 87 -6.34 -15.55 -3.28
C ASP A 87 -6.20 -16.44 -4.52
N GLU A 88 -6.10 -15.79 -5.70
CA GLU A 88 -5.99 -16.48 -6.98
C GLU A 88 -4.65 -17.23 -7.07
N LEU A 89 -3.51 -16.59 -6.66
CA LEU A 89 -2.16 -17.22 -6.69
C LEU A 89 -2.15 -18.51 -5.87
N SER A 90 -2.83 -18.47 -4.72
CA SER A 90 -2.96 -19.64 -3.84
C SER A 90 -3.67 -20.81 -4.56
N SER A 91 -4.87 -20.52 -5.06
CA SER A 91 -5.71 -21.53 -5.74
C SER A 91 -5.19 -21.93 -7.14
N LEU A 92 -4.35 -21.07 -7.72
CA LEU A 92 -3.83 -21.21 -9.09
C LEU A 92 -2.60 -22.10 -9.12
N ILE A 93 -1.61 -21.73 -8.30
CA ILE A 93 -0.35 -22.45 -8.18
C ILE A 93 -0.58 -23.77 -7.42
N GLY A 94 -1.19 -23.67 -6.19
CA GLY A 94 -1.54 -24.83 -5.37
C GLY A 94 -0.40 -25.84 -5.14
N GLN A 95 -0.75 -27.13 -5.23
CA GLN A 95 0.19 -28.30 -5.23
C GLN A 95 0.78 -28.63 -3.83
N VAL A 96 1.42 -27.63 -3.18
CA VAL A 96 2.09 -27.78 -1.85
C VAL A 96 1.21 -28.50 -0.81
N LEU A 97 -0.09 -28.14 -0.79
CA LEU A 97 -1.09 -28.75 0.10
C LEU A 97 -2.11 -29.52 -0.73
N PHE A 98 -2.87 -28.76 -1.53
CA PHE A 98 -3.98 -29.27 -2.35
C PHE A 98 -3.52 -29.41 -3.82
N GLN A 99 -3.50 -30.66 -4.32
CA GLN A 99 -3.16 -30.95 -5.73
C GLN A 99 -4.33 -30.48 -6.63
N GLY A 100 -4.15 -29.35 -7.33
CA GLY A 100 -5.18 -28.81 -8.21
C GLY A 100 -4.60 -28.33 -9.54
N PRO A 101 -4.97 -27.12 -10.03
CA PRO A 101 -4.33 -26.52 -11.22
C PRO A 101 -2.94 -25.94 -10.90
N SER A 102 -2.20 -25.55 -11.96
CA SER A 102 -0.89 -24.90 -11.84
C SER A 102 -0.55 -24.26 -13.21
N ALA A 103 -0.90 -22.97 -13.38
CA ALA A 103 -0.76 -22.23 -14.66
C ALA A 103 -0.76 -20.70 -14.38
N GLY A 104 -1.24 -19.88 -15.34
CA GLY A 104 -1.44 -18.43 -15.15
C GLY A 104 -2.92 -18.04 -15.16
N LEU A 105 -3.30 -17.01 -14.38
CA LEU A 105 -4.70 -16.52 -14.34
C LEU A 105 -4.73 -15.01 -14.67
N VAL A 106 -4.58 -14.14 -13.64
CA VAL A 106 -4.58 -12.67 -13.78
C VAL A 106 -5.89 -12.14 -14.47
N PRO A 107 -6.98 -11.87 -13.69
CA PRO A 107 -8.20 -11.23 -14.21
C PRO A 107 -8.00 -9.71 -14.36
N ARG A 108 -8.24 -9.20 -15.58
CA ARG A 108 -8.16 -7.77 -15.88
C ARG A 108 -9.39 -7.05 -15.28
N GLY A 109 -9.30 -6.72 -13.98
CA GLY A 109 -10.37 -6.02 -13.27
C GLY A 109 -10.78 -6.75 -11.99
N SER A 110 -11.56 -6.04 -11.15
CA SER A 110 -12.00 -6.53 -9.84
C SER A 110 -13.34 -5.84 -9.46
N GLY A 111 -13.72 -5.91 -8.16
CA GLY A 111 -14.93 -5.21 -7.68
C GLY A 111 -16.22 -5.99 -7.92
N GLY A 112 -17.33 -5.50 -7.35
CA GLY A 112 -18.65 -6.14 -7.40
C GLY A 112 -19.41 -5.83 -8.69
N ILE A 113 -18.77 -6.09 -9.84
CA ILE A 113 -19.34 -5.88 -11.18
C ILE A 113 -19.44 -7.23 -11.92
N GLU A 114 -19.88 -7.18 -13.20
CA GLU A 114 -20.11 -8.40 -14.02
C GLU A 114 -18.79 -9.17 -14.27
N GLY A 115 -18.85 -10.51 -14.15
CA GLY A 115 -17.69 -11.38 -14.37
C GLY A 115 -16.86 -11.60 -13.11
N SER A 116 -15.92 -10.67 -12.84
CA SER A 116 -14.95 -10.80 -11.72
C SER A 116 -15.62 -10.52 -10.36
N ASN A 117 -16.36 -11.54 -9.87
CA ASN A 117 -17.05 -11.48 -8.56
C ASN A 117 -16.29 -12.33 -7.53
N LEU A 118 -15.81 -13.51 -7.97
CA LEU A 118 -15.00 -14.41 -7.14
C LEU A 118 -13.54 -13.92 -7.11
N ASN A 119 -13.30 -12.89 -6.30
CA ASN A 119 -11.95 -12.30 -6.11
C ASN A 119 -11.24 -13.01 -4.95
N THR A 120 -11.99 -13.23 -3.85
CA THR A 120 -11.56 -14.06 -2.73
C THR A 120 -11.87 -15.55 -3.02
N ASP A 121 -10.82 -16.39 -3.07
CA ASP A 121 -10.95 -17.84 -3.25
C ASP A 121 -10.45 -18.56 -1.97
N MET A 122 -9.10 -18.68 -1.84
CA MET A 122 -8.46 -19.39 -0.70
C MET A 122 -6.99 -18.94 -0.50
N GLY A 123 -6.80 -17.62 -0.32
CA GLY A 123 -5.48 -17.03 -0.06
C GLY A 123 -4.85 -17.56 1.23
N ASN A 124 -3.72 -18.32 1.12
CA ASN A 124 -3.07 -18.95 2.28
C ASN A 124 -1.55 -18.72 2.27
N GLY A 125 -0.83 -19.25 1.26
CA GLY A 125 0.64 -19.18 1.23
C GLY A 125 1.25 -20.37 0.53
N ILE A 126 1.42 -20.27 -0.81
CA ILE A 126 1.95 -21.37 -1.64
C ILE A 126 3.45 -21.16 -1.92
N ALA A 127 3.77 -20.28 -2.90
CA ALA A 127 5.14 -20.04 -3.37
C ALA A 127 5.93 -19.29 -2.28
N SER A 128 7.03 -19.90 -1.78
CA SER A 128 7.76 -19.42 -0.58
C SER A 128 8.15 -17.93 -0.65
N ASN A 129 9.12 -17.57 -1.52
CA ASN A 129 9.65 -16.19 -1.63
C ASN A 129 8.54 -15.22 -2.03
N ARG A 130 7.80 -15.55 -3.10
CA ARG A 130 6.75 -14.69 -3.69
C ARG A 130 5.68 -14.29 -2.65
N TRP A 131 5.13 -15.29 -1.96
CA TRP A 131 4.03 -15.11 -0.99
C TRP A 131 4.54 -14.45 0.30
N ILE A 132 5.82 -14.65 0.67
CA ILE A 132 6.43 -13.94 1.82
C ILE A 132 6.68 -12.47 1.48
N ASN A 133 7.06 -12.17 0.20
CA ASN A 133 7.25 -10.79 -0.29
C ASN A 133 5.93 -10.02 -0.22
N TYR A 134 4.86 -10.69 -0.71
CA TYR A 134 3.50 -10.13 -0.76
C TYR A 134 2.87 -10.00 0.64
N GLN A 135 3.08 -11.03 1.47
CA GLN A 135 2.55 -11.05 2.85
C GLN A 135 3.14 -9.90 3.65
N GLN A 136 4.49 -9.80 3.61
CA GLN A 136 5.27 -8.74 4.27
C GLN A 136 4.96 -7.37 3.65
N PHE A 137 4.61 -7.38 2.32
CA PHE A 137 4.15 -6.20 1.59
C PHE A 137 2.90 -5.68 2.30
N ILE A 138 1.89 -6.58 2.47
CA ILE A 138 0.58 -6.23 3.06
C ILE A 138 0.70 -5.87 4.55
N GLN A 139 1.62 -6.52 5.29
CA GLN A 139 1.80 -6.29 6.73
C GLN A 139 2.31 -4.86 7.01
N THR A 140 3.39 -4.46 6.30
CA THR A 140 3.96 -3.11 6.45
C THR A 140 3.06 -2.04 5.75
N LEU A 141 2.42 -2.45 4.62
CA LEU A 141 1.34 -1.66 3.97
C LEU A 141 0.17 -1.37 4.92
N GLU A 142 -0.10 -2.33 5.83
CA GLU A 142 -1.17 -2.22 6.83
C GLU A 142 -0.75 -1.21 7.89
N LYS A 143 0.50 -1.33 8.38
CA LYS A 143 1.07 -0.37 9.35
C LYS A 143 1.10 1.04 8.74
N ALA A 144 1.34 1.07 7.42
CA ALA A 144 1.43 2.29 6.63
C ALA A 144 0.07 2.99 6.49
N ILE A 145 -1.00 2.22 6.13
CA ILE A 145 -2.35 2.78 5.91
C ILE A 145 -3.03 3.17 7.24
N GLU A 146 -2.69 2.42 8.32
CA GLU A 146 -3.16 2.71 9.68
C GLU A 146 -2.59 4.05 10.16
N GLN A 147 -1.25 4.19 10.09
CA GLN A 147 -0.54 5.43 10.44
C GLN A 147 -0.98 6.59 9.50
N HIS A 148 -1.28 6.26 8.25
CA HIS A 148 -1.71 7.23 7.21
C HIS A 148 -3.03 7.92 7.58
N ARG A 149 -4.07 7.10 7.82
CA ARG A 149 -5.41 7.58 8.18
C ARG A 149 -5.41 8.27 9.56
N LEU A 150 -4.53 7.82 10.50
CA LEU A 150 -4.36 8.45 11.83
C LEU A 150 -3.75 9.86 11.69
N GLN A 151 -2.68 9.95 10.88
CA GLN A 151 -2.01 11.24 10.59
C GLN A 151 -2.97 12.19 9.87
N LEU A 152 -3.70 11.66 8.88
CA LEU A 152 -4.61 12.44 8.02
C LEU A 152 -5.74 13.04 8.86
N THR A 153 -6.44 12.18 9.64
CA THR A 153 -7.59 12.62 10.46
C THR A 153 -7.12 13.66 11.50
N GLN A 154 -5.95 13.43 12.11
CA GLN A 154 -5.37 14.34 13.12
C GLN A 154 -4.98 15.70 12.48
N TRP A 155 -4.51 15.63 11.24
CA TRP A 155 -3.96 16.76 10.49
C TRP A 155 -5.07 17.64 9.88
N THR A 156 -6.17 17.02 9.44
CA THR A 156 -7.22 17.73 8.66
C THR A 156 -8.53 17.86 9.47
N GLN A 157 -8.98 16.75 10.08
CA GLN A 157 -10.21 16.71 10.91
C GLN A 157 -9.79 16.61 12.39
N LYS A 158 -10.66 16.03 13.24
CA LYS A 158 -10.31 15.57 14.58
C LYS A 158 -10.85 14.14 14.74
N VAL A 159 -12.18 14.03 14.79
CA VAL A 159 -12.89 12.74 14.76
C VAL A 159 -14.20 12.95 13.96
N ASP A 160 -14.47 12.04 13.02
CA ASP A 160 -15.74 12.03 12.29
C ASP A 160 -16.76 11.22 13.11
N LEU A 161 -18.01 11.69 13.14
CA LEU A 161 -19.07 11.08 13.94
C LEU A 161 -19.80 10.01 13.10
N ALA A 162 -19.53 8.75 13.44
CA ALA A 162 -20.22 7.58 12.88
C ALA A 162 -20.44 6.56 14.01
N LEU A 163 -21.49 6.82 14.82
CA LEU A 163 -21.76 6.10 16.09
C LEU A 163 -23.27 5.81 16.26
N LYS A 164 -24.14 6.59 15.59
CA LYS A 164 -25.60 6.46 15.73
C LYS A 164 -26.33 7.00 14.49
N SER A 165 -27.37 6.28 14.03
CA SER A 165 -28.23 6.69 12.91
C SER A 165 -29.66 6.15 13.15
N TRP A 166 -29.76 4.80 13.18
CA TRP A 166 -31.00 4.07 13.49
C TRP A 166 -30.65 2.58 13.72
N MET A 1 11.62 28.05 4.65
CA MET A 1 11.34 27.30 3.40
C MET A 1 11.79 25.83 3.51
N THR A 2 12.98 25.58 4.10
CA THR A 2 13.66 24.27 4.05
C THR A 2 12.78 23.12 4.57
N SER A 3 12.37 23.22 5.86
CA SER A 3 11.60 22.16 6.54
C SER A 3 10.22 21.96 5.88
N THR A 4 9.61 23.05 5.39
CA THR A 4 8.33 23.01 4.68
C THR A 4 8.46 22.22 3.36
N VAL A 5 9.60 22.41 2.65
CA VAL A 5 9.93 21.66 1.42
C VAL A 5 10.16 20.18 1.76
N GLU A 6 10.85 19.90 2.91
CA GLU A 6 11.08 18.51 3.37
C GLU A 6 9.73 17.78 3.53
N PHE A 7 8.79 18.47 4.20
CA PHE A 7 7.43 17.98 4.48
C PHE A 7 6.70 17.59 3.16
N ILE A 8 6.50 18.60 2.29
CA ILE A 8 5.72 18.43 1.04
C ILE A 8 6.43 17.44 0.08
N ASN A 9 7.76 17.53 -0.03
CA ASN A 9 8.57 16.74 -1.00
C ASN A 9 8.61 15.25 -0.61
N ARG A 10 8.58 14.98 0.70
CA ARG A 10 8.47 13.60 1.21
C ARG A 10 7.04 13.06 1.01
N TRP A 11 6.05 13.96 1.07
CA TRP A 11 4.65 13.63 0.67
C TRP A 11 4.52 13.50 -0.87
N GLN A 12 5.39 14.19 -1.64
CA GLN A 12 5.45 14.03 -3.12
C GLN A 12 5.96 12.63 -3.41
N ARG A 13 6.99 12.25 -2.62
CA ARG A 13 7.60 10.93 -2.68
C ARG A 13 6.52 9.87 -2.47
N ILE A 14 5.84 9.88 -1.30
CA ILE A 14 4.83 8.85 -0.94
C ILE A 14 3.64 8.81 -1.94
N ALA A 15 3.08 10.00 -2.27
CA ALA A 15 1.84 10.10 -3.06
C ALA A 15 2.01 9.60 -4.51
N LEU A 16 3.06 10.10 -5.18
CA LEU A 16 3.33 9.78 -6.59
C LEU A 16 3.91 8.35 -6.72
N LEU A 17 4.67 7.93 -5.69
CA LEU A 17 5.19 6.55 -5.53
C LEU A 17 4.04 5.54 -5.49
N SER A 18 3.09 5.76 -4.58
CA SER A 18 1.95 4.86 -4.36
C SER A 18 1.05 4.80 -5.59
N GLN A 19 0.93 5.95 -6.30
CA GLN A 19 0.21 6.02 -7.57
C GLN A 19 0.90 5.14 -8.62
N SER A 20 2.23 5.27 -8.72
CA SER A 20 3.04 4.47 -9.64
C SER A 20 2.93 2.97 -9.31
N LEU A 21 2.89 2.64 -8.00
CA LEU A 21 2.84 1.26 -7.50
C LEU A 21 1.45 0.64 -7.70
N LEU A 22 0.41 1.47 -7.61
CA LEU A 22 -0.96 1.02 -7.89
C LEU A 22 -1.05 0.61 -9.36
N GLU A 23 -0.60 1.53 -10.25
CA GLU A 23 -0.53 1.30 -11.70
C GLU A 23 0.38 0.12 -12.05
N LEU A 24 1.47 -0.04 -11.29
CA LEU A 24 2.51 -1.07 -11.50
C LEU A 24 1.89 -2.45 -11.25
N ALA A 25 1.05 -2.51 -10.21
CA ALA A 25 0.27 -3.71 -9.86
C ALA A 25 -0.82 -4.01 -10.91
N GLN A 26 -1.62 -2.95 -11.25
CA GLN A 26 -2.73 -3.03 -12.25
C GLN A 26 -2.28 -3.66 -13.58
N ARG A 27 -1.15 -3.16 -14.10
CA ARG A 27 -0.58 -3.59 -15.40
C ARG A 27 -0.04 -5.04 -15.34
N GLY A 28 0.35 -5.47 -14.12
CA GLY A 28 0.80 -6.84 -13.88
C GLY A 28 2.31 -6.99 -13.77
N GLU A 29 3.00 -5.90 -13.39
CA GLU A 29 4.48 -5.88 -13.23
C GLU A 29 4.88 -6.23 -11.76
N TRP A 30 4.18 -7.21 -11.19
CA TRP A 30 4.16 -7.52 -9.73
C TRP A 30 5.56 -7.73 -9.07
N ASP A 31 6.54 -8.19 -9.85
CA ASP A 31 7.91 -8.43 -9.35
C ASP A 31 8.66 -7.10 -9.18
N LEU A 32 8.46 -6.17 -10.13
CA LEU A 32 8.97 -4.78 -10.05
C LEU A 32 8.35 -4.09 -8.80
N LEU A 33 7.11 -4.51 -8.43
CA LEU A 33 6.40 -4.03 -7.24
C LEU A 33 7.13 -4.49 -5.96
N LEU A 34 7.55 -5.78 -5.93
CA LEU A 34 8.39 -6.33 -4.83
C LEU A 34 9.78 -5.68 -4.78
N GLN A 35 10.28 -5.20 -5.94
CA GLN A 35 11.55 -4.46 -6.04
C GLN A 35 11.40 -3.02 -5.49
N GLN A 36 10.16 -2.51 -5.47
CA GLN A 36 9.84 -1.18 -4.89
C GLN A 36 9.03 -1.31 -3.59
N GLU A 37 8.85 -2.58 -3.11
CA GLU A 37 8.26 -2.90 -1.78
C GLU A 37 9.04 -2.19 -0.66
N VAL A 38 10.35 -2.48 -0.58
CA VAL A 38 11.25 -1.91 0.43
C VAL A 38 11.23 -0.38 0.37
N SER A 39 11.28 0.14 -0.87
CA SER A 39 11.20 1.59 -1.16
C SER A 39 9.95 2.22 -0.53
N TYR A 40 8.79 1.56 -0.77
CA TYR A 40 7.48 2.06 -0.35
C TYR A 40 7.39 2.10 1.16
N LEU A 41 7.49 0.90 1.74
CA LEU A 41 7.24 0.66 3.17
C LEU A 41 8.21 1.49 4.05
N GLN A 42 9.50 1.54 3.65
CA GLN A 42 10.52 2.36 4.34
C GLN A 42 10.11 3.84 4.32
N SER A 43 9.95 4.42 3.11
CA SER A 43 9.68 5.86 2.96
C SER A 43 8.36 6.28 3.63
N ILE A 44 7.29 5.48 3.43
CA ILE A 44 5.94 5.81 3.89
C ILE A 44 5.91 5.91 5.43
N GLU A 45 6.49 4.88 6.09
CA GLU A 45 6.56 4.82 7.56
C GLU A 45 7.40 5.98 8.12
N THR A 46 8.66 6.10 7.63
CA THR A 46 9.64 7.06 8.16
C THR A 46 9.18 8.53 8.04
N VAL A 47 8.45 8.87 6.95
CA VAL A 47 7.91 10.23 6.74
C VAL A 47 6.73 10.52 7.68
N MET A 48 5.82 9.52 7.83
CA MET A 48 4.66 9.65 8.75
C MET A 48 5.13 9.72 10.23
N GLU A 49 6.30 9.11 10.50
CA GLU A 49 6.96 9.14 11.83
C GLU A 49 7.82 10.40 12.03
N LYS A 50 8.24 11.04 10.90
CA LYS A 50 9.27 12.09 10.91
C LYS A 50 8.81 13.36 11.67
N GLN A 51 8.06 14.24 10.98
CA GLN A 51 7.76 15.56 11.50
C GLN A 51 6.72 16.26 10.60
N THR A 52 5.86 17.06 11.22
CA THR A 52 5.07 18.08 10.55
C THR A 52 5.62 19.45 10.99
N PRO A 53 6.60 20.03 10.26
CA PRO A 53 7.21 21.34 10.61
C PRO A 53 6.27 22.54 10.33
N PRO A 54 6.58 23.76 10.89
CA PRO A 54 5.79 25.00 10.61
C PRO A 54 5.93 25.49 9.14
N GLY A 55 5.50 26.74 8.88
CA GLY A 55 5.52 27.32 7.54
C GLY A 55 4.34 26.86 6.70
N ILE A 56 3.30 26.35 7.38
CA ILE A 56 2.12 25.81 6.73
C ILE A 56 1.09 26.93 6.50
N THR A 57 0.79 27.23 5.23
CA THR A 57 -0.34 28.10 4.84
C THR A 57 -1.57 27.22 4.54
N ARG A 58 -2.68 27.86 4.12
CA ARG A 58 -3.88 27.16 3.63
C ARG A 58 -3.49 26.33 2.40
N SER A 59 -2.69 26.94 1.51
CA SER A 59 -2.21 26.29 0.28
C SER A 59 -1.39 25.03 0.58
N ILE A 60 -0.52 25.10 1.60
CA ILE A 60 0.36 23.98 1.98
C ILE A 60 -0.46 22.82 2.60
N GLN A 61 -1.38 23.15 3.54
CA GLN A 61 -2.18 22.13 4.26
C GLN A 61 -3.17 21.41 3.30
N ASP A 62 -3.82 22.21 2.43
CA ASP A 62 -4.81 21.72 1.44
C ASP A 62 -4.14 20.84 0.38
N MET A 63 -2.99 21.32 -0.14
CA MET A 63 -2.17 20.59 -1.11
C MET A 63 -1.74 19.23 -0.52
N VAL A 64 -1.02 19.27 0.62
CA VAL A 64 -0.55 18.05 1.32
C VAL A 64 -1.72 17.13 1.73
N ALA A 65 -2.88 17.72 2.06
CA ALA A 65 -4.11 16.94 2.35
C ALA A 65 -4.48 16.07 1.15
N GLY A 66 -4.43 16.69 -0.05
CA GLY A 66 -4.64 15.99 -1.31
C GLY A 66 -3.59 14.92 -1.59
N TYR A 67 -2.32 15.18 -1.17
CA TYR A 67 -1.19 14.22 -1.34
C TYR A 67 -1.43 12.94 -0.50
N ILE A 68 -1.73 13.12 0.80
CA ILE A 68 -1.93 12.00 1.74
C ILE A 68 -3.18 11.20 1.33
N LYS A 69 -4.23 11.93 0.90
CA LYS A 69 -5.50 11.34 0.46
C LYS A 69 -5.31 10.58 -0.87
N GLN A 70 -4.39 11.09 -1.73
CA GLN A 70 -4.05 10.45 -3.02
C GLN A 70 -3.49 9.06 -2.73
N THR A 71 -2.49 9.02 -1.83
CA THR A 71 -1.88 7.76 -1.40
C THR A 71 -2.82 6.93 -0.52
N LEU A 72 -3.88 7.53 0.11
CA LEU A 72 -4.93 6.73 0.82
C LEU A 72 -5.71 5.86 -0.17
N ASP A 73 -6.12 6.48 -1.31
CA ASP A 73 -6.81 5.78 -2.42
C ASP A 73 -5.89 4.69 -3.00
N ASN A 74 -4.65 5.08 -3.31
CA ASN A 74 -3.62 4.17 -3.88
C ASN A 74 -3.33 2.98 -2.94
N GLU A 75 -3.37 3.25 -1.63
CA GLU A 75 -3.19 2.23 -0.58
C GLU A 75 -4.30 1.18 -0.65
N GLN A 76 -5.57 1.63 -0.43
CA GLN A 76 -6.73 0.72 -0.30
C GLN A 76 -6.92 -0.16 -1.55
N LEU A 77 -6.68 0.45 -2.72
CA LEU A 77 -6.80 -0.24 -4.01
C LEU A 77 -5.64 -1.26 -4.18
N LEU A 78 -4.41 -0.88 -3.72
CA LEU A 78 -3.24 -1.81 -3.75
C LEU A 78 -3.49 -3.04 -2.82
N LYS A 79 -4.14 -2.82 -1.64
CA LYS A 79 -4.50 -3.95 -0.72
C LYS A 79 -5.37 -4.93 -1.50
N GLY A 80 -6.45 -4.34 -2.09
CA GLY A 80 -7.49 -5.08 -2.77
C GLY A 80 -6.97 -6.00 -3.86
N LEU A 81 -6.26 -5.43 -4.87
CA LEU A 81 -5.90 -6.22 -6.07
C LEU A 81 -4.63 -7.08 -5.84
N LEU A 82 -3.77 -6.72 -4.86
CA LEU A 82 -2.62 -7.58 -4.51
C LEU A 82 -3.10 -8.78 -3.66
N GLN A 83 -4.12 -8.57 -2.79
CA GLN A 83 -4.73 -9.67 -2.00
C GLN A 83 -5.44 -10.64 -2.94
N GLN A 84 -6.20 -10.08 -3.90
CA GLN A 84 -6.84 -10.84 -5.00
C GLN A 84 -5.79 -11.68 -5.76
N ARG A 85 -4.64 -11.04 -6.01
CA ARG A 85 -3.50 -11.69 -6.67
C ARG A 85 -2.97 -12.84 -5.81
N LEU A 86 -2.97 -12.67 -4.47
CA LEU A 86 -2.51 -13.70 -3.52
C LEU A 86 -3.40 -14.94 -3.55
N ASP A 87 -4.72 -14.71 -3.64
CA ASP A 87 -5.70 -15.80 -3.69
C ASP A 87 -5.59 -16.58 -5.01
N GLU A 88 -5.35 -15.87 -6.15
CA GLU A 88 -5.20 -16.55 -7.46
C GLU A 88 -3.86 -17.31 -7.56
N LEU A 89 -2.80 -16.75 -6.92
CA LEU A 89 -1.47 -17.40 -6.83
C LEU A 89 -1.58 -18.70 -6.00
N SER A 90 -2.22 -18.61 -4.82
CA SER A 90 -2.30 -19.72 -3.85
C SER A 90 -3.34 -20.79 -4.27
N SER A 91 -4.32 -20.41 -5.11
CA SER A 91 -5.27 -21.37 -5.70
C SER A 91 -4.64 -22.11 -6.90
N LEU A 92 -3.90 -21.34 -7.74
CA LEU A 92 -3.12 -21.88 -8.88
C LEU A 92 -2.15 -22.97 -8.41
N ILE A 93 -1.30 -22.59 -7.46
CA ILE A 93 -0.30 -23.47 -6.86
C ILE A 93 -0.98 -24.54 -6.00
N GLY A 94 -1.91 -24.08 -5.13
CA GLY A 94 -2.58 -24.96 -4.19
C GLY A 94 -1.66 -25.43 -3.08
N GLN A 95 -1.67 -26.75 -2.84
CA GLN A 95 -0.85 -27.40 -1.81
C GLN A 95 0.34 -28.09 -2.51
N VAL A 96 1.53 -27.45 -2.46
CA VAL A 96 2.77 -28.00 -3.04
C VAL A 96 3.63 -28.69 -1.93
N LEU A 97 3.86 -27.96 -0.83
CA LEU A 97 4.70 -28.42 0.32
C LEU A 97 3.94 -28.19 1.64
N PHE A 98 2.86 -27.43 1.53
CA PHE A 98 2.11 -26.85 2.65
C PHE A 98 0.70 -26.50 2.12
N GLN A 99 -0.27 -26.36 3.03
CA GLN A 99 -1.66 -26.07 2.66
C GLN A 99 -1.81 -24.65 2.06
N GLY A 100 -2.86 -24.50 1.25
CA GLY A 100 -3.25 -23.23 0.63
C GLY A 100 -4.70 -23.29 0.18
N PRO A 101 -5.39 -22.12 -0.01
CA PRO A 101 -6.80 -22.09 -0.43
C PRO A 101 -6.97 -22.58 -1.90
N SER A 102 -7.05 -23.92 -2.02
CA SER A 102 -7.19 -24.63 -3.30
C SER A 102 -8.69 -24.74 -3.67
N ALA A 103 -9.38 -23.59 -3.61
CA ALA A 103 -10.81 -23.47 -3.93
C ALA A 103 -11.06 -23.58 -5.45
N GLY A 104 -10.02 -23.24 -6.20
CA GLY A 104 -10.02 -23.32 -7.65
C GLY A 104 -8.66 -22.94 -8.22
N LEU A 105 -8.66 -22.16 -9.30
CA LEU A 105 -7.45 -21.62 -9.96
C LEU A 105 -7.88 -20.51 -10.92
N VAL A 106 -7.49 -19.25 -10.63
CA VAL A 106 -7.86 -18.07 -11.47
C VAL A 106 -6.63 -17.15 -11.76
N PRO A 107 -5.49 -17.73 -12.28
CA PRO A 107 -4.23 -16.98 -12.44
C PRO A 107 -4.16 -16.18 -13.76
N ARG A 108 -4.61 -14.92 -13.71
CA ARG A 108 -4.59 -14.03 -14.88
C ARG A 108 -3.18 -13.43 -15.06
N GLY A 109 -2.41 -13.36 -13.94
CA GLY A 109 -1.01 -12.97 -13.98
C GLY A 109 -0.80 -11.47 -14.17
N SER A 110 -1.07 -10.99 -15.40
CA SER A 110 -1.11 -9.56 -15.73
C SER A 110 -2.50 -8.99 -15.39
N GLY A 111 -2.77 -7.73 -15.82
CA GLY A 111 -4.08 -7.13 -15.60
C GLY A 111 -4.48 -6.14 -16.70
N GLY A 112 -3.87 -4.95 -16.67
CA GLY A 112 -4.34 -3.80 -17.45
C GLY A 112 -5.54 -3.15 -16.76
N ILE A 113 -6.67 -3.88 -16.77
CA ILE A 113 -7.86 -3.53 -15.96
C ILE A 113 -7.68 -4.09 -14.53
N GLU A 114 -8.49 -3.59 -13.60
CA GLU A 114 -8.49 -4.03 -12.18
C GLU A 114 -9.50 -5.18 -11.98
N GLY A 115 -9.76 -5.50 -10.71
CA GLY A 115 -10.63 -6.61 -10.32
C GLY A 115 -10.16 -7.14 -9.00
N SER A 116 -10.48 -6.39 -7.93
CA SER A 116 -9.98 -6.63 -6.57
C SER A 116 -10.97 -7.49 -5.75
N ASN A 117 -12.04 -7.96 -6.40
CA ASN A 117 -13.19 -8.60 -5.75
C ASN A 117 -12.99 -10.12 -5.64
N LEU A 118 -11.96 -10.51 -4.87
CA LEU A 118 -11.58 -11.91 -4.64
C LEU A 118 -10.70 -12.00 -3.40
N ASN A 119 -11.23 -12.67 -2.35
CA ASN A 119 -10.47 -13.02 -1.14
C ASN A 119 -11.19 -14.12 -0.35
N THR A 120 -10.45 -15.19 0.00
CA THR A 120 -10.91 -16.20 0.95
C THR A 120 -10.33 -15.83 2.35
N ASP A 121 -9.21 -16.47 2.75
CA ASP A 121 -8.44 -16.10 3.94
C ASP A 121 -7.03 -15.64 3.49
N MET A 122 -6.14 -16.64 3.25
CA MET A 122 -4.71 -16.45 2.91
C MET A 122 -4.06 -17.86 2.75
N GLY A 123 -2.82 -17.92 2.24
CA GLY A 123 -2.13 -19.21 2.10
C GLY A 123 -0.65 -19.04 1.85
N ASN A 124 -0.05 -20.03 1.18
CA ASN A 124 1.35 -19.96 0.70
C ASN A 124 1.53 -20.91 -0.47
N GLY A 125 2.49 -20.62 -1.35
CA GLY A 125 2.72 -21.43 -2.54
C GLY A 125 4.19 -21.52 -2.91
N ILE A 126 4.45 -22.15 -4.07
CA ILE A 126 5.79 -22.27 -4.65
C ILE A 126 6.23 -20.87 -5.14
N ALA A 127 7.55 -20.64 -5.23
CA ALA A 127 8.14 -19.29 -5.30
C ALA A 127 7.75 -18.52 -4.03
N SER A 128 7.96 -19.21 -2.89
CA SER A 128 7.61 -18.74 -1.55
C SER A 128 8.36 -17.45 -1.17
N ASN A 129 9.49 -17.20 -1.85
CA ASN A 129 10.22 -15.92 -1.76
C ASN A 129 9.29 -14.76 -2.18
N ARG A 130 8.71 -14.91 -3.39
CA ARG A 130 7.81 -13.91 -3.99
C ARG A 130 6.51 -13.77 -3.17
N TRP A 131 5.87 -14.93 -2.87
CA TRP A 131 4.54 -14.97 -2.19
C TRP A 131 4.63 -14.34 -0.78
N ILE A 132 5.65 -14.76 -0.01
CA ILE A 132 5.85 -14.29 1.38
C ILE A 132 6.38 -12.83 1.41
N ASN A 133 7.04 -12.38 0.31
CA ASN A 133 7.35 -10.94 0.12
C ASN A 133 6.05 -10.13 -0.01
N TYR A 134 5.06 -10.69 -0.75
CA TYR A 134 3.71 -10.09 -0.84
C TYR A 134 2.97 -10.15 0.51
N GLN A 135 3.20 -11.23 1.28
CA GLN A 135 2.52 -11.44 2.58
C GLN A 135 2.98 -10.32 3.55
N GLN A 136 4.31 -10.14 3.62
CA GLN A 136 4.95 -9.07 4.39
C GLN A 136 4.57 -7.68 3.82
N PHE A 137 4.37 -7.62 2.48
CA PHE A 137 3.93 -6.40 1.78
C PHE A 137 2.58 -5.96 2.38
N ILE A 138 1.59 -6.88 2.42
CA ILE A 138 0.20 -6.57 2.85
C ILE A 138 0.14 -6.26 4.36
N GLN A 139 0.95 -6.97 5.17
CA GLN A 139 1.00 -6.75 6.63
C GLN A 139 1.55 -5.33 6.95
N THR A 140 2.63 -4.95 6.26
CA THR A 140 3.27 -3.63 6.42
C THR A 140 2.47 -2.54 5.68
N LEU A 141 1.65 -2.94 4.68
CA LEU A 141 0.66 -2.06 4.02
C LEU A 141 -0.46 -1.74 5.01
N GLU A 142 -0.84 -2.76 5.81
CA GLU A 142 -1.93 -2.65 6.80
C GLU A 142 -1.50 -1.67 7.91
N LYS A 143 -0.22 -1.79 8.33
CA LYS A 143 0.42 -0.86 9.28
C LYS A 143 0.57 0.55 8.63
N ALA A 144 0.88 0.57 7.33
CA ALA A 144 1.10 1.82 6.58
C ALA A 144 -0.21 2.63 6.47
N ILE A 145 -1.34 1.96 6.15
CA ILE A 145 -2.66 2.62 5.97
C ILE A 145 -3.25 2.99 7.35
N GLU A 146 -2.91 2.19 8.38
CA GLU A 146 -3.25 2.49 9.79
C GLU A 146 -2.66 3.86 10.16
N GLN A 147 -1.33 3.97 10.04
CA GLN A 147 -0.56 5.16 10.42
C GLN A 147 -0.87 6.34 9.47
N HIS A 148 -1.24 6.01 8.21
CA HIS A 148 -1.59 6.99 7.15
C HIS A 148 -2.87 7.75 7.50
N ARG A 149 -3.92 6.96 7.78
CA ARG A 149 -5.23 7.45 8.21
C ARG A 149 -5.14 8.25 9.52
N LEU A 150 -4.36 7.72 10.50
CA LEU A 150 -4.14 8.41 11.80
C LEU A 150 -3.48 9.78 11.58
N GLN A 151 -2.43 9.79 10.73
CA GLN A 151 -1.67 11.01 10.40
C GLN A 151 -2.57 12.03 9.67
N LEU A 152 -3.37 11.54 8.70
CA LEU A 152 -4.19 12.39 7.83
C LEU A 152 -5.32 13.06 8.64
N THR A 153 -6.05 12.27 9.46
CA THR A 153 -7.14 12.82 10.27
C THR A 153 -6.59 13.84 11.29
N GLN A 154 -5.47 13.49 11.96
CA GLN A 154 -4.84 14.34 12.98
C GLN A 154 -4.33 15.67 12.37
N TRP A 155 -3.90 15.60 11.11
CA TRP A 155 -3.37 16.72 10.35
C TRP A 155 -4.51 17.66 9.89
N THR A 156 -5.61 17.10 9.36
CA THR A 156 -6.64 17.89 8.66
C THR A 156 -8.03 17.87 9.37
N GLN A 157 -8.60 16.67 9.66
CA GLN A 157 -10.00 16.57 10.18
C GLN A 157 -10.10 17.04 11.65
N LYS A 158 -9.17 16.54 12.47
CA LYS A 158 -9.20 16.55 13.95
C LYS A 158 -10.28 15.57 14.45
N VAL A 159 -11.54 15.84 14.06
CA VAL A 159 -12.71 14.97 14.30
C VAL A 159 -13.55 14.88 13.01
N ASP A 160 -13.76 13.64 12.51
CA ASP A 160 -14.68 13.36 11.39
C ASP A 160 -16.14 13.42 11.89
N LEU A 161 -16.68 14.64 12.00
CA LEU A 161 -18.10 14.88 12.38
C LEU A 161 -18.96 15.12 11.13
N ALA A 162 -20.30 15.29 11.36
CA ALA A 162 -21.31 15.62 10.32
C ALA A 162 -21.64 14.42 9.39
N LEU A 163 -21.11 13.23 9.71
CA LEU A 163 -21.42 11.98 8.97
C LEU A 163 -22.92 11.63 9.14
N LYS A 164 -23.73 11.95 8.11
CA LYS A 164 -25.17 11.63 8.11
C LYS A 164 -25.42 10.29 7.40
N SER A 165 -26.35 9.50 7.98
CA SER A 165 -26.75 8.20 7.45
C SER A 165 -27.69 8.38 6.22
N TRP A 166 -28.94 8.84 6.46
CA TRP A 166 -29.93 9.12 5.39
C TRP A 166 -30.11 10.66 5.22
N MET A 1 10.67 28.61 4.70
CA MET A 1 9.97 27.82 3.65
C MET A 1 10.60 26.43 3.48
N THR A 2 11.91 26.30 3.79
CA THR A 2 12.72 25.10 3.45
C THR A 2 12.18 23.81 4.12
N SER A 3 11.80 23.91 5.41
CA SER A 3 11.25 22.75 6.18
C SER A 3 9.86 22.36 5.66
N THR A 4 9.11 23.36 5.17
CA THR A 4 7.80 23.17 4.53
C THR A 4 7.98 22.49 3.15
N VAL A 5 9.03 22.90 2.40
CA VAL A 5 9.38 22.31 1.08
C VAL A 5 9.78 20.82 1.26
N GLU A 6 10.52 20.54 2.35
CA GLU A 6 10.85 19.17 2.78
C GLU A 6 9.57 18.36 3.01
N PHE A 7 8.69 18.91 3.88
CA PHE A 7 7.42 18.28 4.29
C PHE A 7 6.56 17.87 3.06
N ILE A 8 6.34 18.84 2.15
CA ILE A 8 5.58 18.65 0.90
C ILE A 8 6.25 17.57 0.05
N ASN A 9 7.59 17.67 -0.14
CA ASN A 9 8.38 16.79 -1.03
C ASN A 9 8.42 15.33 -0.50
N ARG A 10 8.36 15.18 0.82
CA ARG A 10 8.35 13.86 1.48
C ARG A 10 6.97 13.19 1.28
N TRP A 11 5.92 14.00 1.36
CA TRP A 11 4.56 13.56 1.05
C TRP A 11 4.33 13.43 -0.48
N GLN A 12 5.13 14.15 -1.30
CA GLN A 12 5.16 13.97 -2.77
C GLN A 12 5.74 12.60 -3.05
N ARG A 13 6.82 12.28 -2.30
CA ARG A 13 7.52 11.02 -2.39
C ARG A 13 6.52 9.88 -2.21
N ILE A 14 5.85 9.84 -1.04
CA ILE A 14 4.90 8.75 -0.70
C ILE A 14 3.69 8.70 -1.67
N ALA A 15 3.08 9.88 -1.95
CA ALA A 15 1.85 10.00 -2.77
C ALA A 15 2.06 9.47 -4.20
N LEU A 16 2.98 10.11 -4.91
CA LEU A 16 3.27 9.84 -6.33
C LEU A 16 3.94 8.45 -6.51
N LEU A 17 4.68 7.99 -5.46
CA LEU A 17 5.26 6.63 -5.37
C LEU A 17 4.16 5.55 -5.38
N SER A 18 3.19 5.66 -4.46
CA SER A 18 2.11 4.68 -4.28
C SER A 18 1.18 4.66 -5.51
N GLN A 19 1.03 5.83 -6.16
CA GLN A 19 0.31 5.96 -7.45
C GLN A 19 0.99 5.11 -8.52
N SER A 20 2.32 5.34 -8.68
CA SER A 20 3.17 4.60 -9.62
C SER A 20 3.12 3.08 -9.35
N LEU A 21 3.08 2.70 -8.04
CA LEU A 21 3.08 1.29 -7.59
C LEU A 21 1.74 0.61 -7.84
N LEU A 22 0.66 1.35 -7.65
CA LEU A 22 -0.70 0.85 -7.90
C LEU A 22 -0.83 0.45 -9.38
N GLU A 23 -0.36 1.38 -10.25
CA GLU A 23 -0.28 1.16 -11.70
C GLU A 23 0.70 0.01 -12.04
N LEU A 24 1.84 -0.02 -11.34
CA LEU A 24 2.96 -0.96 -11.60
C LEU A 24 2.48 -2.41 -11.40
N ALA A 25 1.66 -2.62 -10.35
CA ALA A 25 1.03 -3.90 -10.05
C ALA A 25 -0.07 -4.24 -11.10
N GLN A 26 -0.96 -3.24 -11.40
CA GLN A 26 -2.00 -3.36 -12.47
C GLN A 26 -1.42 -3.85 -13.82
N ARG A 27 -0.22 -3.32 -14.16
CA ARG A 27 0.44 -3.55 -15.47
C ARG A 27 1.14 -4.91 -15.55
N GLY A 28 1.05 -5.71 -14.49
CA GLY A 28 1.59 -7.08 -14.48
C GLY A 28 3.02 -7.16 -13.99
N GLU A 29 3.58 -6.03 -13.53
CA GLU A 29 4.97 -5.95 -13.04
C GLU A 29 4.99 -6.29 -11.54
N TRP A 30 4.61 -7.53 -11.23
CA TRP A 30 4.32 -7.98 -9.85
C TRP A 30 5.59 -8.24 -9.01
N ASP A 31 6.55 -8.96 -9.60
CA ASP A 31 7.86 -9.21 -8.94
C ASP A 31 8.67 -7.92 -8.86
N LEU A 32 8.46 -7.03 -9.85
CA LEU A 32 9.07 -5.71 -9.90
C LEU A 32 8.50 -4.87 -8.74
N LEU A 33 7.19 -5.04 -8.47
CA LEU A 33 6.50 -4.38 -7.34
C LEU A 33 7.14 -4.79 -6.01
N LEU A 34 7.47 -6.08 -5.88
CA LEU A 34 8.18 -6.63 -4.70
C LEU A 34 9.61 -6.08 -4.58
N GLN A 35 10.27 -5.82 -5.70
CA GLN A 35 11.60 -5.15 -5.73
C GLN A 35 11.46 -3.67 -5.27
N GLN A 36 10.29 -3.07 -5.55
CA GLN A 36 9.96 -1.68 -5.14
C GLN A 36 9.24 -1.66 -3.77
N GLU A 37 8.89 -2.85 -3.23
CA GLU A 37 8.26 -2.99 -1.89
C GLU A 37 9.17 -2.38 -0.82
N VAL A 38 10.45 -2.80 -0.83
CA VAL A 38 11.49 -2.29 0.07
C VAL A 38 11.59 -0.75 -0.04
N SER A 39 11.53 -0.24 -1.30
CA SER A 39 11.55 1.20 -1.59
C SER A 39 10.35 1.92 -0.94
N TYR A 40 9.14 1.33 -1.09
CA TYR A 40 7.89 1.93 -0.59
C TYR A 40 7.92 1.99 0.93
N LEU A 41 8.01 0.80 1.55
CA LEU A 41 7.93 0.62 2.99
C LEU A 41 9.03 1.42 3.71
N GLN A 42 10.27 1.43 3.16
CA GLN A 42 11.39 2.20 3.73
C GLN A 42 11.08 3.71 3.74
N SER A 43 10.71 4.26 2.56
CA SER A 43 10.46 5.70 2.39
C SER A 43 9.25 6.19 3.21
N ILE A 44 8.17 5.37 3.28
CA ILE A 44 6.93 5.74 3.98
C ILE A 44 7.15 5.73 5.51
N GLU A 45 7.97 4.75 6.00
CA GLU A 45 8.36 4.66 7.41
C GLU A 45 9.17 5.90 7.82
N THR A 46 10.25 6.18 7.06
CA THR A 46 11.19 7.27 7.35
C THR A 46 10.47 8.64 7.41
N VAL A 47 9.58 8.90 6.42
CA VAL A 47 8.78 10.15 6.38
C VAL A 47 7.71 10.19 7.52
N MET A 48 7.14 9.02 7.85
CA MET A 48 6.09 8.90 8.91
C MET A 48 6.68 9.26 10.28
N GLU A 49 7.99 8.95 10.44
CA GLU A 49 8.77 9.27 11.67
C GLU A 49 9.01 10.79 11.85
N LYS A 50 8.86 11.56 10.76
CA LYS A 50 9.09 13.03 10.75
C LYS A 50 7.95 13.79 11.45
N GLN A 51 8.18 15.10 11.60
CA GLN A 51 7.31 16.01 12.36
C GLN A 51 6.83 17.14 11.43
N THR A 52 5.54 17.46 11.50
CA THR A 52 4.93 18.55 10.73
C THR A 52 5.43 19.93 11.24
N PRO A 53 6.20 20.72 10.41
CA PRO A 53 6.69 22.05 10.82
C PRO A 53 5.57 23.12 10.80
N PRO A 54 5.54 24.08 11.78
CA PRO A 54 4.53 25.18 11.80
C PRO A 54 4.71 26.15 10.61
N GLY A 55 3.65 26.93 10.34
CA GLY A 55 3.64 27.85 9.19
C GLY A 55 3.07 27.20 7.94
N ILE A 56 2.28 26.13 8.13
CA ILE A 56 1.55 25.47 7.04
C ILE A 56 0.35 26.35 6.67
N THR A 57 0.43 27.02 5.51
CA THR A 57 -0.68 27.81 4.95
C THR A 57 -1.73 26.85 4.36
N ARG A 58 -2.93 27.38 4.03
CA ARG A 58 -4.06 26.57 3.55
C ARG A 58 -3.73 25.90 2.20
N SER A 59 -2.88 26.56 1.39
CA SER A 59 -2.34 26.02 0.14
C SER A 59 -1.58 24.70 0.40
N ILE A 60 -0.67 24.76 1.38
CA ILE A 60 0.18 23.62 1.78
C ILE A 60 -0.69 22.52 2.40
N GLN A 61 -1.71 22.93 3.18
CA GLN A 61 -2.59 22.01 3.91
C GLN A 61 -3.37 21.13 2.94
N ASP A 62 -4.07 21.75 1.97
CA ASP A 62 -4.94 21.04 1.01
C ASP A 62 -4.10 20.22 -0.01
N MET A 63 -2.91 20.74 -0.36
CA MET A 63 -2.00 20.07 -1.30
C MET A 63 -1.43 18.76 -0.70
N VAL A 64 -0.91 18.86 0.55
CA VAL A 64 -0.38 17.72 1.31
C VAL A 64 -1.52 16.75 1.69
N ALA A 65 -2.68 17.30 2.09
CA ALA A 65 -3.89 16.51 2.40
C ALA A 65 -4.33 15.70 1.17
N GLY A 66 -4.18 16.34 -0.02
CA GLY A 66 -4.44 15.71 -1.31
C GLY A 66 -3.46 14.58 -1.61
N TYR A 67 -2.17 14.78 -1.24
CA TYR A 67 -1.11 13.75 -1.37
C TYR A 67 -1.46 12.51 -0.53
N ILE A 68 -1.71 12.75 0.78
CA ILE A 68 -1.94 11.69 1.76
C ILE A 68 -3.22 10.91 1.42
N LYS A 69 -4.26 11.65 1.01
CA LYS A 69 -5.57 11.09 0.61
C LYS A 69 -5.40 10.26 -0.67
N GLN A 70 -4.54 10.75 -1.59
CA GLN A 70 -4.23 10.03 -2.86
C GLN A 70 -3.64 8.64 -2.55
N THR A 71 -2.64 8.63 -1.64
CA THR A 71 -1.96 7.39 -1.22
C THR A 71 -2.83 6.56 -0.26
N LEU A 72 -3.89 7.17 0.35
CA LEU A 72 -4.94 6.38 1.07
C LEU A 72 -5.70 5.51 0.06
N ASP A 73 -6.10 6.14 -1.08
CA ASP A 73 -6.78 5.45 -2.19
C ASP A 73 -5.86 4.44 -2.88
N ASN A 74 -4.60 4.85 -3.12
CA ASN A 74 -3.60 4.01 -3.81
C ASN A 74 -3.32 2.75 -3.00
N GLU A 75 -3.25 2.90 -1.66
CA GLU A 75 -3.06 1.76 -0.75
C GLU A 75 -4.29 0.87 -0.71
N GLN A 76 -5.52 1.42 -0.53
CA GLN A 76 -6.75 0.60 -0.35
C GLN A 76 -7.06 -0.23 -1.62
N LEU A 77 -6.72 0.36 -2.79
CA LEU A 77 -6.83 -0.31 -4.08
C LEU A 77 -5.76 -1.39 -4.20
N LEU A 78 -4.50 -1.05 -3.79
CA LEU A 78 -3.37 -2.02 -3.77
C LEU A 78 -3.61 -3.13 -2.71
N LYS A 79 -4.48 -2.85 -1.71
CA LYS A 79 -4.90 -3.86 -0.72
C LYS A 79 -5.76 -4.90 -1.45
N GLY A 80 -6.87 -4.43 -2.03
CA GLY A 80 -7.83 -5.31 -2.71
C GLY A 80 -7.27 -5.98 -3.97
N LEU A 81 -6.30 -5.31 -4.61
CA LEU A 81 -5.69 -5.75 -5.89
C LEU A 81 -4.58 -6.77 -5.66
N LEU A 82 -3.69 -6.48 -4.70
CA LEU A 82 -2.60 -7.40 -4.35
C LEU A 82 -3.16 -8.61 -3.58
N GLN A 83 -4.23 -8.37 -2.79
CA GLN A 83 -4.98 -9.46 -2.13
C GLN A 83 -5.69 -10.31 -3.19
N GLN A 84 -6.26 -9.66 -4.24
CA GLN A 84 -6.85 -10.37 -5.41
C GLN A 84 -5.80 -11.31 -6.02
N ARG A 85 -4.56 -10.79 -6.13
CA ARG A 85 -3.41 -11.54 -6.62
C ARG A 85 -3.07 -12.70 -5.65
N LEU A 86 -3.22 -12.51 -4.33
CA LEU A 86 -2.99 -13.57 -3.33
C LEU A 86 -4.04 -14.69 -3.44
N ASP A 87 -5.29 -14.28 -3.74
CA ASP A 87 -6.42 -15.18 -3.96
C ASP A 87 -6.16 -16.06 -5.20
N GLU A 88 -5.79 -15.41 -6.31
CA GLU A 88 -5.60 -16.09 -7.61
C GLU A 88 -4.28 -16.89 -7.63
N LEU A 89 -3.26 -16.46 -6.84
CA LEU A 89 -1.98 -17.23 -6.68
C LEU A 89 -2.25 -18.53 -5.91
N SER A 90 -2.94 -18.42 -4.76
CA SER A 90 -3.22 -19.56 -3.86
C SER A 90 -4.10 -20.61 -4.57
N SER A 91 -5.10 -20.15 -5.36
CA SER A 91 -5.98 -21.04 -6.13
C SER A 91 -5.26 -21.65 -7.36
N LEU A 92 -4.45 -20.83 -8.06
CA LEU A 92 -3.69 -21.27 -9.27
C LEU A 92 -2.73 -22.41 -8.92
N ILE A 93 -1.84 -22.14 -7.97
CA ILE A 93 -0.80 -23.06 -7.52
C ILE A 93 -1.42 -24.19 -6.69
N GLY A 94 -2.26 -23.83 -5.71
CA GLY A 94 -2.91 -24.79 -4.82
C GLY A 94 -1.98 -25.24 -3.70
N GLN A 95 -2.29 -26.41 -3.10
CA GLN A 95 -1.48 -27.01 -2.03
C GLN A 95 -0.37 -27.87 -2.66
N VAL A 96 0.88 -27.45 -2.45
CA VAL A 96 2.09 -28.13 -2.94
C VAL A 96 3.16 -28.00 -1.85
N LEU A 97 3.81 -29.14 -1.52
CA LEU A 97 4.84 -29.25 -0.45
C LEU A 97 4.20 -29.06 0.96
N PHE A 98 3.79 -27.81 1.21
CA PHE A 98 3.08 -27.35 2.41
C PHE A 98 1.56 -27.34 2.17
N GLN A 99 0.80 -27.07 3.24
CA GLN A 99 -0.67 -26.93 3.22
C GLN A 99 -1.07 -25.45 3.15
N GLY A 100 -2.39 -25.20 3.21
CA GLY A 100 -2.96 -23.86 3.20
C GLY A 100 -4.33 -23.83 2.51
N PRO A 101 -5.43 -23.37 3.21
CA PRO A 101 -6.78 -23.28 2.59
C PRO A 101 -6.80 -22.21 1.47
N SER A 102 -6.58 -22.68 0.23
CA SER A 102 -6.48 -21.81 -0.96
C SER A 102 -7.81 -21.09 -1.22
N ALA A 103 -7.72 -19.82 -1.65
CA ALA A 103 -8.87 -18.97 -1.95
C ALA A 103 -9.39 -19.28 -3.37
N GLY A 104 -10.16 -18.34 -3.98
CA GLY A 104 -10.74 -18.52 -5.32
C GLY A 104 -10.33 -17.43 -6.29
N LEU A 105 -11.08 -17.32 -7.40
CA LEU A 105 -10.90 -16.23 -8.38
C LEU A 105 -11.83 -15.08 -7.96
N VAL A 106 -11.24 -13.93 -7.63
CA VAL A 106 -11.96 -12.79 -7.06
C VAL A 106 -11.92 -11.59 -8.02
N PRO A 107 -13.09 -11.18 -8.60
CA PRO A 107 -13.19 -9.94 -9.38
C PRO A 107 -13.34 -8.71 -8.44
N ARG A 108 -12.20 -8.13 -8.05
CA ARG A 108 -12.14 -7.07 -7.03
C ARG A 108 -11.14 -5.97 -7.41
N GLY A 109 -9.88 -6.39 -7.62
CA GLY A 109 -8.75 -5.48 -7.58
C GLY A 109 -8.54 -4.59 -8.79
N SER A 110 -9.02 -5.01 -9.97
CA SER A 110 -8.81 -4.25 -11.23
C SER A 110 -9.53 -2.87 -11.17
N GLY A 111 -8.82 -1.86 -10.65
CA GLY A 111 -9.37 -0.52 -10.42
C GLY A 111 -10.29 -0.46 -9.20
N GLY A 112 -10.29 -1.54 -8.37
CA GLY A 112 -11.11 -1.63 -7.16
C GLY A 112 -12.61 -1.49 -7.43
N ILE A 113 -13.20 -2.50 -8.09
CA ILE A 113 -14.62 -2.49 -8.50
C ILE A 113 -15.52 -3.06 -7.37
N GLU A 114 -15.52 -4.39 -7.24
CA GLU A 114 -16.44 -5.12 -6.35
C GLU A 114 -15.68 -5.61 -5.11
N GLY A 115 -16.23 -5.36 -3.91
CA GLY A 115 -15.63 -5.84 -2.65
C GLY A 115 -15.99 -7.31 -2.37
N SER A 116 -15.64 -8.17 -3.34
CA SER A 116 -16.08 -9.56 -3.39
C SER A 116 -15.16 -10.50 -2.62
N ASN A 117 -15.77 -11.59 -2.11
CA ASN A 117 -15.09 -12.75 -1.53
C ASN A 117 -14.25 -12.40 -0.30
N LEU A 118 -14.86 -12.57 0.88
CA LEU A 118 -14.18 -12.46 2.19
C LEU A 118 -13.42 -13.78 2.49
N ASN A 119 -13.77 -14.86 1.73
CA ASN A 119 -13.15 -16.19 1.84
C ASN A 119 -11.69 -16.15 1.29
N THR A 120 -10.78 -15.70 2.15
CA THR A 120 -9.34 -15.60 1.86
C THR A 120 -8.58 -15.58 3.20
N ASP A 121 -8.49 -16.78 3.81
CA ASP A 121 -7.87 -16.97 5.12
C ASP A 121 -6.33 -16.79 5.00
N MET A 122 -5.70 -17.73 4.26
CA MET A 122 -4.24 -17.74 4.04
C MET A 122 -3.89 -18.69 2.89
N GLY A 123 -2.60 -18.78 2.58
CA GLY A 123 -2.11 -19.68 1.54
C GLY A 123 -0.68 -19.35 1.19
N ASN A 124 -0.02 -20.23 0.44
CA ASN A 124 1.34 -20.03 -0.10
C ASN A 124 1.37 -20.55 -1.55
N GLY A 125 2.58 -20.64 -2.12
CA GLY A 125 2.76 -21.13 -3.47
C GLY A 125 4.18 -21.52 -3.78
N ILE A 126 4.39 -22.12 -4.96
CA ILE A 126 5.71 -22.62 -5.41
C ILE A 126 6.72 -21.46 -5.52
N ALA A 127 6.21 -20.28 -5.93
CA ALA A 127 6.94 -19.01 -5.85
C ALA A 127 6.80 -18.48 -4.41
N SER A 128 7.51 -19.15 -3.47
CA SER A 128 7.43 -18.87 -2.03
C SER A 128 7.98 -17.47 -1.71
N ASN A 129 9.04 -17.07 -2.43
CA ASN A 129 9.63 -15.73 -2.30
C ASN A 129 8.58 -14.66 -2.62
N ARG A 130 7.92 -14.84 -3.77
CA ARG A 130 6.87 -13.94 -4.26
C ARG A 130 5.72 -13.80 -3.23
N TRP A 131 5.17 -14.95 -2.78
CA TRP A 131 3.96 -15.00 -1.92
C TRP A 131 4.25 -14.43 -0.51
N ILE A 132 5.40 -14.84 0.08
CA ILE A 132 5.79 -14.43 1.44
C ILE A 132 6.15 -12.94 1.51
N ASN A 133 6.79 -12.43 0.43
CA ASN A 133 7.08 -10.98 0.30
C ASN A 133 5.77 -10.19 0.21
N TYR A 134 4.80 -10.75 -0.53
CA TYR A 134 3.41 -10.21 -0.62
C TYR A 134 2.70 -10.19 0.76
N GLN A 135 2.93 -11.24 1.54
CA GLN A 135 2.31 -11.41 2.87
C GLN A 135 2.80 -10.28 3.81
N GLN A 136 4.13 -10.09 3.84
CA GLN A 136 4.78 -9.02 4.61
C GLN A 136 4.49 -7.64 3.98
N PHE A 137 4.18 -7.63 2.65
CA PHE A 137 3.77 -6.41 1.93
C PHE A 137 2.47 -5.90 2.58
N ILE A 138 1.43 -6.77 2.59
CA ILE A 138 0.09 -6.43 3.13
C ILE A 138 0.15 -6.11 4.64
N GLN A 139 1.04 -6.83 5.35
CA GLN A 139 1.28 -6.63 6.78
C GLN A 139 1.77 -5.19 7.05
N THR A 140 2.85 -4.79 6.36
CA THR A 140 3.47 -3.47 6.56
C THR A 140 2.63 -2.37 5.85
N LEU A 141 1.79 -2.76 4.85
CA LEU A 141 0.80 -1.86 4.22
C LEU A 141 -0.34 -1.57 5.21
N GLU A 142 -0.69 -2.59 6.02
CA GLU A 142 -1.74 -2.45 7.06
C GLU A 142 -1.29 -1.41 8.08
N LYS A 143 -0.07 -1.60 8.59
CA LYS A 143 0.56 -0.65 9.52
C LYS A 143 0.66 0.76 8.88
N ALA A 144 1.08 0.78 7.59
CA ALA A 144 1.28 2.01 6.81
C ALA A 144 -0.02 2.82 6.67
N ILE A 145 -1.12 2.13 6.27
CA ILE A 145 -2.41 2.77 5.95
C ILE A 145 -3.12 3.25 7.22
N GLU A 146 -2.96 2.51 8.33
CA GLU A 146 -3.54 2.90 9.63
C GLU A 146 -2.87 4.19 10.12
N GLN A 147 -1.51 4.19 10.18
CA GLN A 147 -0.74 5.38 10.59
C GLN A 147 -1.01 6.56 9.64
N HIS A 148 -1.17 6.24 8.34
CA HIS A 148 -1.43 7.22 7.26
C HIS A 148 -2.73 8.00 7.51
N ARG A 149 -3.81 7.22 7.69
CA ARG A 149 -5.17 7.72 7.93
C ARG A 149 -5.25 8.52 9.24
N LEU A 150 -4.50 8.04 10.27
CA LEU A 150 -4.44 8.71 11.58
C LEU A 150 -3.78 10.10 11.46
N GLN A 151 -2.57 10.15 10.85
CA GLN A 151 -1.82 11.41 10.66
C GLN A 151 -2.64 12.38 9.80
N LEU A 152 -3.32 11.83 8.77
CA LEU A 152 -4.12 12.60 7.81
C LEU A 152 -5.26 13.34 8.55
N THR A 153 -6.18 12.57 9.18
CA THR A 153 -7.40 13.12 9.78
C THR A 153 -7.06 14.06 10.96
N GLN A 154 -6.00 13.71 11.73
CA GLN A 154 -5.62 14.45 12.94
C GLN A 154 -4.90 15.78 12.64
N TRP A 155 -4.03 15.80 11.60
CA TRP A 155 -3.23 17.00 11.28
C TRP A 155 -4.06 17.99 10.42
N THR A 156 -4.94 17.47 9.53
CA THR A 156 -5.78 18.32 8.66
C THR A 156 -6.99 18.84 9.47
N GLN A 157 -7.72 17.91 10.11
CA GLN A 157 -8.89 18.23 10.92
C GLN A 157 -8.51 18.06 12.42
N LYS A 158 -8.80 16.86 12.99
CA LYS A 158 -8.50 16.52 14.40
C LYS A 158 -8.76 15.02 14.66
N VAL A 159 -8.69 14.63 15.95
CA VAL A 159 -8.80 13.23 16.41
C VAL A 159 -10.12 12.55 15.97
N ASP A 160 -10.02 11.24 15.65
CA ASP A 160 -11.14 10.42 15.15
C ASP A 160 -11.54 9.40 16.23
N LEU A 161 -12.27 9.89 17.24
CA LEU A 161 -12.92 9.05 18.27
C LEU A 161 -14.46 9.15 18.14
N ALA A 162 -14.93 9.58 16.95
CA ALA A 162 -16.36 9.90 16.75
C ALA A 162 -16.79 9.67 15.29
N LEU A 163 -16.12 8.71 14.61
CA LEU A 163 -16.36 8.38 13.17
C LEU A 163 -16.04 9.58 12.27
N LYS A 164 -15.19 10.48 12.78
CA LYS A 164 -14.84 11.75 12.15
C LYS A 164 -13.55 11.53 11.35
N SER A 165 -13.69 10.98 10.15
CA SER A 165 -12.60 10.81 9.19
C SER A 165 -12.62 11.98 8.20
N TRP A 166 -11.44 12.57 7.95
CA TRP A 166 -11.31 13.65 6.96
C TRP A 166 -11.48 13.06 5.54
N MET A 1 10.96 28.80 4.42
CA MET A 1 9.97 27.78 4.00
C MET A 1 10.62 26.40 3.77
N THR A 2 11.95 26.31 3.99
CA THR A 2 12.76 25.13 3.59
C THR A 2 12.25 23.81 4.22
N SER A 3 11.84 23.88 5.51
CA SER A 3 11.31 22.73 6.25
C SER A 3 9.94 22.28 5.67
N THR A 4 9.13 23.27 5.27
CA THR A 4 7.83 23.05 4.62
C THR A 4 8.04 22.37 3.25
N VAL A 5 9.07 22.82 2.50
CA VAL A 5 9.41 22.24 1.19
C VAL A 5 9.80 20.75 1.34
N GLU A 6 10.55 20.43 2.42
CA GLU A 6 10.88 19.03 2.79
C GLU A 6 9.61 18.20 3.03
N PHE A 7 8.66 18.81 3.77
CA PHE A 7 7.38 18.19 4.14
C PHE A 7 6.56 17.78 2.88
N ILE A 8 6.32 18.75 1.96
CA ILE A 8 5.59 18.50 0.71
C ILE A 8 6.37 17.51 -0.16
N ASN A 9 7.70 17.69 -0.26
CA ASN A 9 8.57 16.86 -1.13
C ASN A 9 8.43 15.37 -0.81
N ARG A 10 8.38 15.07 0.50
CA ARG A 10 8.29 13.71 1.02
C ARG A 10 6.85 13.16 0.92
N TRP A 11 5.85 14.05 1.01
CA TRP A 11 4.44 13.67 0.75
C TRP A 11 4.15 13.56 -0.76
N GLN A 12 4.97 14.23 -1.60
CA GLN A 12 4.92 14.08 -3.06
C GLN A 12 5.45 12.72 -3.41
N ARG A 13 6.55 12.36 -2.71
CA ARG A 13 7.17 11.06 -2.87
C ARG A 13 6.12 9.99 -2.60
N ILE A 14 5.58 9.95 -1.37
CA ILE A 14 4.63 8.88 -0.95
C ILE A 14 3.35 8.85 -1.83
N ALA A 15 2.78 10.03 -2.10
CA ALA A 15 1.50 10.18 -2.85
C ALA A 15 1.61 9.60 -4.28
N LEU A 16 2.57 10.15 -5.04
CA LEU A 16 2.71 9.86 -6.47
C LEU A 16 3.40 8.49 -6.67
N LEU A 17 4.23 8.09 -5.69
CA LEU A 17 4.90 6.76 -5.63
C LEU A 17 3.88 5.64 -5.45
N SER A 18 2.94 5.81 -4.50
CA SER A 18 1.90 4.82 -4.22
C SER A 18 0.91 4.70 -5.40
N GLN A 19 0.65 5.85 -6.08
CA GLN A 19 -0.14 5.83 -7.34
C GLN A 19 0.61 5.07 -8.44
N SER A 20 1.92 5.33 -8.53
CA SER A 20 2.79 4.65 -9.50
C SER A 20 2.86 3.13 -9.21
N LEU A 21 2.81 2.76 -7.90
CA LEU A 21 2.85 1.36 -7.43
C LEU A 21 1.50 0.67 -7.62
N LEU A 22 0.43 1.45 -7.48
CA LEU A 22 -0.93 0.96 -7.72
C LEU A 22 -1.03 0.52 -9.18
N GLU A 23 -0.66 1.44 -10.10
CA GLU A 23 -0.62 1.18 -11.55
C GLU A 23 0.41 0.10 -11.91
N LEU A 24 1.53 0.07 -11.17
CA LEU A 24 2.63 -0.89 -11.38
C LEU A 24 2.11 -2.33 -11.20
N ALA A 25 1.31 -2.50 -10.15
CA ALA A 25 0.64 -3.77 -9.84
C ALA A 25 -0.49 -4.07 -10.85
N GLN A 26 -1.34 -3.05 -11.16
CA GLN A 26 -2.47 -3.18 -12.13
C GLN A 26 -2.00 -3.69 -13.50
N ARG A 27 -0.82 -3.21 -13.93
CA ARG A 27 -0.24 -3.48 -15.27
C ARG A 27 0.60 -4.78 -15.28
N GLY A 28 0.44 -5.61 -14.23
CA GLY A 28 1.04 -6.96 -14.19
C GLY A 28 2.55 -6.97 -14.01
N GLU A 29 3.08 -5.92 -13.37
CA GLU A 29 4.52 -5.78 -13.10
C GLU A 29 4.79 -6.12 -11.61
N TRP A 30 4.14 -7.20 -11.14
CA TRP A 30 4.12 -7.60 -9.70
C TRP A 30 5.51 -7.86 -9.11
N ASP A 31 6.39 -8.43 -9.93
CA ASP A 31 7.79 -8.69 -9.57
C ASP A 31 8.54 -7.36 -9.39
N LEU A 32 8.32 -6.44 -10.35
CA LEU A 32 8.89 -5.07 -10.33
C LEU A 32 8.37 -4.33 -9.06
N LEU A 33 7.12 -4.63 -8.67
CA LEU A 33 6.48 -4.05 -7.47
C LEU A 33 7.23 -4.47 -6.20
N LEU A 34 7.58 -5.77 -6.12
CA LEU A 34 8.38 -6.33 -5.01
C LEU A 34 9.82 -5.75 -4.98
N GLN A 35 10.33 -5.35 -6.15
CA GLN A 35 11.64 -4.67 -6.25
C GLN A 35 11.56 -3.22 -5.68
N GLN A 36 10.38 -2.59 -5.84
CA GLN A 36 10.12 -1.21 -5.34
C GLN A 36 9.48 -1.22 -3.93
N GLU A 37 9.08 -2.42 -3.46
CA GLU A 37 8.48 -2.66 -2.13
C GLU A 37 9.33 -2.04 -1.02
N VAL A 38 10.63 -2.41 -1.01
CA VAL A 38 11.60 -2.00 0.02
C VAL A 38 11.70 -0.46 0.08
N SER A 39 11.79 0.18 -1.10
CA SER A 39 11.91 1.65 -1.22
C SER A 39 10.64 2.36 -0.76
N TYR A 40 9.46 1.76 -1.04
CA TYR A 40 8.15 2.30 -0.63
C TYR A 40 8.06 2.34 0.89
N LEU A 41 8.14 1.16 1.50
CA LEU A 41 8.01 0.97 2.94
C LEU A 41 9.05 1.80 3.72
N GLN A 42 10.29 1.86 3.20
CA GLN A 42 11.38 2.64 3.83
C GLN A 42 11.03 4.15 3.85
N SER A 43 10.68 4.69 2.66
CA SER A 43 10.37 6.13 2.52
C SER A 43 9.14 6.53 3.36
N ILE A 44 8.05 5.77 3.21
CA ILE A 44 6.75 6.05 3.84
C ILE A 44 6.88 6.05 5.38
N GLU A 45 7.65 5.09 5.93
CA GLU A 45 7.94 5.05 7.38
C GLU A 45 8.71 6.29 7.82
N THR A 46 9.86 6.55 7.18
CA THR A 46 10.79 7.61 7.62
C THR A 46 10.20 9.04 7.48
N VAL A 47 9.12 9.19 6.68
CA VAL A 47 8.32 10.45 6.65
C VAL A 47 7.30 10.48 7.81
N MET A 48 6.52 9.39 7.93
CA MET A 48 5.38 9.29 8.88
C MET A 48 5.85 9.30 10.35
N GLU A 49 7.05 8.79 10.61
CA GLU A 49 7.65 8.72 11.96
C GLU A 49 8.30 10.08 12.34
N LYS A 50 8.56 10.92 11.33
CA LYS A 50 9.15 12.24 11.52
C LYS A 50 8.04 13.29 11.70
N GLN A 51 8.22 14.18 12.69
CA GLN A 51 7.20 15.18 13.07
C GLN A 51 6.99 16.22 11.96
N THR A 52 5.73 16.69 11.82
CA THR A 52 5.35 17.74 10.87
C THR A 52 6.02 19.09 11.25
N PRO A 53 6.84 19.71 10.33
CA PRO A 53 7.46 21.03 10.56
C PRO A 53 6.45 22.20 10.38
N PRO A 54 6.76 23.42 10.93
CA PRO A 54 5.89 24.62 10.76
C PRO A 54 6.07 25.32 9.38
N GLY A 55 5.35 26.46 9.20
CA GLY A 55 5.35 27.20 7.93
C GLY A 55 4.22 26.76 6.99
N ILE A 56 3.31 25.95 7.52
CA ILE A 56 2.21 25.35 6.76
C ILE A 56 1.15 26.41 6.42
N THR A 57 1.12 26.87 5.15
CA THR A 57 0.16 27.86 4.64
C THR A 57 -1.13 27.16 4.16
N ARG A 58 -2.11 27.93 3.63
CA ARG A 58 -3.38 27.40 3.10
C ARG A 58 -3.09 26.47 1.90
N SER A 59 -2.31 26.97 0.94
CA SER A 59 -1.91 26.20 -0.26
C SER A 59 -1.24 24.87 0.14
N ILE A 60 -0.41 24.95 1.18
CA ILE A 60 0.34 23.81 1.71
C ILE A 60 -0.61 22.74 2.32
N GLN A 61 -1.47 23.16 3.27
CA GLN A 61 -2.34 22.22 4.03
C GLN A 61 -3.32 21.48 3.11
N ASP A 62 -3.88 22.21 2.12
CA ASP A 62 -4.80 21.66 1.11
C ASP A 62 -4.07 20.68 0.15
N MET A 63 -2.86 21.08 -0.28
CA MET A 63 -2.04 20.28 -1.20
C MET A 63 -1.58 18.96 -0.56
N VAL A 64 -1.16 19.03 0.71
CA VAL A 64 -0.71 17.86 1.50
C VAL A 64 -1.90 16.98 1.90
N ALA A 65 -3.06 17.61 2.17
CA ALA A 65 -4.33 16.89 2.39
C ALA A 65 -4.62 15.98 1.17
N GLY A 66 -4.42 16.59 -0.02
CA GLY A 66 -4.55 15.90 -1.29
C GLY A 66 -3.55 14.76 -1.46
N TYR A 67 -2.27 14.97 -1.05
CA TYR A 67 -1.22 13.92 -1.14
C TYR A 67 -1.56 12.70 -0.27
N ILE A 68 -1.70 12.94 1.06
CA ILE A 68 -1.90 11.85 2.03
C ILE A 68 -3.19 11.07 1.71
N LYS A 69 -4.26 11.80 1.31
CA LYS A 69 -5.55 11.19 0.91
C LYS A 69 -5.41 10.41 -0.42
N GLN A 70 -4.57 10.93 -1.35
CA GLN A 70 -4.30 10.25 -2.64
C GLN A 70 -3.69 8.86 -2.36
N THR A 71 -2.64 8.83 -1.49
CA THR A 71 -1.96 7.59 -1.08
C THR A 71 -2.84 6.75 -0.12
N LEU A 72 -3.88 7.36 0.53
CA LEU A 72 -4.90 6.55 1.26
C LEU A 72 -5.66 5.66 0.26
N ASP A 73 -6.11 6.29 -0.84
CA ASP A 73 -6.87 5.61 -1.90
C ASP A 73 -5.99 4.60 -2.66
N ASN A 74 -4.76 5.02 -2.99
CA ASN A 74 -3.79 4.20 -3.73
C ASN A 74 -3.43 2.95 -2.94
N GLU A 75 -3.26 3.12 -1.60
CA GLU A 75 -3.00 2.01 -0.68
C GLU A 75 -4.16 1.03 -0.65
N GLN A 76 -5.36 1.49 -0.21
CA GLN A 76 -6.55 0.60 0.00
C GLN A 76 -6.90 -0.21 -1.27
N LEU A 77 -6.72 0.44 -2.44
CA LEU A 77 -6.90 -0.20 -3.75
C LEU A 77 -5.82 -1.26 -3.99
N LEU A 78 -4.56 -0.93 -3.66
CA LEU A 78 -3.41 -1.87 -3.77
C LEU A 78 -3.60 -3.07 -2.80
N LYS A 79 -4.32 -2.87 -1.67
CA LYS A 79 -4.53 -3.94 -0.66
C LYS A 79 -5.49 -4.98 -1.20
N GLY A 80 -6.67 -4.50 -1.66
CA GLY A 80 -7.71 -5.38 -2.22
C GLY A 80 -7.25 -6.08 -3.50
N LEU A 81 -6.54 -5.32 -4.35
CA LEU A 81 -6.05 -5.79 -5.65
C LEU A 81 -4.93 -6.83 -5.50
N LEU A 82 -3.96 -6.55 -4.60
CA LEU A 82 -2.81 -7.47 -4.37
C LEU A 82 -3.25 -8.70 -3.55
N GLN A 83 -4.35 -8.55 -2.77
CA GLN A 83 -4.98 -9.69 -2.08
C GLN A 83 -5.60 -10.63 -3.12
N GLN A 84 -6.33 -10.06 -4.09
CA GLN A 84 -6.94 -10.84 -5.19
C GLN A 84 -5.84 -11.54 -6.03
N ARG A 85 -4.67 -10.85 -6.13
CA ARG A 85 -3.47 -11.43 -6.75
C ARG A 85 -2.97 -12.64 -5.92
N LEU A 86 -2.98 -12.53 -4.59
CA LEU A 86 -2.58 -13.66 -3.70
C LEU A 86 -3.47 -14.90 -3.94
N ASP A 87 -4.79 -14.68 -3.99
CA ASP A 87 -5.78 -15.73 -4.29
C ASP A 87 -5.48 -16.42 -5.64
N GLU A 88 -5.25 -15.62 -6.69
CA GLU A 88 -4.99 -16.14 -8.03
C GLU A 88 -3.58 -16.75 -8.11
N LEU A 89 -2.66 -16.36 -7.20
CA LEU A 89 -1.30 -16.94 -7.08
C LEU A 89 -1.38 -18.35 -6.50
N SER A 90 -2.23 -18.53 -5.48
CA SER A 90 -2.38 -19.84 -4.82
C SER A 90 -3.03 -20.86 -5.78
N SER A 91 -4.01 -20.40 -6.58
CA SER A 91 -4.66 -21.23 -7.61
C SER A 91 -3.81 -21.34 -8.92
N LEU A 92 -2.89 -20.36 -9.14
CA LEU A 92 -1.91 -20.39 -10.26
C LEU A 92 -0.88 -21.50 -10.04
N ILE A 93 -0.23 -21.42 -8.89
CA ILE A 93 0.94 -22.21 -8.51
C ILE A 93 0.50 -23.57 -7.94
N GLY A 94 -0.37 -23.54 -6.88
CA GLY A 94 -0.96 -24.76 -6.28
C GLY A 94 0.05 -25.85 -5.93
N GLN A 95 -0.30 -27.12 -6.29
CA GLN A 95 0.60 -28.30 -6.28
C GLN A 95 0.98 -28.81 -4.86
N VAL A 96 0.48 -28.13 -3.81
CA VAL A 96 0.73 -28.52 -2.40
C VAL A 96 -0.52 -29.21 -1.82
N LEU A 97 -1.61 -28.43 -1.59
CA LEU A 97 -2.85 -28.91 -0.95
C LEU A 97 -3.63 -29.83 -1.91
N PHE A 98 -3.29 -29.74 -3.20
CA PHE A 98 -4.00 -30.39 -4.29
C PHE A 98 -3.01 -31.31 -5.04
N GLN A 99 -3.32 -32.63 -5.05
CA GLN A 99 -2.58 -33.73 -5.74
C GLN A 99 -1.06 -33.81 -5.41
N GLY A 100 -0.61 -33.07 -4.37
CA GLY A 100 0.81 -33.04 -3.98
C GLY A 100 1.00 -33.19 -2.47
N PRO A 101 2.14 -32.68 -1.89
CA PRO A 101 2.40 -32.75 -0.43
C PRO A 101 1.46 -31.81 0.36
N SER A 102 0.28 -32.36 0.73
CA SER A 102 -0.84 -31.60 1.31
C SER A 102 -0.55 -31.18 2.76
N ALA A 103 -0.06 -29.94 2.92
CA ALA A 103 0.25 -29.34 4.23
C ALA A 103 -0.06 -27.84 4.19
N GLY A 104 -0.84 -27.35 5.16
CA GLY A 104 -1.26 -25.94 5.21
C GLY A 104 -0.17 -25.00 5.74
N LEU A 105 0.92 -25.59 6.25
CA LEU A 105 2.07 -24.85 6.78
C LEU A 105 2.89 -24.23 5.64
N VAL A 106 2.77 -22.91 5.47
CA VAL A 106 3.57 -22.12 4.51
C VAL A 106 4.67 -21.34 5.30
N PRO A 107 5.91 -21.93 5.45
CA PRO A 107 6.97 -21.34 6.29
C PRO A 107 7.65 -20.11 5.63
N ARG A 108 8.38 -20.35 4.51
CA ARG A 108 9.10 -19.31 3.74
C ARG A 108 9.67 -19.89 2.45
N GLY A 109 10.32 -19.02 1.65
CA GLY A 109 10.96 -19.44 0.40
C GLY A 109 12.12 -18.53 0.03
N SER A 110 12.58 -18.62 -1.22
CA SER A 110 13.72 -17.85 -1.75
C SER A 110 13.20 -16.69 -2.63
N GLY A 111 12.48 -17.04 -3.71
CA GLY A 111 11.95 -16.06 -4.65
C GLY A 111 11.46 -16.72 -5.94
N GLY A 112 11.24 -15.91 -6.98
CA GLY A 112 10.77 -16.39 -8.29
C GLY A 112 9.33 -15.98 -8.59
N ILE A 113 8.77 -16.49 -9.71
CA ILE A 113 7.41 -16.16 -10.14
C ILE A 113 6.46 -17.37 -9.95
N GLU A 114 6.97 -18.58 -10.32
CA GLU A 114 6.25 -19.86 -10.19
C GLU A 114 4.96 -19.91 -11.04
N GLY A 115 4.96 -19.17 -12.17
CA GLY A 115 3.80 -19.12 -13.07
C GLY A 115 3.53 -20.46 -13.75
N SER A 116 2.71 -21.28 -13.09
CA SER A 116 2.41 -22.66 -13.52
C SER A 116 1.32 -22.68 -14.62
N ASN A 117 0.09 -22.34 -14.23
CA ASN A 117 -1.11 -22.36 -15.11
C ASN A 117 -2.19 -21.48 -14.50
N LEU A 118 -2.78 -20.57 -15.32
CA LEU A 118 -3.84 -19.65 -14.86
C LEU A 118 -5.17 -20.41 -14.75
N ASN A 119 -5.28 -21.18 -13.66
CA ASN A 119 -6.46 -21.97 -13.32
C ASN A 119 -6.99 -21.44 -11.99
N THR A 120 -7.53 -20.21 -12.05
CA THR A 120 -7.93 -19.44 -10.88
C THR A 120 -9.34 -19.86 -10.38
N ASP A 121 -9.34 -20.85 -9.49
CA ASP A 121 -10.54 -21.23 -8.71
C ASP A 121 -10.45 -20.56 -7.34
N MET A 122 -9.57 -21.11 -6.47
CA MET A 122 -9.36 -20.61 -5.10
C MET A 122 -8.13 -21.31 -4.49
N GLY A 123 -7.75 -20.85 -3.29
CA GLY A 123 -6.59 -21.37 -2.57
C GLY A 123 -6.32 -20.58 -1.30
N ASN A 124 -5.16 -20.83 -0.66
CA ASN A 124 -4.80 -20.21 0.65
C ASN A 124 -3.26 -20.00 0.68
N GLY A 125 -2.64 -19.93 1.87
CA GLY A 125 -1.16 -19.87 2.00
C GLY A 125 -0.46 -21.06 1.34
N ILE A 126 -0.15 -20.91 0.05
CA ILE A 126 0.33 -22.00 -0.80
C ILE A 126 1.77 -21.74 -1.28
N ALA A 127 1.94 -20.68 -2.09
CA ALA A 127 3.22 -20.33 -2.67
C ALA A 127 4.13 -19.74 -1.59
N SER A 128 5.05 -20.55 -1.07
CA SER A 128 5.94 -20.16 0.03
C SER A 128 6.72 -18.87 -0.32
N ASN A 129 7.35 -18.87 -1.51
CA ASN A 129 8.13 -17.72 -2.01
C ASN A 129 7.22 -16.47 -2.07
N ARG A 130 6.14 -16.60 -2.86
CA ARG A 130 5.28 -15.47 -3.26
C ARG A 130 4.47 -14.94 -2.07
N TRP A 131 3.68 -15.82 -1.45
CA TRP A 131 2.81 -15.47 -0.31
C TRP A 131 3.60 -14.92 0.89
N ILE A 132 4.84 -15.40 1.15
CA ILE A 132 5.63 -14.88 2.30
C ILE A 132 6.21 -13.48 2.01
N ASN A 133 6.76 -13.22 0.79
CA ASN A 133 7.27 -11.87 0.45
C ASN A 133 6.13 -10.83 0.44
N TYR A 134 4.99 -11.23 -0.16
CA TYR A 134 3.77 -10.40 -0.18
C TYR A 134 3.14 -10.30 1.21
N GLN A 135 3.30 -11.32 2.06
CA GLN A 135 2.82 -11.25 3.47
C GLN A 135 3.53 -10.10 4.20
N GLN A 136 4.87 -10.04 4.02
CA GLN A 136 5.70 -8.95 4.57
C GLN A 136 5.19 -7.59 4.06
N PHE A 137 4.92 -7.55 2.73
CA PHE A 137 4.33 -6.38 2.04
C PHE A 137 3.06 -5.94 2.79
N ILE A 138 2.08 -6.87 2.93
CA ILE A 138 0.73 -6.59 3.45
C ILE A 138 0.76 -6.15 4.94
N GLN A 139 1.66 -6.76 5.73
CA GLN A 139 1.82 -6.42 7.16
C GLN A 139 2.25 -4.96 7.31
N THR A 140 3.34 -4.60 6.62
CA THR A 140 3.89 -3.23 6.66
C THR A 140 2.94 -2.23 5.94
N LEU A 141 2.16 -2.74 4.97
CA LEU A 141 1.13 -1.96 4.26
C LEU A 141 -0.05 -1.65 5.18
N GLU A 142 -0.40 -2.60 6.06
CA GLU A 142 -1.55 -2.48 6.96
C GLU A 142 -1.23 -1.48 8.07
N LYS A 143 0.02 -1.55 8.56
CA LYS A 143 0.53 -0.61 9.57
C LYS A 143 0.72 0.79 8.94
N ALA A 144 1.12 0.81 7.64
CA ALA A 144 1.30 2.06 6.88
C ALA A 144 -0.03 2.82 6.75
N ILE A 145 -1.06 2.14 6.20
CA ILE A 145 -2.41 2.74 5.99
C ILE A 145 -3.10 3.07 7.34
N GLU A 146 -2.77 2.30 8.40
CA GLU A 146 -3.22 2.57 9.77
C GLU A 146 -2.78 3.97 10.19
N GLN A 147 -1.45 4.17 10.21
CA GLN A 147 -0.82 5.42 10.61
C GLN A 147 -1.18 6.56 9.64
N HIS A 148 -1.31 6.20 8.35
CA HIS A 148 -1.61 7.14 7.25
C HIS A 148 -2.96 7.80 7.45
N ARG A 149 -3.96 6.97 7.76
CA ARG A 149 -5.36 7.39 7.98
C ARG A 149 -5.47 8.22 9.27
N LEU A 150 -4.79 7.76 10.35
CA LEU A 150 -4.76 8.46 11.65
C LEU A 150 -4.18 9.87 11.48
N GLN A 151 -3.02 9.94 10.80
CA GLN A 151 -2.33 11.20 10.51
C GLN A 151 -3.22 12.15 9.72
N LEU A 152 -3.77 11.67 8.58
CA LEU A 152 -4.59 12.49 7.66
C LEU A 152 -5.78 13.13 8.40
N THR A 153 -6.55 12.30 9.14
CA THR A 153 -7.77 12.78 9.81
C THR A 153 -7.45 13.79 10.94
N GLN A 154 -6.35 13.54 11.69
CA GLN A 154 -5.91 14.41 12.80
C GLN A 154 -5.20 15.69 12.28
N TRP A 155 -4.59 15.59 11.10
CA TRP A 155 -3.76 16.65 10.50
C TRP A 155 -4.63 17.65 9.72
N THR A 156 -5.66 17.16 9.02
CA THR A 156 -6.49 17.99 8.14
C THR A 156 -7.93 18.13 8.67
N GLN A 157 -8.28 17.34 9.72
CA GLN A 157 -9.62 17.32 10.32
C GLN A 157 -10.62 16.86 9.24
N LYS A 158 -10.35 15.66 8.71
CA LYS A 158 -11.13 15.05 7.63
C LYS A 158 -11.44 13.60 8.00
N VAL A 159 -12.63 13.38 8.56
CA VAL A 159 -13.11 12.04 8.92
C VAL A 159 -13.44 11.24 7.64
N ASP A 160 -13.14 9.95 7.68
CA ASP A 160 -13.48 8.99 6.60
C ASP A 160 -14.46 7.94 7.18
N LEU A 161 -15.25 8.39 8.18
CA LEU A 161 -16.17 7.56 8.95
C LEU A 161 -17.63 7.86 8.55
N ALA A 162 -18.52 6.91 8.86
CA ALA A 162 -19.97 7.11 8.74
C ALA A 162 -20.49 7.88 9.96
N LEU A 163 -21.27 8.95 9.72
CA LEU A 163 -21.81 9.83 10.79
C LEU A 163 -23.16 9.24 11.30
N LYS A 164 -23.14 7.93 11.62
CA LYS A 164 -24.33 7.12 11.94
C LYS A 164 -25.33 7.07 10.76
N SER A 165 -25.30 5.96 10.02
CA SER A 165 -26.30 5.64 8.99
C SER A 165 -27.52 4.96 9.63
N TRP A 166 -27.29 4.34 10.80
CA TRP A 166 -28.32 3.64 11.60
C TRP A 166 -28.13 4.08 13.08
N MET A 1 11.23 28.15 4.90
CA MET A 1 10.36 27.30 4.04
C MET A 1 11.05 26.01 3.62
N THR A 2 12.38 25.87 3.83
CA THR A 2 13.17 24.71 3.35
C THR A 2 12.66 23.38 3.93
N SER A 3 12.43 23.35 5.26
CA SER A 3 11.88 22.21 5.98
C SER A 3 10.44 21.90 5.51
N THR A 4 9.68 22.98 5.20
CA THR A 4 8.31 22.90 4.67
C THR A 4 8.33 22.25 3.25
N VAL A 5 9.37 22.59 2.46
CA VAL A 5 9.58 22.03 1.11
C VAL A 5 9.83 20.52 1.19
N GLU A 6 10.67 20.12 2.17
CA GLU A 6 11.00 18.71 2.46
C GLU A 6 9.73 17.92 2.84
N PHE A 7 8.91 18.53 3.73
CA PHE A 7 7.64 17.96 4.21
C PHE A 7 6.72 17.62 3.03
N ILE A 8 6.46 18.65 2.18
CA ILE A 8 5.62 18.55 0.99
C ILE A 8 6.22 17.54 0.00
N ASN A 9 7.55 17.64 -0.24
CA ASN A 9 8.29 16.83 -1.24
C ASN A 9 8.17 15.33 -0.93
N ARG A 10 8.22 15.01 0.36
CA ARG A 10 8.14 13.64 0.87
C ARG A 10 6.69 13.11 0.81
N TRP A 11 5.70 14.01 1.00
CA TRP A 11 4.28 13.67 0.77
C TRP A 11 3.95 13.50 -0.73
N GLN A 12 4.64 14.29 -1.59
CA GLN A 12 4.56 14.16 -3.07
C GLN A 12 5.19 12.84 -3.47
N ARG A 13 6.30 12.51 -2.79
CA ARG A 13 7.05 11.27 -2.98
C ARG A 13 6.13 10.07 -2.72
N ILE A 14 5.46 10.02 -1.54
CA ILE A 14 4.56 8.90 -1.19
C ILE A 14 3.36 8.81 -2.17
N ALA A 15 2.76 9.98 -2.50
CA ALA A 15 1.58 10.07 -3.39
C ALA A 15 1.86 9.45 -4.78
N LEU A 16 2.94 9.95 -5.40
CA LEU A 16 3.36 9.53 -6.76
C LEU A 16 3.89 8.08 -6.75
N LEU A 17 4.59 7.73 -5.65
CA LEU A 17 5.16 6.38 -5.43
C LEU A 17 4.06 5.31 -5.42
N SER A 18 3.05 5.52 -4.56
CA SER A 18 1.93 4.59 -4.37
C SER A 18 1.05 4.51 -5.62
N GLN A 19 0.92 5.66 -6.34
CA GLN A 19 0.19 5.73 -7.63
C GLN A 19 0.94 4.91 -8.70
N SER A 20 2.28 5.05 -8.72
CA SER A 20 3.15 4.31 -9.64
C SER A 20 3.05 2.81 -9.37
N LEU A 21 3.07 2.45 -8.07
CA LEU A 21 3.00 1.05 -7.61
C LEU A 21 1.61 0.46 -7.83
N LEU A 22 0.57 1.29 -7.73
CA LEU A 22 -0.80 0.87 -7.97
C LEU A 22 -0.93 0.42 -9.42
N GLU A 23 -0.63 1.34 -10.35
CA GLU A 23 -0.67 1.06 -11.80
C GLU A 23 0.40 0.04 -12.20
N LEU A 24 1.49 -0.09 -11.43
CA LEU A 24 2.57 -1.06 -11.70
C LEU A 24 2.01 -2.47 -11.60
N ALA A 25 1.37 -2.75 -10.44
CA ALA A 25 0.68 -4.01 -10.16
C ALA A 25 -0.44 -4.29 -11.19
N GLN A 26 -1.23 -3.24 -11.51
CA GLN A 26 -2.33 -3.30 -12.50
C GLN A 26 -1.82 -3.68 -13.91
N ARG A 27 -0.59 -3.24 -14.24
CA ARG A 27 0.06 -3.51 -15.54
C ARG A 27 0.88 -4.83 -15.50
N GLY A 28 0.80 -5.56 -14.37
CA GLY A 28 1.40 -6.88 -14.26
C GLY A 28 2.88 -6.87 -13.92
N GLU A 29 3.39 -5.72 -13.44
CA GLU A 29 4.80 -5.55 -13.06
C GLU A 29 4.96 -5.82 -11.56
N TRP A 30 4.57 -7.04 -11.18
CA TRP A 30 4.49 -7.52 -9.80
C TRP A 30 5.88 -7.75 -9.19
N ASP A 31 6.84 -8.14 -10.04
CA ASP A 31 8.24 -8.38 -9.63
C ASP A 31 8.91 -7.06 -9.23
N LEU A 32 8.71 -6.03 -10.08
CA LEU A 32 9.22 -4.66 -9.86
C LEU A 32 8.53 -4.05 -8.62
N LEU A 33 7.27 -4.48 -8.37
CA LEU A 33 6.49 -4.07 -7.18
C LEU A 33 7.19 -4.55 -5.90
N LEU A 34 7.58 -5.84 -5.91
CA LEU A 34 8.35 -6.46 -4.80
C LEU A 34 9.79 -5.90 -4.73
N GLN A 35 10.32 -5.37 -5.85
CA GLN A 35 11.62 -4.67 -5.88
C GLN A 35 11.49 -3.23 -5.34
N GLN A 36 10.25 -2.76 -5.19
CA GLN A 36 9.93 -1.45 -4.58
C GLN A 36 9.16 -1.63 -3.26
N GLU A 37 8.93 -2.89 -2.86
CA GLU A 37 8.35 -3.26 -1.53
C GLU A 37 9.06 -2.52 -0.38
N VAL A 38 10.36 -2.83 -0.17
CA VAL A 38 11.18 -2.25 0.92
C VAL A 38 11.23 -0.71 0.82
N SER A 39 11.38 -0.21 -0.43
CA SER A 39 11.47 1.23 -0.72
C SER A 39 10.19 1.95 -0.27
N TYR A 40 9.03 1.38 -0.64
CA TYR A 40 7.71 1.91 -0.32
C TYR A 40 7.51 2.00 1.18
N LEU A 41 7.59 0.82 1.82
CA LEU A 41 7.30 0.63 3.24
C LEU A 41 8.21 1.50 4.11
N GLN A 42 9.52 1.48 3.83
CA GLN A 42 10.53 2.26 4.56
C GLN A 42 10.23 3.77 4.48
N SER A 43 10.06 4.28 3.24
CA SER A 43 9.87 5.72 3.00
C SER A 43 8.56 6.24 3.63
N ILE A 44 7.45 5.49 3.41
CA ILE A 44 6.10 5.91 3.87
C ILE A 44 6.08 6.03 5.40
N GLU A 45 6.72 5.04 6.09
CA GLU A 45 6.87 5.06 7.56
C GLU A 45 7.63 6.32 8.00
N THR A 46 8.87 6.47 7.49
CA THR A 46 9.80 7.53 7.95
C THR A 46 9.26 8.97 7.70
N VAL A 47 8.41 9.13 6.66
CA VAL A 47 7.77 10.44 6.35
C VAL A 47 6.58 10.73 7.29
N MET A 48 5.78 9.68 7.61
CA MET A 48 4.68 9.81 8.60
C MET A 48 5.24 10.04 10.03
N GLU A 49 6.46 9.55 10.26
CA GLU A 49 7.20 9.75 11.52
C GLU A 49 8.02 11.06 11.49
N LYS A 50 8.22 11.62 10.29
CA LYS A 50 9.00 12.86 10.09
C LYS A 50 8.30 14.04 10.75
N GLN A 51 9.11 14.89 11.43
CA GLN A 51 8.63 16.08 12.12
C GLN A 51 7.94 17.06 11.15
N THR A 52 6.69 17.44 11.49
CA THR A 52 5.94 18.47 10.79
C THR A 52 6.52 19.87 11.16
N PRO A 53 7.12 20.60 10.19
CA PRO A 53 7.68 21.97 10.43
C PRO A 53 6.59 23.07 10.38
N PRO A 54 6.86 24.30 10.91
CA PRO A 54 5.91 25.45 10.77
C PRO A 54 5.95 26.06 9.35
N GLY A 55 5.22 27.16 9.16
CA GLY A 55 5.08 27.80 7.84
C GLY A 55 4.07 27.10 6.95
N ILE A 56 3.25 26.22 7.57
CA ILE A 56 2.18 25.50 6.88
C ILE A 56 0.99 26.45 6.70
N THR A 57 0.86 27.03 5.50
CA THR A 57 -0.25 27.91 5.14
C THR A 57 -1.50 27.07 4.79
N ARG A 58 -2.60 27.76 4.43
CA ARG A 58 -3.85 27.09 3.97
C ARG A 58 -3.52 26.24 2.73
N SER A 59 -2.82 26.87 1.78
CA SER A 59 -2.40 26.24 0.51
C SER A 59 -1.57 24.98 0.77
N ILE A 60 -0.64 25.07 1.76
CA ILE A 60 0.29 23.98 2.07
C ILE A 60 -0.47 22.77 2.67
N GLN A 61 -1.31 23.01 3.71
CA GLN A 61 -2.01 21.92 4.42
C GLN A 61 -3.01 21.20 3.48
N ASP A 62 -3.80 21.98 2.71
CA ASP A 62 -4.80 21.43 1.77
C ASP A 62 -4.13 20.64 0.64
N MET A 63 -3.02 21.17 0.11
CA MET A 63 -2.25 20.51 -0.97
C MET A 63 -1.64 19.17 -0.47
N VAL A 64 -1.01 19.23 0.73
CA VAL A 64 -0.44 18.05 1.43
C VAL A 64 -1.54 17.01 1.70
N ALA A 65 -2.70 17.49 2.17
CA ALA A 65 -3.88 16.65 2.47
C ALA A 65 -4.37 15.96 1.20
N GLY A 66 -4.22 16.66 0.06
CA GLY A 66 -4.54 16.12 -1.26
C GLY A 66 -3.60 14.97 -1.65
N TYR A 67 -2.29 15.15 -1.36
CA TYR A 67 -1.27 14.11 -1.60
C TYR A 67 -1.54 12.88 -0.72
N ILE A 68 -1.91 13.13 0.56
CA ILE A 68 -2.18 12.05 1.53
C ILE A 68 -3.44 11.28 1.10
N LYS A 69 -4.52 12.01 0.77
CA LYS A 69 -5.79 11.43 0.28
C LYS A 69 -5.54 10.55 -0.97
N GLN A 70 -4.69 11.07 -1.87
CA GLN A 70 -4.32 10.39 -3.12
C GLN A 70 -3.68 9.04 -2.80
N THR A 71 -2.66 9.06 -1.91
CA THR A 71 -1.91 7.84 -1.54
C THR A 71 -2.73 6.91 -0.63
N LEU A 72 -3.75 7.41 0.09
CA LEU A 72 -4.66 6.54 0.90
C LEU A 72 -5.52 5.69 -0.05
N ASP A 73 -5.97 6.35 -1.14
CA ASP A 73 -6.76 5.71 -2.20
C ASP A 73 -5.88 4.72 -2.99
N ASN A 74 -4.64 5.14 -3.31
CA ASN A 74 -3.67 4.30 -4.04
C ASN A 74 -3.31 3.06 -3.21
N GLU A 75 -3.27 3.25 -1.87
CA GLU A 75 -3.02 2.15 -0.93
C GLU A 75 -4.16 1.15 -1.00
N GLN A 76 -5.40 1.57 -0.68
CA GLN A 76 -6.56 0.65 -0.55
C GLN A 76 -6.81 -0.12 -1.87
N LEU A 77 -6.52 0.50 -3.02
CA LEU A 77 -6.64 -0.14 -4.32
C LEU A 77 -5.50 -1.16 -4.52
N LEU A 78 -4.24 -0.81 -4.09
CA LEU A 78 -3.09 -1.74 -4.13
C LEU A 78 -3.36 -2.96 -3.24
N LYS A 79 -4.01 -2.75 -2.07
CA LYS A 79 -4.37 -3.85 -1.12
C LYS A 79 -5.39 -4.74 -1.79
N GLY A 80 -6.35 -4.08 -2.47
CA GLY A 80 -7.43 -4.74 -3.19
C GLY A 80 -6.92 -5.78 -4.18
N LEU A 81 -6.12 -5.34 -5.18
CA LEU A 81 -5.70 -6.24 -6.28
C LEU A 81 -4.49 -7.11 -5.89
N LEU A 82 -3.69 -6.72 -4.86
CA LEU A 82 -2.56 -7.57 -4.38
C LEU A 82 -3.10 -8.71 -3.52
N GLN A 83 -4.15 -8.44 -2.73
CA GLN A 83 -4.83 -9.49 -1.95
C GLN A 83 -5.58 -10.42 -2.91
N GLN A 84 -6.23 -9.84 -3.95
CA GLN A 84 -6.87 -10.60 -5.05
C GLN A 84 -5.78 -11.46 -5.76
N ARG A 85 -4.56 -10.90 -5.86
CA ARG A 85 -3.40 -11.61 -6.43
C ARG A 85 -2.97 -12.77 -5.51
N LEU A 86 -3.11 -12.61 -4.19
CA LEU A 86 -2.80 -13.70 -3.23
C LEU A 86 -3.84 -14.82 -3.30
N ASP A 87 -5.10 -14.43 -3.52
CA ASP A 87 -6.24 -15.35 -3.72
C ASP A 87 -5.99 -16.23 -4.96
N GLU A 88 -5.66 -15.58 -6.09
CA GLU A 88 -5.46 -16.27 -7.37
C GLU A 88 -4.13 -17.06 -7.38
N LEU A 89 -3.08 -16.56 -6.68
CA LEU A 89 -1.76 -17.24 -6.60
C LEU A 89 -1.90 -18.54 -5.79
N SER A 90 -2.64 -18.49 -4.69
CA SER A 90 -2.88 -19.65 -3.84
C SER A 90 -3.74 -20.68 -4.59
N SER A 91 -4.75 -20.21 -5.34
CA SER A 91 -5.64 -21.09 -6.13
C SER A 91 -4.97 -21.58 -7.45
N LEU A 92 -3.95 -20.86 -7.94
CA LEU A 92 -3.23 -21.22 -9.17
C LEU A 92 -2.16 -22.25 -8.84
N ILE A 93 -1.18 -21.80 -8.04
CA ILE A 93 -0.02 -22.60 -7.62
C ILE A 93 -0.47 -23.75 -6.72
N GLY A 94 -1.49 -23.47 -5.87
CA GLY A 94 -2.04 -24.47 -4.97
C GLY A 94 -1.08 -24.82 -3.87
N GLN A 95 -0.29 -25.87 -4.12
CA GLN A 95 0.68 -26.45 -3.19
C GLN A 95 1.87 -27.00 -3.98
N VAL A 96 2.74 -27.78 -3.30
CA VAL A 96 3.91 -28.44 -3.92
C VAL A 96 4.43 -29.56 -3.00
N LEU A 97 4.66 -29.20 -1.72
CA LEU A 97 5.23 -30.10 -0.68
C LEU A 97 4.50 -29.90 0.66
N PHE A 98 3.38 -29.13 0.65
CA PHE A 98 2.74 -28.59 1.87
C PHE A 98 1.21 -28.87 1.84
N GLN A 99 0.44 -28.19 2.73
CA GLN A 99 -1.05 -28.27 2.76
C GLN A 99 -1.67 -26.86 2.86
N GLY A 100 -2.99 -26.78 2.69
CA GLY A 100 -3.73 -25.52 2.76
C GLY A 100 -5.17 -25.65 2.26
N PRO A 101 -5.95 -24.52 2.19
CA PRO A 101 -7.35 -24.54 1.70
C PRO A 101 -7.46 -24.47 0.15
N SER A 102 -6.35 -24.81 -0.55
CA SER A 102 -6.28 -24.84 -2.01
C SER A 102 -5.33 -25.96 -2.49
N ALA A 103 -5.57 -26.45 -3.71
CA ALA A 103 -4.84 -27.56 -4.33
C ALA A 103 -4.34 -27.15 -5.74
N GLY A 104 -3.16 -27.65 -6.13
CA GLY A 104 -2.56 -27.37 -7.44
C GLY A 104 -1.07 -27.66 -7.46
N LEU A 105 -0.47 -27.77 -8.66
CA LEU A 105 0.97 -28.03 -8.84
C LEU A 105 1.51 -27.17 -10.01
N VAL A 106 1.82 -25.90 -9.71
CA VAL A 106 2.37 -24.93 -10.69
C VAL A 106 3.77 -24.47 -10.22
N PRO A 107 4.79 -24.38 -11.16
CA PRO A 107 6.14 -23.82 -10.85
C PRO A 107 6.13 -22.36 -10.29
N ARG A 108 7.34 -21.84 -9.99
CA ARG A 108 7.50 -20.52 -9.34
C ARG A 108 7.17 -19.35 -10.29
N GLY A 109 6.41 -18.38 -9.76
CA GLY A 109 6.05 -17.17 -10.51
C GLY A 109 5.22 -16.20 -9.67
N SER A 110 5.03 -14.97 -10.19
CA SER A 110 4.22 -13.92 -9.53
C SER A 110 2.89 -13.67 -10.28
N GLY A 111 2.65 -14.45 -11.36
CA GLY A 111 1.48 -14.29 -12.24
C GLY A 111 1.77 -13.31 -13.37
N GLY A 112 2.22 -12.08 -13.00
CA GLY A 112 2.61 -11.06 -13.96
C GLY A 112 1.39 -10.44 -14.65
N ILE A 113 1.52 -10.18 -15.97
CA ILE A 113 0.43 -9.68 -16.82
C ILE A 113 -0.76 -10.68 -16.87
N GLU A 114 -0.42 -11.97 -16.72
CA GLU A 114 -1.38 -13.08 -16.71
C GLU A 114 -1.85 -13.33 -15.25
N GLY A 115 -2.88 -14.16 -15.09
CA GLY A 115 -3.32 -14.63 -13.78
C GLY A 115 -4.66 -15.32 -13.82
N SER A 116 -5.41 -15.19 -12.72
CA SER A 116 -6.70 -15.87 -12.50
C SER A 116 -7.58 -14.99 -11.58
N ASN A 117 -8.73 -15.53 -11.13
CA ASN A 117 -9.63 -14.82 -10.20
C ASN A 117 -10.51 -15.83 -9.45
N LEU A 118 -9.91 -16.51 -8.47
CA LEU A 118 -10.61 -17.39 -7.51
C LEU A 118 -10.38 -16.83 -6.10
N ASN A 119 -11.48 -16.51 -5.38
CA ASN A 119 -11.39 -16.00 -3.99
C ASN A 119 -10.98 -17.14 -3.03
N THR A 120 -9.78 -16.98 -2.44
CA THR A 120 -9.17 -17.96 -1.50
C THR A 120 -8.69 -17.20 -0.26
N ASP A 121 -8.97 -17.75 0.94
CA ASP A 121 -8.62 -17.10 2.24
C ASP A 121 -7.11 -16.82 2.32
N MET A 122 -6.31 -17.89 2.41
CA MET A 122 -4.85 -17.83 2.39
C MET A 122 -4.31 -19.00 1.56
N GLY A 123 -2.98 -19.14 1.51
CA GLY A 123 -2.33 -20.25 0.84
C GLY A 123 -0.83 -20.14 0.85
N ASN A 124 -0.18 -21.02 0.11
CA ASN A 124 1.27 -21.00 -0.10
C ASN A 124 1.57 -21.62 -1.49
N GLY A 125 2.83 -21.92 -1.75
CA GLY A 125 3.23 -22.56 -2.99
C GLY A 125 4.73 -22.63 -3.11
N ILE A 126 5.22 -23.17 -4.25
CA ILE A 126 6.66 -23.29 -4.51
C ILE A 126 7.29 -21.90 -4.74
N ALA A 127 6.47 -20.93 -5.18
CA ALA A 127 6.87 -19.50 -5.26
C ALA A 127 6.80 -18.87 -3.84
N SER A 128 7.61 -19.45 -2.93
CA SER A 128 7.59 -19.12 -1.51
C SER A 128 8.12 -17.70 -1.27
N ASN A 129 9.23 -17.35 -1.98
CA ASN A 129 9.84 -16.00 -1.94
C ASN A 129 8.79 -14.93 -2.29
N ARG A 130 8.03 -15.19 -3.36
CA ARG A 130 7.04 -14.26 -3.91
C ARG A 130 5.87 -14.07 -2.92
N TRP A 131 5.26 -15.20 -2.51
CA TRP A 131 4.01 -15.22 -1.70
C TRP A 131 4.25 -14.66 -0.29
N ILE A 132 5.42 -15.01 0.32
CA ILE A 132 5.77 -14.57 1.69
C ILE A 132 6.20 -13.09 1.70
N ASN A 133 6.94 -12.64 0.65
CA ASN A 133 7.25 -11.20 0.49
C ASN A 133 5.97 -10.39 0.26
N TYR A 134 4.97 -10.99 -0.41
CA TYR A 134 3.63 -10.39 -0.58
C TYR A 134 2.88 -10.33 0.76
N GLN A 135 3.02 -11.39 1.58
CA GLN A 135 2.37 -11.48 2.89
C GLN A 135 2.95 -10.41 3.84
N GLN A 136 4.27 -10.21 3.73
CA GLN A 136 5.02 -9.18 4.47
C GLN A 136 4.68 -7.79 3.92
N PHE A 137 4.44 -7.74 2.58
CA PHE A 137 4.03 -6.53 1.86
C PHE A 137 2.72 -6.05 2.51
N ILE A 138 1.70 -6.95 2.56
CA ILE A 138 0.36 -6.65 3.10
C ILE A 138 0.43 -6.31 4.61
N GLN A 139 1.29 -7.03 5.35
CA GLN A 139 1.50 -6.80 6.80
C GLN A 139 1.85 -5.32 7.07
N THR A 140 2.91 -4.86 6.40
CA THR A 140 3.43 -3.50 6.59
C THR A 140 2.60 -2.46 5.77
N LEU A 141 1.85 -2.94 4.75
CA LEU A 141 0.90 -2.09 3.98
C LEU A 141 -0.27 -1.66 4.87
N GLU A 142 -0.77 -2.62 5.69
CA GLU A 142 -1.90 -2.40 6.59
C GLU A 142 -1.46 -1.61 7.82
N LYS A 143 -0.23 -1.89 8.27
CA LYS A 143 0.45 -1.10 9.31
C LYS A 143 0.58 0.38 8.85
N ALA A 144 1.02 0.55 7.58
CA ALA A 144 1.23 1.86 6.95
C ALA A 144 -0.07 2.64 6.88
N ILE A 145 -1.08 2.09 6.14
CA ILE A 145 -2.40 2.76 5.94
C ILE A 145 -3.10 3.06 7.26
N GLU A 146 -2.91 2.18 8.29
CA GLU A 146 -3.54 2.38 9.61
C GLU A 146 -3.00 3.68 10.25
N GLN A 147 -1.66 3.76 10.39
CA GLN A 147 -0.99 4.96 10.98
C GLN A 147 -1.05 6.18 10.04
N HIS A 148 -1.27 5.92 8.73
CA HIS A 148 -1.37 6.95 7.68
C HIS A 148 -2.75 7.63 7.72
N ARG A 149 -3.75 6.79 8.02
CA ARG A 149 -5.15 7.20 8.19
C ARG A 149 -5.27 8.01 9.49
N LEU A 150 -4.62 7.50 10.57
CA LEU A 150 -4.57 8.17 11.88
C LEU A 150 -3.81 9.50 11.77
N GLN A 151 -2.73 9.50 10.96
CA GLN A 151 -1.92 10.69 10.69
C GLN A 151 -2.76 11.75 9.95
N LEU A 152 -3.53 11.30 8.93
CA LEU A 152 -4.36 12.19 8.09
C LEU A 152 -5.46 12.85 8.92
N THR A 153 -6.26 12.03 9.64
CA THR A 153 -7.40 12.52 10.44
C THR A 153 -6.90 13.49 11.54
N GLN A 154 -5.75 13.16 12.15
CA GLN A 154 -5.07 14.00 13.16
C GLN A 154 -4.60 15.33 12.55
N TRP A 155 -4.05 15.25 11.31
CA TRP A 155 -3.45 16.37 10.59
C TRP A 155 -4.50 17.39 10.13
N THR A 156 -5.68 16.92 9.70
CA THR A 156 -6.69 17.79 9.06
C THR A 156 -8.00 17.86 9.86
N GLN A 157 -8.66 16.70 10.11
CA GLN A 157 -10.11 16.66 10.51
C GLN A 157 -10.41 15.36 11.25
N LYS A 158 -10.97 15.47 12.47
CA LYS A 158 -11.32 14.31 13.34
C LYS A 158 -12.68 13.66 12.92
N VAL A 159 -13.05 13.82 11.64
CA VAL A 159 -14.28 13.24 11.10
C VAL A 159 -14.11 13.01 9.57
N ASP A 160 -14.74 11.94 9.08
CA ASP A 160 -14.76 11.55 7.66
C ASP A 160 -16.09 10.82 7.42
N LEU A 161 -16.96 11.41 6.60
CA LEU A 161 -18.30 10.86 6.33
C LEU A 161 -18.75 11.27 4.92
N ALA A 162 -19.07 10.27 4.10
CA ALA A 162 -19.60 10.47 2.75
C ALA A 162 -21.12 10.30 2.79
N LEU A 163 -21.84 11.43 2.92
CA LEU A 163 -23.32 11.44 2.93
C LEU A 163 -23.83 10.95 1.56
N LYS A 164 -24.37 9.72 1.53
CA LYS A 164 -24.88 9.09 0.31
C LYS A 164 -26.08 9.87 -0.25
N SER A 165 -26.24 9.86 -1.58
CA SER A 165 -27.31 10.59 -2.27
C SER A 165 -27.38 10.11 -3.73
N TRP A 166 -28.60 10.11 -4.30
CA TRP A 166 -28.82 9.76 -5.71
C TRP A 166 -28.57 11.01 -6.59
N MET A 1 11.76 28.26 4.19
CA MET A 1 10.83 27.43 3.39
C MET A 1 11.35 25.99 3.22
N THR A 2 12.65 25.75 3.53
CA THR A 2 13.34 24.46 3.32
C THR A 2 12.56 23.29 3.97
N SER A 3 12.18 23.48 5.25
CA SER A 3 11.49 22.46 6.07
C SER A 3 10.08 22.15 5.51
N THR A 4 9.40 23.21 5.00
CA THR A 4 8.08 23.09 4.37
C THR A 4 8.18 22.26 3.08
N VAL A 5 9.25 22.53 2.30
CA VAL A 5 9.56 21.80 1.05
C VAL A 5 9.87 20.32 1.33
N GLU A 6 10.57 20.06 2.46
CA GLU A 6 10.88 18.70 2.94
C GLU A 6 9.58 17.90 3.15
N PHE A 7 8.66 18.52 3.92
CA PHE A 7 7.35 17.97 4.28
C PHE A 7 6.52 17.62 3.01
N ILE A 8 6.38 18.64 2.12
CA ILE A 8 5.63 18.52 0.85
C ILE A 8 6.22 17.42 -0.04
N ASN A 9 7.56 17.45 -0.21
CA ASN A 9 8.28 16.57 -1.16
C ASN A 9 8.26 15.10 -0.68
N ARG A 10 8.15 14.90 0.64
CA ARG A 10 7.95 13.56 1.23
C ARG A 10 6.52 13.05 0.97
N TRP A 11 5.54 13.97 0.99
CA TRP A 11 4.16 13.64 0.58
C TRP A 11 4.00 13.50 -0.95
N GLN A 12 4.87 14.18 -1.73
CA GLN A 12 4.93 14.03 -3.21
C GLN A 12 5.53 12.67 -3.52
N ARG A 13 6.56 12.30 -2.71
CA ARG A 13 7.21 11.01 -2.74
C ARG A 13 6.14 9.91 -2.60
N ILE A 14 5.41 9.89 -1.46
CA ILE A 14 4.47 8.80 -1.15
C ILE A 14 3.28 8.79 -2.13
N ALA A 15 2.80 9.98 -2.56
CA ALA A 15 1.65 10.09 -3.48
C ALA A 15 1.95 9.41 -4.83
N LEU A 16 3.05 9.87 -5.48
CA LEU A 16 3.47 9.35 -6.80
C LEU A 16 3.99 7.90 -6.70
N LEU A 17 4.51 7.56 -5.51
CA LEU A 17 5.08 6.23 -5.20
C LEU A 17 3.96 5.17 -5.10
N SER A 18 2.93 5.44 -4.28
CA SER A 18 1.79 4.52 -4.08
C SER A 18 0.96 4.42 -5.36
N GLN A 19 0.85 5.56 -6.08
CA GLN A 19 0.14 5.67 -7.37
C GLN A 19 0.79 4.78 -8.42
N SER A 20 2.13 4.90 -8.51
CA SER A 20 2.93 4.16 -9.47
C SER A 20 2.83 2.68 -9.18
N LEU A 21 2.97 2.29 -7.89
CA LEU A 21 2.92 0.89 -7.45
C LEU A 21 1.55 0.25 -7.69
N LEU A 22 0.50 1.07 -7.60
CA LEU A 22 -0.86 0.65 -7.92
C LEU A 22 -0.93 0.17 -9.38
N GLU A 23 -0.55 1.07 -10.31
CA GLU A 23 -0.52 0.75 -11.76
C GLU A 23 0.50 -0.35 -12.08
N LEU A 24 1.64 -0.31 -11.38
CA LEU A 24 2.82 -1.16 -11.64
C LEU A 24 2.47 -2.63 -11.35
N ALA A 25 1.66 -2.84 -10.30
CA ALA A 25 1.15 -4.16 -9.93
C ALA A 25 0.07 -4.60 -10.94
N GLN A 26 -0.91 -3.70 -11.24
CA GLN A 26 -1.96 -3.94 -12.28
C GLN A 26 -1.37 -4.39 -13.64
N ARG A 27 -0.21 -3.82 -13.99
CA ARG A 27 0.43 -4.01 -15.32
C ARG A 27 1.36 -5.23 -15.33
N GLY A 28 1.30 -6.04 -14.26
CA GLY A 28 2.02 -7.31 -14.21
C GLY A 28 3.52 -7.18 -14.00
N GLU A 29 3.95 -6.03 -13.46
CA GLU A 29 5.35 -5.78 -13.09
C GLU A 29 5.55 -6.18 -11.60
N TRP A 30 5.10 -7.40 -11.29
CA TRP A 30 5.00 -7.93 -9.90
C TRP A 30 6.37 -8.02 -9.20
N ASP A 31 7.38 -8.48 -9.94
CA ASP A 31 8.77 -8.57 -9.42
C ASP A 31 9.34 -7.18 -9.18
N LEU A 32 9.07 -6.26 -10.15
CA LEU A 32 9.48 -4.85 -10.08
C LEU A 32 8.83 -4.21 -8.82
N LEU A 33 7.59 -4.63 -8.51
CA LEU A 33 6.81 -4.13 -7.37
C LEU A 33 7.49 -4.53 -6.06
N LEU A 34 7.90 -5.82 -5.99
CA LEU A 34 8.59 -6.39 -4.82
C LEU A 34 10.01 -5.83 -4.66
N GLN A 35 10.58 -5.26 -5.75
CA GLN A 35 11.84 -4.48 -5.69
C GLN A 35 11.57 -3.13 -5.00
N GLN A 36 10.45 -2.49 -5.42
CA GLN A 36 10.04 -1.16 -4.90
C GLN A 36 9.35 -1.28 -3.53
N GLU A 37 9.09 -2.53 -3.11
CA GLU A 37 8.54 -2.87 -1.77
C GLU A 37 9.36 -2.20 -0.66
N VAL A 38 10.68 -2.41 -0.70
CA VAL A 38 11.64 -1.85 0.28
C VAL A 38 11.57 -0.31 0.28
N SER A 39 11.72 0.31 -0.91
CA SER A 39 11.70 1.78 -1.05
C SER A 39 10.38 2.38 -0.56
N TYR A 40 9.27 1.65 -0.81
CA TYR A 40 7.92 2.09 -0.43
C TYR A 40 7.78 2.13 1.07
N LEU A 41 7.86 0.92 1.68
CA LEU A 41 7.64 0.71 3.11
C LEU A 41 8.61 1.56 3.94
N GLN A 42 9.90 1.58 3.53
CA GLN A 42 10.94 2.42 4.14
C GLN A 42 10.52 3.90 4.20
N SER A 43 10.25 4.50 3.01
CA SER A 43 9.94 5.94 2.92
C SER A 43 8.64 6.31 3.66
N ILE A 44 7.56 5.54 3.43
CA ILE A 44 6.21 5.85 3.96
C ILE A 44 6.21 5.82 5.51
N GLU A 45 6.93 4.82 6.09
CA GLU A 45 7.09 4.70 7.55
C GLU A 45 7.88 5.91 8.08
N THR A 46 9.04 6.21 7.47
CA THR A 46 9.93 7.30 7.94
C THR A 46 9.29 8.70 7.82
N VAL A 47 8.31 8.86 6.89
CA VAL A 47 7.59 10.14 6.68
C VAL A 47 6.47 10.31 7.73
N MET A 48 5.76 9.21 8.07
CA MET A 48 4.72 9.26 9.14
C MET A 48 5.40 9.35 10.54
N GLU A 49 6.68 8.93 10.62
CA GLU A 49 7.54 9.11 11.80
C GLU A 49 8.14 10.54 11.83
N LYS A 50 8.25 11.15 10.64
CA LYS A 50 8.88 12.48 10.47
C LYS A 50 7.98 13.57 11.09
N GLN A 51 8.61 14.56 11.73
CA GLN A 51 7.92 15.68 12.38
C GLN A 51 7.33 16.64 11.33
N THR A 52 6.10 17.13 11.58
CA THR A 52 5.44 18.13 10.75
C THR A 52 5.99 19.53 11.08
N PRO A 53 6.74 20.20 10.15
CA PRO A 53 7.24 21.58 10.37
C PRO A 53 6.09 22.60 10.46
N PRO A 54 6.06 23.48 11.52
CA PRO A 54 5.07 24.58 11.62
C PRO A 54 5.25 25.61 10.47
N GLY A 55 4.28 26.51 10.32
CA GLY A 55 4.31 27.49 9.22
C GLY A 55 3.77 26.88 7.93
N ILE A 56 2.57 26.29 8.03
CA ILE A 56 1.85 25.71 6.90
C ILE A 56 0.74 26.69 6.47
N THR A 57 0.74 27.13 5.20
CA THR A 57 -0.31 28.01 4.65
C THR A 57 -1.48 27.16 4.13
N ARG A 58 -2.54 27.84 3.64
CA ARG A 58 -3.78 27.16 3.19
C ARG A 58 -3.54 26.36 1.89
N SER A 59 -2.74 26.93 0.96
CA SER A 59 -2.38 26.25 -0.30
C SER A 59 -1.58 24.97 -0.01
N ILE A 60 -0.69 25.05 1.02
CA ILE A 60 0.12 23.91 1.47
C ILE A 60 -0.78 22.85 2.14
N GLN A 61 -1.79 23.31 2.91
CA GLN A 61 -2.78 22.42 3.55
C GLN A 61 -3.51 21.56 2.50
N ASP A 62 -4.13 22.22 1.51
CA ASP A 62 -4.95 21.56 0.46
C ASP A 62 -4.08 20.66 -0.45
N MET A 63 -2.86 21.12 -0.75
CA MET A 63 -1.93 20.39 -1.64
C MET A 63 -1.43 19.10 -0.96
N VAL A 64 -0.96 19.23 0.30
CA VAL A 64 -0.49 18.12 1.14
C VAL A 64 -1.63 17.13 1.44
N ALA A 65 -2.79 17.67 1.86
CA ALA A 65 -3.99 16.87 2.16
C ALA A 65 -4.48 16.11 0.92
N GLY A 66 -4.27 16.74 -0.27
CA GLY A 66 -4.55 16.09 -1.56
C GLY A 66 -3.66 14.88 -1.78
N TYR A 67 -2.33 15.06 -1.51
CA TYR A 67 -1.34 13.98 -1.59
C TYR A 67 -1.73 12.80 -0.68
N ILE A 68 -1.90 13.10 0.64
CA ILE A 68 -2.16 12.09 1.68
C ILE A 68 -3.45 11.31 1.38
N LYS A 69 -4.54 12.05 1.12
CA LYS A 69 -5.85 11.46 0.80
C LYS A 69 -5.73 10.51 -0.40
N GLN A 70 -4.94 10.94 -1.41
CA GLN A 70 -4.70 10.15 -2.63
C GLN A 70 -3.82 8.93 -2.32
N THR A 71 -2.88 9.04 -1.33
CA THR A 71 -2.04 7.88 -0.91
C THR A 71 -2.95 6.82 -0.28
N LEU A 72 -3.99 7.28 0.45
CA LEU A 72 -4.94 6.41 1.16
C LEU A 72 -5.79 5.64 0.13
N ASP A 73 -6.16 6.35 -0.98
CA ASP A 73 -6.82 5.73 -2.15
C ASP A 73 -5.91 4.66 -2.79
N ASN A 74 -4.68 5.07 -3.13
CA ASN A 74 -3.71 4.21 -3.86
C ASN A 74 -3.29 3.01 -3.01
N GLU A 75 -3.30 3.19 -1.67
CA GLU A 75 -3.02 2.12 -0.71
C GLU A 75 -4.14 1.11 -0.70
N GLN A 76 -5.41 1.57 -0.50
CA GLN A 76 -6.59 0.67 -0.38
C GLN A 76 -6.84 -0.10 -1.69
N LEU A 77 -6.50 0.55 -2.81
CA LEU A 77 -6.59 -0.07 -4.14
C LEU A 77 -5.48 -1.11 -4.30
N LEU A 78 -4.22 -0.79 -3.88
CA LEU A 78 -3.08 -1.77 -3.89
C LEU A 78 -3.33 -2.90 -2.85
N LYS A 79 -4.15 -2.61 -1.79
CA LYS A 79 -4.55 -3.63 -0.80
C LYS A 79 -5.33 -4.70 -1.52
N GLY A 80 -6.53 -4.30 -2.03
CA GLY A 80 -7.46 -5.24 -2.64
C GLY A 80 -6.93 -5.90 -3.89
N LEU A 81 -6.10 -5.15 -4.64
CA LEU A 81 -5.46 -5.62 -5.89
C LEU A 81 -4.46 -6.74 -5.60
N LEU A 82 -3.46 -6.45 -4.76
CA LEU A 82 -2.38 -7.40 -4.43
C LEU A 82 -2.94 -8.53 -3.55
N GLN A 83 -4.00 -8.23 -2.79
CA GLN A 83 -4.66 -9.21 -1.91
C GLN A 83 -5.46 -10.22 -2.75
N GLN A 84 -6.20 -9.70 -3.76
CA GLN A 84 -6.95 -10.54 -4.72
C GLN A 84 -5.98 -11.27 -5.67
N ARG A 85 -4.76 -10.72 -5.80
CA ARG A 85 -3.64 -11.40 -6.45
C ARG A 85 -3.21 -12.59 -5.58
N LEU A 86 -3.19 -12.43 -4.25
CA LEU A 86 -2.88 -13.54 -3.32
C LEU A 86 -3.95 -14.63 -3.37
N ASP A 87 -5.22 -14.21 -3.59
CA ASP A 87 -6.35 -15.11 -3.82
C ASP A 87 -6.12 -15.98 -5.07
N GLU A 88 -5.90 -15.31 -6.22
CA GLU A 88 -5.74 -15.98 -7.52
C GLU A 88 -4.44 -16.81 -7.57
N LEU A 89 -3.42 -16.39 -6.77
CA LEU A 89 -2.17 -17.16 -6.63
C LEU A 89 -2.43 -18.48 -5.89
N SER A 90 -3.01 -18.39 -4.68
CA SER A 90 -3.24 -19.58 -3.82
C SER A 90 -4.21 -20.58 -4.50
N SER A 91 -5.15 -20.08 -5.32
CA SER A 91 -6.15 -20.92 -6.03
C SER A 91 -5.58 -21.52 -7.35
N LEU A 92 -4.70 -20.76 -8.04
CA LEU A 92 -4.00 -21.22 -9.27
C LEU A 92 -2.91 -22.25 -8.92
N ILE A 93 -1.95 -21.80 -8.11
CA ILE A 93 -0.79 -22.58 -7.65
C ILE A 93 -1.26 -23.74 -6.74
N GLY A 94 -2.29 -23.49 -5.90
CA GLY A 94 -2.91 -24.53 -5.10
C GLY A 94 -2.32 -24.62 -3.70
N GLN A 95 -2.76 -25.66 -2.95
CA GLN A 95 -2.26 -25.96 -1.61
C GLN A 95 -0.79 -26.41 -1.69
N VAL A 96 0.14 -25.47 -1.49
CA VAL A 96 1.59 -25.73 -1.47
C VAL A 96 2.33 -24.47 -0.94
N LEU A 97 3.42 -24.72 -0.16
CA LEU A 97 4.35 -23.67 0.33
C LEU A 97 3.69 -22.76 1.38
N PHE A 98 2.85 -21.85 0.89
CA PHE A 98 2.20 -20.80 1.69
C PHE A 98 0.80 -21.28 2.16
N GLN A 99 0.67 -21.56 3.48
CA GLN A 99 -0.62 -21.96 4.10
C GLN A 99 -1.45 -20.71 4.48
N GLY A 100 -1.71 -19.85 3.48
CA GLY A 100 -2.45 -18.59 3.68
C GLY A 100 -3.59 -18.45 2.69
N PRO A 101 -4.82 -19.00 3.00
CA PRO A 101 -6.03 -18.76 2.20
C PRO A 101 -6.54 -17.31 2.39
N SER A 102 -6.19 -16.45 1.44
CA SER A 102 -6.49 -15.02 1.49
C SER A 102 -7.91 -14.70 0.97
N ALA A 103 -8.40 -13.49 1.29
CA ALA A 103 -9.73 -13.01 0.89
C ALA A 103 -9.66 -11.51 0.58
N GLY A 104 -9.54 -11.16 -0.71
CA GLY A 104 -9.44 -9.77 -1.16
C GLY A 104 -10.28 -9.48 -2.38
N LEU A 105 -10.90 -8.28 -2.40
CA LEU A 105 -11.71 -7.77 -3.53
C LEU A 105 -11.25 -6.34 -3.87
N VAL A 106 -11.27 -5.99 -5.16
CA VAL A 106 -10.83 -4.66 -5.64
C VAL A 106 -11.70 -4.17 -6.82
N PRO A 107 -12.22 -2.91 -6.74
CA PRO A 107 -12.66 -2.15 -7.93
C PRO A 107 -11.43 -1.47 -8.57
N ARG A 108 -11.15 -1.76 -9.86
CA ARG A 108 -9.94 -1.29 -10.56
C ARG A 108 -9.93 0.26 -10.62
N GLY A 109 -9.18 0.86 -9.68
CA GLY A 109 -8.91 2.29 -9.68
C GLY A 109 -7.71 2.63 -10.56
N SER A 110 -7.86 3.61 -11.45
CA SER A 110 -6.80 4.04 -12.38
C SER A 110 -5.88 5.07 -11.72
N GLY A 111 -4.63 5.13 -12.21
CA GLY A 111 -3.63 6.09 -11.72
C GLY A 111 -2.57 6.40 -12.75
N GLY A 112 -1.30 6.46 -12.31
CA GLY A 112 -0.17 6.78 -13.19
C GLY A 112 1.15 6.30 -12.60
N ILE A 113 2.05 5.79 -13.47
CA ILE A 113 3.37 5.26 -13.06
C ILE A 113 4.38 6.41 -12.80
N GLU A 114 5.48 6.05 -12.11
CA GLU A 114 6.53 7.00 -11.66
C GLU A 114 7.80 6.21 -11.29
N GLY A 115 7.65 5.31 -10.30
CA GLY A 115 8.73 4.43 -9.86
C GLY A 115 9.66 5.08 -8.86
N SER A 116 10.44 4.26 -8.15
CA SER A 116 11.45 4.70 -7.18
C SER A 116 12.85 4.24 -7.64
N ASN A 117 13.89 4.57 -6.87
CA ASN A 117 15.30 4.35 -7.25
C ASN A 117 15.85 3.02 -6.70
N LEU A 118 15.29 2.52 -5.58
CA LEU A 118 15.83 1.32 -4.87
C LEU A 118 15.34 -0.01 -5.47
N ASN A 119 15.88 -1.12 -4.92
CA ASN A 119 15.69 -2.50 -5.44
C ASN A 119 16.05 -3.51 -4.32
N THR A 120 15.40 -4.69 -4.32
CA THR A 120 15.68 -5.79 -3.35
C THR A 120 16.99 -6.51 -3.67
N ASP A 121 17.43 -7.37 -2.73
CA ASP A 121 18.70 -8.11 -2.80
C ASP A 121 18.67 -9.14 -3.96
N MET A 122 17.94 -10.25 -3.75
CA MET A 122 17.82 -11.35 -4.72
C MET A 122 16.43 -12.01 -4.59
N GLY A 123 15.89 -12.49 -5.73
CA GLY A 123 14.63 -13.23 -5.76
C GLY A 123 14.85 -14.68 -6.20
N ASN A 124 14.29 -15.65 -5.46
CA ASN A 124 14.49 -17.09 -5.74
C ASN A 124 13.33 -17.91 -5.16
N GLY A 125 12.40 -18.34 -6.03
CA GLY A 125 11.27 -19.20 -5.64
C GLY A 125 10.08 -19.02 -6.56
N ILE A 126 9.64 -20.12 -7.22
CA ILE A 126 8.56 -20.14 -8.26
C ILE A 126 7.27 -19.38 -7.86
N ALA A 127 7.01 -19.33 -6.55
CA ALA A 127 5.77 -18.79 -6.00
C ALA A 127 5.98 -18.41 -4.53
N SER A 128 6.79 -19.25 -3.84
CA SER A 128 7.14 -19.12 -2.41
C SER A 128 7.69 -17.72 -2.08
N ASN A 129 8.84 -17.37 -2.72
CA ASN A 129 9.56 -16.09 -2.50
C ASN A 129 8.63 -14.88 -2.67
N ARG A 130 7.91 -14.88 -3.80
CA ARG A 130 7.03 -13.77 -4.19
C ARG A 130 5.88 -13.61 -3.18
N TRP A 131 5.27 -14.74 -2.76
CA TRP A 131 4.08 -14.75 -1.89
C TRP A 131 4.45 -14.32 -0.45
N ILE A 132 5.67 -14.67 -0.01
CA ILE A 132 6.17 -14.29 1.33
C ILE A 132 6.52 -12.80 1.36
N ASN A 133 7.11 -12.30 0.26
CA ASN A 133 7.33 -10.85 0.04
C ASN A 133 5.98 -10.11 0.04
N TYR A 134 4.99 -10.70 -0.65
CA TYR A 134 3.62 -10.16 -0.77
C TYR A 134 2.90 -10.13 0.58
N GLN A 135 3.10 -11.18 1.39
CA GLN A 135 2.46 -11.33 2.70
C GLN A 135 3.00 -10.26 3.66
N GLN A 136 4.33 -10.10 3.62
CA GLN A 136 5.06 -9.03 4.33
C GLN A 136 4.60 -7.67 3.82
N PHE A 137 4.36 -7.58 2.49
CA PHE A 137 3.96 -6.36 1.80
C PHE A 137 2.63 -5.90 2.40
N ILE A 138 1.59 -6.77 2.36
CA ILE A 138 0.23 -6.47 2.84
C ILE A 138 0.22 -6.16 4.33
N GLN A 139 1.02 -6.91 5.12
CA GLN A 139 1.12 -6.73 6.58
C GLN A 139 1.64 -5.32 6.91
N THR A 140 2.74 -4.92 6.25
CA THR A 140 3.39 -3.61 6.46
C THR A 140 2.61 -2.49 5.76
N LEU A 141 1.78 -2.86 4.75
CA LEU A 141 0.82 -1.94 4.10
C LEU A 141 -0.31 -1.61 5.10
N GLU A 142 -0.74 -2.65 5.87
CA GLU A 142 -1.79 -2.50 6.90
C GLU A 142 -1.32 -1.58 8.02
N LYS A 143 -0.07 -1.80 8.46
CA LYS A 143 0.62 -0.92 9.44
C LYS A 143 0.65 0.53 8.91
N ALA A 144 1.06 0.66 7.62
CA ALA A 144 1.21 1.96 6.94
C ALA A 144 -0.12 2.73 6.91
N ILE A 145 -1.15 2.17 6.19
CA ILE A 145 -2.48 2.80 6.00
C ILE A 145 -3.16 3.16 7.34
N GLU A 146 -2.97 2.29 8.37
CA GLU A 146 -3.50 2.52 9.73
C GLU A 146 -2.93 3.84 10.29
N GLN A 147 -1.60 3.88 10.43
CA GLN A 147 -0.87 5.04 11.00
C GLN A 147 -1.02 6.27 10.11
N HIS A 148 -1.19 6.03 8.80
CA HIS A 148 -1.25 7.06 7.75
C HIS A 148 -2.53 7.88 7.90
N ARG A 149 -3.63 7.15 8.15
CA ARG A 149 -4.95 7.73 8.45
C ARG A 149 -5.00 8.31 9.86
N LEU A 150 -4.16 7.79 10.78
CA LEU A 150 -4.00 8.36 12.14
C LEU A 150 -3.21 9.69 12.09
N GLN A 151 -2.27 9.81 11.14
CA GLN A 151 -1.52 11.05 10.93
C GLN A 151 -2.34 12.03 10.08
N LEU A 152 -3.24 11.50 9.24
CA LEU A 152 -4.19 12.31 8.42
C LEU A 152 -5.30 12.86 9.32
N THR A 153 -5.76 12.05 10.30
CA THR A 153 -6.80 12.47 11.25
C THR A 153 -6.22 13.54 12.19
N GLN A 154 -4.94 13.34 12.58
CA GLN A 154 -4.14 14.34 13.31
C GLN A 154 -4.01 15.65 12.49
N TRP A 155 -3.71 15.48 11.18
CA TRP A 155 -3.33 16.58 10.29
C TRP A 155 -4.53 17.48 9.91
N THR A 156 -5.65 16.87 9.51
CA THR A 156 -6.81 17.61 8.94
C THR A 156 -8.03 17.57 9.87
N GLN A 157 -8.11 16.53 10.76
CA GLN A 157 -9.27 16.29 11.64
C GLN A 157 -10.57 16.01 10.84
N LYS A 158 -10.41 15.53 9.61
CA LYS A 158 -11.53 15.12 8.74
C LYS A 158 -11.80 13.62 8.94
N VAL A 159 -12.78 13.30 9.80
CA VAL A 159 -13.11 11.91 10.18
C VAL A 159 -14.46 11.86 10.95
N ASP A 160 -15.31 10.87 10.62
CA ASP A 160 -16.69 10.78 11.14
C ASP A 160 -16.79 9.63 12.16
N LEU A 161 -16.56 9.93 13.46
CA LEU A 161 -16.79 8.95 14.56
C LEU A 161 -18.16 9.19 15.17
N ALA A 162 -19.16 8.47 14.64
CA ALA A 162 -20.50 8.40 15.22
C ALA A 162 -20.44 7.52 16.48
N LEU A 163 -21.18 7.89 17.53
CA LEU A 163 -21.16 7.17 18.82
C LEU A 163 -21.83 5.80 18.68
N LYS A 164 -21.02 4.82 18.28
CA LYS A 164 -21.44 3.43 18.11
C LYS A 164 -21.26 2.70 19.46
N SER A 165 -22.31 2.01 19.91
CA SER A 165 -22.30 1.27 21.19
C SER A 165 -21.42 0.02 21.09
N TRP A 166 -21.42 -0.63 19.89
CA TRP A 166 -20.62 -1.84 19.63
C TRP A 166 -19.75 -1.58 18.37
N MET A 1 10.04 28.15 5.73
CA MET A 1 9.22 27.56 4.65
C MET A 1 10.00 26.48 3.84
N THR A 2 11.34 26.37 4.05
CA THR A 2 12.16 25.34 3.36
C THR A 2 11.77 23.92 3.83
N SER A 3 11.72 23.76 5.16
CA SER A 3 11.32 22.49 5.80
C SER A 3 9.84 22.16 5.49
N THR A 4 9.04 23.21 5.27
CA THR A 4 7.63 23.10 4.81
C THR A 4 7.58 22.45 3.41
N VAL A 5 8.43 22.96 2.49
CA VAL A 5 8.59 22.42 1.12
C VAL A 5 9.05 20.96 1.16
N GLU A 6 9.96 20.65 2.12
CA GLU A 6 10.45 19.29 2.33
C GLU A 6 9.31 18.37 2.78
N PHE A 7 8.48 18.84 3.72
CA PHE A 7 7.30 18.09 4.27
C PHE A 7 6.33 17.70 3.13
N ILE A 8 6.03 18.70 2.29
CA ILE A 8 5.25 18.54 1.05
C ILE A 8 5.92 17.47 0.16
N ASN A 9 7.24 17.62 -0.03
CA ASN A 9 8.08 16.72 -0.86
C ASN A 9 8.08 15.27 -0.32
N ARG A 10 7.96 15.12 1.02
CA ARG A 10 7.94 13.79 1.67
C ARG A 10 6.64 13.06 1.29
N TRP A 11 5.51 13.80 1.42
CA TRP A 11 4.18 13.27 1.04
C TRP A 11 4.01 13.16 -0.48
N GLN A 12 4.74 13.99 -1.26
CA GLN A 12 4.77 13.87 -2.74
C GLN A 12 5.49 12.59 -3.13
N ARG A 13 6.58 12.30 -2.39
CA ARG A 13 7.40 11.12 -2.60
C ARG A 13 6.52 9.87 -2.46
N ILE A 14 5.84 9.73 -1.30
CA ILE A 14 4.96 8.57 -1.05
C ILE A 14 3.78 8.54 -2.06
N ALA A 15 3.19 9.71 -2.34
CA ALA A 15 1.97 9.83 -3.20
C ALA A 15 2.21 9.29 -4.62
N LEU A 16 3.24 9.84 -5.28
CA LEU A 16 3.62 9.49 -6.66
C LEU A 16 4.19 8.06 -6.73
N LEU A 17 4.95 7.68 -5.68
CA LEU A 17 5.55 6.33 -5.53
C LEU A 17 4.47 5.24 -5.38
N SER A 18 3.44 5.56 -4.56
CA SER A 18 2.31 4.66 -4.28
C SER A 18 1.44 4.52 -5.53
N GLN A 19 1.33 5.64 -6.28
CA GLN A 19 0.61 5.68 -7.55
C GLN A 19 1.35 4.84 -8.60
N SER A 20 2.68 4.96 -8.61
CA SER A 20 3.54 4.19 -9.50
C SER A 20 3.38 2.69 -9.22
N LEU A 21 3.27 2.32 -7.93
CA LEU A 21 3.11 0.92 -7.50
C LEU A 21 1.71 0.38 -7.83
N LEU A 22 0.70 1.24 -7.75
CA LEU A 22 -0.68 0.87 -8.11
C LEU A 22 -0.74 0.56 -9.62
N GLU A 23 -0.22 1.50 -10.43
CA GLU A 23 -0.06 1.32 -11.90
C GLU A 23 0.69 0.03 -12.21
N LEU A 24 1.82 -0.14 -11.52
CA LEU A 24 2.82 -1.20 -11.77
C LEU A 24 2.17 -2.60 -11.57
N ALA A 25 1.46 -2.75 -10.44
CA ALA A 25 0.75 -3.99 -10.10
C ALA A 25 -0.40 -4.28 -11.08
N GLN A 26 -1.20 -3.24 -11.42
CA GLN A 26 -2.30 -3.33 -12.41
C GLN A 26 -1.80 -3.81 -13.78
N ARG A 27 -0.62 -3.31 -14.19
CA ARG A 27 -0.01 -3.65 -15.50
C ARG A 27 0.53 -5.10 -15.54
N GLY A 28 0.73 -5.69 -14.34
CA GLY A 28 1.21 -7.08 -14.21
C GLY A 28 2.74 -7.16 -14.16
N GLU A 29 3.37 -6.12 -13.60
CA GLU A 29 4.84 -6.04 -13.50
C GLU A 29 5.29 -6.41 -12.05
N TRP A 30 4.61 -7.42 -11.48
CA TRP A 30 4.68 -7.81 -10.03
C TRP A 30 6.11 -8.00 -9.48
N ASP A 31 7.03 -8.41 -10.37
CA ASP A 31 8.48 -8.51 -10.08
C ASP A 31 8.99 -7.15 -9.56
N LEU A 32 8.81 -6.13 -10.43
CA LEU A 32 9.22 -4.73 -10.20
C LEU A 32 8.56 -4.19 -8.90
N LEU A 33 7.34 -4.67 -8.61
CA LEU A 33 6.59 -4.26 -7.41
C LEU A 33 7.31 -4.71 -6.14
N LEU A 34 7.71 -5.99 -6.11
CA LEU A 34 8.48 -6.58 -4.99
C LEU A 34 9.92 -6.04 -4.93
N GLN A 35 10.42 -5.49 -6.05
CA GLN A 35 11.74 -4.81 -6.10
C GLN A 35 11.64 -3.39 -5.47
N GLN A 36 10.50 -2.72 -5.70
CA GLN A 36 10.23 -1.37 -5.15
C GLN A 36 9.43 -1.46 -3.83
N GLU A 37 9.09 -2.69 -3.40
CA GLU A 37 8.45 -2.98 -2.10
C GLU A 37 9.29 -2.39 -0.95
N VAL A 38 10.55 -2.85 -0.88
CA VAL A 38 11.48 -2.48 0.19
C VAL A 38 11.73 -0.97 0.20
N SER A 39 11.90 -0.39 -1.00
CA SER A 39 12.05 1.07 -1.21
C SER A 39 10.82 1.85 -0.73
N TYR A 40 9.63 1.29 -1.00
CA TYR A 40 8.33 1.89 -0.62
C TYR A 40 8.23 1.98 0.90
N LEU A 41 8.28 0.81 1.54
CA LEU A 41 8.15 0.64 2.98
C LEU A 41 9.24 1.43 3.76
N GLN A 42 10.47 1.47 3.21
CA GLN A 42 11.59 2.25 3.79
C GLN A 42 11.22 3.76 3.83
N SER A 43 10.93 4.32 2.64
CA SER A 43 10.65 5.76 2.47
C SER A 43 9.38 6.16 3.22
N ILE A 44 8.39 5.25 3.25
CA ILE A 44 7.06 5.50 3.83
C ILE A 44 7.19 5.67 5.35
N GLU A 45 8.01 4.80 5.97
CA GLU A 45 8.30 4.87 7.40
C GLU A 45 9.03 6.17 7.71
N THR A 46 10.16 6.42 7.02
CA THR A 46 11.05 7.58 7.31
C THR A 46 10.31 8.94 7.14
N VAL A 47 9.28 8.98 6.27
CA VAL A 47 8.40 10.17 6.11
C VAL A 47 7.42 10.27 7.31
N MET A 48 6.85 9.14 7.74
CA MET A 48 5.95 9.11 8.91
C MET A 48 6.72 9.20 10.25
N GLU A 49 8.06 9.08 10.17
CA GLU A 49 8.98 9.31 11.31
C GLU A 49 9.36 10.80 11.37
N LYS A 50 9.05 11.56 10.29
CA LYS A 50 9.32 13.00 10.20
C LYS A 50 8.27 13.80 11.00
N GLN A 51 8.72 14.81 11.76
CA GLN A 51 7.84 15.74 12.47
C GLN A 51 7.37 16.83 11.48
N THR A 52 6.12 17.30 11.65
CA THR A 52 5.55 18.35 10.81
C THR A 52 6.13 19.72 11.23
N PRO A 53 6.77 20.48 10.28
CA PRO A 53 7.31 21.83 10.57
C PRO A 53 6.19 22.90 10.65
N PRO A 54 6.30 23.91 11.57
CA PRO A 54 5.39 25.09 11.60
C PRO A 54 5.53 25.98 10.32
N GLY A 55 4.51 26.83 10.07
CA GLY A 55 4.46 27.65 8.86
C GLY A 55 3.67 26.97 7.75
N ILE A 56 2.63 26.23 8.15
CA ILE A 56 1.71 25.54 7.23
C ILE A 56 0.47 26.43 7.05
N THR A 57 0.21 26.84 5.80
CA THR A 57 -0.98 27.62 5.43
C THR A 57 -2.10 26.70 4.93
N ARG A 58 -3.25 27.31 4.59
CA ARG A 58 -4.39 26.62 3.93
C ARG A 58 -3.94 25.89 2.65
N SER A 59 -3.18 26.61 1.78
CA SER A 59 -2.68 26.05 0.51
C SER A 59 -1.82 24.80 0.77
N ILE A 60 -0.91 24.90 1.76
CA ILE A 60 0.03 23.81 2.11
C ILE A 60 -0.74 22.60 2.68
N GLN A 61 -1.63 22.88 3.63
CA GLN A 61 -2.39 21.85 4.37
C GLN A 61 -3.26 21.00 3.44
N ASP A 62 -4.02 21.66 2.55
CA ASP A 62 -4.95 21.01 1.61
C ASP A 62 -4.21 20.29 0.48
N MET A 63 -3.10 20.88 0.02
CA MET A 63 -2.25 20.26 -1.03
C MET A 63 -1.60 18.97 -0.50
N VAL A 64 -1.05 19.06 0.73
CA VAL A 64 -0.50 17.90 1.48
C VAL A 64 -1.60 16.88 1.76
N ALA A 65 -2.81 17.36 2.11
CA ALA A 65 -3.98 16.50 2.36
C ALA A 65 -4.39 15.74 1.09
N GLY A 66 -4.14 16.37 -0.07
CA GLY A 66 -4.34 15.75 -1.38
C GLY A 66 -3.30 14.66 -1.63
N TYR A 67 -2.04 14.90 -1.21
CA TYR A 67 -0.96 13.90 -1.32
C TYR A 67 -1.20 12.69 -0.42
N ILE A 68 -1.62 12.94 0.84
CA ILE A 68 -1.93 11.88 1.81
C ILE A 68 -3.15 11.10 1.32
N LYS A 69 -4.20 11.83 0.88
CA LYS A 69 -5.40 11.20 0.27
C LYS A 69 -5.00 10.34 -0.95
N GLN A 70 -3.99 10.80 -1.69
CA GLN A 70 -3.48 10.06 -2.86
C GLN A 70 -2.84 8.74 -2.40
N THR A 71 -2.07 8.77 -1.29
CA THR A 71 -1.46 7.55 -0.70
C THR A 71 -2.56 6.59 -0.21
N LEU A 72 -3.67 7.18 0.32
CA LEU A 72 -4.81 6.43 0.87
C LEU A 72 -5.56 5.68 -0.25
N ASP A 73 -5.78 6.37 -1.37
CA ASP A 73 -6.51 5.84 -2.53
C ASP A 73 -5.67 4.75 -3.23
N ASN A 74 -4.40 5.06 -3.50
CA ASN A 74 -3.47 4.16 -4.21
C ASN A 74 -3.24 2.87 -3.41
N GLU A 75 -3.00 3.03 -2.10
CA GLU A 75 -2.83 1.89 -1.18
C GLU A 75 -4.11 1.05 -1.10
N GLN A 76 -5.28 1.68 -0.84
CA GLN A 76 -6.55 0.92 -0.62
C GLN A 76 -6.90 0.05 -1.86
N LEU A 77 -6.62 0.62 -3.05
CA LEU A 77 -6.80 -0.07 -4.32
C LEU A 77 -5.77 -1.21 -4.47
N LEU A 78 -4.53 -0.95 -4.01
CA LEU A 78 -3.44 -1.96 -3.98
C LEU A 78 -3.75 -3.07 -2.94
N LYS A 79 -4.60 -2.77 -1.91
CA LYS A 79 -4.98 -3.75 -0.87
C LYS A 79 -5.93 -4.77 -1.47
N GLY A 80 -7.06 -4.25 -2.03
CA GLY A 80 -8.08 -5.11 -2.66
C GLY A 80 -7.51 -5.90 -3.84
N LEU A 81 -6.66 -5.22 -4.62
CA LEU A 81 -6.01 -5.80 -5.81
C LEU A 81 -5.01 -6.90 -5.43
N LEU A 82 -4.07 -6.61 -4.52
CA LEU A 82 -2.95 -7.52 -4.21
C LEU A 82 -3.40 -8.68 -3.30
N GLN A 83 -4.42 -8.46 -2.45
CA GLN A 83 -4.97 -9.53 -1.60
C GLN A 83 -5.83 -10.48 -2.45
N GLN A 84 -6.70 -9.93 -3.33
CA GLN A 84 -7.44 -10.75 -4.32
C GLN A 84 -6.44 -11.51 -5.23
N ARG A 85 -5.30 -10.83 -5.50
CA ARG A 85 -4.19 -11.42 -6.25
C ARG A 85 -3.60 -12.62 -5.49
N LEU A 86 -3.46 -12.51 -4.15
CA LEU A 86 -2.97 -13.63 -3.31
C LEU A 86 -3.87 -14.86 -3.44
N ASP A 87 -5.20 -14.62 -3.33
CA ASP A 87 -6.22 -15.65 -3.53
C ASP A 87 -6.07 -16.35 -4.88
N GLU A 88 -5.94 -15.57 -5.95
CA GLU A 88 -5.91 -16.11 -7.32
C GLU A 88 -4.53 -16.67 -7.69
N LEU A 89 -3.44 -16.22 -7.03
CA LEU A 89 -2.08 -16.77 -7.22
C LEU A 89 -2.05 -18.20 -6.69
N SER A 90 -2.60 -18.38 -5.48
CA SER A 90 -2.62 -19.67 -4.80
C SER A 90 -3.56 -20.65 -5.50
N SER A 91 -4.70 -20.17 -6.02
CA SER A 91 -5.64 -21.01 -6.78
C SER A 91 -5.13 -21.30 -8.20
N LEU A 92 -4.28 -20.40 -8.73
CA LEU A 92 -3.63 -20.56 -10.05
C LEU A 92 -2.64 -21.73 -10.04
N ILE A 93 -1.69 -21.63 -9.11
CA ILE A 93 -0.61 -22.61 -8.94
C ILE A 93 -1.20 -23.92 -8.39
N GLY A 94 -1.94 -23.80 -7.27
CA GLY A 94 -2.59 -24.95 -6.62
C GLY A 94 -1.63 -26.02 -6.14
N GLN A 95 -2.13 -27.25 -5.98
CA GLN A 95 -1.33 -28.47 -5.72
C GLN A 95 -0.51 -28.37 -4.39
N VAL A 96 -1.16 -28.70 -3.26
CA VAL A 96 -0.53 -28.67 -1.91
C VAL A 96 -1.39 -29.47 -0.91
N LEU A 97 -2.64 -29.02 -0.72
CA LEU A 97 -3.59 -29.58 0.25
C LEU A 97 -4.40 -30.68 -0.42
N PHE A 98 -4.59 -30.48 -1.73
CA PHE A 98 -5.34 -31.37 -2.64
C PHE A 98 -4.35 -32.34 -3.30
N GLN A 99 -4.84 -33.15 -4.27
CA GLN A 99 -4.00 -34.11 -5.01
C GLN A 99 -2.84 -33.39 -5.75
N GLY A 100 -1.70 -34.09 -5.89
CA GLY A 100 -0.46 -33.48 -6.38
C GLY A 100 0.20 -32.65 -5.29
N PRO A 101 0.92 -33.29 -4.31
CA PRO A 101 1.42 -32.60 -3.10
C PRO A 101 2.70 -31.75 -3.38
N SER A 102 2.67 -30.47 -2.99
CA SER A 102 3.85 -29.59 -2.98
C SER A 102 3.89 -28.88 -1.62
N ALA A 103 5.09 -28.71 -1.05
CA ALA A 103 5.27 -28.11 0.28
C ALA A 103 4.93 -26.61 0.25
N GLY A 104 3.70 -26.28 0.69
CA GLY A 104 3.24 -24.90 0.86
C GLY A 104 2.63 -24.69 2.24
N LEU A 105 2.04 -23.49 2.45
CA LEU A 105 1.42 -23.06 3.74
C LEU A 105 2.47 -22.93 4.87
N VAL A 106 3.76 -22.97 4.49
CA VAL A 106 4.89 -22.97 5.43
C VAL A 106 5.07 -21.56 6.06
N PRO A 107 5.55 -21.48 7.35
CA PRO A 107 5.70 -20.19 8.07
C PRO A 107 6.99 -19.42 7.68
N ARG A 108 7.74 -19.94 6.69
CA ARG A 108 9.04 -19.39 6.27
C ARG A 108 9.08 -19.19 4.74
N GLY A 109 10.07 -18.40 4.29
CA GLY A 109 10.27 -18.10 2.87
C GLY A 109 11.18 -16.89 2.69
N SER A 110 11.92 -16.86 1.58
CA SER A 110 12.85 -15.75 1.26
C SER A 110 12.24 -14.86 0.15
N GLY A 111 13.09 -14.12 -0.59
CA GLY A 111 12.64 -13.36 -1.76
C GLY A 111 12.16 -14.26 -2.89
N GLY A 112 11.09 -13.83 -3.58
CA GLY A 112 10.46 -14.61 -4.63
C GLY A 112 9.64 -13.74 -5.55
N ILE A 113 10.31 -13.19 -6.59
CA ILE A 113 9.64 -12.43 -7.66
C ILE A 113 8.98 -13.42 -8.67
N GLU A 114 8.81 -12.99 -9.95
CA GLU A 114 8.09 -13.72 -11.02
C GLU A 114 6.58 -13.55 -10.81
N GLY A 115 6.02 -12.57 -11.53
CA GLY A 115 4.60 -12.26 -11.48
C GLY A 115 3.76 -13.28 -12.23
N SER A 116 3.16 -14.21 -11.47
CA SER A 116 2.26 -15.24 -12.03
C SER A 116 0.96 -14.62 -12.56
N ASN A 117 0.27 -15.36 -13.45
CA ASN A 117 -0.93 -14.89 -14.19
C ASN A 117 -2.16 -14.68 -13.28
N LEU A 118 -3.34 -14.42 -13.88
CA LEU A 118 -4.59 -14.23 -13.12
C LEU A 118 -5.42 -15.53 -13.04
N ASN A 119 -6.37 -15.53 -12.11
CA ASN A 119 -7.28 -16.66 -11.82
C ASN A 119 -8.41 -16.10 -10.92
N THR A 120 -9.34 -16.94 -10.42
CA THR A 120 -10.31 -16.53 -9.38
C THR A 120 -11.08 -17.76 -8.82
N ASP A 121 -10.42 -18.55 -7.94
CA ASP A 121 -11.05 -19.70 -7.25
C ASP A 121 -11.12 -19.48 -5.72
N MET A 122 -9.95 -19.45 -5.02
CA MET A 122 -9.89 -19.20 -3.54
C MET A 122 -8.44 -19.10 -3.03
N GLY A 123 -8.28 -18.54 -1.81
CA GLY A 123 -6.97 -18.32 -1.19
C GLY A 123 -6.45 -19.49 -0.38
N ASN A 124 -5.17 -19.86 -0.61
CA ASN A 124 -4.51 -21.01 0.05
C ASN A 124 -3.11 -20.55 0.54
N GLY A 125 -2.07 -20.65 -0.32
CA GLY A 125 -0.70 -20.25 0.03
C GLY A 125 0.32 -21.25 -0.47
N ILE A 126 0.69 -21.17 -1.76
CA ILE A 126 1.51 -22.22 -2.40
C ILE A 126 3.00 -21.78 -2.47
N ALA A 127 3.27 -20.82 -3.39
CA ALA A 127 4.62 -20.32 -3.64
C ALA A 127 5.14 -19.58 -2.39
N SER A 128 5.90 -20.33 -1.57
CA SER A 128 6.31 -19.92 -0.21
C SER A 128 6.96 -18.53 -0.19
N ASN A 129 8.07 -18.40 -0.91
CA ASN A 129 8.87 -17.17 -0.99
C ASN A 129 8.01 -15.97 -1.42
N ARG A 130 7.29 -16.16 -2.54
CA ARG A 130 6.46 -15.11 -3.18
C ARG A 130 5.34 -14.63 -2.24
N TRP A 131 4.72 -15.60 -1.56
CA TRP A 131 3.63 -15.36 -0.60
C TRP A 131 4.18 -14.66 0.67
N ILE A 132 5.44 -14.94 1.05
CA ILE A 132 6.09 -14.27 2.21
C ILE A 132 6.47 -12.82 1.87
N ASN A 133 6.87 -12.58 0.58
CA ASN A 133 7.11 -11.21 0.07
C ASN A 133 5.86 -10.37 0.22
N TYR A 134 4.77 -10.90 -0.34
CA TYR A 134 3.47 -10.24 -0.34
C TYR A 134 2.83 -10.18 1.05
N GLN A 135 3.11 -11.17 1.91
CA GLN A 135 2.55 -11.20 3.28
C GLN A 135 3.19 -10.08 4.13
N GLN A 136 4.52 -9.95 3.98
CA GLN A 136 5.30 -8.87 4.61
C GLN A 136 4.86 -7.51 4.04
N PHE A 137 4.62 -7.51 2.69
CA PHE A 137 4.18 -6.33 1.93
C PHE A 137 2.90 -5.79 2.59
N ILE A 138 1.87 -6.65 2.63
CA ILE A 138 0.53 -6.32 3.17
C ILE A 138 0.61 -5.86 4.64
N GLN A 139 1.38 -6.59 5.44
CA GLN A 139 1.60 -6.31 6.88
C GLN A 139 2.01 -4.83 7.11
N THR A 140 3.09 -4.44 6.42
CA THR A 140 3.65 -3.09 6.51
C THR A 140 2.79 -2.07 5.73
N LEU A 141 2.00 -2.55 4.75
CA LEU A 141 1.01 -1.73 4.04
C LEU A 141 -0.15 -1.37 5.00
N GLU A 142 -0.48 -2.29 5.91
CA GLU A 142 -1.58 -2.10 6.88
C GLU A 142 -1.18 -1.14 7.98
N LYS A 143 0.05 -1.27 8.49
CA LYS A 143 0.58 -0.33 9.48
C LYS A 143 0.89 1.05 8.84
N ALA A 144 1.22 1.04 7.53
CA ALA A 144 1.41 2.28 6.75
C ALA A 144 0.09 3.04 6.62
N ILE A 145 -0.95 2.37 6.09
CA ILE A 145 -2.30 2.96 5.84
C ILE A 145 -2.97 3.37 7.18
N GLU A 146 -2.62 2.63 8.26
CA GLU A 146 -3.02 2.92 9.64
C GLU A 146 -2.51 4.31 10.03
N GLN A 147 -1.17 4.48 9.98
CA GLN A 147 -0.51 5.74 10.36
C GLN A 147 -0.88 6.89 9.40
N HIS A 148 -1.16 6.56 8.12
CA HIS A 148 -1.57 7.57 7.10
C HIS A 148 -2.92 8.18 7.46
N ARG A 149 -3.90 7.29 7.68
CA ARG A 149 -5.30 7.66 7.97
C ARG A 149 -5.43 8.41 9.31
N LEU A 150 -4.68 7.92 10.32
CA LEU A 150 -4.63 8.57 11.66
C LEU A 150 -4.01 9.97 11.57
N GLN A 151 -2.87 10.05 10.85
CA GLN A 151 -2.18 11.32 10.58
C GLN A 151 -3.14 12.30 9.92
N LEU A 152 -3.78 11.84 8.82
CA LEU A 152 -4.64 12.66 7.95
C LEU A 152 -5.82 13.23 8.74
N THR A 153 -6.53 12.35 9.48
CA THR A 153 -7.73 12.74 10.21
C THR A 153 -7.39 13.80 11.27
N GLN A 154 -6.25 13.62 11.98
CA GLN A 154 -5.78 14.61 12.99
C GLN A 154 -5.25 15.90 12.31
N TRP A 155 -4.67 15.73 11.11
CA TRP A 155 -3.95 16.79 10.38
C TRP A 155 -4.91 17.80 9.73
N THR A 156 -6.09 17.33 9.30
CA THR A 156 -7.07 18.18 8.60
C THR A 156 -8.37 18.31 9.40
N GLN A 157 -8.86 17.20 9.97
CA GLN A 157 -10.07 17.19 10.83
C GLN A 157 -9.62 17.12 12.31
N LYS A 158 -10.61 16.92 13.20
CA LYS A 158 -10.39 16.61 14.63
C LYS A 158 -11.72 16.21 15.28
N VAL A 159 -12.55 15.53 14.49
CA VAL A 159 -13.82 14.96 14.95
C VAL A 159 -13.66 13.43 15.09
N ASP A 160 -13.31 12.99 16.30
CA ASP A 160 -13.01 11.58 16.61
C ASP A 160 -14.27 10.85 17.12
N LEU A 161 -15.46 11.41 16.79
CA LEU A 161 -16.75 10.92 17.31
C LEU A 161 -17.05 9.48 16.85
N ALA A 162 -17.47 8.65 17.80
CA ALA A 162 -17.88 7.26 17.57
C ALA A 162 -19.34 7.13 18.03
N LEU A 163 -20.13 6.38 17.26
CA LEU A 163 -21.58 6.21 17.53
C LEU A 163 -21.97 4.74 17.40
N LYS A 164 -23.15 4.43 17.93
CA LYS A 164 -23.75 3.10 17.87
C LYS A 164 -25.27 3.28 17.79
N SER A 165 -25.82 3.17 16.56
CA SER A 165 -27.23 3.47 16.24
C SER A 165 -28.21 2.61 17.07
N TRP A 166 -27.79 1.37 17.35
CA TRP A 166 -28.54 0.45 18.20
C TRP A 166 -27.53 -0.46 18.92
N MET A 1 11.49 28.19 5.62
CA MET A 1 10.63 27.57 4.58
C MET A 1 11.14 26.15 4.22
N THR A 2 12.46 25.90 4.43
CA THR A 2 13.14 24.65 4.03
C THR A 2 12.46 23.41 4.66
N SER A 3 12.01 23.56 5.91
CA SER A 3 11.34 22.49 6.68
C SER A 3 10.01 22.08 6.02
N THR A 4 9.23 23.09 5.57
CA THR A 4 7.95 22.89 4.89
C THR A 4 8.17 22.27 3.48
N VAL A 5 9.24 22.71 2.79
CA VAL A 5 9.64 22.18 1.47
C VAL A 5 9.98 20.68 1.57
N GLU A 6 10.68 20.30 2.67
CA GLU A 6 10.96 18.89 3.00
C GLU A 6 9.64 18.12 3.16
N PHE A 7 8.78 18.63 4.06
CA PHE A 7 7.48 18.03 4.42
C PHE A 7 6.62 17.71 3.18
N ILE A 8 6.48 18.71 2.29
CA ILE A 8 5.71 18.60 1.04
C ILE A 8 6.35 17.56 0.14
N ASN A 9 7.69 17.66 -0.07
CA ASN A 9 8.46 16.76 -0.98
C ASN A 9 8.47 15.30 -0.47
N ARG A 10 8.26 15.15 0.85
CA ARG A 10 8.17 13.83 1.50
C ARG A 10 6.80 13.19 1.21
N TRP A 11 5.74 14.02 1.27
CA TRP A 11 4.38 13.58 0.89
C TRP A 11 4.21 13.50 -0.64
N GLN A 12 5.06 14.22 -1.39
CA GLN A 12 5.16 14.11 -2.85
C GLN A 12 5.77 12.75 -3.17
N ARG A 13 6.84 12.37 -2.41
CA ARG A 13 7.47 11.06 -2.51
C ARG A 13 6.43 9.96 -2.39
N ILE A 14 5.73 9.93 -1.23
CA ILE A 14 4.79 8.83 -0.92
C ILE A 14 3.65 8.78 -1.94
N ALA A 15 2.99 9.94 -2.20
CA ALA A 15 1.81 10.00 -3.09
C ALA A 15 2.14 9.55 -4.53
N LEU A 16 3.25 10.09 -5.09
CA LEU A 16 3.65 9.82 -6.48
C LEU A 16 4.05 8.35 -6.66
N LEU A 17 4.94 7.82 -5.79
CA LEU A 17 5.46 6.45 -5.98
C LEU A 17 4.42 5.38 -5.56
N SER A 18 3.50 5.70 -4.61
CA SER A 18 2.39 4.79 -4.23
C SER A 18 1.41 4.65 -5.40
N GLN A 19 1.19 5.78 -6.10
CA GLN A 19 0.40 5.82 -7.35
C GLN A 19 1.10 4.98 -8.43
N SER A 20 2.42 5.14 -8.54
CA SER A 20 3.24 4.39 -9.50
C SER A 20 3.22 2.87 -9.20
N LEU A 21 3.06 2.51 -7.88
CA LEU A 21 2.97 1.10 -7.44
C LEU A 21 1.59 0.50 -7.71
N LEU A 22 0.53 1.33 -7.58
CA LEU A 22 -0.83 0.91 -7.92
C LEU A 22 -0.90 0.55 -9.41
N GLU A 23 -0.34 1.46 -10.23
CA GLU A 23 -0.14 1.24 -11.67
C GLU A 23 0.70 -0.03 -11.93
N LEU A 24 1.84 -0.13 -11.20
CA LEU A 24 2.88 -1.16 -11.39
C LEU A 24 2.27 -2.58 -11.27
N ALA A 25 1.42 -2.75 -10.25
CA ALA A 25 0.69 -4.00 -9.99
C ALA A 25 -0.38 -4.25 -11.07
N GLN A 26 -1.18 -3.19 -11.37
CA GLN A 26 -2.25 -3.22 -12.39
C GLN A 26 -1.73 -3.50 -13.82
N ARG A 27 -0.44 -3.17 -14.07
CA ARG A 27 0.21 -3.38 -15.38
C ARG A 27 0.91 -4.77 -15.44
N GLY A 28 0.72 -5.59 -14.38
CA GLY A 28 1.19 -6.98 -14.36
C GLY A 28 2.65 -7.16 -14.03
N GLU A 29 3.28 -6.09 -13.51
CA GLU A 29 4.74 -6.07 -13.22
C GLU A 29 5.01 -6.45 -11.75
N TRP A 30 4.32 -7.50 -11.29
CA TRP A 30 4.25 -7.92 -9.86
C TRP A 30 5.64 -8.13 -9.21
N ASP A 31 6.57 -8.67 -9.99
CA ASP A 31 7.96 -8.92 -9.57
C ASP A 31 8.66 -7.60 -9.22
N LEU A 32 8.58 -6.63 -10.17
CA LEU A 32 9.19 -5.29 -10.02
C LEU A 32 8.56 -4.54 -8.83
N LEU A 33 7.27 -4.85 -8.55
CA LEU A 33 6.54 -4.30 -7.40
C LEU A 33 7.20 -4.74 -6.09
N LEU A 34 7.49 -6.07 -6.00
CA LEU A 34 8.15 -6.66 -4.83
C LEU A 34 9.67 -6.30 -4.76
N GLN A 35 10.22 -5.81 -5.89
CA GLN A 35 11.57 -5.22 -5.94
C GLN A 35 11.52 -3.72 -5.52
N GLN A 36 10.32 -3.11 -5.60
CA GLN A 36 10.07 -1.74 -5.10
C GLN A 36 9.36 -1.77 -3.73
N GLU A 37 9.11 -3.00 -3.23
CA GLU A 37 8.62 -3.26 -1.87
C GLU A 37 9.47 -2.51 -0.82
N VAL A 38 10.74 -2.90 -0.68
CA VAL A 38 11.67 -2.34 0.31
C VAL A 38 11.90 -0.84 0.05
N SER A 39 11.96 -0.46 -1.24
CA SER A 39 12.08 0.95 -1.68
C SER A 39 10.95 1.82 -1.07
N TYR A 40 9.70 1.34 -1.26
CA TYR A 40 8.49 2.04 -0.79
C TYR A 40 8.44 2.07 0.72
N LEU A 41 8.43 0.86 1.32
CA LEU A 41 8.21 0.67 2.76
C LEU A 41 9.27 1.45 3.59
N GLN A 42 10.52 1.49 3.08
CA GLN A 42 11.60 2.27 3.70
C GLN A 42 11.31 3.79 3.61
N SER A 43 11.01 4.29 2.37
CA SER A 43 10.78 5.74 2.13
C SER A 43 9.55 6.27 2.91
N ILE A 44 8.45 5.49 2.90
CA ILE A 44 7.18 5.86 3.54
C ILE A 44 7.32 5.92 5.07
N GLU A 45 8.05 4.93 5.66
CA GLU A 45 8.33 4.90 7.10
C GLU A 45 9.18 6.11 7.50
N THR A 46 10.29 6.35 6.77
CA THR A 46 11.24 7.43 7.10
C THR A 46 10.59 8.83 7.04
N VAL A 47 9.62 9.02 6.12
CA VAL A 47 8.78 10.24 6.06
C VAL A 47 7.91 10.35 7.33
N MET A 48 7.20 9.26 7.69
CA MET A 48 6.27 9.25 8.84
C MET A 48 7.01 9.24 10.19
N GLU A 49 8.34 9.02 10.17
CA GLU A 49 9.21 9.18 11.36
C GLU A 49 9.56 10.68 11.58
N LYS A 50 9.54 11.47 10.48
CA LYS A 50 9.92 12.91 10.52
C LYS A 50 8.83 13.78 11.15
N GLN A 51 9.21 15.04 11.39
CA GLN A 51 8.37 16.04 12.07
C GLN A 51 7.55 16.85 11.05
N THR A 52 6.31 17.21 11.43
CA THR A 52 5.50 18.20 10.71
C THR A 52 5.89 19.62 11.20
N PRO A 53 6.41 20.50 10.29
CA PRO A 53 6.76 21.90 10.64
C PRO A 53 5.51 22.81 10.73
N PRO A 54 5.61 23.98 11.42
CA PRO A 54 4.60 25.05 11.32
C PRO A 54 4.89 26.00 10.13
N GLY A 55 4.14 27.10 10.03
CA GLY A 55 4.20 28.00 8.87
C GLY A 55 3.33 27.51 7.72
N ILE A 56 2.61 26.41 7.97
CA ILE A 56 1.76 25.73 6.97
C ILE A 56 0.57 26.63 6.59
N THR A 57 0.54 27.07 5.33
CA THR A 57 -0.58 27.85 4.78
C THR A 57 -1.75 26.90 4.47
N ARG A 58 -2.94 27.47 4.19
CA ARG A 58 -4.13 26.67 3.84
C ARG A 58 -3.91 25.95 2.50
N SER A 59 -3.11 26.59 1.60
CA SER A 59 -2.67 26.00 0.33
C SER A 59 -1.92 24.67 0.59
N ILE A 60 -0.94 24.73 1.52
CA ILE A 60 -0.12 23.56 1.89
C ILE A 60 -0.99 22.50 2.61
N GLN A 61 -1.93 22.97 3.44
CA GLN A 61 -2.82 22.11 4.24
C GLN A 61 -3.65 21.18 3.32
N ASP A 62 -4.28 21.79 2.30
CA ASP A 62 -5.18 21.07 1.35
C ASP A 62 -4.39 20.27 0.31
N MET A 63 -3.21 20.78 -0.09
CA MET A 63 -2.33 20.11 -1.06
C MET A 63 -1.76 18.80 -0.48
N VAL A 64 -1.16 18.92 0.72
CA VAL A 64 -0.67 17.78 1.51
C VAL A 64 -1.84 16.84 1.91
N ALA A 65 -3.03 17.42 2.20
CA ALA A 65 -4.25 16.64 2.47
C ALA A 65 -4.57 15.73 1.27
N GLY A 66 -4.43 16.31 0.05
CA GLY A 66 -4.63 15.59 -1.20
C GLY A 66 -3.57 14.53 -1.43
N TYR A 67 -2.31 14.79 -0.99
CA TYR A 67 -1.21 13.82 -1.07
C TYR A 67 -1.52 12.59 -0.23
N ILE A 68 -1.75 12.80 1.08
CA ILE A 68 -1.98 11.71 2.06
C ILE A 68 -3.23 10.90 1.66
N LYS A 69 -4.31 11.62 1.28
CA LYS A 69 -5.57 11.00 0.83
C LYS A 69 -5.35 10.16 -0.45
N GLN A 70 -4.47 10.66 -1.36
CA GLN A 70 -4.15 9.93 -2.60
C GLN A 70 -3.45 8.62 -2.26
N THR A 71 -2.54 8.64 -1.26
CA THR A 71 -1.81 7.44 -0.81
C THR A 71 -2.84 6.43 -0.26
N LEU A 72 -3.83 6.95 0.50
CA LEU A 72 -4.89 6.14 1.12
C LEU A 72 -5.64 5.33 0.05
N ASP A 73 -6.02 6.00 -1.05
CA ASP A 73 -6.71 5.39 -2.18
C ASP A 73 -5.79 4.41 -2.94
N ASN A 74 -4.53 4.85 -3.21
CA ASN A 74 -3.54 4.04 -3.98
C ASN A 74 -3.26 2.71 -3.30
N GLU A 75 -3.03 2.79 -1.98
CA GLU A 75 -2.71 1.65 -1.13
C GLU A 75 -3.93 0.73 -0.98
N GLN A 76 -5.12 1.28 -0.65
CA GLN A 76 -6.31 0.42 -0.36
C GLN A 76 -6.77 -0.34 -1.64
N LEU A 77 -6.65 0.33 -2.81
CA LEU A 77 -6.90 -0.29 -4.11
C LEU A 77 -5.83 -1.34 -4.42
N LEU A 78 -4.57 -1.05 -4.00
CA LEU A 78 -3.46 -2.01 -4.09
C LEU A 78 -3.76 -3.27 -3.25
N LYS A 79 -4.38 -3.10 -2.04
CA LYS A 79 -4.79 -4.25 -1.19
C LYS A 79 -5.85 -5.05 -1.94
N GLY A 80 -6.75 -4.32 -2.61
CA GLY A 80 -7.84 -4.90 -3.37
C GLY A 80 -7.36 -5.92 -4.40
N LEU A 81 -6.57 -5.47 -5.39
CA LEU A 81 -6.16 -6.36 -6.51
C LEU A 81 -4.99 -7.28 -6.13
N LEU A 82 -4.21 -6.93 -5.08
CA LEU A 82 -3.04 -7.75 -4.66
C LEU A 82 -3.46 -8.91 -3.76
N GLN A 83 -4.49 -8.69 -2.92
CA GLN A 83 -5.10 -9.77 -2.12
C GLN A 83 -5.93 -10.67 -3.06
N GLN A 84 -6.60 -10.03 -4.06
CA GLN A 84 -7.26 -10.75 -5.18
C GLN A 84 -6.23 -11.59 -5.95
N ARG A 85 -5.01 -11.03 -6.11
CA ARG A 85 -3.88 -11.71 -6.74
C ARG A 85 -3.42 -12.89 -5.87
N LEU A 86 -3.47 -12.73 -4.54
CA LEU A 86 -3.17 -13.83 -3.59
C LEU A 86 -4.20 -14.99 -3.73
N ASP A 87 -5.47 -14.64 -3.97
CA ASP A 87 -6.53 -15.65 -4.16
C ASP A 87 -6.28 -16.46 -5.45
N GLU A 88 -5.99 -15.76 -6.55
CA GLU A 88 -5.75 -16.43 -7.84
C GLU A 88 -4.39 -17.14 -7.86
N LEU A 89 -3.40 -16.62 -7.07
CA LEU A 89 -2.08 -17.26 -6.90
C LEU A 89 -2.21 -18.57 -6.11
N SER A 90 -3.07 -18.59 -5.09
CA SER A 90 -3.26 -19.79 -4.25
C SER A 90 -3.90 -20.92 -5.08
N SER A 91 -4.96 -20.55 -5.82
CA SER A 91 -5.70 -21.49 -6.68
C SER A 91 -4.87 -21.95 -7.90
N LEU A 92 -3.92 -21.10 -8.34
CA LEU A 92 -2.98 -21.40 -9.44
C LEU A 92 -1.85 -22.37 -9.01
N ILE A 93 -1.10 -21.93 -7.99
CA ILE A 93 0.19 -22.53 -7.57
C ILE A 93 -0.02 -23.88 -6.85
N GLY A 94 -1.05 -23.96 -6.00
CA GLY A 94 -1.33 -25.19 -5.26
C GLY A 94 -0.38 -25.46 -4.09
N GLN A 95 -0.86 -26.29 -3.14
CA GLN A 95 -0.13 -26.66 -1.90
C GLN A 95 0.09 -25.43 -1.01
N VAL A 96 -0.87 -25.16 -0.09
CA VAL A 96 -0.79 -24.02 0.85
C VAL A 96 0.50 -24.08 1.70
N LEU A 97 0.75 -25.24 2.32
CA LEU A 97 1.91 -25.45 3.17
C LEU A 97 2.65 -26.69 2.71
N PHE A 98 3.73 -27.00 3.44
CA PHE A 98 4.57 -28.21 3.26
C PHE A 98 5.34 -28.17 1.91
N GLN A 99 5.29 -27.01 1.24
CA GLN A 99 5.98 -26.74 -0.04
C GLN A 99 7.49 -26.56 0.20
N GLY A 100 7.81 -25.91 1.33
CA GLY A 100 9.18 -25.64 1.74
C GLY A 100 9.19 -24.90 3.07
N PRO A 101 8.78 -23.59 3.09
CA PRO A 101 8.58 -22.83 4.36
C PRO A 101 7.19 -23.11 4.99
N SER A 102 6.95 -22.46 6.13
CA SER A 102 5.69 -22.54 6.89
C SER A 102 5.55 -21.28 7.77
N ALA A 103 4.44 -21.19 8.51
CA ALA A 103 4.19 -20.07 9.44
C ALA A 103 5.04 -20.23 10.71
N GLY A 104 6.28 -19.68 10.66
CA GLY A 104 7.26 -19.80 11.76
C GLY A 104 7.97 -18.48 12.02
N LEU A 105 9.06 -18.23 11.27
CA LEU A 105 9.92 -17.04 11.44
C LEU A 105 9.31 -15.80 10.74
N VAL A 106 10.07 -14.68 10.78
CA VAL A 106 9.68 -13.39 10.17
C VAL A 106 9.43 -13.51 8.65
N PRO A 107 8.57 -12.64 8.04
CA PRO A 107 8.32 -12.65 6.57
C PRO A 107 9.45 -11.94 5.77
N ARG A 108 10.71 -12.30 6.09
CA ARG A 108 11.93 -11.82 5.41
C ARG A 108 12.76 -13.03 4.94
N GLY A 109 12.08 -14.18 4.73
CA GLY A 109 12.75 -15.42 4.32
C GLY A 109 13.52 -15.31 3.00
N SER A 110 12.79 -14.92 1.93
CA SER A 110 13.32 -14.69 0.56
C SER A 110 14.20 -15.87 0.04
N GLY A 111 13.55 -16.90 -0.54
CA GLY A 111 14.25 -18.12 -0.98
C GLY A 111 13.89 -18.54 -2.41
N GLY A 112 13.46 -17.55 -3.23
CA GLY A 112 13.02 -17.81 -4.61
C GLY A 112 11.72 -18.59 -4.69
N ILE A 113 11.25 -18.88 -5.93
CA ILE A 113 10.04 -19.71 -6.18
C ILE A 113 10.29 -20.62 -7.38
N GLU A 114 9.50 -21.70 -7.50
CA GLU A 114 9.53 -22.64 -8.64
C GLU A 114 8.37 -23.65 -8.56
N GLY A 115 7.98 -24.02 -7.30
CA GLY A 115 6.97 -25.04 -7.04
C GLY A 115 5.55 -24.65 -7.45
N SER A 116 5.26 -24.78 -8.76
CA SER A 116 3.95 -24.53 -9.38
C SER A 116 3.84 -25.43 -10.61
N ASN A 117 2.72 -26.15 -10.75
CA ASN A 117 2.53 -27.14 -11.84
C ASN A 117 1.88 -26.47 -13.07
N LEU A 118 0.55 -26.26 -13.04
CA LEU A 118 -0.23 -25.77 -14.23
C LEU A 118 -1.20 -24.65 -13.80
N ASN A 119 -2.33 -25.04 -13.16
CA ASN A 119 -3.44 -24.13 -12.83
C ASN A 119 -4.48 -24.88 -11.97
N THR A 120 -4.75 -26.15 -12.34
CA THR A 120 -5.74 -27.02 -11.67
C THR A 120 -5.09 -27.78 -10.48
N ASP A 121 -4.13 -27.11 -9.80
CA ASP A 121 -3.27 -27.74 -8.79
C ASP A 121 -4.06 -27.97 -7.48
N MET A 122 -4.22 -26.91 -6.67
CA MET A 122 -5.04 -26.92 -5.42
C MET A 122 -5.69 -25.54 -5.25
N GLY A 123 -6.76 -25.47 -4.44
CA GLY A 123 -7.47 -24.22 -4.17
C GLY A 123 -6.65 -23.22 -3.37
N ASN A 124 -5.73 -23.73 -2.54
CA ASN A 124 -4.79 -22.93 -1.74
C ASN A 124 -3.35 -23.31 -2.12
N GLY A 125 -2.46 -22.31 -2.10
CA GLY A 125 -1.10 -22.46 -2.62
C GLY A 125 -0.20 -21.29 -2.26
N ILE A 126 0.92 -21.58 -1.58
CA ILE A 126 1.91 -20.56 -1.16
C ILE A 126 3.27 -20.85 -1.83
N ALA A 127 3.58 -20.08 -2.88
CA ALA A 127 4.93 -20.02 -3.45
C ALA A 127 5.81 -19.21 -2.48
N SER A 128 6.99 -19.76 -2.15
CA SER A 128 7.80 -19.36 -0.99
C SER A 128 8.12 -17.84 -0.93
N ASN A 129 9.04 -17.34 -1.79
CA ASN A 129 9.48 -15.91 -1.77
C ASN A 129 8.32 -14.96 -2.14
N ARG A 130 7.49 -15.40 -3.10
CA ARG A 130 6.38 -14.62 -3.66
C ARG A 130 5.39 -14.20 -2.55
N TRP A 131 4.91 -15.20 -1.80
CA TRP A 131 3.93 -15.02 -0.70
C TRP A 131 4.59 -14.47 0.58
N ILE A 132 5.90 -14.72 0.80
CA ILE A 132 6.63 -14.11 1.93
C ILE A 132 6.64 -12.58 1.79
N ASN A 133 6.99 -12.14 0.56
CA ASN A 133 6.98 -10.74 0.15
C ASN A 133 5.57 -10.13 0.28
N TYR A 134 4.57 -10.79 -0.35
CA TYR A 134 3.18 -10.30 -0.39
C TYR A 134 2.52 -10.25 1.01
N GLN A 135 2.77 -11.26 1.85
CA GLN A 135 2.24 -11.32 3.23
C GLN A 135 2.75 -10.13 4.06
N GLN A 136 4.09 -9.93 4.00
CA GLN A 136 4.75 -8.78 4.60
C GLN A 136 4.22 -7.47 3.99
N PHE A 137 3.97 -7.50 2.66
CA PHE A 137 3.59 -6.33 1.88
C PHE A 137 2.25 -5.81 2.40
N ILE A 138 1.24 -6.70 2.46
CA ILE A 138 -0.09 -6.38 2.99
C ILE A 138 0.03 -5.80 4.41
N GLN A 139 0.73 -6.56 5.30
CA GLN A 139 0.84 -6.21 6.74
C GLN A 139 1.43 -4.80 6.95
N THR A 140 2.59 -4.54 6.32
CA THR A 140 3.33 -3.28 6.49
C THR A 140 2.55 -2.11 5.86
N LEU A 141 1.92 -2.38 4.70
CA LEU A 141 1.01 -1.43 4.05
C LEU A 141 -0.25 -1.12 4.89
N GLU A 142 -0.75 -2.12 5.66
CA GLU A 142 -1.93 -1.94 6.55
C GLU A 142 -1.57 -0.99 7.68
N LYS A 143 -0.35 -1.20 8.22
CA LYS A 143 0.25 -0.32 9.23
C LYS A 143 0.38 1.11 8.68
N ALA A 144 0.94 1.21 7.45
CA ALA A 144 1.16 2.49 6.76
C ALA A 144 -0.15 3.26 6.53
N ILE A 145 -1.23 2.51 6.20
CA ILE A 145 -2.60 3.06 6.07
C ILE A 145 -3.08 3.64 7.40
N GLU A 146 -2.92 2.88 8.50
CA GLU A 146 -3.34 3.31 9.86
C GLU A 146 -2.65 4.62 10.25
N GLN A 147 -1.30 4.66 10.07
CA GLN A 147 -0.48 5.82 10.45
C GLN A 147 -0.88 7.05 9.62
N HIS A 148 -1.17 6.80 8.32
CA HIS A 148 -1.61 7.84 7.37
C HIS A 148 -2.98 8.41 7.76
N ARG A 149 -3.95 7.53 8.12
CA ARG A 149 -5.34 7.93 8.41
C ARG A 149 -5.45 8.66 9.76
N LEU A 150 -4.69 8.19 10.77
CA LEU A 150 -4.62 8.82 12.09
C LEU A 150 -3.96 10.20 11.98
N GLN A 151 -2.86 10.26 11.19
CA GLN A 151 -2.14 11.52 10.92
C GLN A 151 -3.02 12.49 10.13
N LEU A 152 -3.72 11.98 9.09
CA LEU A 152 -4.53 12.79 8.15
C LEU A 152 -5.71 13.44 8.88
N THR A 153 -6.43 12.63 9.68
CA THR A 153 -7.60 13.10 10.43
C THR A 153 -7.15 14.15 11.47
N GLN A 154 -6.01 13.88 12.16
CA GLN A 154 -5.40 14.83 13.12
C GLN A 154 -4.95 16.13 12.41
N TRP A 155 -4.45 15.97 11.17
CA TRP A 155 -3.82 17.03 10.39
C TRP A 155 -4.84 17.98 9.75
N THR A 156 -6.02 17.46 9.36
CA THR A 156 -7.00 18.23 8.59
C THR A 156 -8.31 18.41 9.39
N GLN A 157 -8.93 17.30 9.84
CA GLN A 157 -10.29 17.32 10.40
C GLN A 157 -10.64 15.97 11.04
N LYS A 158 -10.51 15.92 12.37
CA LYS A 158 -10.91 14.74 13.17
C LYS A 158 -12.33 14.96 13.70
N VAL A 159 -13.30 14.65 12.82
CA VAL A 159 -14.73 14.73 13.13
C VAL A 159 -15.15 13.48 13.93
N ASP A 160 -15.67 13.71 15.14
CA ASP A 160 -16.23 12.64 15.99
C ASP A 160 -17.71 12.44 15.63
N LEU A 161 -18.11 11.17 15.48
CA LEU A 161 -19.49 10.78 15.13
C LEU A 161 -20.14 10.08 16.32
N ALA A 162 -21.40 10.46 16.63
CA ALA A 162 -22.19 9.85 17.71
C ALA A 162 -22.71 8.47 17.25
N LEU A 163 -21.85 7.45 17.40
CA LEU A 163 -22.13 6.06 16.95
C LEU A 163 -22.80 5.23 18.07
N LYS A 164 -23.53 4.19 17.65
CA LYS A 164 -24.16 3.20 18.55
C LYS A 164 -23.75 1.79 18.10
N SER A 165 -23.00 1.09 18.96
CA SER A 165 -22.60 -0.32 18.71
C SER A 165 -23.83 -1.23 18.83
N TRP A 166 -24.65 -0.96 19.88
CA TRP A 166 -25.92 -1.67 20.15
C TRP A 166 -27.04 -0.61 20.26
N MET A 1 11.10 28.09 5.55
CA MET A 1 10.82 27.73 4.14
C MET A 1 11.15 26.25 3.90
N THR A 2 12.43 25.89 4.14
CA THR A 2 12.98 24.54 3.84
C THR A 2 12.20 23.42 4.54
N SER A 3 11.76 23.70 5.78
CA SER A 3 10.93 22.77 6.57
C SER A 3 9.63 22.40 5.81
N THR A 4 8.95 23.44 5.28
CA THR A 4 7.73 23.30 4.49
C THR A 4 8.00 22.55 3.16
N VAL A 5 9.10 22.93 2.47
CA VAL A 5 9.50 22.35 1.17
C VAL A 5 9.71 20.83 1.28
N GLU A 6 10.44 20.42 2.33
CA GLU A 6 10.76 19.00 2.58
C GLU A 6 9.51 18.22 3.00
N PHE A 7 8.65 18.85 3.83
CA PHE A 7 7.38 18.25 4.27
C PHE A 7 6.50 17.82 3.05
N ILE A 8 6.28 18.80 2.14
CA ILE A 8 5.53 18.58 0.90
C ILE A 8 6.25 17.55 0.02
N ASN A 9 7.60 17.69 -0.08
CA ASN A 9 8.48 16.82 -0.91
C ASN A 9 8.40 15.34 -0.49
N ARG A 10 8.28 15.11 0.83
CA ARG A 10 8.20 13.75 1.39
C ARG A 10 6.83 13.15 1.09
N TRP A 11 5.77 13.97 1.24
CA TRP A 11 4.40 13.55 0.89
C TRP A 11 4.20 13.47 -0.64
N GLN A 12 5.05 14.18 -1.44
CA GLN A 12 5.09 14.01 -2.91
C GLN A 12 5.56 12.60 -3.19
N ARG A 13 6.71 12.27 -2.57
CA ARG A 13 7.38 10.99 -2.71
C ARG A 13 6.38 9.86 -2.44
N ILE A 14 5.70 9.87 -1.28
CA ILE A 14 4.74 8.81 -0.90
C ILE A 14 3.50 8.77 -1.84
N ALA A 15 2.92 9.96 -2.14
CA ALA A 15 1.67 10.08 -2.94
C ALA A 15 1.86 9.51 -4.36
N LEU A 16 2.83 10.13 -5.07
CA LEU A 16 3.17 9.76 -6.46
C LEU A 16 3.69 8.31 -6.54
N LEU A 17 4.44 7.87 -5.51
CA LEU A 17 4.97 6.47 -5.37
C LEU A 17 3.84 5.42 -5.34
N SER A 18 2.88 5.60 -4.41
CA SER A 18 1.77 4.65 -4.19
C SER A 18 0.87 4.57 -5.43
N GLN A 19 0.68 5.73 -6.09
CA GLN A 19 -0.06 5.83 -7.34
C GLN A 19 0.67 5.08 -8.48
N SER A 20 2.00 5.26 -8.51
CA SER A 20 2.89 4.58 -9.46
C SER A 20 2.84 3.05 -9.25
N LEU A 21 2.78 2.64 -7.97
CA LEU A 21 2.77 1.21 -7.57
C LEU A 21 1.40 0.59 -7.81
N LEU A 22 0.34 1.41 -7.71
CA LEU A 22 -1.03 0.97 -8.02
C LEU A 22 -1.10 0.58 -9.50
N GLU A 23 -0.63 1.48 -10.38
CA GLU A 23 -0.54 1.25 -11.84
C GLU A 23 0.41 0.07 -12.17
N LEU A 24 1.54 0.03 -11.46
CA LEU A 24 2.63 -0.94 -11.67
C LEU A 24 2.11 -2.38 -11.41
N ALA A 25 1.29 -2.50 -10.37
CA ALA A 25 0.58 -3.73 -10.02
C ALA A 25 -0.41 -4.13 -11.13
N GLN A 26 -1.33 -3.19 -11.48
CA GLN A 26 -2.38 -3.38 -12.56
C GLN A 26 -1.79 -3.96 -13.87
N ARG A 27 -0.64 -3.42 -14.28
CA ARG A 27 -0.02 -3.71 -15.59
C ARG A 27 0.78 -5.02 -15.61
N GLY A 28 0.75 -5.75 -14.48
CA GLY A 28 1.33 -7.09 -14.42
C GLY A 28 2.82 -7.10 -14.09
N GLU A 29 3.34 -5.96 -13.59
CA GLU A 29 4.77 -5.81 -13.22
C GLU A 29 4.97 -6.20 -11.73
N TRP A 30 4.34 -7.31 -11.34
CA TRP A 30 4.21 -7.77 -9.93
C TRP A 30 5.56 -8.04 -9.25
N ASP A 31 6.53 -8.51 -10.03
CA ASP A 31 7.90 -8.78 -9.54
C ASP A 31 8.64 -7.47 -9.27
N LEU A 32 8.46 -6.50 -10.20
CA LEU A 32 8.99 -5.13 -10.06
C LEU A 32 8.35 -4.45 -8.82
N LEU A 33 7.08 -4.84 -8.52
CA LEU A 33 6.35 -4.32 -7.35
C LEU A 33 6.99 -4.85 -6.04
N LEU A 34 7.36 -6.16 -6.04
CA LEU A 34 8.05 -6.80 -4.90
C LEU A 34 9.47 -6.23 -4.69
N GLN A 35 10.07 -5.72 -5.78
CA GLN A 35 11.34 -4.98 -5.72
C GLN A 35 11.12 -3.61 -5.04
N GLN A 36 10.10 -2.87 -5.54
CA GLN A 36 9.75 -1.53 -5.04
C GLN A 36 8.96 -1.57 -3.72
N GLU A 37 8.68 -2.79 -3.24
CA GLU A 37 8.13 -3.04 -1.90
C GLU A 37 9.04 -2.43 -0.83
N VAL A 38 10.34 -2.78 -0.91
CA VAL A 38 11.37 -2.34 0.02
C VAL A 38 11.42 -0.81 0.07
N SER A 39 11.46 -0.16 -1.12
CA SER A 39 11.55 1.30 -1.25
C SER A 39 10.25 2.00 -0.76
N TYR A 40 9.07 1.34 -0.97
CA TYR A 40 7.76 1.89 -0.54
C TYR A 40 7.71 1.95 0.98
N LEU A 41 7.78 0.77 1.59
CA LEU A 41 7.64 0.57 3.02
C LEU A 41 8.71 1.36 3.82
N GLN A 42 9.95 1.38 3.27
CA GLN A 42 11.06 2.17 3.83
C GLN A 42 10.68 3.67 3.88
N SER A 43 10.39 4.25 2.70
CA SER A 43 10.12 5.70 2.57
C SER A 43 8.90 6.15 3.40
N ILE A 44 7.80 5.36 3.30
CA ILE A 44 6.51 5.72 3.92
C ILE A 44 6.63 5.78 5.46
N GLU A 45 7.34 4.78 6.04
CA GLU A 45 7.65 4.74 7.48
C GLU A 45 8.51 5.95 7.87
N THR A 46 9.65 6.12 7.17
CA THR A 46 10.68 7.12 7.50
C THR A 46 10.17 8.57 7.39
N VAL A 47 9.10 8.79 6.59
CA VAL A 47 8.42 10.09 6.52
C VAL A 47 7.45 10.27 7.70
N MET A 48 6.61 9.23 7.96
CA MET A 48 5.60 9.27 9.06
C MET A 48 6.26 9.25 10.46
N GLU A 49 7.58 8.97 10.50
CA GLU A 49 8.39 9.08 11.73
C GLU A 49 8.64 10.55 12.13
N LYS A 50 8.65 11.46 11.13
CA LYS A 50 8.85 12.91 11.36
C LYS A 50 7.53 13.60 11.73
N GLN A 51 7.66 14.75 12.41
CA GLN A 51 6.52 15.62 12.78
C GLN A 51 6.25 16.64 11.66
N THR A 52 5.02 17.18 11.60
CA THR A 52 4.69 18.32 10.75
C THR A 52 5.38 19.61 11.26
N PRO A 53 6.29 20.24 10.45
CA PRO A 53 6.94 21.52 10.81
C PRO A 53 6.02 22.75 10.55
N PRO A 54 6.33 23.95 11.11
CA PRO A 54 5.55 25.19 10.84
C PRO A 54 5.87 25.79 9.45
N GLY A 55 5.11 26.84 9.09
CA GLY A 55 5.22 27.50 7.78
C GLY A 55 4.20 26.96 6.78
N ILE A 56 3.13 26.36 7.31
CA ILE A 56 2.07 25.74 6.51
C ILE A 56 0.89 26.72 6.34
N THR A 57 0.60 27.09 5.08
CA THR A 57 -0.57 27.92 4.72
C THR A 57 -1.75 27.00 4.35
N ARG A 58 -2.90 27.61 3.97
CA ARG A 58 -4.07 26.88 3.49
C ARG A 58 -3.73 26.09 2.21
N SER A 59 -3.00 26.74 1.29
CA SER A 59 -2.55 26.12 0.02
C SER A 59 -1.65 24.90 0.30
N ILE A 60 -0.75 25.05 1.28
CA ILE A 60 0.21 24.00 1.65
C ILE A 60 -0.51 22.79 2.28
N GLN A 61 -1.39 23.05 3.28
CA GLN A 61 -2.05 21.97 4.03
C GLN A 61 -3.02 21.18 3.14
N ASP A 62 -3.70 21.87 2.19
CA ASP A 62 -4.65 21.25 1.25
C ASP A 62 -3.93 20.41 0.20
N MET A 63 -2.77 20.92 -0.29
CA MET A 63 -1.92 20.19 -1.26
C MET A 63 -1.37 18.89 -0.63
N VAL A 64 -0.77 19.04 0.56
CA VAL A 64 -0.29 17.91 1.39
C VAL A 64 -1.43 16.94 1.73
N ALA A 65 -2.60 17.49 2.12
CA ALA A 65 -3.79 16.69 2.47
C ALA A 65 -4.25 15.87 1.26
N GLY A 66 -4.13 16.50 0.06
CA GLY A 66 -4.45 15.84 -1.19
C GLY A 66 -3.46 14.73 -1.53
N TYR A 67 -2.18 14.93 -1.14
CA TYR A 67 -1.13 13.91 -1.29
C TYR A 67 -1.42 12.69 -0.41
N ILE A 68 -1.69 12.94 0.90
CA ILE A 68 -1.89 11.87 1.88
C ILE A 68 -3.18 11.10 1.55
N LYS A 69 -4.23 11.83 1.16
CA LYS A 69 -5.53 11.27 0.75
C LYS A 69 -5.36 10.45 -0.55
N GLN A 70 -4.49 10.95 -1.46
CA GLN A 70 -4.15 10.28 -2.73
C GLN A 70 -3.60 8.88 -2.44
N THR A 71 -2.59 8.84 -1.56
CA THR A 71 -1.91 7.60 -1.18
C THR A 71 -2.75 6.75 -0.20
N LEU A 72 -3.76 7.36 0.48
CA LEU A 72 -4.75 6.58 1.28
C LEU A 72 -5.51 5.64 0.35
N ASP A 73 -6.10 6.27 -0.68
CA ASP A 73 -6.86 5.58 -1.73
C ASP A 73 -5.96 4.58 -2.48
N ASN A 74 -4.83 5.05 -3.01
CA ASN A 74 -3.93 4.22 -3.84
C ASN A 74 -3.38 3.02 -3.09
N GLU A 75 -3.17 3.16 -1.76
CA GLU A 75 -2.65 2.07 -0.94
C GLU A 75 -3.76 1.05 -0.59
N GLN A 76 -5.01 1.53 -0.35
CA GLN A 76 -6.14 0.63 -0.05
C GLN A 76 -6.62 -0.10 -1.33
N LEU A 77 -6.38 0.53 -2.48
CA LEU A 77 -6.66 -0.07 -3.80
C LEU A 77 -5.53 -1.02 -4.18
N LEU A 78 -4.29 -0.71 -3.70
CA LEU A 78 -3.16 -1.64 -3.79
C LEU A 78 -3.46 -2.88 -2.92
N LYS A 79 -4.10 -2.69 -1.75
CA LYS A 79 -4.63 -3.81 -0.92
C LYS A 79 -5.58 -4.66 -1.77
N GLY A 80 -6.51 -3.96 -2.44
CA GLY A 80 -7.53 -4.60 -3.27
C GLY A 80 -6.97 -5.56 -4.32
N LEU A 81 -6.17 -5.05 -5.28
CA LEU A 81 -5.73 -5.88 -6.43
C LEU A 81 -4.52 -6.78 -6.08
N LEU A 82 -3.72 -6.39 -5.06
CA LEU A 82 -2.56 -7.21 -4.63
C LEU A 82 -3.05 -8.43 -3.85
N GLN A 83 -4.04 -8.22 -2.97
CA GLN A 83 -4.67 -9.33 -2.24
C GLN A 83 -5.46 -10.19 -3.22
N GLN A 84 -6.09 -9.55 -4.24
CA GLN A 84 -6.74 -10.28 -5.36
C GLN A 84 -5.70 -11.16 -6.08
N ARG A 85 -4.50 -10.60 -6.27
CA ARG A 85 -3.36 -11.30 -6.87
C ARG A 85 -2.95 -12.48 -6.00
N LEU A 86 -3.00 -12.30 -4.66
CA LEU A 86 -2.71 -13.38 -3.71
C LEU A 86 -3.75 -14.50 -3.81
N ASP A 87 -5.02 -14.12 -4.09
CA ASP A 87 -6.12 -15.09 -4.32
C ASP A 87 -5.81 -15.97 -5.54
N GLU A 88 -5.34 -15.29 -6.60
CA GLU A 88 -4.97 -15.91 -7.88
C GLU A 88 -3.72 -16.78 -7.70
N LEU A 89 -2.73 -16.28 -6.93
CA LEU A 89 -1.45 -16.96 -6.67
C LEU A 89 -1.65 -18.20 -5.80
N SER A 90 -2.64 -18.13 -4.89
CA SER A 90 -2.94 -19.24 -3.98
C SER A 90 -3.67 -20.36 -4.73
N SER A 91 -4.67 -19.99 -5.56
CA SER A 91 -5.44 -20.96 -6.38
C SER A 91 -4.60 -21.52 -7.55
N LEU A 92 -3.56 -20.78 -7.97
CA LEU A 92 -2.67 -21.17 -9.08
C LEU A 92 -1.50 -22.04 -8.56
N ILE A 93 -0.64 -21.43 -7.74
CA ILE A 93 0.58 -22.07 -7.21
C ILE A 93 0.21 -23.15 -6.16
N GLY A 94 -0.89 -22.90 -5.42
CA GLY A 94 -1.35 -23.85 -4.40
C GLY A 94 -0.59 -23.68 -3.10
N GLN A 95 -0.25 -24.83 -2.47
CA GLN A 95 0.61 -24.91 -1.28
C GLN A 95 -0.05 -24.26 -0.05
N VAL A 96 0.68 -24.21 1.08
CA VAL A 96 0.25 -23.48 2.30
C VAL A 96 1.42 -23.41 3.29
N LEU A 97 2.02 -24.56 3.58
CA LEU A 97 3.07 -24.68 4.59
C LEU A 97 4.20 -25.55 4.08
N PHE A 98 5.17 -25.80 4.97
CA PHE A 98 6.41 -26.56 4.69
C PHE A 98 7.25 -25.83 3.61
N GLN A 99 7.02 -24.50 3.54
CA GLN A 99 7.65 -23.59 2.56
C GLN A 99 8.71 -22.72 3.24
N GLY A 100 9.54 -22.04 2.43
CA GLY A 100 10.65 -21.23 2.93
C GLY A 100 10.49 -19.74 2.60
N PRO A 101 10.95 -18.82 3.51
CA PRO A 101 10.88 -17.35 3.26
C PRO A 101 11.86 -16.87 2.16
N SER A 102 11.49 -15.76 1.49
CA SER A 102 12.31 -15.10 0.47
C SER A 102 12.83 -13.75 0.98
N ALA A 103 13.91 -13.24 0.36
CA ALA A 103 14.56 -11.97 0.75
C ALA A 103 15.13 -11.27 -0.49
N GLY A 104 14.87 -9.95 -0.60
CA GLY A 104 15.35 -9.15 -1.74
C GLY A 104 15.39 -7.66 -1.41
N LEU A 105 16.37 -6.95 -1.98
CA LEU A 105 16.52 -5.48 -1.86
C LEU A 105 17.03 -4.90 -3.18
N VAL A 106 16.48 -3.75 -3.60
CA VAL A 106 16.89 -3.04 -4.84
C VAL A 106 16.98 -1.52 -4.57
N PRO A 107 17.67 -0.74 -5.46
CA PRO A 107 17.55 0.73 -5.50
C PRO A 107 16.12 1.18 -5.90
N ARG A 108 15.76 2.42 -5.53
CA ARG A 108 14.42 2.98 -5.82
C ARG A 108 14.26 3.31 -7.33
N GLY A 109 13.00 3.44 -7.75
CA GLY A 109 12.66 3.74 -9.14
C GLY A 109 11.14 3.76 -9.32
N SER A 110 10.53 4.92 -9.04
CA SER A 110 9.06 5.08 -9.07
C SER A 110 8.62 5.78 -10.37
N GLY A 111 7.50 5.32 -10.94
CA GLY A 111 6.96 5.88 -12.18
C GLY A 111 5.67 5.17 -12.61
N GLY A 112 4.60 5.95 -12.79
CA GLY A 112 3.30 5.43 -13.21
C GLY A 112 2.29 6.56 -13.38
N ILE A 113 1.13 6.22 -13.96
CA ILE A 113 0.05 7.20 -14.28
C ILE A 113 -0.97 7.23 -13.09
N GLU A 114 -2.25 7.67 -13.29
CA GLU A 114 -3.17 7.96 -12.15
C GLU A 114 -4.61 7.46 -12.40
N GLY A 115 -5.35 7.31 -11.28
CA GLY A 115 -6.81 7.14 -11.31
C GLY A 115 -7.27 5.76 -11.80
N SER A 116 -7.23 4.76 -10.91
CA SER A 116 -7.73 3.39 -11.17
C SER A 116 -8.04 2.68 -9.84
N ASN A 117 -8.72 1.51 -9.93
CA ASN A 117 -9.04 0.68 -8.75
C ASN A 117 -9.35 -0.76 -9.17
N LEU A 118 -9.23 -1.71 -8.23
CA LEU A 118 -9.55 -3.13 -8.44
C LEU A 118 -9.63 -3.83 -7.07
N ASN A 119 -10.65 -4.69 -6.89
CA ASN A 119 -11.01 -5.30 -5.57
C ASN A 119 -10.53 -6.74 -5.46
N THR A 120 -10.50 -7.25 -4.20
CA THR A 120 -10.10 -8.64 -3.87
C THR A 120 -11.34 -9.51 -3.55
N ASP A 121 -11.15 -10.85 -3.59
CA ASP A 121 -12.20 -11.84 -3.30
C ASP A 121 -11.86 -12.62 -2.01
N MET A 122 -10.95 -13.65 -2.11
CA MET A 122 -10.52 -14.50 -0.95
C MET A 122 -9.43 -15.50 -1.38
N GLY A 123 -8.33 -15.58 -0.59
CA GLY A 123 -7.19 -16.46 -0.90
C GLY A 123 -7.19 -17.73 -0.07
N ASN A 124 -6.69 -18.84 -0.66
CA ASN A 124 -6.58 -20.14 0.04
C ASN A 124 -5.32 -20.87 -0.48
N GLY A 125 -4.21 -20.70 0.23
CA GLY A 125 -2.91 -21.27 -0.15
C GLY A 125 -1.79 -20.26 0.03
N ILE A 126 -0.54 -20.75 0.17
CA ILE A 126 0.63 -19.89 0.47
C ILE A 126 1.85 -20.37 -0.36
N ALA A 127 2.23 -19.57 -1.37
CA ALA A 127 3.45 -19.80 -2.18
C ALA A 127 4.69 -19.27 -1.42
N SER A 128 5.82 -19.97 -1.54
CA SER A 128 7.06 -19.64 -0.80
C SER A 128 7.52 -18.18 -1.09
N ASN A 129 8.06 -17.94 -2.30
CA ASN A 129 8.61 -16.63 -2.69
C ASN A 129 7.52 -15.55 -2.73
N ARG A 130 6.44 -15.84 -3.49
CA ARG A 130 5.36 -14.87 -3.74
C ARG A 130 4.64 -14.49 -2.44
N TRP A 131 4.04 -15.48 -1.74
CA TRP A 131 3.18 -15.19 -0.58
C TRP A 131 3.99 -14.71 0.63
N ILE A 132 5.28 -15.11 0.79
CA ILE A 132 6.14 -14.54 1.87
C ILE A 132 6.47 -13.07 1.60
N ASN A 133 6.94 -12.77 0.37
CA ASN A 133 7.37 -11.39 -0.01
C ASN A 133 6.16 -10.44 0.12
N TYR A 134 5.02 -10.88 -0.46
CA TYR A 134 3.73 -10.17 -0.37
C TYR A 134 3.16 -10.18 1.06
N GLN A 135 3.50 -11.18 1.89
CA GLN A 135 3.12 -11.19 3.33
C GLN A 135 3.81 -10.02 4.07
N GLN A 136 5.07 -9.75 3.70
CA GLN A 136 5.83 -8.60 4.25
C GLN A 136 5.23 -7.29 3.72
N PHE A 137 4.82 -7.32 2.43
CA PHE A 137 4.13 -6.20 1.76
C PHE A 137 2.87 -5.85 2.56
N ILE A 138 1.92 -6.82 2.69
CA ILE A 138 0.60 -6.61 3.33
C ILE A 138 0.73 -6.24 4.82
N GLN A 139 1.70 -6.89 5.52
CA GLN A 139 1.93 -6.66 6.95
C GLN A 139 2.27 -5.17 7.21
N THR A 140 3.28 -4.69 6.47
CA THR A 140 3.78 -3.33 6.60
C THR A 140 2.84 -2.33 5.87
N LEU A 141 2.02 -2.82 4.91
CA LEU A 141 0.93 -2.01 4.29
C LEU A 141 -0.20 -1.81 5.31
N GLU A 142 -0.43 -2.80 6.18
CA GLU A 142 -1.53 -2.76 7.18
C GLU A 142 -1.17 -1.72 8.25
N LYS A 143 0.10 -1.80 8.70
CA LYS A 143 0.69 -0.80 9.60
C LYS A 143 0.69 0.58 8.95
N ALA A 144 1.09 0.64 7.67
CA ALA A 144 1.22 1.89 6.91
C ALA A 144 -0.13 2.59 6.75
N ILE A 145 -1.17 1.85 6.25
CA ILE A 145 -2.51 2.41 5.95
C ILE A 145 -3.21 2.89 7.24
N GLU A 146 -3.03 2.14 8.36
CA GLU A 146 -3.59 2.53 9.67
C GLU A 146 -2.97 3.87 10.09
N GLN A 147 -1.62 3.89 10.22
CA GLN A 147 -0.84 5.09 10.59
C GLN A 147 -1.12 6.25 9.62
N HIS A 148 -1.37 5.93 8.35
CA HIS A 148 -1.55 6.89 7.26
C HIS A 148 -2.84 7.70 7.47
N ARG A 149 -3.93 6.96 7.75
CA ARG A 149 -5.25 7.53 8.03
C ARG A 149 -5.24 8.30 9.34
N LEU A 150 -4.48 7.80 10.34
CA LEU A 150 -4.34 8.43 11.66
C LEU A 150 -3.65 9.81 11.52
N GLN A 151 -2.52 9.84 10.77
CA GLN A 151 -1.77 11.09 10.53
C GLN A 151 -2.62 12.10 9.76
N LEU A 152 -3.29 11.61 8.68
CA LEU A 152 -4.14 12.45 7.81
C LEU A 152 -5.27 13.10 8.59
N THR A 153 -6.04 12.26 9.34
CA THR A 153 -7.24 12.73 10.04
C THR A 153 -6.85 13.73 11.13
N GLN A 154 -5.77 13.47 11.89
CA GLN A 154 -5.30 14.39 12.95
C GLN A 154 -4.74 15.70 12.36
N TRP A 155 -4.18 15.60 11.15
CA TRP A 155 -3.58 16.75 10.42
C TRP A 155 -4.67 17.68 9.87
N THR A 156 -5.77 17.12 9.35
CA THR A 156 -6.81 17.91 8.67
C THR A 156 -8.05 18.09 9.57
N GLN A 157 -8.62 16.97 10.03
CA GLN A 157 -9.87 16.93 10.82
C GLN A 157 -9.55 16.81 12.32
N LYS A 158 -9.43 15.55 12.82
CA LYS A 158 -9.05 15.22 14.22
C LYS A 158 -9.12 13.69 14.41
N VAL A 159 -10.29 13.12 14.08
CA VAL A 159 -10.56 11.68 14.22
C VAL A 159 -11.63 11.25 13.17
N ASP A 160 -11.38 10.13 12.49
CA ASP A 160 -12.34 9.51 11.56
C ASP A 160 -13.05 8.35 12.27
N LEU A 161 -14.36 8.51 12.49
CA LEU A 161 -15.20 7.56 13.24
C LEU A 161 -16.44 7.20 12.42
N ALA A 162 -16.99 6.01 12.63
CA ALA A 162 -18.17 5.51 11.91
C ALA A 162 -19.24 5.05 12.89
N LEU A 163 -20.43 5.65 12.81
CA LEU A 163 -21.60 5.27 13.63
C LEU A 163 -22.68 4.66 12.72
N LYS A 164 -23.09 3.43 13.03
CA LYS A 164 -24.04 2.64 12.23
C LYS A 164 -24.50 1.43 13.06
N SER A 165 -25.83 1.23 13.12
CA SER A 165 -26.44 0.10 13.82
C SER A 165 -26.57 -1.09 12.84
N TRP A 166 -27.34 -0.89 11.76
CA TRP A 166 -27.52 -1.88 10.67
C TRP A 166 -28.25 -1.21 9.48
N MET A 1 11.34 28.61 4.19
CA MET A 1 10.49 27.79 3.29
C MET A 1 11.02 26.35 3.14
N THR A 2 12.34 26.14 3.37
CA THR A 2 13.02 24.85 3.12
C THR A 2 12.35 23.68 3.89
N SER A 3 11.99 23.96 5.15
CA SER A 3 11.34 22.99 6.05
C SER A 3 9.94 22.59 5.50
N THR A 4 9.16 23.61 5.09
CA THR A 4 7.82 23.43 4.48
C THR A 4 7.93 22.58 3.19
N VAL A 5 8.94 22.91 2.36
CA VAL A 5 9.22 22.22 1.09
C VAL A 5 9.57 20.75 1.33
N GLU A 6 10.32 20.48 2.42
CA GLU A 6 10.69 19.11 2.84
C GLU A 6 9.43 18.28 3.15
N PHE A 7 8.54 18.89 3.96
CA PHE A 7 7.27 18.27 4.39
C PHE A 7 6.41 17.86 3.16
N ILE A 8 6.19 18.84 2.25
CA ILE A 8 5.41 18.67 1.02
C ILE A 8 6.04 17.60 0.11
N ASN A 9 7.36 17.75 -0.13
CA ASN A 9 8.16 16.89 -1.05
C ASN A 9 8.14 15.43 -0.60
N ARG A 10 8.17 15.21 0.72
CA ARG A 10 8.12 13.87 1.32
C ARG A 10 6.72 13.24 1.17
N TRP A 11 5.67 14.08 1.28
CA TRP A 11 4.28 13.64 1.01
C TRP A 11 4.03 13.42 -0.49
N GLN A 12 4.74 14.18 -1.34
CA GLN A 12 4.72 14.01 -2.82
C GLN A 12 5.47 12.74 -3.20
N ARG A 13 6.51 12.43 -2.39
CA ARG A 13 7.36 11.23 -2.55
C ARG A 13 6.43 10.01 -2.41
N ILE A 14 5.72 9.92 -1.26
CA ILE A 14 4.79 8.80 -0.97
C ILE A 14 3.62 8.75 -1.99
N ALA A 15 3.04 9.95 -2.30
CA ALA A 15 1.86 10.06 -3.20
C ALA A 15 2.15 9.47 -4.59
N LEU A 16 3.23 9.97 -5.21
CA LEU A 16 3.65 9.60 -6.58
C LEU A 16 4.25 8.17 -6.62
N LEU A 17 4.84 7.76 -5.49
CA LEU A 17 5.42 6.41 -5.30
C LEU A 17 4.33 5.33 -5.32
N SER A 18 3.36 5.44 -4.38
CA SER A 18 2.22 4.51 -4.25
C SER A 18 1.30 4.57 -5.49
N GLN A 19 1.30 5.75 -6.14
CA GLN A 19 0.62 5.97 -7.44
C GLN A 19 1.21 5.04 -8.50
N SER A 20 2.55 5.14 -8.65
CA SER A 20 3.32 4.34 -9.61
C SER A 20 3.18 2.83 -9.32
N LEU A 21 3.10 2.48 -8.02
CA LEU A 21 3.02 1.08 -7.56
C LEU A 21 1.63 0.47 -7.83
N LEU A 22 0.58 1.31 -7.69
CA LEU A 22 -0.79 0.91 -8.03
C LEU A 22 -0.85 0.55 -9.53
N GLU A 23 -0.39 1.51 -10.36
CA GLU A 23 -0.31 1.35 -11.84
C GLU A 23 0.57 0.15 -12.22
N LEU A 24 1.67 -0.03 -11.47
CA LEU A 24 2.72 -1.03 -11.75
C LEU A 24 2.13 -2.44 -11.66
N ALA A 25 1.42 -2.69 -10.54
CA ALA A 25 0.76 -3.95 -10.26
C ALA A 25 -0.40 -4.22 -11.24
N GLN A 26 -1.16 -3.16 -11.59
CA GLN A 26 -2.24 -3.21 -12.61
C GLN A 26 -1.70 -3.64 -13.99
N ARG A 27 -0.50 -3.15 -14.33
CA ARG A 27 0.18 -3.46 -15.61
C ARG A 27 0.78 -4.88 -15.59
N GLY A 28 0.95 -5.45 -14.39
CA GLY A 28 1.43 -6.81 -14.21
C GLY A 28 2.92 -6.89 -13.87
N GLU A 29 3.51 -5.74 -13.48
CA GLU A 29 4.93 -5.66 -13.09
C GLU A 29 5.03 -5.97 -11.57
N TRP A 30 4.62 -7.20 -11.23
CA TRP A 30 4.50 -7.70 -9.85
C TRP A 30 5.87 -7.97 -9.22
N ASP A 31 6.80 -8.47 -10.05
CA ASP A 31 8.20 -8.69 -9.66
C ASP A 31 8.86 -7.35 -9.28
N LEU A 32 8.66 -6.34 -10.15
CA LEU A 32 9.22 -4.99 -9.97
C LEU A 32 8.60 -4.34 -8.71
N LEU A 33 7.33 -4.71 -8.43
CA LEU A 33 6.59 -4.24 -7.25
C LEU A 33 7.24 -4.77 -5.95
N LEU A 34 7.60 -6.07 -5.96
CA LEU A 34 8.29 -6.72 -4.82
C LEU A 34 9.74 -6.22 -4.67
N GLN A 35 10.33 -5.72 -5.77
CA GLN A 35 11.65 -5.04 -5.73
C GLN A 35 11.51 -3.61 -5.14
N GLN A 36 10.34 -2.98 -5.38
CA GLN A 36 10.01 -1.65 -4.82
C GLN A 36 9.30 -1.75 -3.46
N GLU A 37 9.02 -3.00 -3.01
CA GLU A 37 8.48 -3.30 -1.66
C GLU A 37 9.31 -2.60 -0.55
N VAL A 38 10.62 -2.90 -0.51
CA VAL A 38 11.56 -2.37 0.51
C VAL A 38 11.65 -0.84 0.44
N SER A 39 11.80 -0.32 -0.79
CA SER A 39 11.90 1.14 -1.07
C SER A 39 10.65 1.90 -0.56
N TYR A 40 9.48 1.31 -0.85
CA TYR A 40 8.17 1.88 -0.49
C TYR A 40 8.03 1.98 1.02
N LEU A 41 8.06 0.80 1.67
CA LEU A 41 7.83 0.65 3.12
C LEU A 41 8.80 1.51 3.94
N GLN A 42 10.09 1.54 3.51
CA GLN A 42 11.12 2.36 4.16
C GLN A 42 10.76 3.86 4.11
N SER A 43 10.55 4.38 2.88
CA SER A 43 10.29 5.82 2.67
C SER A 43 8.98 6.28 3.35
N ILE A 44 7.89 5.48 3.21
CA ILE A 44 6.56 5.83 3.74
C ILE A 44 6.57 5.94 5.27
N GLU A 45 7.24 4.95 5.94
CA GLU A 45 7.39 4.96 7.41
C GLU A 45 8.19 6.20 7.86
N THR A 46 9.39 6.40 7.28
CA THR A 46 10.33 7.47 7.69
C THR A 46 9.73 8.89 7.50
N VAL A 47 8.86 9.07 6.49
CA VAL A 47 8.15 10.36 6.26
C VAL A 47 7.06 10.58 7.32
N MET A 48 6.27 9.52 7.61
CA MET A 48 5.19 9.60 8.63
C MET A 48 5.77 9.74 10.06
N GLU A 49 7.02 9.25 10.25
CA GLU A 49 7.78 9.38 11.52
C GLU A 49 8.35 10.79 11.68
N LYS A 50 8.45 11.52 10.57
CA LYS A 50 8.97 12.89 10.56
C LYS A 50 7.88 13.86 11.09
N GLN A 51 8.33 14.95 11.73
CA GLN A 51 7.45 16.00 12.25
C GLN A 51 6.88 16.84 11.11
N THR A 52 5.82 17.60 11.43
CA THR A 52 5.27 18.65 10.57
C THR A 52 5.94 20.00 10.95
N PRO A 53 6.92 20.51 10.14
CA PRO A 53 7.54 21.84 10.36
C PRO A 53 6.53 23.00 10.09
N PRO A 54 6.81 24.26 10.56
CA PRO A 54 5.91 25.42 10.32
C PRO A 54 6.00 25.95 8.86
N GLY A 55 5.27 27.05 8.59
CA GLY A 55 5.16 27.61 7.24
C GLY A 55 3.96 27.05 6.49
N ILE A 56 3.11 26.28 7.20
CA ILE A 56 1.97 25.60 6.60
C ILE A 56 0.78 26.58 6.47
N THR A 57 0.54 27.07 5.24
CA THR A 57 -0.62 27.90 4.90
C THR A 57 -1.82 27.00 4.48
N ARG A 58 -2.96 27.64 4.15
CA ARG A 58 -4.18 26.98 3.62
C ARG A 58 -3.82 26.14 2.36
N SER A 59 -3.12 26.77 1.42
CA SER A 59 -2.66 26.13 0.17
C SER A 59 -1.80 24.89 0.48
N ILE A 60 -0.85 25.05 1.44
CA ILE A 60 0.10 23.98 1.80
C ILE A 60 -0.62 22.78 2.42
N GLN A 61 -1.45 23.02 3.47
CA GLN A 61 -2.06 21.94 4.28
C GLN A 61 -3.07 21.11 3.47
N ASP A 62 -3.87 21.77 2.61
CA ASP A 62 -4.90 21.09 1.80
C ASP A 62 -4.25 20.35 0.60
N MET A 63 -3.19 20.95 0.02
CA MET A 63 -2.39 20.31 -1.06
C MET A 63 -1.72 19.02 -0.54
N VAL A 64 -1.11 19.12 0.66
CA VAL A 64 -0.50 18.00 1.39
C VAL A 64 -1.57 16.94 1.72
N ALA A 65 -2.71 17.40 2.25
CA ALA A 65 -3.84 16.53 2.62
C ALA A 65 -4.36 15.77 1.37
N GLY A 66 -4.22 16.43 0.20
CA GLY A 66 -4.54 15.81 -1.09
C GLY A 66 -3.56 14.71 -1.45
N TYR A 67 -2.24 14.94 -1.19
CA TYR A 67 -1.18 13.94 -1.43
C TYR A 67 -1.34 12.69 -0.52
N ILE A 68 -1.70 12.94 0.77
CA ILE A 68 -1.91 11.87 1.77
C ILE A 68 -3.12 11.02 1.37
N LYS A 69 -4.25 11.71 1.13
CA LYS A 69 -5.53 11.11 0.70
C LYS A 69 -5.34 10.34 -0.63
N GLN A 70 -4.46 10.89 -1.51
CA GLN A 70 -4.17 10.28 -2.82
C GLN A 70 -3.49 8.92 -2.64
N THR A 71 -2.42 8.90 -1.80
CA THR A 71 -1.69 7.65 -1.51
C THR A 71 -2.53 6.69 -0.65
N LEU A 72 -3.58 7.21 0.05
CA LEU A 72 -4.56 6.34 0.76
C LEU A 72 -5.45 5.59 -0.26
N ASP A 73 -5.85 6.31 -1.32
CA ASP A 73 -6.62 5.74 -2.45
C ASP A 73 -5.76 4.72 -3.23
N ASN A 74 -4.51 5.14 -3.54
CA ASN A 74 -3.54 4.31 -4.29
C ASN A 74 -3.24 3.01 -3.52
N GLU A 75 -3.12 3.15 -2.19
CA GLU A 75 -2.92 2.03 -1.28
C GLU A 75 -4.12 1.07 -1.30
N GLN A 76 -5.31 1.57 -0.90
CA GLN A 76 -6.51 0.71 -0.68
C GLN A 76 -6.89 -0.09 -1.95
N LEU A 77 -6.67 0.55 -3.12
CA LEU A 77 -6.87 -0.07 -4.44
C LEU A 77 -5.80 -1.15 -4.69
N LEU A 78 -4.52 -0.83 -4.34
CA LEU A 78 -3.41 -1.81 -4.39
C LEU A 78 -3.65 -2.98 -3.41
N LYS A 79 -4.39 -2.74 -2.29
CA LYS A 79 -4.63 -3.78 -1.25
C LYS A 79 -5.63 -4.81 -1.75
N GLY A 80 -6.77 -4.32 -2.27
CA GLY A 80 -7.82 -5.21 -2.80
C GLY A 80 -7.37 -5.96 -4.04
N LEU A 81 -6.62 -5.25 -4.89
CA LEU A 81 -6.06 -5.80 -6.14
C LEU A 81 -4.97 -6.86 -5.86
N LEU A 82 -4.06 -6.57 -4.91
CA LEU A 82 -2.94 -7.48 -4.56
C LEU A 82 -3.41 -8.64 -3.67
N GLN A 83 -4.50 -8.42 -2.91
CA GLN A 83 -5.15 -9.49 -2.13
C GLN A 83 -5.87 -10.44 -3.07
N GLN A 84 -6.56 -9.88 -4.08
CA GLN A 84 -7.16 -10.67 -5.18
C GLN A 84 -6.07 -11.44 -5.94
N ARG A 85 -4.86 -10.82 -6.04
CA ARG A 85 -3.67 -11.46 -6.62
C ARG A 85 -3.22 -12.64 -5.76
N LEU A 86 -3.26 -12.48 -4.41
CA LEU A 86 -2.91 -13.56 -3.47
C LEU A 86 -3.87 -14.75 -3.62
N ASP A 87 -5.16 -14.44 -3.78
CA ASP A 87 -6.22 -15.43 -4.03
C ASP A 87 -5.93 -16.23 -5.32
N GLU A 88 -5.70 -15.49 -6.42
CA GLU A 88 -5.51 -16.10 -7.75
C GLU A 88 -4.14 -16.79 -7.88
N LEU A 89 -3.13 -16.38 -7.07
CA LEU A 89 -1.80 -17.04 -7.02
C LEU A 89 -1.92 -18.39 -6.31
N SER A 90 -2.59 -18.35 -5.13
CA SER A 90 -2.72 -19.51 -4.26
C SER A 90 -3.57 -20.60 -4.92
N SER A 91 -4.58 -20.17 -5.70
CA SER A 91 -5.46 -21.08 -6.45
C SER A 91 -4.85 -21.49 -7.81
N LEU A 92 -4.02 -20.59 -8.41
CA LEU A 92 -3.26 -20.88 -9.68
C LEU A 92 -2.40 -22.12 -9.51
N ILE A 93 -1.52 -22.05 -8.52
CA ILE A 93 -0.60 -23.14 -8.18
C ILE A 93 -1.39 -24.25 -7.46
N GLY A 94 -2.09 -23.86 -6.36
CA GLY A 94 -3.04 -24.75 -5.67
C GLY A 94 -2.37 -25.86 -4.85
N GLN A 95 -1.89 -26.86 -5.57
CA GLN A 95 -1.25 -28.07 -5.04
C GLN A 95 0.00 -27.73 -4.20
N VAL A 96 0.01 -28.22 -2.94
CA VAL A 96 1.14 -28.07 -2.00
C VAL A 96 0.87 -28.91 -0.73
N LEU A 97 -0.34 -28.76 -0.15
CA LEU A 97 -0.75 -29.45 1.10
C LEU A 97 -1.99 -30.28 0.77
N PHE A 98 -3.09 -29.53 0.54
CA PHE A 98 -4.37 -30.02 0.04
C PHE A 98 -4.49 -29.62 -1.45
N GLN A 99 -5.56 -30.07 -2.11
CA GLN A 99 -5.76 -29.82 -3.55
C GLN A 99 -7.27 -29.68 -3.84
N GLY A 100 -7.63 -28.64 -4.59
CA GLY A 100 -9.01 -28.37 -4.98
C GLY A 100 -9.07 -27.61 -6.30
N PRO A 101 -8.72 -28.30 -7.46
CA PRO A 101 -8.48 -27.64 -8.78
C PRO A 101 -9.71 -26.87 -9.34
N SER A 102 -9.86 -25.63 -8.84
CA SER A 102 -10.98 -24.74 -9.17
C SER A 102 -10.83 -23.44 -8.35
N ALA A 103 -11.31 -22.31 -8.92
CA ALA A 103 -11.20 -20.98 -8.27
C ALA A 103 -12.30 -20.02 -8.78
N GLY A 104 -13.51 -20.14 -8.20
CA GLY A 104 -14.65 -19.29 -8.58
C GLY A 104 -15.96 -20.03 -8.61
N LEU A 105 -17.01 -19.37 -9.12
CA LEU A 105 -18.39 -19.86 -9.09
C LEU A 105 -18.92 -20.19 -10.51
N VAL A 106 -18.76 -19.25 -11.47
CA VAL A 106 -19.37 -19.37 -12.81
C VAL A 106 -18.55 -20.33 -13.73
N PRO A 107 -19.20 -21.42 -14.26
CA PRO A 107 -18.56 -22.33 -15.24
C PRO A 107 -18.51 -21.69 -16.65
N ARG A 108 -17.59 -22.18 -17.48
CA ARG A 108 -17.43 -21.70 -18.87
C ARG A 108 -18.26 -22.57 -19.81
N GLY A 109 -19.38 -22.02 -20.26
CA GLY A 109 -20.26 -22.64 -21.24
C GLY A 109 -20.52 -21.68 -22.38
N SER A 110 -21.51 -20.79 -22.20
CA SER A 110 -21.81 -19.72 -23.15
C SER A 110 -20.75 -18.60 -23.01
N GLY A 111 -20.48 -18.22 -21.75
CA GLY A 111 -19.46 -17.23 -21.38
C GLY A 111 -18.63 -17.74 -20.21
N GLY A 112 -18.42 -16.88 -19.21
CA GLY A 112 -17.68 -17.22 -17.97
C GLY A 112 -16.21 -17.56 -18.23
N ILE A 113 -15.39 -16.52 -18.52
CA ILE A 113 -13.92 -16.66 -18.76
C ILE A 113 -13.20 -17.34 -17.54
N GLU A 114 -13.80 -17.12 -16.36
CA GLU A 114 -13.38 -17.70 -15.08
C GLU A 114 -13.36 -19.23 -15.13
N GLY A 115 -14.46 -19.82 -15.65
CA GLY A 115 -14.58 -21.27 -15.88
C GLY A 115 -14.24 -22.10 -14.66
N SER A 116 -15.15 -22.11 -13.68
CA SER A 116 -14.90 -22.72 -12.37
C SER A 116 -16.20 -23.21 -11.71
N ASN A 117 -16.05 -23.97 -10.61
CA ASN A 117 -17.17 -24.56 -9.83
C ASN A 117 -16.93 -24.33 -8.32
N LEU A 118 -15.80 -24.86 -7.80
CA LEU A 118 -15.36 -24.67 -6.40
C LEU A 118 -14.51 -23.39 -6.25
N ASN A 119 -14.35 -22.88 -5.02
CA ASN A 119 -13.78 -21.54 -4.77
C ASN A 119 -12.93 -21.46 -3.47
N THR A 120 -13.57 -21.58 -2.29
CA THR A 120 -12.90 -21.41 -0.97
C THR A 120 -12.39 -22.78 -0.44
N ASP A 121 -11.70 -23.51 -1.33
CA ASP A 121 -11.19 -24.88 -1.06
C ASP A 121 -9.66 -24.85 -0.90
N MET A 122 -9.02 -23.85 -1.55
CA MET A 122 -7.56 -23.63 -1.46
C MET A 122 -7.29 -22.15 -1.12
N GLY A 123 -6.10 -21.89 -0.51
CA GLY A 123 -5.68 -20.53 -0.16
C GLY A 123 -4.74 -20.51 1.04
N ASN A 124 -3.44 -20.33 0.78
CA ASN A 124 -2.39 -20.13 1.81
C ASN A 124 -1.08 -19.73 1.11
N GLY A 125 0.01 -19.63 1.88
CA GLY A 125 1.35 -19.38 1.35
C GLY A 125 1.86 -20.57 0.55
N ILE A 126 1.44 -20.66 -0.72
CA ILE A 126 1.79 -21.80 -1.60
C ILE A 126 3.25 -21.66 -2.07
N ALA A 127 3.48 -20.68 -2.98
CA ALA A 127 4.83 -20.37 -3.49
C ALA A 127 5.59 -19.55 -2.44
N SER A 128 6.64 -20.16 -1.87
CA SER A 128 7.36 -19.63 -0.69
C SER A 128 7.80 -18.16 -0.86
N ASN A 129 8.77 -17.89 -1.77
CA ASN A 129 9.39 -16.55 -1.90
C ASN A 129 8.35 -15.45 -2.18
N ARG A 130 7.51 -15.69 -3.20
CA ARG A 130 6.55 -14.69 -3.72
C ARG A 130 5.45 -14.37 -2.70
N TRP A 131 4.85 -15.43 -2.11
CA TRP A 131 3.74 -15.29 -1.14
C TRP A 131 4.22 -14.70 0.20
N ILE A 132 5.48 -15.03 0.60
CA ILE A 132 6.09 -14.49 1.85
C ILE A 132 6.38 -12.99 1.68
N ASN A 133 6.96 -12.60 0.52
CA ASN A 133 7.22 -11.18 0.17
C ASN A 133 5.92 -10.37 0.19
N TYR A 134 4.86 -10.94 -0.42
CA TYR A 134 3.52 -10.32 -0.46
C TYR A 134 2.86 -10.27 0.93
N GLN A 135 3.10 -11.29 1.76
CA GLN A 135 2.55 -11.36 3.14
C GLN A 135 3.17 -10.24 4.01
N GLN A 136 4.50 -10.08 3.89
CA GLN A 136 5.25 -8.98 4.54
C GLN A 136 4.78 -7.62 4.03
N PHE A 137 4.51 -7.59 2.70
CA PHE A 137 4.05 -6.41 1.95
C PHE A 137 2.75 -5.93 2.63
N ILE A 138 1.71 -6.81 2.63
CA ILE A 138 0.35 -6.49 3.14
C ILE A 138 0.39 -6.11 4.63
N GLN A 139 1.20 -6.84 5.41
CA GLN A 139 1.35 -6.61 6.87
C GLN A 139 1.76 -5.14 7.16
N THR A 140 2.85 -4.71 6.52
CA THR A 140 3.37 -3.33 6.65
C THR A 140 2.52 -2.31 5.86
N LEU A 141 1.76 -2.79 4.85
CA LEU A 141 0.84 -1.93 4.08
C LEU A 141 -0.36 -1.49 4.94
N GLU A 142 -0.88 -2.43 5.75
CA GLU A 142 -2.06 -2.19 6.61
C GLU A 142 -1.66 -1.46 7.90
N LYS A 143 -0.42 -1.71 8.34
CA LYS A 143 0.21 -0.96 9.42
C LYS A 143 0.51 0.49 8.96
N ALA A 144 0.84 0.64 7.66
CA ALA A 144 1.05 1.95 7.02
C ALA A 144 -0.28 2.71 6.91
N ILE A 145 -1.39 1.98 6.57
CA ILE A 145 -2.77 2.56 6.50
C ILE A 145 -3.20 3.08 7.88
N GLU A 146 -2.93 2.27 8.92
CA GLU A 146 -3.26 2.62 10.31
C GLU A 146 -2.57 3.94 10.70
N GLN A 147 -1.22 3.94 10.56
CA GLN A 147 -0.36 5.09 10.90
C GLN A 147 -0.73 6.35 10.09
N HIS A 148 -1.06 6.10 8.80
CA HIS A 148 -1.41 7.14 7.81
C HIS A 148 -2.69 7.86 8.22
N ARG A 149 -3.73 7.05 8.55
CA ARG A 149 -5.08 7.54 8.85
C ARG A 149 -5.15 8.21 10.23
N LEU A 150 -4.36 7.69 11.20
CA LEU A 150 -4.22 8.30 12.54
C LEU A 150 -3.61 9.71 12.40
N GLN A 151 -2.52 9.78 11.61
CA GLN A 151 -1.82 11.04 11.30
C GLN A 151 -2.71 11.98 10.44
N LEU A 152 -3.49 11.39 9.51
CA LEU A 152 -4.31 12.14 8.53
C LEU A 152 -5.45 12.86 9.24
N THR A 153 -6.20 12.11 10.08
CA THR A 153 -7.32 12.69 10.85
C THR A 153 -6.77 13.74 11.84
N GLN A 154 -5.63 13.40 12.52
CA GLN A 154 -4.93 14.33 13.43
C GLN A 154 -4.55 15.65 12.70
N TRP A 155 -4.15 15.50 11.43
CA TRP A 155 -3.64 16.58 10.58
C TRP A 155 -4.76 17.45 9.97
N THR A 156 -5.92 16.83 9.64
CA THR A 156 -7.00 17.51 8.88
C THR A 156 -8.29 17.66 9.73
N GLN A 157 -8.78 16.54 10.30
CA GLN A 157 -10.04 16.52 11.07
C GLN A 157 -9.69 16.61 12.58
N LYS A 158 -9.57 15.43 13.24
CA LYS A 158 -9.11 15.24 14.64
C LYS A 158 -9.44 13.80 15.07
N VAL A 159 -10.74 13.57 15.30
CA VAL A 159 -11.30 12.31 15.84
C VAL A 159 -12.71 12.10 15.27
N ASP A 160 -13.18 10.83 15.27
CA ASP A 160 -14.51 10.44 14.76
C ASP A 160 -15.39 9.94 15.93
N LEU A 161 -15.71 10.86 16.87
CA LEU A 161 -16.67 10.59 17.97
C LEU A 161 -18.10 10.81 17.45
N ALA A 162 -18.91 9.73 17.47
CA ALA A 162 -20.29 9.71 16.96
C ALA A 162 -21.04 8.50 17.57
N LEU A 163 -22.34 8.38 17.25
CA LEU A 163 -23.19 7.24 17.66
C LEU A 163 -24.01 6.78 16.45
N LYS A 164 -24.44 5.51 16.49
CA LYS A 164 -25.24 4.89 15.42
C LYS A 164 -26.69 5.43 15.44
N SER A 165 -27.24 5.55 16.68
CA SER A 165 -28.62 6.03 16.95
C SER A 165 -29.68 5.28 16.11
N TRP A 166 -29.62 3.94 16.17
CA TRP A 166 -30.51 3.06 15.41
C TRP A 166 -30.98 1.93 16.35
N MET A 1 10.43 28.90 4.29
CA MET A 1 10.23 28.19 3.01
C MET A 1 10.67 26.71 3.13
N THR A 2 11.94 26.50 3.53
CA THR A 2 12.62 25.18 3.49
C THR A 2 11.86 24.06 4.26
N SER A 3 11.28 24.41 5.43
CA SER A 3 10.53 23.45 6.28
C SER A 3 9.24 22.96 5.56
N THR A 4 8.53 23.91 4.93
CA THR A 4 7.30 23.66 4.20
C THR A 4 7.60 22.84 2.92
N VAL A 5 8.71 23.18 2.24
CA VAL A 5 9.21 22.44 1.06
C VAL A 5 9.53 20.99 1.43
N GLU A 6 10.20 20.78 2.59
CA GLU A 6 10.51 19.44 3.14
C GLU A 6 9.23 18.63 3.29
N PHE A 7 8.26 19.22 4.00
CA PHE A 7 6.97 18.60 4.33
C PHE A 7 6.24 18.08 3.06
N ILE A 8 6.03 18.99 2.07
CA ILE A 8 5.35 18.64 0.79
C ILE A 8 6.14 17.56 0.07
N ASN A 9 7.47 17.79 -0.08
CA ASN A 9 8.41 16.93 -0.84
C ASN A 9 8.44 15.47 -0.33
N ARG A 10 8.26 15.33 0.99
CA ARG A 10 8.18 14.01 1.65
C ARG A 10 6.84 13.34 1.34
N TRP A 11 5.76 14.13 1.35
CA TRP A 11 4.41 13.65 0.96
C TRP A 11 4.29 13.48 -0.57
N GLN A 12 5.15 14.16 -1.36
CA GLN A 12 5.21 14.01 -2.84
C GLN A 12 5.91 12.70 -3.14
N ARG A 13 6.98 12.42 -2.34
CA ARG A 13 7.66 11.13 -2.37
C ARG A 13 6.60 10.03 -2.22
N ILE A 14 5.88 10.04 -1.07
CA ILE A 14 4.89 8.98 -0.77
C ILE A 14 3.74 8.91 -1.80
N ALA A 15 3.14 10.07 -2.12
CA ALA A 15 1.92 10.17 -2.97
C ALA A 15 2.16 9.61 -4.38
N LEU A 16 3.22 10.14 -5.03
CA LEU A 16 3.51 9.85 -6.44
C LEU A 16 4.17 8.44 -6.58
N LEU A 17 4.93 8.04 -5.55
CA LEU A 17 5.54 6.69 -5.42
C LEU A 17 4.45 5.60 -5.35
N SER A 18 3.49 5.77 -4.42
CA SER A 18 2.40 4.80 -4.18
C SER A 18 1.48 4.69 -5.39
N GLN A 19 1.26 5.83 -6.08
CA GLN A 19 0.48 5.88 -7.33
C GLN A 19 1.17 5.06 -8.41
N SER A 20 2.48 5.29 -8.58
CA SER A 20 3.31 4.55 -9.54
C SER A 20 3.28 3.04 -9.26
N LEU A 21 3.28 2.67 -7.96
CA LEU A 21 3.27 1.27 -7.48
C LEU A 21 1.91 0.60 -7.70
N LEU A 22 0.82 1.36 -7.49
CA LEU A 22 -0.53 0.87 -7.75
C LEU A 22 -0.63 0.50 -9.23
N GLU A 23 -0.25 1.47 -10.09
CA GLU A 23 -0.22 1.32 -11.55
C GLU A 23 0.71 0.16 -11.97
N LEU A 24 1.85 0.04 -11.28
CA LEU A 24 2.92 -0.92 -11.57
C LEU A 24 2.39 -2.36 -11.41
N ALA A 25 1.66 -2.57 -10.31
CA ALA A 25 0.99 -3.83 -10.01
C ALA A 25 -0.10 -4.14 -11.06
N GLN A 26 -0.95 -3.13 -11.35
CA GLN A 26 -2.05 -3.21 -12.37
C GLN A 26 -1.50 -3.64 -13.75
N ARG A 27 -0.32 -3.09 -14.10
CA ARG A 27 0.33 -3.29 -15.42
C ARG A 27 1.15 -4.60 -15.47
N GLY A 28 1.00 -5.47 -14.45
CA GLY A 28 1.56 -6.82 -14.48
C GLY A 28 3.03 -6.90 -14.07
N GLU A 29 3.58 -5.80 -13.53
CA GLU A 29 5.00 -5.72 -13.10
C GLU A 29 5.15 -6.15 -11.62
N TRP A 30 4.47 -7.24 -11.26
CA TRP A 30 4.34 -7.74 -9.86
C TRP A 30 5.71 -7.97 -9.17
N ASP A 31 6.69 -8.38 -9.98
CA ASP A 31 8.07 -8.65 -9.53
C ASP A 31 8.78 -7.35 -9.15
N LEU A 32 8.67 -6.36 -10.05
CA LEU A 32 9.24 -5.01 -9.88
C LEU A 32 8.59 -4.33 -8.65
N LEU A 33 7.33 -4.71 -8.34
CA LEU A 33 6.58 -4.21 -7.17
C LEU A 33 7.24 -4.72 -5.88
N LEU A 34 7.46 -6.05 -5.83
CA LEU A 34 8.11 -6.72 -4.69
C LEU A 34 9.60 -6.32 -4.56
N GLN A 35 10.19 -5.75 -5.62
CA GLN A 35 11.52 -5.11 -5.58
C GLN A 35 11.46 -3.72 -4.92
N GLN A 36 10.47 -2.91 -5.35
CA GLN A 36 10.24 -1.54 -4.80
C GLN A 36 9.50 -1.59 -3.44
N GLU A 37 9.14 -2.82 -3.01
CA GLU A 37 8.55 -3.12 -1.70
C GLU A 37 9.28 -2.36 -0.55
N VAL A 38 10.58 -2.70 -0.36
CA VAL A 38 11.41 -2.14 0.72
C VAL A 38 11.54 -0.61 0.60
N SER A 39 11.74 -0.12 -0.65
CA SER A 39 11.86 1.31 -0.98
C SER A 39 10.63 2.10 -0.49
N TYR A 40 9.43 1.55 -0.81
CA TYR A 40 8.13 2.14 -0.46
C TYR A 40 7.98 2.22 1.05
N LEU A 41 7.97 1.04 1.67
CA LEU A 41 7.67 0.85 3.09
C LEU A 41 8.66 1.65 3.98
N GLN A 42 9.95 1.67 3.59
CA GLN A 42 10.98 2.44 4.30
C GLN A 42 10.68 3.96 4.24
N SER A 43 10.47 4.50 3.01
CA SER A 43 10.24 5.94 2.80
C SER A 43 8.96 6.44 3.50
N ILE A 44 7.85 5.68 3.32
CA ILE A 44 6.52 6.06 3.82
C ILE A 44 6.52 6.12 5.36
N GLU A 45 7.12 5.09 6.00
CA GLU A 45 7.24 5.04 7.47
C GLU A 45 8.05 6.24 7.98
N THR A 46 9.30 6.40 7.46
CA THR A 46 10.25 7.43 7.95
C THR A 46 9.66 8.86 7.90
N VAL A 47 8.84 9.16 6.87
CA VAL A 47 8.12 10.44 6.77
C VAL A 47 7.04 10.54 7.87
N MET A 48 6.17 9.51 7.97
CA MET A 48 5.00 9.53 8.89
C MET A 48 5.42 9.41 10.38
N GLU A 49 6.68 9.01 10.64
CA GLU A 49 7.24 8.91 12.01
C GLU A 49 7.30 10.29 12.69
N LYS A 50 7.88 11.24 11.95
CA LYS A 50 8.40 12.50 12.52
C LYS A 50 7.44 13.67 12.37
N GLN A 51 7.84 14.79 12.99
CA GLN A 51 7.03 16.00 13.15
C GLN A 51 6.70 16.68 11.81
N THR A 52 5.44 17.14 11.69
CA THR A 52 5.00 18.08 10.64
C THR A 52 5.62 19.47 10.92
N PRO A 53 6.51 19.99 10.01
CA PRO A 53 7.07 21.36 10.11
C PRO A 53 5.97 22.46 10.00
N PRO A 54 6.07 23.59 10.79
CA PRO A 54 5.14 24.74 10.68
C PRO A 54 5.36 25.60 9.39
N GLY A 55 4.62 26.72 9.31
CA GLY A 55 4.66 27.63 8.15
C GLY A 55 3.82 27.12 6.98
N ILE A 56 2.87 26.22 7.28
CA ILE A 56 1.96 25.64 6.30
C ILE A 56 0.78 26.59 6.05
N THR A 57 0.73 27.17 4.85
CA THR A 57 -0.41 28.01 4.42
C THR A 57 -1.57 27.10 3.98
N ARG A 58 -2.71 27.73 3.61
CA ARG A 58 -3.94 26.99 3.26
C ARG A 58 -3.74 26.17 1.97
N SER A 59 -3.11 26.80 0.95
CA SER A 59 -2.79 26.14 -0.34
C SER A 59 -1.96 24.86 -0.11
N ILE A 60 -0.97 24.97 0.81
CA ILE A 60 -0.07 23.86 1.15
C ILE A 60 -0.84 22.76 1.89
N GLN A 61 -1.72 23.17 2.84
CA GLN A 61 -2.52 22.23 3.65
C GLN A 61 -3.43 21.36 2.77
N ASP A 62 -4.16 21.98 1.82
CA ASP A 62 -5.11 21.28 0.91
C ASP A 62 -4.35 20.44 -0.13
N MET A 63 -3.19 20.94 -0.58
CA MET A 63 -2.35 20.24 -1.57
C MET A 63 -1.74 18.97 -0.95
N VAL A 64 -1.21 19.10 0.29
CA VAL A 64 -0.66 17.97 1.05
C VAL A 64 -1.77 17.01 1.48
N ALA A 65 -2.92 17.55 1.92
CA ALA A 65 -4.11 16.74 2.25
C ALA A 65 -4.53 15.93 1.02
N GLY A 66 -4.36 16.55 -0.16
CA GLY A 66 -4.58 15.90 -1.44
C GLY A 66 -3.59 14.76 -1.68
N TYR A 67 -2.28 15.00 -1.35
CA TYR A 67 -1.21 13.97 -1.47
C TYR A 67 -1.51 12.77 -0.58
N ILE A 68 -1.79 13.03 0.72
CA ILE A 68 -1.96 11.99 1.74
C ILE A 68 -3.19 11.13 1.43
N LYS A 69 -4.31 11.81 1.12
CA LYS A 69 -5.57 11.16 0.74
C LYS A 69 -5.39 10.34 -0.56
N GLN A 70 -4.56 10.88 -1.48
CA GLN A 70 -4.25 10.23 -2.78
C GLN A 70 -3.53 8.90 -2.54
N THR A 71 -2.51 8.91 -1.65
CA THR A 71 -1.74 7.70 -1.29
C THR A 71 -2.53 6.79 -0.35
N LEU A 72 -3.59 7.31 0.34
CA LEU A 72 -4.55 6.45 1.07
C LEU A 72 -5.37 5.64 0.06
N ASP A 73 -5.75 6.31 -1.05
CA ASP A 73 -6.49 5.69 -2.17
C ASP A 73 -5.59 4.64 -2.86
N ASN A 74 -4.34 5.04 -3.17
CA ASN A 74 -3.36 4.18 -3.86
C ASN A 74 -3.08 2.93 -3.04
N GLU A 75 -2.96 3.11 -1.71
CA GLU A 75 -2.77 2.01 -0.77
C GLU A 75 -3.99 1.08 -0.75
N GLN A 76 -5.21 1.62 -0.48
CA GLN A 76 -6.42 0.78 -0.29
C GLN A 76 -6.75 -0.02 -1.56
N LEU A 77 -6.55 0.62 -2.73
CA LEU A 77 -6.72 -0.02 -4.03
C LEU A 77 -5.64 -1.11 -4.22
N LEU A 78 -4.39 -0.85 -3.74
CA LEU A 78 -3.29 -1.83 -3.80
C LEU A 78 -3.52 -3.00 -2.81
N LYS A 79 -4.26 -2.75 -1.67
CA LYS A 79 -4.58 -3.83 -0.70
C LYS A 79 -5.52 -4.82 -1.41
N GLY A 80 -6.65 -4.26 -1.91
CA GLY A 80 -7.73 -5.05 -2.52
C GLY A 80 -7.30 -5.77 -3.78
N LEU A 81 -6.50 -5.08 -4.61
CA LEU A 81 -5.97 -5.61 -5.88
C LEU A 81 -4.97 -6.76 -5.60
N LEU A 82 -4.00 -6.53 -4.70
CA LEU A 82 -2.94 -7.52 -4.41
C LEU A 82 -3.52 -8.72 -3.63
N GLN A 83 -4.56 -8.46 -2.81
CA GLN A 83 -5.28 -9.52 -2.08
C GLN A 83 -6.02 -10.41 -3.08
N GLN A 84 -6.70 -9.80 -4.06
CA GLN A 84 -7.37 -10.52 -5.16
C GLN A 84 -6.34 -11.35 -5.96
N ARG A 85 -5.12 -10.80 -6.06
CA ARG A 85 -3.99 -11.46 -6.72
C ARG A 85 -3.50 -12.65 -5.86
N LEU A 86 -3.60 -12.52 -4.53
CA LEU A 86 -3.25 -13.63 -3.60
C LEU A 86 -4.27 -14.77 -3.72
N ASP A 87 -5.55 -14.40 -3.96
CA ASP A 87 -6.65 -15.35 -4.17
C ASP A 87 -6.45 -16.13 -5.49
N GLU A 88 -6.08 -15.43 -6.58
CA GLU A 88 -5.87 -16.08 -7.90
C GLU A 88 -4.61 -16.97 -7.91
N LEU A 89 -3.53 -16.53 -7.20
CA LEU A 89 -2.27 -17.30 -7.06
C LEU A 89 -2.49 -18.59 -6.28
N SER A 90 -3.20 -18.48 -5.14
CA SER A 90 -3.47 -19.62 -4.26
C SER A 90 -4.37 -20.66 -4.97
N SER A 91 -5.43 -20.18 -5.64
CA SER A 91 -6.38 -21.05 -6.37
C SER A 91 -5.71 -21.71 -7.59
N LEU A 92 -4.79 -20.97 -8.25
CA LEU A 92 -4.02 -21.46 -9.41
C LEU A 92 -3.06 -22.58 -9.01
N ILE A 93 -2.14 -22.25 -8.09
CA ILE A 93 -1.01 -23.11 -7.72
C ILE A 93 -1.43 -24.21 -6.70
N GLY A 94 -2.11 -23.81 -5.63
CA GLY A 94 -2.47 -24.73 -4.55
C GLY A 94 -1.27 -25.08 -3.69
N GLN A 95 -0.78 -26.34 -3.80
CA GLN A 95 0.45 -26.81 -3.10
C GLN A 95 1.28 -27.72 -4.03
N VAL A 96 2.50 -28.05 -3.55
CA VAL A 96 3.40 -29.05 -4.16
C VAL A 96 4.40 -29.55 -3.11
N LEU A 97 5.08 -28.60 -2.44
CA LEU A 97 6.15 -28.89 -1.47
C LEU A 97 5.85 -28.15 -0.15
N PHE A 98 5.60 -26.85 -0.30
CA PHE A 98 5.44 -25.93 0.83
C PHE A 98 3.95 -25.87 1.23
N GLN A 99 3.68 -25.89 2.55
CA GLN A 99 2.32 -25.93 3.10
C GLN A 99 1.59 -24.58 2.89
N GLY A 100 0.64 -24.58 1.93
CA GLY A 100 -0.27 -23.46 1.71
C GLY A 100 -1.58 -23.99 1.11
N PRO A 101 -2.41 -24.74 1.92
CA PRO A 101 -3.59 -25.51 1.43
C PRO A 101 -4.59 -24.65 0.63
N SER A 102 -4.59 -24.83 -0.71
CA SER A 102 -5.41 -24.00 -1.62
C SER A 102 -5.80 -24.78 -2.89
N ALA A 103 -6.85 -24.31 -3.59
CA ALA A 103 -7.33 -24.88 -4.87
C ALA A 103 -8.39 -23.97 -5.50
N GLY A 104 -8.71 -24.24 -6.78
CA GLY A 104 -9.71 -23.48 -7.53
C GLY A 104 -9.59 -23.71 -9.04
N LEU A 105 -8.34 -23.83 -9.50
CA LEU A 105 -7.99 -24.13 -10.91
C LEU A 105 -7.33 -25.53 -11.01
N VAL A 106 -7.11 -25.98 -12.25
CA VAL A 106 -6.62 -27.34 -12.57
C VAL A 106 -5.08 -27.38 -12.72
N PRO A 107 -4.42 -28.58 -12.55
CA PRO A 107 -2.97 -28.73 -12.82
C PRO A 107 -2.63 -28.46 -14.30
N ARG A 108 -2.03 -27.28 -14.53
CA ARG A 108 -1.68 -26.80 -15.88
C ARG A 108 -0.40 -25.94 -15.79
N GLY A 109 0.57 -26.25 -16.67
CA GLY A 109 1.72 -25.37 -16.92
C GLY A 109 2.83 -25.48 -15.88
N SER A 110 2.63 -24.83 -14.71
CA SER A 110 3.68 -24.65 -13.67
C SER A 110 4.11 -25.99 -13.01
N GLY A 111 3.33 -27.05 -13.21
CA GLY A 111 3.69 -28.40 -12.73
C GLY A 111 3.03 -28.74 -11.39
N GLY A 112 3.49 -28.05 -10.33
CA GLY A 112 3.08 -28.35 -8.95
C GLY A 112 1.77 -27.69 -8.53
N ILE A 113 0.67 -28.18 -9.12
CA ILE A 113 -0.70 -27.76 -8.77
C ILE A 113 -1.48 -28.98 -8.28
N GLU A 114 -2.32 -28.79 -7.25
CA GLU A 114 -3.22 -29.84 -6.72
C GLU A 114 -4.58 -29.24 -6.32
N GLY A 115 -5.60 -30.12 -6.30
CA GLY A 115 -6.94 -29.77 -5.81
C GLY A 115 -7.03 -29.97 -4.30
N SER A 116 -6.29 -29.14 -3.55
CA SER A 116 -6.26 -29.18 -2.07
C SER A 116 -7.55 -28.55 -1.48
N ASN A 117 -7.60 -28.41 -0.14
CA ASN A 117 -8.73 -27.79 0.56
C ASN A 117 -8.87 -26.29 0.16
N LEU A 118 -10.04 -25.93 -0.41
CA LEU A 118 -10.28 -24.60 -0.99
C LEU A 118 -10.53 -23.53 0.11
N ASN A 119 -11.11 -23.95 1.25
CA ASN A 119 -11.38 -23.06 2.39
C ASN A 119 -10.06 -22.73 3.10
N THR A 120 -9.55 -21.52 2.87
CA THR A 120 -8.24 -21.10 3.38
C THR A 120 -8.11 -19.58 3.39
N ASP A 121 -7.16 -19.09 4.20
CA ASP A 121 -6.71 -17.67 4.20
C ASP A 121 -5.26 -17.57 3.68
N MET A 122 -4.56 -18.73 3.60
CA MET A 122 -3.14 -18.79 3.15
C MET A 122 -3.01 -19.49 1.78
N GLY A 123 -1.80 -19.43 1.23
CA GLY A 123 -1.45 -20.11 0.00
C GLY A 123 0.02 -19.87 -0.32
N ASN A 124 0.58 -20.61 -1.30
CA ASN A 124 1.95 -20.39 -1.84
C ASN A 124 2.24 -21.42 -2.95
N GLY A 125 2.10 -22.70 -2.59
CA GLY A 125 2.38 -23.82 -3.48
C GLY A 125 3.85 -23.98 -3.83
N ILE A 126 4.28 -23.35 -4.94
CA ILE A 126 5.67 -23.40 -5.45
C ILE A 126 6.29 -22.00 -5.42
N ALA A 127 5.44 -20.97 -5.62
CA ALA A 127 5.85 -19.55 -5.57
C ALA A 127 5.85 -19.09 -4.11
N SER A 128 6.62 -19.82 -3.27
CA SER A 128 6.57 -19.70 -1.81
C SER A 128 7.23 -18.37 -1.37
N ASN A 129 8.50 -18.16 -1.78
CA ASN A 129 9.27 -16.95 -1.44
C ASN A 129 8.58 -15.66 -1.94
N ARG A 130 7.91 -15.79 -3.09
CA ARG A 130 7.20 -14.70 -3.77
C ARG A 130 5.91 -14.33 -3.01
N TRP A 131 5.19 -15.38 -2.55
CA TRP A 131 3.95 -15.24 -1.78
C TRP A 131 4.29 -14.71 -0.36
N ILE A 132 5.51 -15.04 0.13
CA ILE A 132 6.05 -14.52 1.39
C ILE A 132 6.33 -13.01 1.25
N ASN A 133 6.89 -12.60 0.10
CA ASN A 133 7.09 -11.18 -0.22
C ASN A 133 5.74 -10.44 -0.24
N TYR A 134 4.72 -11.10 -0.78
CA TYR A 134 3.35 -10.55 -0.83
C TYR A 134 2.71 -10.42 0.57
N GLN A 135 2.85 -11.43 1.45
CA GLN A 135 2.19 -11.43 2.78
C GLN A 135 2.91 -10.45 3.75
N GLN A 136 4.23 -10.27 3.57
CA GLN A 136 5.00 -9.25 4.32
C GLN A 136 4.75 -7.86 3.69
N PHE A 137 4.38 -7.85 2.39
CA PHE A 137 3.99 -6.62 1.68
C PHE A 137 2.70 -6.12 2.32
N ILE A 138 1.69 -7.02 2.46
CA ILE A 138 0.39 -6.69 3.05
C ILE A 138 0.55 -6.33 4.53
N GLN A 139 1.42 -7.07 5.24
CA GLN A 139 1.71 -6.85 6.68
C GLN A 139 2.20 -5.41 6.94
N THR A 140 3.25 -5.01 6.20
CA THR A 140 3.91 -3.71 6.38
C THR A 140 3.10 -2.58 5.71
N LEU A 141 2.33 -2.93 4.63
CA LEU A 141 1.30 -2.03 4.04
C LEU A 141 0.19 -1.73 5.07
N GLU A 142 -0.13 -2.73 5.90
CA GLU A 142 -1.20 -2.63 6.92
C GLU A 142 -0.75 -1.69 8.04
N LYS A 143 0.52 -1.86 8.44
CA LYS A 143 1.20 -0.96 9.40
C LYS A 143 1.26 0.48 8.85
N ALA A 144 1.60 0.58 7.55
CA ALA A 144 1.74 1.86 6.84
C ALA A 144 0.40 2.63 6.82
N ILE A 145 -0.66 1.98 6.27
CA ILE A 145 -2.02 2.60 6.12
C ILE A 145 -2.63 2.94 7.50
N GLU A 146 -2.27 2.16 8.55
CA GLU A 146 -2.69 2.45 9.93
C GLU A 146 -2.15 3.82 10.38
N GLN A 147 -0.79 3.94 10.41
CA GLN A 147 -0.07 5.16 10.84
C GLN A 147 -0.36 6.34 9.89
N HIS A 148 -0.70 6.00 8.64
CA HIS A 148 -1.00 6.97 7.57
C HIS A 148 -2.33 7.64 7.87
N ARG A 149 -3.33 6.81 8.24
CA ARG A 149 -4.65 7.24 8.69
C ARG A 149 -4.55 8.07 10.00
N LEU A 150 -3.70 7.62 10.94
CA LEU A 150 -3.50 8.32 12.23
C LEU A 150 -2.96 9.75 11.99
N GLN A 151 -1.86 9.82 11.22
CA GLN A 151 -1.17 11.07 10.85
C GLN A 151 -2.12 11.99 10.06
N LEU A 152 -2.90 11.37 9.14
CA LEU A 152 -3.87 12.06 8.27
C LEU A 152 -5.00 12.68 9.11
N THR A 153 -5.60 11.89 10.02
CA THR A 153 -6.81 12.32 10.76
C THR A 153 -6.48 13.50 11.70
N GLN A 154 -5.29 13.42 12.34
CA GLN A 154 -4.76 14.51 13.18
C GLN A 154 -4.56 15.79 12.33
N TRP A 155 -3.90 15.63 11.17
CA TRP A 155 -3.55 16.73 10.26
C TRP A 155 -4.82 17.43 9.71
N THR A 156 -5.76 16.64 9.17
CA THR A 156 -6.98 17.14 8.52
C THR A 156 -8.17 17.16 9.51
N GLN A 157 -7.88 17.07 10.82
CA GLN A 157 -8.80 17.53 11.88
C GLN A 157 -9.17 19.03 11.67
N LYS A 158 -8.22 19.79 11.10
CA LYS A 158 -8.33 21.25 10.91
C LYS A 158 -9.19 21.66 9.69
N VAL A 159 -9.91 20.69 9.07
CA VAL A 159 -10.86 20.98 7.99
C VAL A 159 -12.23 21.43 8.56
N ASP A 160 -12.95 22.26 7.79
CA ASP A 160 -14.28 22.79 8.18
C ASP A 160 -15.40 21.78 7.90
N LEU A 161 -15.11 20.79 7.03
CA LEU A 161 -16.07 19.73 6.65
C LEU A 161 -16.01 18.56 7.66
N ALA A 162 -17.18 17.96 7.92
CA ALA A 162 -17.33 16.83 8.85
C ALA A 162 -17.63 15.54 8.08
N LEU A 163 -18.76 15.54 7.33
CA LEU A 163 -19.24 14.38 6.58
C LEU A 163 -20.04 14.80 5.33
N LYS A 164 -20.47 13.80 4.55
CA LYS A 164 -21.32 13.98 3.37
C LYS A 164 -22.72 13.41 3.66
N SER A 165 -22.79 12.09 3.86
CA SER A 165 -24.05 11.36 4.09
C SER A 165 -23.75 10.01 4.77
N TRP A 166 -24.81 9.36 5.31
CA TRP A 166 -24.67 8.04 5.96
C TRP A 166 -24.39 6.95 4.89
N MET A 1 11.15 28.73 3.31
CA MET A 1 10.23 27.70 3.83
C MET A 1 10.81 26.28 3.59
N THR A 2 12.15 26.16 3.66
CA THR A 2 12.90 24.92 3.37
C THR A 2 12.31 23.69 4.10
N SER A 3 12.00 23.83 5.40
CA SER A 3 11.40 22.76 6.23
C SER A 3 10.02 22.33 5.69
N THR A 4 9.19 23.33 5.33
CA THR A 4 7.85 23.14 4.74
C THR A 4 7.96 22.34 3.43
N VAL A 5 8.98 22.68 2.63
CA VAL A 5 9.26 22.02 1.34
C VAL A 5 9.62 20.55 1.56
N GLU A 6 10.44 20.27 2.61
CA GLU A 6 10.84 18.89 2.96
C GLU A 6 9.60 18.03 3.25
N PHE A 7 8.70 18.58 4.07
CA PHE A 7 7.40 17.97 4.43
C PHE A 7 6.57 17.59 3.17
N ILE A 8 6.36 18.60 2.30
CA ILE A 8 5.63 18.45 1.04
C ILE A 8 6.30 17.41 0.13
N ASN A 9 7.64 17.47 0.09
CA ASN A 9 8.50 16.64 -0.80
C ASN A 9 8.47 15.17 -0.39
N ARG A 10 8.33 14.93 0.92
CA ARG A 10 8.18 13.59 1.48
C ARG A 10 6.81 13.00 1.12
N TRP A 11 5.77 13.86 1.18
CA TRP A 11 4.41 13.48 0.75
C TRP A 11 4.28 13.42 -0.79
N GLN A 12 5.19 14.12 -1.51
CA GLN A 12 5.29 14.02 -2.98
C GLN A 12 5.83 12.63 -3.32
N ARG A 13 6.88 12.22 -2.58
CA ARG A 13 7.44 10.88 -2.66
C ARG A 13 6.33 9.84 -2.51
N ILE A 14 5.64 9.82 -1.35
CA ILE A 14 4.69 8.75 -1.01
C ILE A 14 3.47 8.72 -1.95
N ALA A 15 2.91 9.90 -2.28
CA ALA A 15 1.73 10.01 -3.15
C ALA A 15 2.00 9.44 -4.55
N LEU A 16 3.11 9.90 -5.15
CA LEU A 16 3.51 9.52 -6.52
C LEU A 16 4.13 8.12 -6.56
N LEU A 17 4.65 7.66 -5.41
CA LEU A 17 5.26 6.33 -5.22
C LEU A 17 4.19 5.24 -5.25
N SER A 18 3.17 5.41 -4.40
CA SER A 18 2.01 4.51 -4.31
C SER A 18 1.18 4.57 -5.59
N GLN A 19 1.14 5.77 -6.23
CA GLN A 19 0.49 5.97 -7.54
C GLN A 19 1.17 5.11 -8.61
N SER A 20 2.51 5.19 -8.66
CA SER A 20 3.32 4.41 -9.62
C SER A 20 3.18 2.90 -9.37
N LEU A 21 3.15 2.51 -8.07
CA LEU A 21 3.04 1.11 -7.66
C LEU A 21 1.62 0.57 -7.89
N LEU A 22 0.60 1.44 -7.82
CA LEU A 22 -0.78 1.07 -8.12
C LEU A 22 -0.89 0.74 -9.61
N GLU A 23 -0.45 1.71 -10.45
CA GLU A 23 -0.36 1.53 -11.92
C GLU A 23 0.40 0.25 -12.25
N LEU A 24 1.51 0.06 -11.55
CA LEU A 24 2.47 -1.01 -11.80
C LEU A 24 1.79 -2.38 -11.66
N ALA A 25 1.18 -2.62 -10.48
CA ALA A 25 0.53 -3.88 -10.14
C ALA A 25 -0.70 -4.17 -11.03
N GLN A 26 -1.48 -3.12 -11.36
CA GLN A 26 -2.65 -3.22 -12.27
C GLN A 26 -2.22 -3.67 -13.68
N ARG A 27 -1.07 -3.12 -14.13
CA ARG A 27 -0.47 -3.42 -15.46
C ARG A 27 0.27 -4.77 -15.45
N GLY A 28 0.38 -5.38 -14.26
CA GLY A 28 0.97 -6.72 -14.11
C GLY A 28 2.47 -6.71 -13.93
N GLU A 29 3.05 -5.56 -13.57
CA GLU A 29 4.49 -5.41 -13.33
C GLU A 29 4.81 -5.77 -11.85
N TRP A 30 4.38 -6.99 -11.48
CA TRP A 30 4.49 -7.57 -10.13
C TRP A 30 5.97 -7.71 -9.71
N ASP A 31 6.80 -8.00 -10.70
CA ASP A 31 8.26 -8.11 -10.59
C ASP A 31 8.87 -6.86 -9.94
N LEU A 32 8.68 -5.71 -10.62
CA LEU A 32 9.24 -4.41 -10.22
C LEU A 32 8.56 -3.91 -8.93
N LEU A 33 7.33 -4.40 -8.67
CA LEU A 33 6.58 -4.07 -7.45
C LEU A 33 7.30 -4.64 -6.21
N LEU A 34 7.69 -5.92 -6.29
CA LEU A 34 8.44 -6.60 -5.22
C LEU A 34 9.88 -6.06 -5.11
N GLN A 35 10.44 -5.58 -6.23
CA GLN A 35 11.75 -4.90 -6.25
C GLN A 35 11.66 -3.55 -5.49
N GLN A 36 10.50 -2.87 -5.59
CA GLN A 36 10.25 -1.57 -4.92
C GLN A 36 9.46 -1.73 -3.61
N GLU A 37 9.15 -3.00 -3.22
CA GLU A 37 8.54 -3.34 -1.91
C GLU A 37 9.33 -2.71 -0.75
N VAL A 38 10.63 -3.04 -0.66
CA VAL A 38 11.52 -2.56 0.41
C VAL A 38 11.63 -1.02 0.39
N SER A 39 11.83 -0.47 -0.82
CA SER A 39 11.98 0.98 -1.04
C SER A 39 10.74 1.76 -0.55
N TYR A 40 9.55 1.23 -0.92
CA TYR A 40 8.26 1.82 -0.54
C TYR A 40 8.08 1.85 0.97
N LEU A 41 8.08 0.65 1.57
CA LEU A 41 7.76 0.45 3.00
C LEU A 41 8.73 1.27 3.89
N GLN A 42 10.02 1.27 3.51
CA GLN A 42 11.07 2.03 4.23
C GLN A 42 10.80 3.55 4.17
N SER A 43 10.59 4.09 2.95
CA SER A 43 10.39 5.53 2.72
C SER A 43 9.13 6.05 3.44
N ILE A 44 8.01 5.31 3.29
CA ILE A 44 6.70 5.72 3.83
C ILE A 44 6.73 5.76 5.38
N GLU A 45 7.34 4.72 5.99
CA GLU A 45 7.50 4.62 7.45
C GLU A 45 8.35 5.79 7.99
N THR A 46 9.50 6.06 7.34
CA THR A 46 10.45 7.10 7.80
C THR A 46 9.87 8.54 7.68
N VAL A 47 9.00 8.78 6.69
CA VAL A 47 8.26 10.06 6.57
C VAL A 47 7.25 10.21 7.72
N MET A 48 6.54 9.12 8.04
CA MET A 48 5.54 9.10 9.13
C MET A 48 6.19 9.26 10.52
N GLU A 49 7.46 8.81 10.67
CA GLU A 49 8.27 9.05 11.89
C GLU A 49 8.66 10.53 12.02
N LYS A 50 8.89 11.17 10.86
CA LYS A 50 9.38 12.55 10.77
C LYS A 50 8.26 13.54 11.19
N GLN A 51 8.67 14.61 11.90
CA GLN A 51 7.75 15.62 12.44
C GLN A 51 7.23 16.55 11.33
N THR A 52 5.99 17.05 11.51
CA THR A 52 5.39 18.06 10.63
C THR A 52 5.94 19.46 10.99
N PRO A 53 6.77 20.09 10.07
CA PRO A 53 7.32 21.45 10.26
C PRO A 53 6.24 22.55 10.04
N PRO A 54 6.48 23.82 10.52
CA PRO A 54 5.56 24.97 10.27
C PRO A 54 5.54 25.43 8.80
N GLY A 55 5.08 26.68 8.56
CA GLY A 55 4.92 27.21 7.20
C GLY A 55 3.68 26.68 6.51
N ILE A 56 2.80 26.02 7.29
CA ILE A 56 1.60 25.35 6.78
C ILE A 56 0.47 26.37 6.59
N THR A 57 0.47 27.01 5.41
CA THR A 57 -0.55 27.99 5.01
C THR A 57 -1.78 27.26 4.45
N ARG A 58 -2.80 28.04 4.02
CA ARG A 58 -4.00 27.54 3.31
C ARG A 58 -3.61 26.59 2.14
N SER A 59 -2.76 27.12 1.23
CA SER A 59 -2.29 26.38 0.06
C SER A 59 -1.58 25.09 0.46
N ILE A 60 -0.65 25.20 1.44
CA ILE A 60 0.17 24.07 1.88
C ILE A 60 -0.68 22.95 2.52
N GLN A 61 -1.61 23.33 3.44
CA GLN A 61 -2.38 22.36 4.23
C GLN A 61 -3.33 21.53 3.34
N ASP A 62 -4.01 22.22 2.39
CA ASP A 62 -4.99 21.54 1.51
C ASP A 62 -4.29 20.74 0.40
N MET A 63 -3.11 21.22 -0.04
CA MET A 63 -2.27 20.52 -1.04
C MET A 63 -1.70 19.22 -0.45
N VAL A 64 -1.13 19.31 0.77
CA VAL A 64 -0.60 18.15 1.52
C VAL A 64 -1.72 17.18 1.89
N ALA A 65 -2.86 17.74 2.32
CA ALA A 65 -4.07 16.96 2.61
C ALA A 65 -4.45 16.12 1.38
N GLY A 66 -4.34 16.77 0.20
CA GLY A 66 -4.51 16.12 -1.08
C GLY A 66 -3.49 14.99 -1.32
N TYR A 67 -2.19 15.24 -1.01
CA TYR A 67 -1.12 14.23 -1.20
C TYR A 67 -1.35 12.97 -0.36
N ILE A 68 -1.70 13.15 0.93
CA ILE A 68 -1.89 12.01 1.86
C ILE A 68 -3.16 11.23 1.47
N LYS A 69 -4.25 11.97 1.20
CA LYS A 69 -5.54 11.40 0.74
C LYS A 69 -5.36 10.67 -0.61
N GLN A 70 -4.47 11.21 -1.46
CA GLN A 70 -4.15 10.66 -2.80
C GLN A 70 -3.49 9.29 -2.64
N THR A 71 -2.45 9.23 -1.77
CA THR A 71 -1.76 7.96 -1.49
C THR A 71 -2.68 7.01 -0.71
N LEU A 72 -3.68 7.54 0.05
CA LEU A 72 -4.69 6.68 0.71
C LEU A 72 -5.52 5.92 -0.35
N ASP A 73 -5.87 6.61 -1.45
CA ASP A 73 -6.60 5.99 -2.58
C ASP A 73 -5.71 4.97 -3.31
N ASN A 74 -4.51 5.42 -3.73
CA ASN A 74 -3.53 4.59 -4.48
C ASN A 74 -3.22 3.30 -3.72
N GLU A 75 -3.00 3.47 -2.41
CA GLU A 75 -2.76 2.38 -1.46
C GLU A 75 -3.96 1.43 -1.41
N GLN A 76 -5.13 1.94 -0.96
CA GLN A 76 -6.31 1.08 -0.65
C GLN A 76 -6.69 0.18 -1.84
N LEU A 77 -6.54 0.75 -3.05
CA LEU A 77 -6.77 0.04 -4.30
C LEU A 77 -5.70 -1.06 -4.48
N LEU A 78 -4.40 -0.74 -4.26
CA LEU A 78 -3.29 -1.73 -4.29
C LEU A 78 -3.47 -2.83 -3.21
N LYS A 79 -4.08 -2.47 -2.05
CA LYS A 79 -4.22 -3.41 -0.90
C LYS A 79 -5.23 -4.50 -1.24
N GLY A 80 -6.43 -4.06 -1.67
CA GLY A 80 -7.50 -4.97 -2.06
C GLY A 80 -7.15 -5.79 -3.29
N LEU A 81 -6.46 -5.14 -4.25
CA LEU A 81 -6.04 -5.77 -5.52
C LEU A 81 -5.01 -6.87 -5.28
N LEU A 82 -3.98 -6.58 -4.46
CA LEU A 82 -2.86 -7.52 -4.24
C LEU A 82 -3.30 -8.66 -3.30
N GLN A 83 -4.21 -8.36 -2.35
CA GLN A 83 -4.78 -9.38 -1.45
C GLN A 83 -5.65 -10.38 -2.26
N GLN A 84 -6.47 -9.84 -3.16
CA GLN A 84 -7.30 -10.61 -4.11
C GLN A 84 -6.38 -11.43 -5.05
N ARG A 85 -5.27 -10.78 -5.46
CA ARG A 85 -4.22 -11.40 -6.26
C ARG A 85 -3.56 -12.55 -5.49
N LEU A 86 -3.44 -12.40 -4.16
CA LEU A 86 -2.88 -13.45 -3.30
C LEU A 86 -3.75 -14.70 -3.29
N ASP A 87 -5.08 -14.52 -3.14
CA ASP A 87 -6.03 -15.66 -3.17
C ASP A 87 -5.94 -16.44 -4.51
N GLU A 88 -5.96 -15.69 -5.62
CA GLU A 88 -5.88 -16.30 -6.96
C GLU A 88 -4.46 -16.85 -7.25
N LEU A 89 -3.42 -16.28 -6.60
CA LEU A 89 -2.02 -16.81 -6.67
C LEU A 89 -1.91 -18.11 -5.89
N SER A 90 -2.64 -18.20 -4.79
CA SER A 90 -2.67 -19.38 -3.93
C SER A 90 -3.22 -20.59 -4.70
N SER A 91 -4.34 -20.36 -5.40
CA SER A 91 -4.94 -21.38 -6.28
C SER A 91 -4.11 -21.60 -7.56
N LEU A 92 -3.43 -20.53 -8.06
CA LEU A 92 -2.60 -20.58 -9.29
C LEU A 92 -1.39 -21.51 -9.11
N ILE A 93 -0.61 -21.20 -8.08
CA ILE A 93 0.61 -21.93 -7.72
C ILE A 93 0.23 -23.27 -7.10
N GLY A 94 -0.56 -23.22 -6.00
CA GLY A 94 -1.00 -24.41 -5.27
C GLY A 94 0.14 -25.38 -4.92
N GLN A 95 0.04 -26.60 -5.48
CA GLN A 95 1.01 -27.71 -5.30
C GLN A 95 1.22 -28.01 -3.79
N VAL A 96 0.23 -28.71 -3.19
CA VAL A 96 0.20 -28.96 -1.74
C VAL A 96 -0.77 -30.12 -1.41
N LEU A 97 -2.02 -29.98 -1.88
CA LEU A 97 -3.12 -30.91 -1.60
C LEU A 97 -3.61 -31.56 -2.90
N PHE A 98 -2.80 -31.39 -3.96
CA PHE A 98 -3.24 -31.59 -5.36
C PHE A 98 -2.27 -32.53 -6.10
N GLN A 99 -2.73 -33.06 -7.25
CA GLN A 99 -1.92 -33.97 -8.09
C GLN A 99 -0.70 -33.23 -8.67
N GLY A 100 0.45 -33.45 -8.01
CA GLY A 100 1.70 -32.76 -8.34
C GLY A 100 2.58 -32.63 -7.11
N PRO A 101 3.50 -31.60 -7.05
CA PRO A 101 4.33 -31.31 -5.85
C PRO A 101 3.50 -31.03 -4.58
N SER A 102 4.19 -31.00 -3.44
CA SER A 102 3.59 -30.77 -2.12
C SER A 102 4.53 -29.89 -1.28
N ALA A 103 3.97 -29.12 -0.33
CA ALA A 103 4.75 -28.23 0.54
C ALA A 103 4.05 -28.07 1.91
N GLY A 104 2.95 -27.30 1.91
CA GLY A 104 2.18 -27.03 3.15
C GLY A 104 1.81 -25.56 3.26
N LEU A 105 0.84 -25.27 4.15
CA LEU A 105 0.39 -23.91 4.47
C LEU A 105 1.37 -23.28 5.49
N VAL A 106 2.57 -22.90 5.01
CA VAL A 106 3.62 -22.32 5.86
C VAL A 106 3.76 -20.79 5.60
N PRO A 107 3.38 -19.92 6.59
CA PRO A 107 3.48 -18.44 6.48
C PRO A 107 4.91 -17.92 6.78
N ARG A 108 5.85 -18.86 7.02
CA ARG A 108 7.26 -18.53 7.24
C ARG A 108 8.03 -18.68 5.92
N GLY A 109 8.34 -17.55 5.29
CA GLY A 109 9.11 -17.50 4.05
C GLY A 109 9.75 -16.13 3.85
N SER A 110 10.63 -16.01 2.86
CA SER A 110 11.39 -14.77 2.63
C SER A 110 11.96 -14.76 1.21
N GLY A 111 12.69 -13.68 0.85
CA GLY A 111 13.25 -13.52 -0.48
C GLY A 111 12.19 -13.08 -1.48
N GLY A 112 11.92 -13.93 -2.48
CA GLY A 112 10.92 -13.62 -3.51
C GLY A 112 11.33 -14.16 -4.86
N ILE A 113 10.46 -13.97 -5.86
CA ILE A 113 10.73 -14.41 -7.24
C ILE A 113 9.85 -13.58 -8.21
N GLU A 114 10.35 -13.47 -9.46
CA GLU A 114 9.72 -12.70 -10.54
C GLU A 114 8.24 -13.10 -10.77
N GLY A 115 7.38 -12.06 -10.97
CA GLY A 115 5.94 -12.23 -11.10
C GLY A 115 5.51 -12.92 -12.39
N SER A 116 4.51 -13.80 -12.27
CA SER A 116 3.88 -14.48 -13.41
C SER A 116 2.43 -13.98 -13.56
N ASN A 117 2.19 -13.24 -14.65
CA ASN A 117 0.90 -12.58 -14.94
C ASN A 117 -0.16 -13.60 -15.40
N LEU A 118 -0.81 -14.24 -14.42
CA LEU A 118 -1.90 -15.22 -14.66
C LEU A 118 -3.04 -14.96 -13.66
N ASN A 119 -4.16 -15.72 -13.79
CA ASN A 119 -5.34 -15.56 -12.92
C ASN A 119 -5.98 -16.92 -12.64
N THR A 120 -6.52 -17.09 -11.43
CA THR A 120 -7.22 -18.31 -10.98
C THR A 120 -8.33 -17.90 -9.97
N ASP A 121 -9.01 -18.85 -9.31
CA ASP A 121 -10.14 -18.56 -8.40
C ASP A 121 -9.65 -18.09 -7.00
N MET A 122 -9.35 -19.05 -6.09
CA MET A 122 -9.09 -18.75 -4.65
C MET A 122 -8.51 -19.98 -3.91
N GLY A 123 -7.53 -19.75 -3.02
CA GLY A 123 -6.97 -20.81 -2.17
C GLY A 123 -6.18 -20.23 -1.00
N ASN A 124 -5.31 -21.05 -0.37
CA ASN A 124 -4.43 -20.62 0.77
C ASN A 124 -2.95 -20.58 0.34
N GLY A 125 -2.17 -19.67 0.95
CA GLY A 125 -0.79 -19.36 0.53
C GLY A 125 0.21 -20.47 0.80
N ILE A 126 0.91 -20.94 -0.27
CA ILE A 126 1.83 -22.10 -0.22
C ILE A 126 3.26 -21.69 -0.62
N ALA A 127 3.36 -20.91 -1.72
CA ALA A 127 4.66 -20.49 -2.30
C ALA A 127 5.44 -19.58 -1.34
N SER A 128 6.43 -20.15 -0.65
CA SER A 128 7.16 -19.47 0.44
C SER A 128 7.77 -18.12 -0.02
N ASN A 129 8.64 -18.16 -1.04
CA ASN A 129 9.38 -16.96 -1.49
C ASN A 129 8.43 -15.86 -2.00
N ARG A 130 7.62 -16.19 -3.03
CA ARG A 130 6.76 -15.22 -3.73
C ARG A 130 5.67 -14.67 -2.82
N TRP A 131 4.91 -15.61 -2.24
CA TRP A 131 3.65 -15.31 -1.56
C TRP A 131 3.92 -14.66 -0.20
N ILE A 132 4.97 -15.13 0.52
CA ILE A 132 5.28 -14.57 1.85
C ILE A 132 6.09 -13.26 1.71
N ASN A 133 6.76 -13.04 0.56
CA ASN A 133 7.30 -11.71 0.22
C ASN A 133 6.15 -10.69 0.06
N TYR A 134 5.10 -11.13 -0.67
CA TYR A 134 3.83 -10.39 -0.83
C TYR A 134 3.09 -10.24 0.51
N GLN A 135 3.18 -11.25 1.37
CA GLN A 135 2.50 -11.23 2.69
C GLN A 135 3.12 -10.13 3.55
N GLN A 136 4.46 -10.16 3.66
CA GLN A 136 5.29 -9.14 4.35
C GLN A 136 4.96 -7.72 3.82
N PHE A 137 4.81 -7.64 2.47
CA PHE A 137 4.37 -6.45 1.74
C PHE A 137 3.05 -5.96 2.37
N ILE A 138 2.01 -6.85 2.36
CA ILE A 138 0.65 -6.54 2.86
C ILE A 138 0.65 -6.17 4.36
N GLN A 139 1.57 -6.75 5.15
CA GLN A 139 1.60 -6.50 6.61
C GLN A 139 2.00 -5.05 6.88
N THR A 140 3.12 -4.60 6.28
CA THR A 140 3.59 -3.22 6.45
C THR A 140 2.72 -2.23 5.61
N LEU A 141 2.02 -2.75 4.58
CA LEU A 141 1.01 -1.99 3.80
C LEU A 141 -0.24 -1.69 4.66
N GLU A 142 -0.61 -2.66 5.50
CA GLU A 142 -1.78 -2.58 6.41
C GLU A 142 -1.47 -1.58 7.53
N LYS A 143 -0.21 -1.65 8.03
CA LYS A 143 0.31 -0.68 8.99
C LYS A 143 0.38 0.72 8.33
N ALA A 144 0.76 0.76 7.05
CA ALA A 144 0.85 2.01 6.29
C ALA A 144 -0.53 2.71 6.18
N ILE A 145 -1.60 1.91 5.97
CA ILE A 145 -2.99 2.40 5.97
C ILE A 145 -3.38 2.93 7.36
N GLU A 146 -3.02 2.15 8.41
CA GLU A 146 -3.33 2.50 9.82
C GLU A 146 -2.69 3.84 10.20
N GLN A 147 -1.34 3.87 10.13
CA GLN A 147 -0.53 5.05 10.46
C GLN A 147 -1.01 6.29 9.69
N HIS A 148 -1.14 6.17 8.35
CA HIS A 148 -1.58 7.27 7.47
C HIS A 148 -2.96 7.80 7.87
N ARG A 149 -3.95 6.90 8.00
CA ARG A 149 -5.35 7.28 8.27
C ARG A 149 -5.51 7.99 9.62
N LEU A 150 -4.80 7.49 10.67
CA LEU A 150 -4.82 8.10 12.01
C LEU A 150 -4.22 9.52 11.96
N GLN A 151 -3.02 9.63 11.37
CA GLN A 151 -2.28 10.90 11.27
C GLN A 151 -3.04 11.92 10.40
N LEU A 152 -3.59 11.45 9.26
CA LEU A 152 -4.27 12.29 8.25
C LEU A 152 -5.55 12.87 8.84
N THR A 153 -6.38 12.00 9.43
CA THR A 153 -7.68 12.41 9.97
C THR A 153 -7.47 13.40 11.14
N GLN A 154 -6.40 13.19 11.94
CA GLN A 154 -6.03 14.11 13.04
C GLN A 154 -5.44 15.43 12.48
N TRP A 155 -4.78 15.34 11.32
CA TRP A 155 -4.09 16.46 10.65
C TRP A 155 -5.09 17.39 9.93
N THR A 156 -6.19 16.84 9.42
CA THR A 156 -7.15 17.60 8.60
C THR A 156 -8.52 17.77 9.29
N GLN A 157 -9.16 16.65 9.69
CA GLN A 157 -10.54 16.66 10.26
C GLN A 157 -10.95 15.22 10.61
N LYS A 158 -11.43 15.03 11.85
CA LYS A 158 -11.99 13.76 12.32
C LYS A 158 -13.23 14.02 13.19
N VAL A 159 -14.30 13.25 12.95
CA VAL A 159 -15.53 13.30 13.78
C VAL A 159 -16.20 11.91 13.80
N ASP A 160 -16.16 11.29 14.98
CA ASP A 160 -16.84 10.03 15.28
C ASP A 160 -18.17 10.33 15.97
N LEU A 161 -19.28 9.99 15.30
CA LEU A 161 -20.63 10.14 15.84
C LEU A 161 -21.03 8.83 16.55
N ALA A 162 -21.08 7.75 15.75
CA ALA A 162 -21.42 6.39 16.22
C ALA A 162 -21.15 5.38 15.09
N LEU A 163 -20.48 4.25 15.40
CA LEU A 163 -20.38 3.11 14.45
C LEU A 163 -21.75 2.40 14.40
N LYS A 164 -22.64 2.93 13.54
CA LYS A 164 -24.02 2.46 13.42
C LYS A 164 -24.04 1.11 12.68
N SER A 165 -23.85 0.03 13.45
CA SER A 165 -23.88 -1.36 12.97
C SER A 165 -25.23 -2.01 13.29
N TRP A 166 -25.94 -1.43 14.30
CA TRP A 166 -27.23 -1.92 14.79
C TRP A 166 -28.16 -0.70 15.05
N MET A 1 10.92 27.78 5.91
CA MET A 1 10.33 27.14 4.70
C MET A 1 11.01 25.79 4.39
N THR A 2 12.26 25.58 4.87
CA THR A 2 13.03 24.36 4.62
C THR A 2 12.29 23.11 5.14
N SER A 3 11.83 23.19 6.40
CA SER A 3 11.12 22.09 7.07
C SER A 3 9.74 21.82 6.39
N THR A 4 9.08 22.90 5.94
CA THR A 4 7.80 22.83 5.20
C THR A 4 7.99 22.02 3.91
N VAL A 5 9.08 22.33 3.17
CA VAL A 5 9.41 21.65 1.90
C VAL A 5 9.77 20.16 2.14
N GLU A 6 10.44 19.84 3.28
CA GLU A 6 10.68 18.43 3.68
C GLU A 6 9.37 17.65 3.72
N PHE A 7 8.43 18.19 4.53
CA PHE A 7 7.08 17.63 4.73
C PHE A 7 6.34 17.39 3.39
N ILE A 8 6.24 18.47 2.58
CA ILE A 8 5.52 18.45 1.29
C ILE A 8 6.15 17.44 0.30
N ASN A 9 7.46 17.66 -0.02
CA ASN A 9 8.23 16.85 -1.00
C ASN A 9 8.11 15.35 -0.73
N ARG A 10 8.20 14.99 0.56
CA ARG A 10 8.12 13.60 1.00
C ARG A 10 6.69 13.03 0.79
N TRP A 11 5.65 13.82 1.14
CA TRP A 11 4.24 13.44 0.88
C TRP A 11 3.92 13.35 -0.63
N GLN A 12 4.57 14.21 -1.44
CA GLN A 12 4.43 14.21 -2.91
C GLN A 12 5.00 12.91 -3.48
N ARG A 13 6.20 12.55 -2.98
CA ARG A 13 6.89 11.35 -3.40
C ARG A 13 6.03 10.13 -3.09
N ILE A 14 5.56 9.99 -1.83
CA ILE A 14 4.70 8.88 -1.39
C ILE A 14 3.43 8.75 -2.25
N ALA A 15 2.80 9.90 -2.57
CA ALA A 15 1.58 9.96 -3.40
C ALA A 15 1.81 9.32 -4.79
N LEU A 16 2.85 9.82 -5.48
CA LEU A 16 3.21 9.40 -6.84
C LEU A 16 3.87 7.99 -6.84
N LEU A 17 4.43 7.62 -5.69
CA LEU A 17 5.16 6.35 -5.46
C LEU A 17 4.15 5.19 -5.37
N SER A 18 3.20 5.33 -4.43
CA SER A 18 2.14 4.35 -4.21
C SER A 18 1.22 4.25 -5.43
N GLN A 19 0.98 5.40 -6.11
CA GLN A 19 0.18 5.41 -7.35
C GLN A 19 0.89 4.63 -8.45
N SER A 20 2.17 4.94 -8.70
CA SER A 20 2.94 4.27 -9.76
C SER A 20 3.11 2.77 -9.48
N LEU A 21 3.08 2.38 -8.19
CA LEU A 21 3.11 0.96 -7.77
C LEU A 21 1.76 0.27 -8.00
N LEU A 22 0.66 0.99 -7.69
CA LEU A 22 -0.72 0.52 -7.95
C LEU A 22 -0.87 0.19 -9.45
N GLU A 23 -0.46 1.17 -10.27
CA GLU A 23 -0.40 1.06 -11.71
C GLU A 23 0.49 -0.11 -12.14
N LEU A 24 1.71 -0.18 -11.56
CA LEU A 24 2.75 -1.17 -11.94
C LEU A 24 2.20 -2.61 -11.87
N ALA A 25 1.57 -2.92 -10.72
CA ALA A 25 1.02 -4.24 -10.43
C ALA A 25 -0.21 -4.55 -11.31
N GLN A 26 -1.14 -3.57 -11.44
CA GLN A 26 -2.31 -3.70 -12.36
C GLN A 26 -1.89 -3.97 -13.82
N ARG A 27 -0.74 -3.40 -14.21
CA ARG A 27 -0.19 -3.52 -15.58
C ARG A 27 0.66 -4.80 -15.74
N GLY A 28 0.77 -5.59 -14.65
CA GLY A 28 1.34 -6.96 -14.71
C GLY A 28 2.77 -7.06 -14.22
N GLU A 29 3.36 -5.96 -13.75
CA GLU A 29 4.74 -5.96 -13.22
C GLU A 29 4.72 -6.22 -11.70
N TRP A 30 4.43 -7.47 -11.35
CA TRP A 30 4.25 -7.95 -9.97
C TRP A 30 5.60 -8.23 -9.29
N ASP A 31 6.48 -8.92 -10.01
CA ASP A 31 7.84 -9.21 -9.54
C ASP A 31 8.66 -7.92 -9.42
N LEU A 32 8.41 -6.98 -10.37
CA LEU A 32 9.06 -5.67 -10.39
C LEU A 32 8.56 -4.86 -9.17
N LEU A 33 7.26 -5.04 -8.83
CA LEU A 33 6.63 -4.43 -7.65
C LEU A 33 7.35 -4.87 -6.36
N LEU A 34 7.62 -6.19 -6.27
CA LEU A 34 8.33 -6.81 -5.13
C LEU A 34 9.79 -6.34 -5.01
N GLN A 35 10.38 -5.95 -6.15
CA GLN A 35 11.70 -5.29 -6.15
C GLN A 35 11.59 -3.88 -5.53
N GLN A 36 10.56 -3.09 -5.97
CA GLN A 36 10.37 -1.69 -5.51
C GLN A 36 9.79 -1.63 -4.07
N GLU A 37 9.28 -2.79 -3.60
CA GLU A 37 8.70 -2.98 -2.25
C GLU A 37 9.59 -2.39 -1.15
N VAL A 38 10.89 -2.73 -1.23
CA VAL A 38 11.92 -2.34 -0.27
C VAL A 38 11.92 -0.82 -0.02
N SER A 39 12.07 -0.04 -1.10
CA SER A 39 12.15 1.43 -1.04
C SER A 39 10.82 2.06 -0.65
N TYR A 40 9.70 1.45 -1.12
CA TYR A 40 8.36 1.96 -0.81
C TYR A 40 8.13 1.98 0.70
N LEU A 41 8.13 0.77 1.29
CA LEU A 41 7.94 0.56 2.72
C LEU A 41 8.97 1.35 3.57
N GLN A 42 10.24 1.36 3.11
CA GLN A 42 11.33 2.11 3.76
C GLN A 42 11.00 3.62 3.85
N SER A 43 10.74 4.23 2.68
CA SER A 43 10.52 5.68 2.57
C SER A 43 9.24 6.12 3.28
N ILE A 44 8.15 5.35 3.08
CA ILE A 44 6.82 5.71 3.60
C ILE A 44 6.83 5.72 5.15
N GLU A 45 7.50 4.70 5.74
CA GLU A 45 7.70 4.62 7.20
C GLU A 45 8.52 5.80 7.71
N THR A 46 9.72 5.99 7.11
CA THR A 46 10.69 7.01 7.56
C THR A 46 10.12 8.44 7.47
N VAL A 47 9.21 8.69 6.51
CA VAL A 47 8.51 9.99 6.37
C VAL A 47 7.47 10.17 7.48
N MET A 48 6.62 9.14 7.69
CA MET A 48 5.54 9.19 8.70
C MET A 48 6.10 9.26 10.14
N GLU A 49 7.37 8.85 10.33
CA GLU A 49 8.08 8.98 11.62
C GLU A 49 8.38 10.45 11.98
N LYS A 50 8.44 11.34 10.96
CA LYS A 50 8.67 12.79 11.15
C LYS A 50 7.44 13.49 11.74
N GLN A 51 7.69 14.65 12.37
CA GLN A 51 6.65 15.52 12.93
C GLN A 51 6.23 16.56 11.86
N THR A 52 5.00 17.09 11.98
CA THR A 52 4.50 18.17 11.13
C THR A 52 5.21 19.50 11.52
N PRO A 53 5.96 20.15 10.57
CA PRO A 53 6.70 21.41 10.83
C PRO A 53 5.80 22.66 10.76
N PRO A 54 6.31 23.86 11.21
CA PRO A 54 5.58 25.13 11.07
C PRO A 54 5.71 25.70 9.64
N GLY A 55 4.98 26.80 9.37
CA GLY A 55 5.02 27.45 8.05
C GLY A 55 3.99 26.88 7.08
N ILE A 56 3.09 26.02 7.58
CA ILE A 56 2.03 25.41 6.78
C ILE A 56 0.89 26.45 6.61
N THR A 57 0.79 27.05 5.42
CA THR A 57 -0.32 27.94 5.08
C THR A 57 -1.58 27.11 4.76
N ARG A 58 -2.70 27.80 4.49
CA ARG A 58 -3.94 27.15 4.04
C ARG A 58 -3.68 26.35 2.73
N SER A 59 -2.93 27.00 1.83
CA SER A 59 -2.53 26.42 0.55
C SER A 59 -1.72 25.12 0.74
N ILE A 60 -0.74 25.16 1.66
CA ILE A 60 0.14 24.01 1.94
C ILE A 60 -0.68 22.83 2.52
N GLN A 61 -1.55 23.13 3.50
CA GLN A 61 -2.35 22.11 4.21
C GLN A 61 -3.31 21.37 3.26
N ASP A 62 -4.01 22.13 2.40
CA ASP A 62 -4.97 21.60 1.43
C ASP A 62 -4.25 20.76 0.35
N MET A 63 -3.09 21.25 -0.09
CA MET A 63 -2.24 20.60 -1.10
C MET A 63 -1.72 19.24 -0.58
N VAL A 64 -1.17 19.24 0.66
CA VAL A 64 -0.69 18.04 1.35
C VAL A 64 -1.86 17.07 1.61
N ALA A 65 -3.04 17.64 1.94
CA ALA A 65 -4.27 16.85 2.15
C ALA A 65 -4.61 16.05 0.88
N GLY A 66 -4.36 16.68 -0.30
CA GLY A 66 -4.52 16.02 -1.59
C GLY A 66 -3.51 14.89 -1.82
N TYR A 67 -2.24 15.13 -1.46
CA TYR A 67 -1.18 14.12 -1.62
C TYR A 67 -1.44 12.89 -0.73
N ILE A 68 -1.78 13.14 0.56
CA ILE A 68 -2.07 12.07 1.53
C ILE A 68 -3.32 11.30 1.10
N LYS A 69 -4.37 12.04 0.67
CA LYS A 69 -5.65 11.46 0.18
C LYS A 69 -5.40 10.54 -1.03
N GLN A 70 -4.52 10.99 -1.95
CA GLN A 70 -4.15 10.25 -3.16
C GLN A 70 -3.54 8.91 -2.77
N THR A 71 -2.51 8.95 -1.89
CA THR A 71 -1.83 7.73 -1.44
C THR A 71 -2.73 6.90 -0.49
N LEU A 72 -3.75 7.51 0.17
CA LEU A 72 -4.74 6.74 0.98
C LEU A 72 -5.46 5.76 0.04
N ASP A 73 -5.94 6.32 -1.08
CA ASP A 73 -6.58 5.55 -2.15
C ASP A 73 -5.60 4.49 -2.67
N ASN A 74 -4.40 4.92 -3.06
CA ASN A 74 -3.37 4.04 -3.69
C ASN A 74 -3.03 2.83 -2.80
N GLU A 75 -2.95 3.05 -1.48
CA GLU A 75 -2.61 2.00 -0.50
C GLU A 75 -3.76 1.00 -0.32
N GLN A 76 -5.01 1.51 -0.18
CA GLN A 76 -6.20 0.63 0.01
C GLN A 76 -6.61 -0.07 -1.32
N LEU A 77 -6.24 0.53 -2.46
CA LEU A 77 -6.48 -0.04 -3.78
C LEU A 77 -5.37 -1.06 -4.12
N LEU A 78 -4.14 -0.82 -3.61
CA LEU A 78 -3.04 -1.82 -3.69
C LEU A 78 -3.32 -2.97 -2.71
N LYS A 79 -4.06 -2.67 -1.61
CA LYS A 79 -4.59 -3.72 -0.71
C LYS A 79 -5.52 -4.65 -1.50
N GLY A 80 -6.59 -4.08 -2.09
CA GLY A 80 -7.60 -4.86 -2.81
C GLY A 80 -7.02 -5.63 -4.01
N LEU A 81 -6.27 -4.92 -4.83
CA LEU A 81 -5.59 -5.46 -6.02
C LEU A 81 -4.62 -6.60 -5.66
N LEU A 82 -3.61 -6.29 -4.83
CA LEU A 82 -2.48 -7.20 -4.55
C LEU A 82 -2.97 -8.42 -3.76
N GLN A 83 -3.95 -8.19 -2.88
CA GLN A 83 -4.55 -9.26 -2.06
C GLN A 83 -5.47 -10.15 -2.92
N GLN A 84 -6.13 -9.57 -3.97
CA GLN A 84 -6.89 -10.39 -4.93
C GLN A 84 -5.93 -11.27 -5.76
N ARG A 85 -4.74 -10.73 -6.06
CA ARG A 85 -3.68 -11.48 -6.71
C ARG A 85 -3.14 -12.58 -5.79
N LEU A 86 -3.16 -12.33 -4.47
CA LEU A 86 -2.82 -13.35 -3.46
C LEU A 86 -3.86 -14.49 -3.47
N ASP A 87 -5.14 -14.12 -3.67
CA ASP A 87 -6.25 -15.09 -3.82
C ASP A 87 -5.98 -15.97 -5.06
N GLU A 88 -5.58 -15.31 -6.16
CA GLU A 88 -5.20 -15.95 -7.43
C GLU A 88 -4.03 -16.92 -7.22
N LEU A 89 -2.96 -16.45 -6.56
CA LEU A 89 -1.70 -17.20 -6.33
C LEU A 89 -1.95 -18.46 -5.49
N SER A 90 -2.78 -18.31 -4.43
CA SER A 90 -3.07 -19.40 -3.50
C SER A 90 -3.88 -20.51 -4.18
N SER A 91 -4.92 -20.11 -4.96
CA SER A 91 -5.78 -21.07 -5.68
C SER A 91 -5.07 -21.70 -6.90
N LEU A 92 -4.22 -20.89 -7.56
CA LEU A 92 -3.47 -21.28 -8.77
C LEU A 92 -2.44 -22.37 -8.45
N ILE A 93 -1.49 -21.99 -7.59
CA ILE A 93 -0.38 -22.85 -7.16
C ILE A 93 -0.95 -23.98 -6.28
N GLY A 94 -2.00 -23.67 -5.50
CA GLY A 94 -2.69 -24.66 -4.67
C GLY A 94 -1.83 -25.20 -3.55
N GLN A 95 -0.80 -24.42 -3.16
CA GLN A 95 0.19 -24.80 -2.15
C GLN A 95 0.25 -23.74 -1.06
N VAL A 96 0.44 -24.19 0.19
CA VAL A 96 0.53 -23.34 1.38
C VAL A 96 1.92 -23.53 2.03
N LEU A 97 2.17 -24.71 2.60
CA LEU A 97 3.34 -24.98 3.45
C LEU A 97 4.45 -25.65 2.62
N PHE A 98 5.47 -26.16 3.34
CA PHE A 98 6.55 -27.00 2.78
C PHE A 98 7.41 -26.19 1.78
N GLN A 99 7.54 -24.88 2.06
CA GLN A 99 8.18 -23.89 1.17
C GLN A 99 9.35 -23.17 1.89
N GLY A 100 9.76 -21.99 1.38
CA GLY A 100 10.87 -21.23 1.97
C GLY A 100 10.66 -19.72 1.93
N PRO A 101 11.45 -18.94 2.73
CA PRO A 101 11.42 -17.46 2.68
C PRO A 101 12.24 -16.91 1.49
N SER A 102 11.88 -15.71 1.03
CA SER A 102 12.55 -15.04 -0.10
C SER A 102 12.21 -13.54 -0.09
N ALA A 103 12.83 -12.78 -1.01
CA ALA A 103 12.62 -11.33 -1.16
C ALA A 103 13.11 -10.83 -2.53
N GLY A 104 12.51 -9.73 -3.03
CA GLY A 104 12.96 -9.03 -4.24
C GLY A 104 13.88 -7.87 -3.92
N LEU A 105 14.85 -7.57 -4.80
CA LEU A 105 15.89 -6.54 -4.56
C LEU A 105 15.99 -5.59 -5.78
N VAL A 106 16.77 -4.50 -5.66
CA VAL A 106 16.90 -3.41 -6.64
C VAL A 106 15.57 -2.62 -6.69
N PRO A 107 15.34 -1.72 -5.69
CA PRO A 107 14.07 -1.01 -5.50
C PRO A 107 13.99 0.33 -6.29
N ARG A 108 13.47 1.40 -5.63
CA ARG A 108 13.26 2.76 -6.19
C ARG A 108 12.11 2.73 -7.20
N GLY A 109 12.21 3.49 -8.32
CA GLY A 109 11.24 3.40 -9.42
C GLY A 109 9.96 4.20 -9.19
N SER A 110 9.35 4.66 -10.30
CA SER A 110 8.07 5.36 -10.32
C SER A 110 7.57 5.45 -11.77
N GLY A 111 6.68 4.51 -12.14
CA GLY A 111 6.10 4.45 -13.49
C GLY A 111 4.63 4.09 -13.47
N GLY A 112 3.75 5.03 -13.86
CA GLY A 112 2.30 4.80 -13.90
C GLY A 112 1.51 6.11 -13.97
N ILE A 113 0.23 6.02 -14.38
CA ILE A 113 -0.66 7.19 -14.52
C ILE A 113 -1.61 7.29 -13.28
N GLU A 114 -2.88 6.79 -13.40
CA GLU A 114 -3.97 6.90 -12.40
C GLU A 114 -5.31 6.71 -13.13
N GLY A 115 -6.29 6.06 -12.48
CA GLY A 115 -7.66 5.96 -13.02
C GLY A 115 -8.18 4.53 -13.10
N SER A 116 -7.63 3.63 -12.26
CA SER A 116 -8.06 2.23 -12.17
C SER A 116 -7.96 1.73 -10.73
N ASN A 117 -9.07 1.19 -10.21
CA ASN A 117 -9.17 0.64 -8.83
C ASN A 117 -9.49 -0.87 -8.90
N LEU A 118 -9.21 -1.60 -7.78
CA LEU A 118 -9.50 -3.05 -7.70
C LEU A 118 -9.60 -3.51 -6.23
N ASN A 119 -10.53 -4.46 -5.97
CA ASN A 119 -10.85 -4.98 -4.63
C ASN A 119 -10.52 -6.50 -4.55
N THR A 120 -10.46 -7.05 -3.33
CA THR A 120 -10.09 -8.47 -3.07
C THR A 120 -11.35 -9.32 -2.78
N ASP A 121 -11.22 -10.65 -2.88
CA ASP A 121 -12.30 -11.62 -2.56
C ASP A 121 -11.94 -12.41 -1.28
N MET A 122 -11.14 -13.50 -1.43
CA MET A 122 -10.77 -14.42 -0.35
C MET A 122 -9.76 -15.45 -0.87
N GLY A 123 -8.62 -15.58 -0.18
CA GLY A 123 -7.57 -16.53 -0.54
C GLY A 123 -6.85 -17.06 0.69
N ASN A 124 -6.11 -18.17 0.53
CA ASN A 124 -5.45 -18.86 1.66
C ASN A 124 -4.29 -19.74 1.14
N GLY A 125 -3.07 -19.32 1.49
CA GLY A 125 -1.83 -20.02 1.12
C GLY A 125 -0.63 -19.21 1.56
N ILE A 126 0.58 -19.76 1.37
CA ILE A 126 1.86 -19.04 1.66
C ILE A 126 2.99 -19.60 0.76
N ALA A 127 2.79 -19.50 -0.57
CA ALA A 127 3.80 -19.90 -1.59
C ALA A 127 5.12 -19.10 -1.41
N SER A 128 6.27 -19.75 -1.69
CA SER A 128 7.59 -19.30 -1.19
C SER A 128 7.92 -17.82 -1.50
N ASN A 129 8.30 -17.52 -2.75
CA ASN A 129 8.80 -16.18 -3.13
C ASN A 129 7.65 -15.18 -3.06
N ARG A 130 6.58 -15.47 -3.81
CA ARG A 130 5.44 -14.56 -3.96
C ARG A 130 4.80 -14.22 -2.60
N TRP A 131 4.27 -15.22 -1.89
CA TRP A 131 3.51 -14.95 -0.66
C TRP A 131 4.39 -14.44 0.49
N ILE A 132 5.68 -14.86 0.63
CA ILE A 132 6.54 -14.31 1.71
C ILE A 132 6.80 -12.80 1.47
N ASN A 133 7.11 -12.43 0.20
CA ASN A 133 7.32 -11.02 -0.19
C ASN A 133 6.05 -10.20 0.07
N TYR A 134 4.93 -10.69 -0.49
CA TYR A 134 3.62 -10.02 -0.43
C TYR A 134 3.04 -9.98 1.00
N GLN A 135 3.33 -10.99 1.82
CA GLN A 135 2.86 -11.07 3.23
C GLN A 135 3.51 -9.96 4.07
N GLN A 136 4.85 -9.80 3.87
CA GLN A 136 5.61 -8.71 4.47
C GLN A 136 5.04 -7.37 3.95
N PHE A 137 4.77 -7.34 2.62
CA PHE A 137 4.22 -6.17 1.90
C PHE A 137 2.90 -5.72 2.57
N ILE A 138 1.94 -6.65 2.79
CA ILE A 138 0.60 -6.30 3.32
C ILE A 138 0.66 -5.85 4.77
N GLN A 139 1.50 -6.51 5.58
CA GLN A 139 1.68 -6.15 7.01
C GLN A 139 2.18 -4.70 7.15
N THR A 140 3.19 -4.35 6.36
CA THR A 140 3.78 -3.00 6.35
C THR A 140 2.87 -1.99 5.61
N LEU A 141 2.06 -2.47 4.63
CA LEU A 141 1.01 -1.66 3.98
C LEU A 141 -0.07 -1.31 5.01
N GLU A 142 -0.32 -2.24 5.94
CA GLU A 142 -1.37 -2.11 6.95
C GLU A 142 -0.96 -1.07 8.00
N LYS A 143 0.31 -1.15 8.45
CA LYS A 143 0.90 -0.14 9.33
C LYS A 143 0.94 1.23 8.62
N ALA A 144 1.32 1.21 7.32
CA ALA A 144 1.46 2.41 6.50
C ALA A 144 0.11 3.16 6.37
N ILE A 145 -0.94 2.44 5.95
CA ILE A 145 -2.27 3.02 5.68
C ILE A 145 -2.98 3.41 7.00
N GLU A 146 -2.73 2.64 8.08
CA GLU A 146 -3.31 2.92 9.41
C GLU A 146 -2.81 4.28 9.90
N GLN A 147 -1.47 4.39 9.99
CA GLN A 147 -0.75 5.60 10.45
C GLN A 147 -1.00 6.79 9.50
N HIS A 148 -1.28 6.48 8.22
CA HIS A 148 -1.63 7.45 7.18
C HIS A 148 -2.98 8.11 7.50
N ARG A 149 -3.98 7.26 7.79
CA ARG A 149 -5.35 7.69 8.14
C ARG A 149 -5.39 8.39 9.52
N LEU A 150 -4.51 7.95 10.45
CA LEU A 150 -4.39 8.57 11.79
C LEU A 150 -3.79 9.98 11.66
N GLN A 151 -2.73 10.09 10.84
CA GLN A 151 -2.07 11.37 10.53
C GLN A 151 -3.07 12.31 9.87
N LEU A 152 -3.72 11.81 8.79
CA LEU A 152 -4.63 12.58 7.94
C LEU A 152 -5.85 13.09 8.73
N THR A 153 -6.40 12.23 9.62
CA THR A 153 -7.56 12.62 10.42
C THR A 153 -7.18 13.72 11.42
N GLN A 154 -6.04 13.56 12.13
CA GLN A 154 -5.60 14.57 13.12
C GLN A 154 -5.06 15.85 12.44
N TRP A 155 -4.70 15.73 11.15
CA TRP A 155 -4.12 16.83 10.36
C TRP A 155 -5.21 17.77 9.81
N THR A 156 -6.19 17.20 9.10
CA THR A 156 -7.15 17.98 8.30
C THR A 156 -8.60 17.85 8.84
N GLN A 157 -8.86 16.85 9.70
CA GLN A 157 -10.15 16.71 10.42
C GLN A 157 -9.84 16.79 11.93
N LYS A 158 -10.77 16.31 12.76
CA LYS A 158 -10.49 16.02 14.17
C LYS A 158 -10.40 14.49 14.31
N VAL A 159 -11.58 13.84 14.18
CA VAL A 159 -11.73 12.38 14.19
C VAL A 159 -13.18 12.03 13.75
N ASP A 160 -13.33 11.69 12.46
CA ASP A 160 -14.65 11.38 11.86
C ASP A 160 -15.01 9.90 12.07
N LEU A 161 -15.27 9.57 13.34
CA LEU A 161 -15.65 8.20 13.77
C LEU A 161 -17.09 7.87 13.33
N ALA A 162 -17.33 6.59 12.98
CA ALA A 162 -18.60 6.12 12.40
C ALA A 162 -19.46 5.42 13.47
N LEU A 163 -20.63 6.00 13.76
CA LEU A 163 -21.62 5.42 14.69
C LEU A 163 -22.75 4.76 13.87
N LYS A 164 -23.31 3.65 14.42
CA LYS A 164 -24.32 2.83 13.72
C LYS A 164 -24.97 1.82 14.70
N SER A 165 -26.26 1.51 14.47
CA SER A 165 -26.99 0.48 15.24
C SER A 165 -26.95 -0.86 14.47
N TRP A 166 -27.51 -0.83 13.24
CA TRP A 166 -27.55 -2.00 12.33
C TRP A 166 -27.95 -1.51 10.91
N MET A 1 10.30 28.25 5.67
CA MET A 1 9.60 27.52 4.60
C MET A 1 10.34 26.21 4.21
N THR A 2 11.61 26.06 4.64
CA THR A 2 12.46 24.92 4.24
C THR A 2 11.91 23.59 4.81
N SER A 3 11.50 23.62 6.08
CA SER A 3 10.87 22.47 6.76
C SER A 3 9.57 22.06 6.04
N THR A 4 8.84 23.07 5.52
CA THR A 4 7.62 22.88 4.74
C THR A 4 7.92 22.25 3.37
N VAL A 5 9.02 22.69 2.72
CA VAL A 5 9.45 22.15 1.41
C VAL A 5 9.78 20.64 1.55
N GLU A 6 10.52 20.29 2.62
CA GLU A 6 10.83 18.89 2.94
C GLU A 6 9.55 18.08 3.16
N PHE A 7 8.64 18.66 3.97
CA PHE A 7 7.34 18.07 4.34
C PHE A 7 6.52 17.68 3.08
N ILE A 8 6.26 18.69 2.21
CA ILE A 8 5.53 18.52 0.94
C ILE A 8 6.26 17.53 0.03
N ASN A 9 7.59 17.66 -0.06
CA ASN A 9 8.45 16.84 -0.96
C ASN A 9 8.45 15.36 -0.55
N ARG A 10 8.32 15.10 0.75
CA ARG A 10 8.24 13.75 1.30
C ARG A 10 6.86 13.14 1.02
N TRP A 11 5.83 13.99 1.08
CA TRP A 11 4.47 13.61 0.66
C TRP A 11 4.35 13.53 -0.87
N GLN A 12 5.25 14.23 -1.63
CA GLN A 12 5.36 14.07 -3.09
C GLN A 12 5.86 12.65 -3.35
N ARG A 13 6.94 12.30 -2.61
CA ARG A 13 7.57 10.99 -2.67
C ARG A 13 6.50 9.91 -2.54
N ILE A 14 5.78 9.90 -1.41
CA ILE A 14 4.80 8.84 -1.10
C ILE A 14 3.58 8.86 -2.07
N ALA A 15 3.00 10.04 -2.34
CA ALA A 15 1.77 10.18 -3.17
C ALA A 15 2.00 9.65 -4.59
N LEU A 16 2.99 10.25 -5.26
CA LEU A 16 3.35 9.92 -6.65
C LEU A 16 3.87 8.45 -6.76
N LEU A 17 4.62 8.00 -5.74
CA LEU A 17 5.19 6.62 -5.64
C LEU A 17 4.10 5.53 -5.50
N SER A 18 3.12 5.76 -4.61
CA SER A 18 2.03 4.80 -4.36
C SER A 18 1.12 4.71 -5.59
N GLN A 19 0.99 5.84 -6.31
CA GLN A 19 0.33 5.90 -7.62
C GLN A 19 1.09 5.00 -8.62
N SER A 20 2.43 5.10 -8.61
CA SER A 20 3.31 4.24 -9.44
C SER A 20 3.15 2.75 -9.08
N LEU A 21 2.94 2.46 -7.77
CA LEU A 21 2.79 1.10 -7.25
C LEU A 21 1.46 0.48 -7.66
N LEU A 22 0.41 1.30 -7.60
CA LEU A 22 -0.93 0.90 -7.99
C LEU A 22 -0.93 0.53 -9.48
N GLU A 23 -0.25 1.37 -10.28
CA GLU A 23 -0.05 1.12 -11.72
C GLU A 23 0.84 -0.13 -11.96
N LEU A 24 1.85 -0.35 -11.10
CA LEU A 24 2.72 -1.55 -11.16
C LEU A 24 1.88 -2.83 -11.03
N ALA A 25 0.97 -2.81 -10.07
CA ALA A 25 0.07 -3.93 -9.79
C ALA A 25 -0.92 -4.16 -10.95
N GLN A 26 -1.64 -3.08 -11.32
CA GLN A 26 -2.65 -3.09 -12.43
C GLN A 26 -2.07 -3.61 -13.76
N ARG A 27 -0.88 -3.09 -14.14
CA ARG A 27 -0.25 -3.39 -15.44
C ARG A 27 0.43 -4.78 -15.45
N GLY A 28 0.49 -5.44 -14.28
CA GLY A 28 1.02 -6.80 -14.17
C GLY A 28 2.53 -6.85 -13.97
N GLU A 29 3.08 -5.74 -13.47
CA GLU A 29 4.50 -5.60 -13.14
C GLU A 29 4.69 -5.91 -11.63
N TRP A 30 4.27 -7.11 -11.23
CA TRP A 30 4.27 -7.54 -9.82
C TRP A 30 5.68 -7.87 -9.30
N ASP A 31 6.54 -8.38 -10.20
CA ASP A 31 7.99 -8.54 -9.92
C ASP A 31 8.59 -7.16 -9.60
N LEU A 32 8.33 -6.19 -10.49
CA LEU A 32 8.84 -4.82 -10.38
C LEU A 32 8.22 -4.14 -9.13
N LEU A 33 6.97 -4.53 -8.79
CA LEU A 33 6.27 -4.02 -7.59
C LEU A 33 7.02 -4.45 -6.32
N LEU A 34 7.41 -5.73 -6.27
CA LEU A 34 8.16 -6.30 -5.14
C LEU A 34 9.59 -5.71 -5.05
N GLN A 35 10.13 -5.29 -6.20
CA GLN A 35 11.42 -4.56 -6.26
C GLN A 35 11.27 -3.15 -5.64
N GLN A 36 10.13 -2.49 -5.93
CA GLN A 36 9.81 -1.15 -5.40
C GLN A 36 9.18 -1.23 -3.99
N GLU A 37 8.85 -2.47 -3.54
CA GLU A 37 8.31 -2.76 -2.19
C GLU A 37 9.23 -2.18 -1.12
N VAL A 38 10.51 -2.59 -1.18
CA VAL A 38 11.54 -2.18 -0.22
C VAL A 38 11.67 -0.64 -0.17
N SER A 39 11.78 -0.04 -1.37
CA SER A 39 11.90 1.42 -1.55
C SER A 39 10.70 2.17 -0.93
N TYR A 40 9.50 1.61 -1.13
CA TYR A 40 8.24 2.18 -0.66
C TYR A 40 8.16 2.17 0.86
N LEU A 41 8.14 0.95 1.43
CA LEU A 41 8.01 0.73 2.88
C LEU A 41 9.05 1.55 3.66
N GLN A 42 10.30 1.55 3.15
CA GLN A 42 11.41 2.36 3.69
C GLN A 42 11.04 3.86 3.75
N SER A 43 10.68 4.43 2.58
CA SER A 43 10.40 5.88 2.44
C SER A 43 9.18 6.31 3.27
N ILE A 44 8.04 5.61 3.07
CA ILE A 44 6.75 5.96 3.69
C ILE A 44 6.83 5.94 5.24
N GLU A 45 7.56 4.94 5.79
CA GLU A 45 7.84 4.88 7.22
C GLU A 45 8.68 6.09 7.65
N THR A 46 9.86 6.26 7.03
CA THR A 46 10.82 7.32 7.41
C THR A 46 10.26 8.76 7.25
N VAL A 47 9.17 8.91 6.47
CA VAL A 47 8.44 10.19 6.37
C VAL A 47 7.43 10.35 7.53
N MET A 48 6.59 9.31 7.74
CA MET A 48 5.53 9.34 8.79
C MET A 48 6.10 9.24 10.21
N GLU A 49 7.41 8.93 10.33
CA GLU A 49 8.15 8.95 11.60
C GLU A 49 8.50 10.38 12.03
N LYS A 50 8.37 11.34 11.12
CA LYS A 50 8.57 12.77 11.41
C LYS A 50 7.26 13.42 11.86
N GLN A 51 7.38 14.30 12.85
CA GLN A 51 6.29 15.20 13.27
C GLN A 51 6.11 16.28 12.19
N THR A 52 4.87 16.78 12.05
CA THR A 52 4.55 17.89 11.16
C THR A 52 5.24 19.19 11.65
N PRO A 53 6.11 19.83 10.82
CA PRO A 53 6.71 21.14 11.15
C PRO A 53 5.73 22.31 10.88
N PRO A 54 5.78 23.41 11.70
CA PRO A 54 5.04 24.67 11.39
C PRO A 54 5.48 25.34 10.06
N GLY A 55 4.84 26.46 9.70
CA GLY A 55 5.08 27.14 8.43
C GLY A 55 4.13 26.67 7.34
N ILE A 56 3.03 26.02 7.77
CA ILE A 56 2.02 25.45 6.88
C ILE A 56 0.89 26.47 6.69
N THR A 57 0.75 27.01 5.47
CA THR A 57 -0.37 27.89 5.12
C THR A 57 -1.53 27.04 4.55
N ARG A 58 -2.64 27.73 4.19
CA ARG A 58 -3.89 27.09 3.70
C ARG A 58 -3.60 26.21 2.46
N SER A 59 -2.90 26.79 1.46
CA SER A 59 -2.56 26.12 0.19
C SER A 59 -1.68 24.88 0.43
N ILE A 60 -0.74 25.00 1.39
CA ILE A 60 0.16 23.90 1.77
C ILE A 60 -0.66 22.73 2.37
N GLN A 61 -1.56 23.07 3.32
CA GLN A 61 -2.40 22.10 4.03
C GLN A 61 -3.24 21.29 3.04
N ASP A 62 -3.83 21.99 2.06
CA ASP A 62 -4.69 21.38 1.03
C ASP A 62 -3.88 20.58 -0.02
N MET A 63 -2.64 21.01 -0.31
CA MET A 63 -1.78 20.30 -1.29
C MET A 63 -1.32 18.97 -0.70
N VAL A 64 -0.74 19.05 0.50
CA VAL A 64 -0.38 17.90 1.33
C VAL A 64 -1.59 17.00 1.60
N ALA A 65 -2.77 17.61 1.89
CA ALA A 65 -4.03 16.87 2.10
C ALA A 65 -4.36 16.04 0.86
N GLY A 66 -4.18 16.67 -0.31
CA GLY A 66 -4.37 16.02 -1.60
C GLY A 66 -3.40 14.87 -1.82
N TYR A 67 -2.13 15.07 -1.41
CA TYR A 67 -1.06 14.05 -1.53
C TYR A 67 -1.38 12.82 -0.67
N ILE A 68 -1.67 13.06 0.62
CA ILE A 68 -1.89 12.01 1.61
C ILE A 68 -3.16 11.20 1.26
N LYS A 69 -4.25 11.92 0.94
CA LYS A 69 -5.55 11.33 0.57
C LYS A 69 -5.38 10.51 -0.74
N GLN A 70 -4.53 11.03 -1.66
CA GLN A 70 -4.21 10.36 -2.93
C GLN A 70 -3.57 9.00 -2.67
N THR A 71 -2.51 9.00 -1.83
CA THR A 71 -1.79 7.78 -1.45
C THR A 71 -2.63 6.89 -0.54
N LEU A 72 -3.68 7.43 0.13
CA LEU A 72 -4.64 6.60 0.90
C LEU A 72 -5.46 5.72 -0.07
N ASP A 73 -5.96 6.33 -1.17
CA ASP A 73 -6.69 5.59 -2.23
C ASP A 73 -5.77 4.63 -2.98
N ASN A 74 -4.55 5.11 -3.32
CA ASN A 74 -3.55 4.31 -4.06
C ASN A 74 -3.17 3.05 -3.25
N GLU A 75 -3.00 3.26 -1.93
CA GLU A 75 -2.74 2.19 -0.96
C GLU A 75 -3.93 1.24 -0.89
N GLN A 76 -5.14 1.78 -0.64
CA GLN A 76 -6.37 1.00 -0.40
C GLN A 76 -6.65 0.04 -1.58
N LEU A 77 -6.51 0.59 -2.79
CA LEU A 77 -6.68 -0.14 -4.04
C LEU A 77 -5.53 -1.16 -4.22
N LEU A 78 -4.28 -0.80 -3.79
CA LEU A 78 -3.13 -1.72 -3.80
C LEU A 78 -3.38 -2.91 -2.85
N LYS A 79 -3.98 -2.66 -1.65
CA LYS A 79 -4.28 -3.73 -0.69
C LYS A 79 -5.27 -4.69 -1.36
N GLY A 80 -6.29 -4.09 -2.00
CA GLY A 80 -7.36 -4.80 -2.66
C GLY A 80 -6.90 -5.78 -3.73
N LEU A 81 -6.23 -5.28 -4.79
CA LEU A 81 -5.89 -6.11 -5.96
C LEU A 81 -4.66 -6.99 -5.72
N LEU A 82 -3.81 -6.62 -4.72
CA LEU A 82 -2.68 -7.48 -4.30
C LEU A 82 -3.18 -8.64 -3.44
N GLN A 83 -4.20 -8.37 -2.61
CA GLN A 83 -4.83 -9.42 -1.79
C GLN A 83 -5.63 -10.38 -2.70
N GLN A 84 -6.28 -9.79 -3.73
CA GLN A 84 -6.98 -10.54 -4.80
C GLN A 84 -5.95 -11.35 -5.63
N ARG A 85 -4.75 -10.77 -5.79
CA ARG A 85 -3.62 -11.43 -6.43
C ARG A 85 -3.18 -12.64 -5.59
N LEU A 86 -3.23 -12.52 -4.25
CA LEU A 86 -2.94 -13.64 -3.34
C LEU A 86 -4.01 -14.74 -3.43
N ASP A 87 -5.29 -14.33 -3.63
CA ASP A 87 -6.41 -15.27 -3.84
C ASP A 87 -6.17 -16.14 -5.10
N GLU A 88 -5.81 -15.47 -6.21
CA GLU A 88 -5.63 -16.13 -7.50
C GLU A 88 -4.30 -16.90 -7.56
N LEU A 89 -3.27 -16.42 -6.84
CA LEU A 89 -1.97 -17.13 -6.72
C LEU A 89 -2.17 -18.45 -5.97
N SER A 90 -2.95 -18.41 -4.87
CA SER A 90 -3.21 -19.59 -4.05
C SER A 90 -4.03 -20.63 -4.81
N SER A 91 -5.05 -20.16 -5.56
CA SER A 91 -5.88 -21.05 -6.40
C SER A 91 -5.11 -21.58 -7.63
N LEU A 92 -4.11 -20.81 -8.11
CA LEU A 92 -3.24 -21.20 -9.25
C LEU A 92 -2.31 -22.36 -8.86
N ILE A 93 -1.56 -22.12 -7.79
CA ILE A 93 -0.51 -23.02 -7.30
C ILE A 93 -1.13 -24.27 -6.66
N GLY A 94 -2.01 -24.05 -5.67
CA GLY A 94 -2.65 -25.16 -4.94
C GLY A 94 -1.72 -25.85 -3.94
N GLN A 95 -2.27 -26.89 -3.26
CA GLN A 95 -1.51 -27.79 -2.36
C GLN A 95 -1.03 -27.10 -1.05
N VAL A 96 -1.56 -25.88 -0.80
CA VAL A 96 -1.26 -25.01 0.36
C VAL A 96 0.24 -24.98 0.79
N LEU A 97 0.67 -25.93 1.62
CA LEU A 97 1.99 -25.92 2.25
C LEU A 97 2.94 -26.83 1.47
N PHE A 98 4.09 -27.15 2.11
CA PHE A 98 5.07 -28.14 1.63
C PHE A 98 5.71 -27.67 0.31
N GLN A 99 5.90 -26.34 0.23
CA GLN A 99 6.51 -25.64 -0.92
C GLN A 99 7.70 -24.76 -0.46
N GLY A 100 8.14 -24.99 0.79
CA GLY A 100 9.25 -24.24 1.39
C GLY A 100 8.86 -23.65 2.74
N PRO A 101 9.79 -23.61 3.74
CA PRO A 101 9.46 -23.19 5.14
C PRO A 101 8.94 -21.73 5.21
N SER A 102 7.61 -21.58 5.12
CA SER A 102 6.94 -20.27 5.17
C SER A 102 6.64 -19.90 6.63
N ALA A 103 7.28 -18.82 7.12
CA ALA A 103 7.14 -18.34 8.49
C ALA A 103 6.98 -16.82 8.48
N GLY A 104 5.74 -16.34 8.68
CA GLY A 104 5.44 -14.92 8.68
C GLY A 104 5.36 -14.36 10.08
N LEU A 105 6.51 -14.28 10.76
CA LEU A 105 6.61 -13.77 12.15
C LEU A 105 6.97 -12.27 12.09
N VAL A 106 6.10 -11.50 11.40
CA VAL A 106 6.25 -10.05 11.17
C VAL A 106 7.67 -9.69 10.62
N PRO A 107 7.97 -10.01 9.33
CA PRO A 107 9.25 -9.65 8.69
C PRO A 107 9.20 -8.26 8.00
N ARG A 108 10.27 -7.91 7.29
CA ARG A 108 10.42 -6.58 6.66
C ARG A 108 10.62 -6.70 5.15
N GLY A 109 10.46 -5.54 4.45
CA GLY A 109 10.53 -5.46 2.99
C GLY A 109 11.78 -6.09 2.39
N SER A 110 11.59 -7.17 1.61
CA SER A 110 12.68 -7.95 1.02
C SER A 110 12.20 -8.65 -0.26
N GLY A 111 11.22 -8.03 -0.94
CA GLY A 111 10.67 -8.55 -2.19
C GLY A 111 11.60 -8.36 -3.36
N GLY A 112 11.25 -8.95 -4.52
CA GLY A 112 12.06 -8.81 -5.73
C GLY A 112 11.43 -9.46 -6.94
N ILE A 113 11.04 -10.73 -6.82
CA ILE A 113 10.59 -11.55 -7.97
C ILE A 113 9.40 -12.45 -7.62
N GLU A 114 8.96 -13.19 -8.66
CA GLU A 114 7.92 -14.23 -8.60
C GLU A 114 6.51 -13.59 -8.53
N GLY A 115 6.17 -12.88 -9.63
CA GLY A 115 4.83 -12.32 -9.85
C GLY A 115 4.18 -12.93 -11.09
N SER A 116 2.89 -13.32 -10.99
CA SER A 116 2.14 -13.97 -12.11
C SER A 116 0.71 -13.42 -12.16
N ASN A 117 0.10 -13.50 -13.35
CA ASN A 117 -1.27 -13.03 -13.62
C ASN A 117 -2.11 -14.20 -14.16
N LEU A 118 -2.65 -15.02 -13.24
CA LEU A 118 -3.57 -16.14 -13.56
C LEU A 118 -4.72 -16.11 -12.55
N ASN A 119 -5.81 -15.39 -12.89
CA ASN A 119 -6.99 -15.26 -12.02
C ASN A 119 -7.81 -16.55 -12.07
N THR A 120 -7.37 -17.53 -11.28
CA THR A 120 -7.95 -18.87 -11.20
C THR A 120 -9.07 -18.91 -10.13
N ASP A 121 -9.77 -20.05 -10.05
CA ASP A 121 -11.07 -20.18 -9.36
C ASP A 121 -10.97 -20.04 -7.81
N MET A 122 -10.62 -21.15 -7.11
CA MET A 122 -10.58 -21.19 -5.62
C MET A 122 -9.62 -22.30 -5.14
N GLY A 123 -8.79 -21.97 -4.14
CA GLY A 123 -7.84 -22.90 -3.55
C GLY A 123 -6.79 -22.18 -2.73
N ASN A 124 -6.06 -22.93 -1.88
CA ASN A 124 -4.93 -22.42 -1.09
C ASN A 124 -3.62 -22.95 -1.69
N GLY A 125 -2.57 -22.11 -1.77
CA GLY A 125 -1.33 -22.44 -2.46
C GLY A 125 -0.23 -21.45 -2.13
N ILE A 126 0.46 -21.72 -1.01
CA ILE A 126 1.48 -20.83 -0.43
C ILE A 126 2.89 -21.20 -0.96
N ALA A 127 3.29 -20.58 -2.08
CA ALA A 127 4.66 -20.69 -2.61
C ALA A 127 5.57 -19.77 -1.81
N SER A 128 6.63 -20.35 -1.21
CA SER A 128 7.44 -19.71 -0.16
C SER A 128 7.93 -18.29 -0.54
N ASN A 129 8.62 -18.18 -1.69
CA ASN A 129 9.26 -16.91 -2.13
C ASN A 129 8.22 -15.77 -2.28
N ARG A 130 7.23 -15.99 -3.17
CA ARG A 130 6.27 -14.92 -3.54
C ARG A 130 5.32 -14.59 -2.38
N TRP A 131 4.88 -15.63 -1.66
CA TRP A 131 3.86 -15.49 -0.61
C TRP A 131 4.44 -14.82 0.63
N ILE A 132 5.72 -15.09 0.96
CA ILE A 132 6.39 -14.40 2.07
C ILE A 132 6.75 -12.95 1.68
N ASN A 133 7.07 -12.73 0.37
CA ASN A 133 7.26 -11.36 -0.17
C ASN A 133 5.99 -10.52 0.01
N TYR A 134 4.86 -11.04 -0.49
CA TYR A 134 3.57 -10.34 -0.43
C TYR A 134 2.99 -10.33 1.00
N GLN A 135 3.35 -11.32 1.83
CA GLN A 135 2.92 -11.36 3.25
C GLN A 135 3.58 -10.23 4.05
N GLN A 136 4.90 -10.03 3.84
CA GLN A 136 5.66 -8.96 4.51
C GLN A 136 5.18 -7.60 3.96
N PHE A 137 4.78 -7.62 2.66
CA PHE A 137 4.20 -6.47 1.96
C PHE A 137 2.92 -6.04 2.70
N ILE A 138 1.92 -6.96 2.82
CA ILE A 138 0.59 -6.65 3.41
C ILE A 138 0.72 -6.27 4.89
N GLN A 139 1.67 -6.90 5.60
CA GLN A 139 1.99 -6.60 7.01
C GLN A 139 2.33 -5.10 7.17
N THR A 140 3.35 -4.67 6.44
CA THR A 140 3.86 -3.31 6.50
C THR A 140 2.94 -2.32 5.76
N LEU A 141 2.10 -2.85 4.83
CA LEU A 141 1.08 -2.05 4.11
C LEU A 141 -0.04 -1.64 5.07
N GLU A 142 -0.49 -2.59 5.90
CA GLU A 142 -1.60 -2.38 6.84
C GLU A 142 -1.15 -1.44 7.97
N LYS A 143 0.10 -1.65 8.44
CA LYS A 143 0.73 -0.76 9.42
C LYS A 143 0.84 0.68 8.86
N ALA A 144 1.29 0.78 7.60
CA ALA A 144 1.45 2.06 6.89
C ALA A 144 0.11 2.80 6.80
N ILE A 145 -0.88 2.20 6.08
CA ILE A 145 -2.20 2.82 5.80
C ILE A 145 -2.93 3.24 7.10
N GLU A 146 -2.80 2.45 8.18
CA GLU A 146 -3.41 2.76 9.48
C GLU A 146 -2.79 4.04 10.07
N GLN A 147 -1.45 4.05 10.23
CA GLN A 147 -0.69 5.24 10.71
C GLN A 147 -0.95 6.47 9.83
N HIS A 148 -1.07 6.20 8.53
CA HIS A 148 -1.15 7.19 7.46
C HIS A 148 -2.49 7.93 7.52
N ARG A 149 -3.55 7.13 7.77
CA ARG A 149 -4.93 7.63 7.84
C ARG A 149 -5.17 8.37 9.15
N LEU A 150 -4.64 7.82 10.26
CA LEU A 150 -4.73 8.45 11.59
C LEU A 150 -4.05 9.82 11.58
N GLN A 151 -2.87 9.88 10.93
CA GLN A 151 -2.12 11.11 10.75
C GLN A 151 -2.90 12.09 9.86
N LEU A 152 -3.52 11.56 8.78
CA LEU A 152 -4.30 12.37 7.81
C LEU A 152 -5.50 13.05 8.50
N THR A 153 -6.31 12.24 9.20
CA THR A 153 -7.58 12.69 9.79
C THR A 153 -7.27 13.73 10.91
N GLN A 154 -6.21 13.46 11.71
CA GLN A 154 -5.68 14.41 12.72
C GLN A 154 -5.26 15.74 12.05
N TRP A 155 -4.54 15.61 10.93
CA TRP A 155 -3.89 16.72 10.22
C TRP A 155 -4.91 17.66 9.55
N THR A 156 -5.91 17.08 8.89
CA THR A 156 -6.82 17.85 8.03
C THR A 156 -8.17 18.09 8.70
N GLN A 157 -8.83 17.01 9.15
CA GLN A 157 -10.24 17.05 9.56
C GLN A 157 -10.65 15.67 10.08
N LYS A 158 -10.79 15.54 11.40
CA LYS A 158 -11.29 14.31 12.04
C LYS A 158 -12.79 14.47 12.31
N VAL A 159 -13.59 13.46 11.90
CA VAL A 159 -15.04 13.47 12.07
C VAL A 159 -15.42 13.29 13.56
N ASP A 160 -14.65 12.44 14.27
CA ASP A 160 -14.85 12.10 15.69
C ASP A 160 -16.29 11.58 15.94
N LEU A 161 -16.45 10.26 15.95
CA LEU A 161 -17.75 9.62 16.23
C LEU A 161 -17.59 8.23 16.84
N ALA A 162 -18.72 7.71 17.33
CA ALA A 162 -18.84 6.36 17.86
C ALA A 162 -20.31 5.95 17.75
N LEU A 163 -20.59 4.87 17.03
CA LEU A 163 -21.95 4.36 16.80
C LEU A 163 -22.15 3.05 17.58
N LYS A 164 -23.41 2.71 17.87
CA LYS A 164 -23.76 1.59 18.75
C LYS A 164 -23.46 0.22 18.07
N SER A 165 -22.26 -0.30 18.31
CA SER A 165 -21.83 -1.62 17.83
C SER A 165 -22.50 -2.74 18.64
N TRP A 166 -22.50 -3.95 18.08
CA TRP A 166 -23.08 -5.14 18.71
C TRP A 166 -21.94 -5.96 19.37
N MET A 1 11.11 28.03 4.71
CA MET A 1 10.71 27.31 3.49
C MET A 1 11.31 25.88 3.44
N THR A 2 12.51 25.70 4.04
CA THR A 2 13.28 24.44 3.92
C THR A 2 12.48 23.22 4.44
N SER A 3 12.00 23.32 5.68
CA SER A 3 11.22 22.25 6.33
C SER A 3 9.85 22.03 5.65
N THR A 4 9.27 23.11 5.07
CA THR A 4 8.00 23.05 4.35
C THR A 4 8.17 22.23 3.05
N VAL A 5 9.32 22.43 2.37
CA VAL A 5 9.73 21.64 1.19
C VAL A 5 9.87 20.16 1.58
N GLU A 6 10.53 19.91 2.72
CA GLU A 6 10.69 18.55 3.28
C GLU A 6 9.32 17.88 3.46
N PHE A 7 8.38 18.60 4.07
CA PHE A 7 7.03 18.12 4.39
C PHE A 7 6.29 17.66 3.12
N ILE A 8 6.16 18.59 2.13
CA ILE A 8 5.42 18.33 0.89
C ILE A 8 6.12 17.25 0.07
N ASN A 9 7.45 17.39 -0.13
CA ASN A 9 8.28 16.48 -0.97
C ASN A 9 8.29 15.04 -0.42
N ARG A 10 8.20 14.91 0.91
CA ARG A 10 8.12 13.60 1.58
C ARG A 10 6.73 12.97 1.39
N TRP A 11 5.68 13.80 1.41
CA TRP A 11 4.32 13.36 1.07
C TRP A 11 4.14 13.20 -0.46
N GLN A 12 5.00 13.86 -1.27
CA GLN A 12 5.06 13.66 -2.72
C GLN A 12 5.72 12.33 -2.99
N ARG A 13 6.74 11.99 -2.16
CA ARG A 13 7.36 10.68 -2.20
C ARG A 13 6.28 9.63 -2.03
N ILE A 14 5.57 9.64 -0.89
CA ILE A 14 4.55 8.60 -0.58
C ILE A 14 3.39 8.60 -1.60
N ALA A 15 2.84 9.78 -1.91
CA ALA A 15 1.63 9.94 -2.78
C ALA A 15 1.87 9.42 -4.20
N LEU A 16 2.92 9.95 -4.85
CA LEU A 16 3.19 9.70 -6.27
C LEU A 16 3.82 8.30 -6.45
N LEU A 17 4.54 7.83 -5.42
CA LEU A 17 5.14 6.47 -5.36
C LEU A 17 4.07 5.39 -5.22
N SER A 18 3.08 5.60 -4.32
CA SER A 18 1.97 4.64 -4.10
C SER A 18 1.09 4.56 -5.36
N GLN A 19 0.93 5.72 -6.04
CA GLN A 19 0.26 5.80 -7.34
C GLN A 19 0.98 4.92 -8.36
N SER A 20 2.31 5.08 -8.41
CA SER A 20 3.21 4.32 -9.30
C SER A 20 3.25 2.83 -8.92
N LEU A 21 2.96 2.49 -7.64
CA LEU A 21 2.92 1.10 -7.17
C LEU A 21 1.67 0.41 -7.70
N LEU A 22 0.53 1.09 -7.57
CA LEU A 22 -0.74 0.59 -8.08
C LEU A 22 -0.64 0.38 -9.60
N GLU A 23 0.06 1.32 -10.27
CA GLU A 23 0.42 1.22 -11.71
C GLU A 23 1.24 -0.05 -12.01
N LEU A 24 2.38 -0.20 -11.29
CA LEU A 24 3.29 -1.37 -11.39
C LEU A 24 2.52 -2.69 -11.40
N ALA A 25 1.65 -2.81 -10.40
CA ALA A 25 0.88 -4.00 -10.15
C ALA A 25 -0.12 -4.29 -11.29
N GLN A 26 -0.98 -3.29 -11.61
CA GLN A 26 -1.99 -3.41 -12.70
C GLN A 26 -1.36 -3.90 -14.02
N ARG A 27 -0.25 -3.25 -14.42
CA ARG A 27 0.37 -3.47 -15.75
C ARG A 27 1.15 -4.79 -15.85
N GLY A 28 1.31 -5.51 -14.73
CA GLY A 28 1.98 -6.81 -14.73
C GLY A 28 3.40 -6.77 -14.21
N GLU A 29 3.88 -5.57 -13.82
CA GLU A 29 5.21 -5.40 -13.22
C GLU A 29 5.15 -5.65 -11.69
N TRP A 30 4.67 -6.84 -11.32
CA TRP A 30 4.51 -7.25 -9.90
C TRP A 30 5.87 -7.56 -9.26
N ASP A 31 6.80 -8.05 -10.08
CA ASP A 31 8.18 -8.36 -9.66
C ASP A 31 8.90 -7.06 -9.33
N LEU A 32 8.77 -6.08 -10.25
CA LEU A 32 9.35 -4.74 -10.10
C LEU A 32 8.68 -4.03 -8.91
N LEU A 33 7.38 -4.34 -8.67
CA LEU A 33 6.64 -3.86 -7.51
C LEU A 33 7.28 -4.34 -6.19
N LEU A 34 7.61 -5.64 -6.15
CA LEU A 34 8.26 -6.28 -4.97
C LEU A 34 9.69 -5.74 -4.76
N GLN A 35 10.30 -5.26 -5.84
CA GLN A 35 11.59 -4.56 -5.80
C GLN A 35 11.42 -3.11 -5.28
N GLN A 36 10.23 -2.53 -5.51
CA GLN A 36 9.85 -1.19 -4.98
C GLN A 36 9.14 -1.30 -3.61
N GLU A 37 8.86 -2.54 -3.17
CA GLU A 37 8.28 -2.82 -1.84
C GLU A 37 9.14 -2.21 -0.73
N VAL A 38 10.41 -2.64 -0.65
CA VAL A 38 11.37 -2.17 0.37
C VAL A 38 11.55 -0.64 0.28
N SER A 39 11.60 -0.11 -0.95
CA SER A 39 11.66 1.34 -1.23
C SER A 39 10.48 2.08 -0.58
N TYR A 40 9.27 1.51 -0.79
CA TYR A 40 7.99 2.10 -0.34
C TYR A 40 7.94 2.12 1.18
N LEU A 41 8.00 0.91 1.76
CA LEU A 41 7.87 0.68 3.20
C LEU A 41 8.92 1.48 4.01
N GLN A 42 10.18 1.49 3.54
CA GLN A 42 11.27 2.26 4.18
C GLN A 42 10.94 3.77 4.19
N SER A 43 10.70 4.33 2.99
CA SER A 43 10.44 5.77 2.83
C SER A 43 9.14 6.21 3.53
N ILE A 44 8.11 5.35 3.51
CA ILE A 44 6.78 5.70 4.02
C ILE A 44 6.84 5.83 5.56
N GLU A 45 7.59 4.90 6.20
CA GLU A 45 7.80 4.92 7.65
C GLU A 45 8.60 6.15 8.09
N THR A 46 9.76 6.41 7.42
CA THR A 46 10.65 7.53 7.77
C THR A 46 9.95 8.91 7.65
N VAL A 47 9.09 9.07 6.63
CA VAL A 47 8.25 10.28 6.45
C VAL A 47 7.21 10.41 7.58
N MET A 48 6.45 9.32 7.83
CA MET A 48 5.34 9.34 8.80
C MET A 48 5.82 9.42 10.26
N GLU A 49 7.13 9.16 10.50
CA GLU A 49 7.75 9.43 11.81
C GLU A 49 7.95 10.94 12.00
N LYS A 50 8.43 11.61 10.93
CA LYS A 50 8.71 13.05 10.94
C LYS A 50 7.42 13.88 11.11
N GLN A 51 7.45 14.82 12.07
CA GLN A 51 6.30 15.67 12.42
C GLN A 51 6.11 16.80 11.39
N THR A 52 4.85 17.27 11.26
CA THR A 52 4.49 18.43 10.44
C THR A 52 5.21 19.72 10.94
N PRO A 53 6.13 20.31 10.11
CA PRO A 53 6.80 21.60 10.42
C PRO A 53 5.90 22.83 10.09
N PRO A 54 6.29 24.07 10.51
CA PRO A 54 5.57 25.30 10.10
C PRO A 54 5.88 25.69 8.63
N GLY A 55 5.38 26.88 8.22
CA GLY A 55 5.44 27.33 6.83
C GLY A 55 4.21 26.94 6.03
N ILE A 56 3.20 26.38 6.73
CA ILE A 56 1.99 25.84 6.08
C ILE A 56 0.96 26.94 5.83
N THR A 57 0.68 27.23 4.56
CA THR A 57 -0.44 28.10 4.16
C THR A 57 -1.66 27.22 3.87
N ARG A 58 -2.79 27.86 3.51
CA ARG A 58 -4.06 27.18 3.16
C ARG A 58 -3.82 26.18 2.00
N SER A 59 -3.14 26.65 0.93
CA SER A 59 -2.84 25.84 -0.26
C SER A 59 -1.93 24.64 0.08
N ILE A 60 -0.93 24.88 0.96
CA ILE A 60 0.01 23.82 1.39
C ILE A 60 -0.74 22.72 2.17
N GLN A 61 -1.67 23.17 3.04
CA GLN A 61 -2.48 22.29 3.89
C GLN A 61 -3.34 21.33 3.04
N ASP A 62 -4.11 21.92 2.10
CA ASP A 62 -5.07 21.16 1.27
C ASP A 62 -4.35 20.29 0.22
N MET A 63 -3.18 20.77 -0.25
CA MET A 63 -2.36 20.03 -1.24
C MET A 63 -1.74 18.77 -0.61
N VAL A 64 -1.15 18.92 0.59
CA VAL A 64 -0.56 17.81 1.36
C VAL A 64 -1.66 16.85 1.83
N ALA A 65 -2.79 17.42 2.29
CA ALA A 65 -3.98 16.64 2.66
C ALA A 65 -4.43 15.79 1.46
N GLY A 66 -4.32 16.39 0.26
CA GLY A 66 -4.58 15.72 -1.00
C GLY A 66 -3.60 14.59 -1.31
N TYR A 67 -2.29 14.80 -0.97
CA TYR A 67 -1.25 13.75 -1.12
C TYR A 67 -1.58 12.55 -0.25
N ILE A 68 -1.81 12.79 1.05
CA ILE A 68 -2.10 11.74 2.03
C ILE A 68 -3.38 10.99 1.62
N LYS A 69 -4.40 11.76 1.19
CA LYS A 69 -5.67 11.25 0.65
C LYS A 69 -5.44 10.37 -0.60
N GLN A 70 -4.50 10.80 -1.47
CA GLN A 70 -4.21 10.10 -2.73
C GLN A 70 -3.63 8.73 -2.42
N THR A 71 -2.67 8.68 -1.47
CA THR A 71 -2.03 7.43 -1.02
C THR A 71 -2.97 6.65 -0.06
N LEU A 72 -4.02 7.29 0.52
CA LEU A 72 -5.10 6.55 1.22
C LEU A 72 -5.82 5.65 0.22
N ASP A 73 -6.21 6.25 -0.91
CA ASP A 73 -6.92 5.57 -2.01
C ASP A 73 -5.99 4.55 -2.68
N ASN A 74 -4.75 4.99 -3.02
CA ASN A 74 -3.77 4.16 -3.77
C ASN A 74 -3.41 2.90 -2.98
N GLU A 75 -3.25 3.06 -1.64
CA GLU A 75 -3.01 1.92 -0.75
C GLU A 75 -4.24 1.01 -0.71
N GLN A 76 -5.44 1.60 -0.49
CA GLN A 76 -6.71 0.82 -0.39
C GLN A 76 -6.94 -0.05 -1.63
N LEU A 77 -6.69 0.54 -2.80
CA LEU A 77 -6.85 -0.13 -4.10
C LEU A 77 -5.75 -1.19 -4.27
N LEU A 78 -4.50 -0.88 -3.84
CA LEU A 78 -3.38 -1.86 -3.87
C LEU A 78 -3.62 -2.99 -2.84
N LYS A 79 -4.46 -2.75 -1.80
CA LYS A 79 -4.85 -3.79 -0.83
C LYS A 79 -5.71 -4.81 -1.58
N GLY A 80 -6.83 -4.32 -2.13
CA GLY A 80 -7.81 -5.18 -2.82
C GLY A 80 -7.25 -5.85 -4.06
N LEU A 81 -6.39 -5.13 -4.77
CA LEU A 81 -5.81 -5.58 -6.04
C LEU A 81 -4.67 -6.60 -5.83
N LEU A 82 -3.75 -6.31 -4.90
CA LEU A 82 -2.62 -7.20 -4.61
C LEU A 82 -3.09 -8.45 -3.84
N GLN A 83 -4.11 -8.28 -2.98
CA GLN A 83 -4.74 -9.42 -2.28
C GLN A 83 -5.56 -10.25 -3.28
N GLN A 84 -6.19 -9.59 -4.28
CA GLN A 84 -6.83 -10.30 -5.41
C GLN A 84 -5.80 -11.17 -6.16
N ARG A 85 -4.60 -10.61 -6.36
CA ARG A 85 -3.47 -11.34 -6.95
C ARG A 85 -3.08 -12.51 -6.04
N LEU A 86 -3.09 -12.29 -4.72
CA LEU A 86 -2.83 -13.35 -3.74
C LEU A 86 -3.89 -14.47 -3.81
N ASP A 87 -5.16 -14.08 -4.12
CA ASP A 87 -6.28 -15.05 -4.24
C ASP A 87 -6.05 -16.00 -5.41
N GLU A 88 -5.74 -15.43 -6.59
CA GLU A 88 -5.51 -16.21 -7.82
C GLU A 88 -4.20 -17.02 -7.71
N LEU A 89 -3.16 -16.46 -7.05
CA LEU A 89 -1.88 -17.16 -6.80
C LEU A 89 -2.12 -18.41 -5.92
N SER A 90 -2.92 -18.25 -4.87
CA SER A 90 -3.17 -19.32 -3.89
C SER A 90 -4.04 -20.44 -4.48
N SER A 91 -5.07 -20.07 -5.26
CA SER A 91 -5.96 -21.04 -5.91
C SER A 91 -5.27 -21.75 -7.10
N LEU A 92 -4.30 -21.06 -7.75
CA LEU A 92 -3.53 -21.60 -8.89
C LEU A 92 -2.41 -22.53 -8.42
N ILE A 93 -1.44 -21.94 -7.70
CA ILE A 93 -0.26 -22.63 -7.17
C ILE A 93 -0.68 -23.65 -6.09
N GLY A 94 -1.62 -23.23 -5.22
CA GLY A 94 -2.00 -24.02 -4.06
C GLY A 94 -0.92 -24.01 -2.99
N GLN A 95 -0.57 -25.21 -2.51
CA GLN A 95 0.47 -25.45 -1.49
C GLN A 95 0.11 -24.82 -0.12
N VAL A 96 0.78 -25.28 0.94
CA VAL A 96 0.69 -24.65 2.25
C VAL A 96 1.91 -25.05 3.08
N LEU A 97 2.53 -24.05 3.73
CA LEU A 97 3.69 -24.20 4.63
C LEU A 97 4.88 -24.83 3.89
N PHE A 98 5.87 -25.33 4.68
CA PHE A 98 6.98 -26.17 4.18
C PHE A 98 7.82 -25.42 3.09
N GLN A 99 7.84 -24.09 3.19
CA GLN A 99 8.31 -23.19 2.11
C GLN A 99 9.48 -22.30 2.57
N GLY A 100 9.99 -21.47 1.65
CA GLY A 100 11.13 -20.58 1.90
C GLY A 100 10.78 -19.11 1.72
N PRO A 101 11.48 -18.16 2.43
CA PRO A 101 11.23 -16.72 2.31
C PRO A 101 11.94 -16.06 1.11
N SER A 102 11.39 -14.93 0.63
CA SER A 102 11.96 -14.15 -0.49
C SER A 102 11.62 -12.65 -0.34
N ALA A 103 12.45 -11.79 -0.96
CA ALA A 103 12.30 -10.33 -0.93
C ALA A 103 13.02 -9.68 -2.13
N GLY A 104 12.89 -8.35 -2.25
CA GLY A 104 13.48 -7.57 -3.34
C GLY A 104 13.93 -6.19 -2.85
N LEU A 105 15.17 -6.11 -2.38
CA LEU A 105 15.74 -4.88 -1.78
C LEU A 105 16.53 -4.09 -2.84
N VAL A 106 15.90 -3.00 -3.34
CA VAL A 106 16.57 -2.00 -4.20
C VAL A 106 15.84 -0.63 -4.06
N PRO A 107 16.44 0.36 -3.30
CA PRO A 107 15.80 1.66 -3.02
C PRO A 107 15.70 2.53 -4.29
N ARG A 108 14.49 2.59 -4.86
CA ARG A 108 14.19 3.37 -6.09
C ARG A 108 12.77 3.99 -5.98
N GLY A 109 12.31 4.55 -7.10
CA GLY A 109 10.95 5.11 -7.21
C GLY A 109 10.47 5.07 -8.65
N SER A 110 9.72 4.00 -9.00
CA SER A 110 9.14 3.81 -10.36
C SER A 110 8.04 4.87 -10.66
N GLY A 111 7.49 4.85 -11.89
CA GLY A 111 6.51 5.84 -12.35
C GLY A 111 5.25 5.22 -12.98
N GLY A 112 4.28 6.09 -13.32
CA GLY A 112 3.02 5.66 -13.95
C GLY A 112 2.03 6.82 -14.12
N ILE A 113 0.90 6.57 -14.82
CA ILE A 113 -0.12 7.62 -15.09
C ILE A 113 -1.11 7.77 -13.90
N GLU A 114 -1.97 6.74 -13.64
CA GLU A 114 -2.99 6.78 -12.56
C GLU A 114 -3.70 5.42 -12.47
N GLY A 115 -4.01 4.98 -11.24
CA GLY A 115 -4.57 3.66 -10.97
C GLY A 115 -6.08 3.55 -11.14
N SER A 116 -6.64 2.39 -10.76
CA SER A 116 -8.08 2.10 -10.89
C SER A 116 -8.55 1.23 -9.70
N ASN A 117 -9.89 1.14 -9.53
CA ASN A 117 -10.53 0.31 -8.49
C ASN A 117 -10.39 -1.19 -8.82
N LEU A 118 -10.24 -2.01 -7.77
CA LEU A 118 -10.09 -3.48 -7.91
C LEU A 118 -10.42 -4.13 -6.54
N ASN A 119 -11.22 -5.20 -6.56
CA ASN A 119 -11.74 -5.85 -5.34
C ASN A 119 -11.17 -7.28 -5.18
N THR A 120 -11.03 -7.71 -3.92
CA THR A 120 -10.49 -9.03 -3.52
C THR A 120 -11.62 -9.96 -3.01
N ASP A 121 -11.44 -11.27 -3.24
CA ASP A 121 -12.32 -12.33 -2.70
C ASP A 121 -11.70 -12.91 -1.39
N MET A 122 -10.76 -13.89 -1.52
CA MET A 122 -10.09 -14.56 -0.37
C MET A 122 -9.08 -15.61 -0.90
N GLY A 123 -7.86 -15.62 -0.32
CA GLY A 123 -6.80 -16.56 -0.68
C GLY A 123 -6.88 -17.88 0.10
N ASN A 124 -6.60 -19.01 -0.59
CA ASN A 124 -6.56 -20.36 0.01
C ASN A 124 -5.30 -21.10 -0.48
N GLY A 125 -4.19 -20.96 0.25
CA GLY A 125 -2.88 -21.53 -0.14
C GLY A 125 -1.77 -20.49 -0.05
N ILE A 126 -0.49 -20.95 0.01
CA ILE A 126 0.69 -20.07 0.14
C ILE A 126 1.89 -20.67 -0.63
N ALA A 127 2.51 -19.84 -1.49
CA ALA A 127 3.73 -20.19 -2.27
C ALA A 127 4.96 -19.46 -1.69
N SER A 128 6.14 -20.10 -1.78
CA SER A 128 7.38 -19.60 -1.14
C SER A 128 7.71 -18.14 -1.54
N ASN A 129 8.17 -17.95 -2.79
CA ASN A 129 8.69 -16.66 -3.27
C ASN A 129 7.58 -15.60 -3.27
N ARG A 130 6.51 -15.94 -3.97
CA ARG A 130 5.42 -15.04 -4.29
C ARG A 130 4.67 -14.61 -3.00
N TRP A 131 4.12 -15.59 -2.24
CA TRP A 131 3.26 -15.28 -1.09
C TRP A 131 4.05 -14.69 0.09
N ILE A 132 5.31 -15.14 0.35
CA ILE A 132 6.10 -14.56 1.47
C ILE A 132 6.45 -13.09 1.17
N ASN A 133 6.89 -12.79 -0.07
CA ASN A 133 7.28 -11.43 -0.46
C ASN A 133 6.08 -10.47 -0.29
N TYR A 134 4.93 -10.87 -0.88
CA TYR A 134 3.68 -10.11 -0.76
C TYR A 134 3.14 -10.08 0.70
N GLN A 135 3.43 -11.13 1.51
CA GLN A 135 2.99 -11.20 2.93
C GLN A 135 3.65 -10.07 3.75
N GLN A 136 4.96 -9.88 3.51
CA GLN A 136 5.74 -8.79 4.12
C GLN A 136 5.17 -7.42 3.70
N PHE A 137 4.85 -7.35 2.38
CA PHE A 137 4.23 -6.18 1.74
C PHE A 137 2.95 -5.80 2.50
N ILE A 138 1.99 -6.75 2.60
CA ILE A 138 0.65 -6.52 3.17
C ILE A 138 0.72 -6.11 4.64
N GLN A 139 1.60 -6.78 5.41
CA GLN A 139 1.77 -6.53 6.84
C GLN A 139 2.17 -5.05 7.10
N THR A 140 3.21 -4.59 6.38
CA THR A 140 3.70 -3.21 6.53
C THR A 140 2.78 -2.19 5.81
N LEU A 141 2.02 -2.66 4.78
CA LEU A 141 1.00 -1.83 4.10
C LEU A 141 -0.14 -1.52 5.09
N GLU A 142 -0.48 -2.50 5.93
CA GLU A 142 -1.56 -2.38 6.92
C GLU A 142 -1.12 -1.43 8.04
N LYS A 143 0.17 -1.54 8.45
CA LYS A 143 0.79 -0.59 9.39
C LYS A 143 0.83 0.84 8.81
N ALA A 144 1.11 0.91 7.49
CA ALA A 144 1.30 2.17 6.76
C ALA A 144 -0.01 2.92 6.57
N ILE A 145 -1.09 2.18 6.21
CA ILE A 145 -2.41 2.76 5.96
C ILE A 145 -3.07 3.15 7.30
N GLU A 146 -2.81 2.36 8.36
CA GLU A 146 -3.29 2.69 9.72
C GLU A 146 -2.65 4.01 10.18
N GLN A 147 -1.30 4.08 10.05
CA GLN A 147 -0.49 5.26 10.39
C GLN A 147 -0.91 6.48 9.53
N HIS A 148 -1.32 6.22 8.27
CA HIS A 148 -1.84 7.24 7.34
C HIS A 148 -3.12 7.86 7.90
N ARG A 149 -4.16 7.03 8.12
CA ARG A 149 -5.46 7.44 8.70
C ARG A 149 -5.30 8.24 10.00
N LEU A 150 -4.38 7.78 10.88
CA LEU A 150 -4.13 8.41 12.19
C LEU A 150 -3.55 9.83 12.01
N GLN A 151 -2.41 9.94 11.30
CA GLN A 151 -1.70 11.21 11.10
C GLN A 151 -2.56 12.19 10.27
N LEU A 152 -3.32 11.64 9.30
CA LEU A 152 -4.20 12.43 8.42
C LEU A 152 -5.30 13.09 9.24
N THR A 153 -6.01 12.30 10.05
CA THR A 153 -7.16 12.78 10.81
C THR A 153 -6.70 13.80 11.88
N GLN A 154 -5.53 13.57 12.48
CA GLN A 154 -4.94 14.50 13.47
C GLN A 154 -4.48 15.81 12.82
N TRP A 155 -3.91 15.70 11.62
CA TRP A 155 -3.37 16.84 10.85
C TRP A 155 -4.51 17.72 10.32
N THR A 156 -5.56 17.12 9.77
CA THR A 156 -6.64 17.86 9.11
C THR A 156 -7.82 18.11 10.06
N GLN A 157 -8.43 17.03 10.62
CA GLN A 157 -9.65 17.14 11.47
C GLN A 157 -10.17 15.74 11.87
N LYS A 158 -10.59 15.60 13.15
CA LYS A 158 -11.13 14.33 13.67
C LYS A 158 -12.37 14.53 14.54
N VAL A 159 -12.88 15.77 14.65
CA VAL A 159 -14.12 16.05 15.41
C VAL A 159 -15.36 15.61 14.60
N ASP A 160 -16.44 15.29 15.34
CA ASP A 160 -17.75 14.98 14.76
C ASP A 160 -18.81 15.38 15.79
N LEU A 161 -19.16 16.68 15.76
CA LEU A 161 -20.22 17.23 16.60
C LEU A 161 -21.58 16.72 16.09
N ALA A 162 -21.85 17.06 14.82
CA ALA A 162 -23.07 16.71 14.10
C ALA A 162 -22.96 17.28 12.68
N LEU A 163 -23.88 16.87 11.81
CA LEU A 163 -24.08 17.53 10.51
C LEU A 163 -24.91 18.82 10.71
N LYS A 164 -24.97 19.67 9.67
CA LYS A 164 -25.81 20.87 9.68
C LYS A 164 -27.30 20.43 9.67
N SER A 165 -27.96 20.53 10.83
CA SER A 165 -29.38 20.25 10.98
C SER A 165 -30.19 21.39 10.32
N TRP A 166 -30.66 21.14 9.09
CA TRP A 166 -31.48 22.08 8.32
C TRP A 166 -32.86 22.30 8.99
N MET A 1 11.66 28.23 4.92
CA MET A 1 10.72 27.61 3.96
C MET A 1 11.18 26.21 3.51
N THR A 2 12.50 25.90 3.64
CA THR A 2 13.10 24.63 3.18
C THR A 2 12.39 23.40 3.82
N SER A 3 12.03 23.56 5.10
CA SER A 3 11.38 22.53 5.91
C SER A 3 9.98 22.17 5.36
N THR A 4 9.23 23.21 4.93
CA THR A 4 7.92 23.05 4.27
C THR A 4 8.08 22.34 2.91
N VAL A 5 9.09 22.77 2.15
CA VAL A 5 9.37 22.21 0.80
C VAL A 5 9.66 20.70 0.89
N GLU A 6 10.46 20.28 1.89
CA GLU A 6 10.79 18.86 2.12
C GLU A 6 9.57 18.08 2.64
N PHE A 7 8.75 18.72 3.49
CA PHE A 7 7.50 18.14 4.02
C PHE A 7 6.57 17.73 2.85
N ILE A 8 6.29 18.69 1.96
CA ILE A 8 5.45 18.47 0.75
C ILE A 8 6.13 17.44 -0.14
N ASN A 9 7.46 17.60 -0.35
CA ASN A 9 8.25 16.76 -1.30
C ASN A 9 8.24 15.28 -0.89
N ARG A 10 8.18 15.03 0.42
CA ARG A 10 8.15 13.68 0.99
C ARG A 10 6.72 13.12 0.96
N TRP A 11 5.71 14.02 0.99
CA TRP A 11 4.32 13.65 0.68
C TRP A 11 4.09 13.51 -0.84
N GLN A 12 4.95 14.17 -1.66
CA GLN A 12 4.93 14.00 -3.13
C GLN A 12 5.48 12.62 -3.43
N ARG A 13 6.54 12.26 -2.67
CA ARG A 13 7.13 10.93 -2.71
C ARG A 13 6.02 9.91 -2.47
N ILE A 14 5.42 9.92 -1.26
CA ILE A 14 4.46 8.87 -0.83
C ILE A 14 3.21 8.82 -1.75
N ALA A 15 2.64 10.00 -2.04
CA ALA A 15 1.39 10.12 -2.85
C ALA A 15 1.56 9.53 -4.26
N LEU A 16 2.56 10.04 -4.97
CA LEU A 16 2.78 9.73 -6.39
C LEU A 16 3.50 8.36 -6.53
N LEU A 17 4.17 7.92 -5.43
CA LEU A 17 4.81 6.58 -5.31
C LEU A 17 3.75 5.47 -5.22
N SER A 18 2.82 5.61 -4.24
CA SER A 18 1.72 4.65 -4.04
C SER A 18 0.82 4.60 -5.28
N GLN A 19 0.66 5.78 -5.92
CA GLN A 19 -0.06 5.91 -7.20
C GLN A 19 0.65 5.09 -8.30
N SER A 20 1.96 5.36 -8.46
CA SER A 20 2.78 4.69 -9.49
C SER A 20 2.89 3.20 -9.24
N LEU A 21 2.77 2.78 -7.95
CA LEU A 21 2.86 1.37 -7.53
C LEU A 21 1.57 0.61 -7.80
N LEU A 22 0.44 1.27 -7.59
CA LEU A 22 -0.87 0.71 -7.93
C LEU A 22 -0.90 0.40 -9.44
N GLU A 23 -0.44 1.39 -10.23
CA GLU A 23 -0.27 1.27 -11.69
C GLU A 23 0.72 0.14 -12.04
N LEU A 24 1.87 0.15 -11.36
CA LEU A 24 3.01 -0.75 -11.60
C LEU A 24 2.57 -2.22 -11.42
N ALA A 25 1.76 -2.43 -10.38
CA ALA A 25 1.14 -3.71 -10.08
C ALA A 25 0.21 -4.18 -11.23
N GLN A 26 -0.85 -3.37 -11.54
CA GLN A 26 -1.86 -3.68 -12.61
C GLN A 26 -1.18 -4.07 -13.95
N ARG A 27 -0.13 -3.32 -14.29
CA ARG A 27 0.55 -3.38 -15.60
C ARG A 27 1.57 -4.55 -15.69
N GLY A 28 1.43 -5.53 -14.78
CA GLY A 28 2.13 -6.81 -14.90
C GLY A 28 3.49 -6.83 -14.22
N GLU A 29 3.91 -5.71 -13.64
CA GLU A 29 5.22 -5.57 -12.97
C GLU A 29 5.10 -5.98 -11.48
N TRP A 30 4.57 -7.19 -11.22
CA TRP A 30 4.27 -7.69 -9.86
C TRP A 30 5.54 -7.98 -9.04
N ASP A 31 6.53 -8.61 -9.68
CA ASP A 31 7.84 -8.86 -9.05
C ASP A 31 8.63 -7.56 -8.91
N LEU A 32 8.45 -6.64 -9.88
CA LEU A 32 9.04 -5.30 -9.82
C LEU A 32 8.36 -4.51 -8.66
N LEU A 33 7.09 -4.85 -8.35
CA LEU A 33 6.35 -4.27 -7.22
C LEU A 33 6.96 -4.76 -5.90
N LEU A 34 7.37 -6.04 -5.86
CA LEU A 34 8.16 -6.60 -4.75
C LEU A 34 9.56 -5.95 -4.66
N GLN A 35 10.10 -5.53 -5.81
CA GLN A 35 11.39 -4.80 -5.90
C GLN A 35 11.19 -3.29 -5.62
N GLN A 36 9.94 -2.88 -5.44
CA GLN A 36 9.58 -1.51 -5.00
C GLN A 36 8.81 -1.54 -3.66
N GLU A 37 8.61 -2.75 -3.15
CA GLU A 37 8.07 -3.03 -1.81
C GLU A 37 8.96 -2.38 -0.74
N VAL A 38 10.26 -2.75 -0.77
CA VAL A 38 11.27 -2.24 0.16
C VAL A 38 11.33 -0.70 0.07
N SER A 39 11.33 -0.19 -1.17
CA SER A 39 11.36 1.24 -1.48
C SER A 39 10.16 1.98 -0.84
N TYR A 40 8.96 1.38 -1.01
CA TYR A 40 7.70 1.96 -0.53
C TYR A 40 7.67 2.01 0.99
N LEU A 41 7.71 0.82 1.60
CA LEU A 41 7.56 0.62 3.05
C LEU A 41 8.60 1.48 3.81
N GLN A 42 9.86 1.46 3.33
CA GLN A 42 10.95 2.27 3.92
C GLN A 42 10.61 3.77 3.89
N SER A 43 10.34 4.30 2.68
CA SER A 43 10.12 5.75 2.48
C SER A 43 8.89 6.27 3.25
N ILE A 44 7.76 5.54 3.16
CA ILE A 44 6.48 5.96 3.79
C ILE A 44 6.61 6.00 5.32
N GLU A 45 7.30 4.98 5.87
CA GLU A 45 7.52 4.89 7.32
C GLU A 45 8.48 6.00 7.82
N THR A 46 9.54 6.32 7.04
CA THR A 46 10.57 7.31 7.45
C THR A 46 10.02 8.75 7.44
N VAL A 47 9.11 9.05 6.49
CA VAL A 47 8.41 10.36 6.45
C VAL A 47 7.45 10.49 7.66
N MET A 48 6.62 9.43 7.86
CA MET A 48 5.62 9.40 8.95
C MET A 48 6.29 9.18 10.34
N GLU A 49 7.59 8.81 10.33
CA GLU A 49 8.42 8.69 11.54
C GLU A 49 8.70 10.08 12.15
N LYS A 50 8.96 11.05 11.26
CA LYS A 50 9.39 12.42 11.64
C LYS A 50 8.20 13.40 11.70
N GLN A 51 8.30 14.36 12.63
CA GLN A 51 7.25 15.34 12.97
C GLN A 51 7.04 16.36 11.82
N THR A 52 5.83 16.95 11.75
CA THR A 52 5.47 18.01 10.78
C THR A 52 6.33 19.29 11.00
N PRO A 53 7.18 19.68 10.01
CA PRO A 53 7.88 21.00 10.01
C PRO A 53 6.90 22.20 9.86
N PRO A 54 7.29 23.43 10.35
CA PRO A 54 6.41 24.63 10.25
C PRO A 54 6.46 25.28 8.84
N GLY A 55 5.68 26.36 8.66
CA GLY A 55 5.57 27.07 7.38
C GLY A 55 4.42 26.56 6.52
N ILE A 56 3.49 25.83 7.14
CA ILE A 56 2.36 25.22 6.45
C ILE A 56 1.23 26.25 6.34
N THR A 57 1.16 26.93 5.18
CA THR A 57 0.04 27.84 4.87
C THR A 57 -1.20 27.03 4.52
N ARG A 58 -2.32 27.71 4.21
CA ARG A 58 -3.57 27.02 3.86
C ARG A 58 -3.40 26.25 2.54
N SER A 59 -2.71 26.89 1.57
CA SER A 59 -2.41 26.30 0.26
C SER A 59 -1.59 25.00 0.42
N ILE A 60 -0.64 25.02 1.37
CA ILE A 60 0.21 23.85 1.65
C ILE A 60 -0.64 22.73 2.28
N GLN A 61 -1.49 23.11 3.27
CA GLN A 61 -2.34 22.17 4.02
C GLN A 61 -3.35 21.45 3.10
N ASP A 62 -3.90 22.19 2.13
CA ASP A 62 -4.88 21.66 1.15
C ASP A 62 -4.18 20.69 0.18
N MET A 63 -3.06 21.14 -0.39
CA MET A 63 -2.28 20.36 -1.37
C MET A 63 -1.74 19.05 -0.75
N VAL A 64 -1.27 19.16 0.50
CA VAL A 64 -0.77 18.02 1.29
C VAL A 64 -1.91 17.08 1.71
N ALA A 65 -3.07 17.66 2.07
CA ALA A 65 -4.31 16.87 2.35
C ALA A 65 -4.69 16.05 1.11
N GLY A 66 -4.48 16.67 -0.07
CA GLY A 66 -4.64 16.03 -1.36
C GLY A 66 -3.72 14.84 -1.52
N TYR A 67 -2.41 15.03 -1.23
CA TYR A 67 -1.40 13.94 -1.30
C TYR A 67 -1.75 12.77 -0.38
N ILE A 68 -1.97 13.07 0.92
CA ILE A 68 -2.15 12.06 1.96
C ILE A 68 -3.41 11.21 1.68
N LYS A 69 -4.53 11.88 1.39
CA LYS A 69 -5.81 11.20 1.08
C LYS A 69 -5.68 10.42 -0.26
N GLN A 70 -4.90 10.98 -1.21
CA GLN A 70 -4.62 10.34 -2.52
C GLN A 70 -3.95 8.97 -2.29
N THR A 71 -2.88 8.97 -1.47
CA THR A 71 -2.14 7.76 -1.12
C THR A 71 -2.95 6.85 -0.17
N LEU A 72 -3.96 7.39 0.55
CA LEU A 72 -4.90 6.54 1.34
C LEU A 72 -5.75 5.67 0.39
N ASP A 73 -6.21 6.28 -0.73
CA ASP A 73 -6.95 5.57 -1.78
C ASP A 73 -6.04 4.57 -2.50
N ASN A 74 -4.89 5.08 -2.98
CA ASN A 74 -3.90 4.29 -3.76
C ASN A 74 -3.43 3.07 -2.95
N GLU A 75 -3.31 3.28 -1.61
CA GLU A 75 -3.03 2.20 -0.67
C GLU A 75 -4.16 1.18 -0.68
N GLN A 76 -5.38 1.61 -0.31
CA GLN A 76 -6.51 0.66 -0.07
C GLN A 76 -6.90 -0.11 -1.36
N LEU A 77 -6.65 0.53 -2.52
CA LEU A 77 -6.81 -0.09 -3.83
C LEU A 77 -5.70 -1.11 -4.07
N LEU A 78 -4.44 -0.76 -3.70
CA LEU A 78 -3.28 -1.69 -3.78
C LEU A 78 -3.43 -2.85 -2.76
N LYS A 79 -4.20 -2.63 -1.65
CA LYS A 79 -4.43 -3.68 -0.63
C LYS A 79 -5.38 -4.73 -1.21
N GLY A 80 -6.51 -4.23 -1.76
CA GLY A 80 -7.53 -5.08 -2.36
C GLY A 80 -7.06 -5.77 -3.64
N LEU A 81 -6.25 -5.05 -4.41
CA LEU A 81 -5.68 -5.55 -5.67
C LEU A 81 -4.61 -6.61 -5.42
N LEU A 82 -3.69 -6.33 -4.49
CA LEU A 82 -2.57 -7.25 -4.18
C LEU A 82 -3.08 -8.47 -3.42
N GLN A 83 -4.10 -8.30 -2.56
CA GLN A 83 -4.70 -9.42 -1.83
C GLN A 83 -5.48 -10.32 -2.79
N GLN A 84 -6.25 -9.72 -3.73
CA GLN A 84 -6.95 -10.51 -4.77
C GLN A 84 -5.92 -11.21 -5.68
N ARG A 85 -4.78 -10.53 -5.90
CA ARG A 85 -3.63 -11.10 -6.62
C ARG A 85 -3.13 -12.35 -5.89
N LEU A 86 -3.07 -12.29 -4.55
CA LEU A 86 -2.66 -13.43 -3.70
C LEU A 86 -3.64 -14.59 -3.84
N ASP A 87 -4.92 -14.25 -3.94
CA ASP A 87 -6.00 -15.22 -4.15
C ASP A 87 -5.86 -15.91 -5.52
N GLU A 88 -5.45 -15.13 -6.52
CA GLU A 88 -5.21 -15.62 -7.89
C GLU A 88 -3.90 -16.43 -7.97
N LEU A 89 -2.88 -16.01 -7.20
CA LEU A 89 -1.55 -16.66 -7.15
C LEU A 89 -1.69 -18.03 -6.47
N SER A 90 -2.52 -18.09 -5.43
CA SER A 90 -2.77 -19.33 -4.70
C SER A 90 -3.53 -20.34 -5.58
N SER A 91 -4.58 -19.85 -6.29
CA SER A 91 -5.38 -20.70 -7.21
C SER A 91 -4.59 -21.07 -8.50
N LEU A 92 -3.61 -20.23 -8.90
CA LEU A 92 -2.79 -20.45 -10.13
C LEU A 92 -1.61 -21.40 -9.82
N ILE A 93 -0.71 -20.90 -8.95
CA ILE A 93 0.53 -21.60 -8.55
C ILE A 93 0.18 -22.90 -7.79
N GLY A 94 -0.78 -22.80 -6.85
CA GLY A 94 -1.18 -23.94 -6.03
C GLY A 94 -0.11 -24.33 -5.02
N GLN A 95 -0.15 -25.61 -4.58
CA GLN A 95 0.83 -26.21 -3.65
C GLN A 95 0.92 -25.41 -2.33
N VAL A 96 2.05 -25.53 -1.62
CA VAL A 96 2.29 -24.80 -0.37
C VAL A 96 3.75 -24.29 -0.34
N LEU A 97 4.72 -25.18 -0.59
CA LEU A 97 6.15 -24.87 -0.42
C LEU A 97 6.97 -25.31 -1.63
N PHE A 98 8.30 -25.12 -1.49
CA PHE A 98 9.35 -25.59 -2.44
C PHE A 98 9.31 -24.81 -3.77
N GLN A 99 8.77 -23.57 -3.71
CA GLN A 99 8.55 -22.70 -4.88
C GLN A 99 8.66 -21.22 -4.47
N GLY A 100 9.05 -20.37 -5.44
CA GLY A 100 9.36 -18.96 -5.19
C GLY A 100 10.86 -18.70 -5.36
N PRO A 101 11.32 -18.03 -6.46
CA PRO A 101 12.74 -17.85 -6.74
C PRO A 101 13.35 -16.54 -6.14
N SER A 102 13.13 -15.37 -6.81
CA SER A 102 13.86 -14.12 -6.53
C SER A 102 13.00 -13.12 -5.72
N ALA A 103 13.71 -12.24 -4.97
CA ALA A 103 13.12 -11.16 -4.18
C ALA A 103 14.23 -10.18 -3.72
N GLY A 104 14.03 -8.88 -3.99
CA GLY A 104 14.99 -7.85 -3.61
C GLY A 104 14.41 -6.44 -3.78
N LEU A 105 15.22 -5.49 -4.28
CA LEU A 105 14.80 -4.09 -4.50
C LEU A 105 15.60 -3.47 -5.66
N VAL A 106 14.96 -2.49 -6.34
CA VAL A 106 15.56 -1.73 -7.47
C VAL A 106 15.59 -0.21 -7.13
N PRO A 107 16.41 0.64 -7.87
CA PRO A 107 16.47 2.12 -7.68
C PRO A 107 15.07 2.77 -7.56
N ARG A 108 14.23 2.54 -8.59
CA ARG A 108 12.81 2.91 -8.59
C ARG A 108 12.07 2.17 -9.71
N GLY A 109 10.74 2.33 -9.73
CA GLY A 109 9.89 1.84 -10.82
C GLY A 109 9.33 2.99 -11.65
N SER A 110 8.49 2.64 -12.63
CA SER A 110 7.89 3.61 -13.57
C SER A 110 6.58 4.20 -12.99
N GLY A 111 6.18 5.38 -13.52
CA GLY A 111 4.98 6.09 -13.08
C GLY A 111 3.71 5.63 -13.79
N GLY A 112 2.64 6.43 -13.66
CA GLY A 112 1.36 6.14 -14.28
C GLY A 112 0.42 7.33 -14.22
N ILE A 113 -0.88 7.06 -14.09
CA ILE A 113 -1.91 8.12 -13.97
C ILE A 113 -2.76 7.89 -12.71
N GLU A 114 -3.53 6.78 -12.68
CA GLU A 114 -4.50 6.46 -11.62
C GLU A 114 -5.18 5.12 -11.93
N GLY A 115 -5.33 4.27 -10.91
CA GLY A 115 -5.93 2.94 -11.07
C GLY A 115 -7.44 2.93 -10.92
N SER A 116 -7.99 1.85 -10.37
CA SER A 116 -9.43 1.70 -10.15
C SER A 116 -9.68 0.74 -8.96
N ASN A 117 -10.95 0.65 -8.56
CA ASN A 117 -11.39 -0.21 -7.43
C ASN A 117 -11.31 -1.70 -7.85
N LEU A 118 -11.10 -2.58 -6.85
CA LEU A 118 -10.96 -4.03 -7.07
C LEU A 118 -11.18 -4.80 -5.74
N ASN A 119 -12.06 -5.82 -5.79
CA ASN A 119 -12.49 -6.60 -4.60
C ASN A 119 -11.72 -7.94 -4.52
N THR A 120 -11.56 -8.47 -3.29
CA THR A 120 -10.82 -9.72 -3.00
C THR A 120 -11.77 -10.93 -3.02
N ASP A 121 -11.20 -12.15 -3.18
CA ASP A 121 -11.95 -13.43 -3.20
C ASP A 121 -11.58 -14.33 -1.98
N MET A 122 -10.50 -15.16 -2.12
CA MET A 122 -10.10 -16.19 -1.11
C MET A 122 -8.79 -16.89 -1.56
N GLY A 123 -7.84 -17.03 -0.62
CA GLY A 123 -6.53 -17.63 -0.88
C GLY A 123 -6.48 -19.10 -0.48
N ASN A 124 -6.26 -20.00 -1.45
CA ASN A 124 -6.17 -21.46 -1.24
C ASN A 124 -4.85 -21.97 -1.83
N GLY A 125 -3.83 -22.08 -0.95
CA GLY A 125 -2.45 -22.41 -1.37
C GLY A 125 -1.51 -21.24 -1.13
N ILE A 126 -0.19 -21.51 -1.13
CA ILE A 126 0.86 -20.49 -1.00
C ILE A 126 2.09 -20.90 -1.84
N ALA A 127 3.02 -19.96 -2.02
CA ALA A 127 4.33 -20.18 -2.66
C ALA A 127 5.39 -19.56 -1.73
N SER A 128 6.41 -20.33 -1.34
CA SER A 128 7.29 -19.98 -0.19
C SER A 128 7.83 -18.52 -0.26
N ASN A 129 8.79 -18.28 -1.17
CA ASN A 129 9.56 -17.03 -1.17
C ASN A 129 8.66 -15.85 -1.60
N ARG A 130 8.02 -16.00 -2.76
CA ARG A 130 7.26 -14.90 -3.42
C ARG A 130 5.99 -14.49 -2.63
N TRP A 131 5.18 -15.49 -2.24
CA TRP A 131 3.83 -15.28 -1.65
C TRP A 131 3.98 -14.82 -0.17
N ILE A 132 4.93 -15.43 0.60
CA ILE A 132 5.15 -15.01 1.99
C ILE A 132 5.85 -13.61 2.03
N ASN A 133 6.65 -13.31 0.98
CA ASN A 133 7.24 -11.95 0.79
C ASN A 133 6.12 -10.92 0.60
N TYR A 134 5.09 -11.30 -0.20
CA TYR A 134 3.87 -10.49 -0.38
C TYR A 134 3.08 -10.33 0.94
N GLN A 135 3.10 -11.35 1.82
CA GLN A 135 2.46 -11.23 3.16
C GLN A 135 3.16 -10.18 4.05
N GLN A 136 4.50 -10.11 3.94
CA GLN A 136 5.31 -9.06 4.60
C GLN A 136 4.91 -7.67 4.02
N PHE A 137 4.71 -7.65 2.67
CA PHE A 137 4.21 -6.46 1.94
C PHE A 137 2.91 -5.99 2.62
N ILE A 138 1.94 -6.93 2.74
CA ILE A 138 0.59 -6.66 3.29
C ILE A 138 0.65 -6.24 4.78
N GLN A 139 1.63 -6.80 5.53
CA GLN A 139 1.80 -6.53 6.97
C GLN A 139 2.10 -5.04 7.17
N THR A 140 3.18 -4.57 6.52
CA THR A 140 3.66 -3.19 6.66
C THR A 140 2.82 -2.20 5.80
N LEU A 141 2.10 -2.73 4.79
CA LEU A 141 1.06 -1.98 4.03
C LEU A 141 -0.08 -1.59 4.97
N GLU A 142 -0.49 -2.58 5.79
CA GLU A 142 -1.58 -2.43 6.78
C GLU A 142 -1.13 -1.46 7.87
N LYS A 143 0.12 -1.64 8.31
CA LYS A 143 0.75 -0.79 9.33
C LYS A 143 0.78 0.67 8.86
N ALA A 144 1.19 0.83 7.58
CA ALA A 144 1.25 2.14 6.92
C ALA A 144 -0.13 2.82 6.94
N ILE A 145 -1.14 2.18 6.29
CA ILE A 145 -2.50 2.77 6.12
C ILE A 145 -3.17 3.13 7.46
N GLU A 146 -2.99 2.29 8.50
CA GLU A 146 -3.57 2.55 9.83
C GLU A 146 -2.97 3.82 10.44
N GLN A 147 -1.62 3.86 10.51
CA GLN A 147 -0.90 5.06 11.02
C GLN A 147 -1.19 6.30 10.14
N HIS A 148 -1.36 6.05 8.84
CA HIS A 148 -1.48 7.08 7.79
C HIS A 148 -2.84 7.80 7.87
N ARG A 149 -3.90 7.00 8.10
CA ARG A 149 -5.29 7.48 8.19
C ARG A 149 -5.52 8.20 9.53
N LEU A 150 -4.80 7.72 10.59
CA LEU A 150 -4.81 8.39 11.91
C LEU A 150 -4.17 9.78 11.80
N GLN A 151 -3.01 9.84 11.14
CA GLN A 151 -2.27 11.10 10.91
C GLN A 151 -3.10 12.08 10.09
N LEU A 152 -3.76 11.56 9.03
CA LEU A 152 -4.59 12.38 8.12
C LEU A 152 -5.77 12.97 8.88
N THR A 153 -6.52 12.10 9.60
CA THR A 153 -7.76 12.49 10.27
C THR A 153 -7.48 13.57 11.34
N GLN A 154 -6.31 13.48 12.02
CA GLN A 154 -5.93 14.50 13.03
C GLN A 154 -5.37 15.79 12.37
N TRP A 155 -4.71 15.62 11.21
CA TRP A 155 -4.03 16.72 10.48
C TRP A 155 -5.04 17.65 9.78
N THR A 156 -6.18 17.08 9.33
CA THR A 156 -7.19 17.82 8.54
C THR A 156 -8.57 17.84 9.23
N GLN A 157 -9.04 16.68 9.77
CA GLN A 157 -10.36 16.58 10.48
C GLN A 157 -10.10 16.73 12.00
N LYS A 158 -11.08 16.34 12.84
CA LYS A 158 -10.92 16.33 14.31
C LYS A 158 -10.89 14.86 14.83
N VAL A 159 -12.09 14.27 14.95
CA VAL A 159 -12.30 12.90 15.45
C VAL A 159 -13.80 12.57 15.37
N ASP A 160 -14.13 11.28 15.18
CA ASP A 160 -15.53 10.81 15.18
C ASP A 160 -15.65 9.60 16.11
N LEU A 161 -16.73 9.56 16.92
CA LEU A 161 -17.01 8.48 17.88
C LEU A 161 -18.00 7.49 17.24
N ALA A 162 -17.52 6.27 16.95
CA ALA A 162 -18.32 5.20 16.35
C ALA A 162 -19.15 4.49 17.43
N LEU A 163 -20.49 4.55 17.30
CA LEU A 163 -21.46 3.94 18.24
C LEU A 163 -21.43 2.41 18.10
N LYS A 164 -21.06 1.70 19.18
CA LYS A 164 -21.00 0.24 19.19
C LYS A 164 -22.43 -0.33 19.24
N SER A 165 -22.87 -0.95 18.13
CA SER A 165 -24.23 -1.47 17.96
C SER A 165 -24.39 -2.85 18.67
N TRP A 166 -24.63 -2.79 20.00
CA TRP A 166 -24.83 -3.95 20.91
C TRP A 166 -23.84 -5.13 20.64
N MET A 1 10.31 28.48 4.77
CA MET A 1 9.69 27.62 3.73
C MET A 1 10.55 26.38 3.43
N THR A 2 11.83 26.35 3.85
CA THR A 2 12.75 25.24 3.53
C THR A 2 12.23 23.88 4.07
N SER A 3 11.91 23.87 5.39
CA SER A 3 11.36 22.69 6.08
C SER A 3 9.98 22.30 5.50
N THR A 4 9.21 23.33 5.09
CA THR A 4 7.89 23.18 4.48
C THR A 4 8.00 22.45 3.13
N VAL A 5 8.97 22.88 2.29
CA VAL A 5 9.20 22.33 0.93
C VAL A 5 9.61 20.85 1.03
N GLU A 6 10.46 20.53 2.03
CA GLU A 6 10.91 19.15 2.30
C GLU A 6 9.76 18.28 2.83
N PHE A 7 8.88 18.87 3.65
CA PHE A 7 7.66 18.20 4.17
C PHE A 7 6.77 17.76 3.00
N ILE A 8 6.49 18.72 2.09
CA ILE A 8 5.71 18.47 0.87
C ILE A 8 6.42 17.43 0.00
N ASN A 9 7.75 17.58 -0.16
CA ASN A 9 8.59 16.71 -1.03
C ASN A 9 8.56 15.24 -0.57
N ARG A 10 8.45 15.05 0.77
CA ARG A 10 8.28 13.74 1.39
C ARG A 10 6.91 13.16 1.06
N TRP A 11 5.87 14.02 1.15
CA TRP A 11 4.50 13.66 0.79
C TRP A 11 4.29 13.53 -0.73
N GLN A 12 5.15 14.19 -1.55
CA GLN A 12 5.15 14.06 -3.02
C GLN A 12 5.72 12.71 -3.34
N ARG A 13 6.82 12.37 -2.63
CA ARG A 13 7.50 11.09 -2.76
C ARG A 13 6.47 9.98 -2.57
N ILE A 14 5.84 9.93 -1.38
CA ILE A 14 4.88 8.85 -1.00
C ILE A 14 3.64 8.82 -1.93
N ALA A 15 3.04 10.01 -2.18
CA ALA A 15 1.78 10.14 -2.95
C ALA A 15 1.92 9.58 -4.38
N LEU A 16 2.89 10.15 -5.11
CA LEU A 16 3.07 9.87 -6.55
C LEU A 16 3.77 8.49 -6.73
N LEU A 17 4.52 8.04 -5.69
CA LEU A 17 5.14 6.69 -5.60
C LEU A 17 4.05 5.60 -5.55
N SER A 18 3.08 5.77 -4.63
CA SER A 18 1.98 4.80 -4.43
C SER A 18 1.04 4.78 -5.65
N GLN A 19 0.88 5.95 -6.30
CA GLN A 19 0.12 6.08 -7.56
C GLN A 19 0.76 5.21 -8.66
N SER A 20 2.09 5.38 -8.79
CA SER A 20 2.91 4.59 -9.71
C SER A 20 2.79 3.10 -9.38
N LEU A 21 2.88 2.76 -8.06
CA LEU A 21 2.82 1.37 -7.56
C LEU A 21 1.48 0.71 -7.86
N LEU A 22 0.41 1.50 -7.80
CA LEU A 22 -0.94 1.03 -8.09
C LEU A 22 -1.00 0.59 -9.56
N GLU A 23 -0.60 1.50 -10.47
CA GLU A 23 -0.56 1.20 -11.93
C GLU A 23 0.46 0.09 -12.26
N LEU A 24 1.54 0.04 -11.47
CA LEU A 24 2.68 -0.86 -11.68
C LEU A 24 2.21 -2.32 -11.46
N ALA A 25 1.46 -2.51 -10.36
CA ALA A 25 0.81 -3.77 -10.02
C ALA A 25 -0.29 -4.13 -11.07
N GLN A 26 -1.15 -3.14 -11.40
CA GLN A 26 -2.27 -3.29 -12.37
C GLN A 26 -1.81 -3.82 -13.74
N ARG A 27 -0.63 -3.35 -14.19
CA ARG A 27 -0.08 -3.66 -15.53
C ARG A 27 0.79 -4.95 -15.52
N GLY A 28 0.84 -5.65 -14.37
CA GLY A 28 1.49 -6.97 -14.28
C GLY A 28 2.98 -6.93 -14.01
N GLU A 29 3.49 -5.79 -13.50
CA GLU A 29 4.90 -5.63 -13.07
C GLU A 29 5.05 -6.07 -11.60
N TRP A 30 4.56 -7.28 -11.30
CA TRP A 30 4.38 -7.79 -9.93
C TRP A 30 5.73 -7.93 -9.16
N ASP A 31 6.75 -8.46 -9.85
CA ASP A 31 8.12 -8.60 -9.29
C ASP A 31 8.72 -7.22 -9.02
N LEU A 32 8.51 -6.29 -10.00
CA LEU A 32 8.99 -4.91 -9.94
C LEU A 32 8.34 -4.19 -8.73
N LEU A 33 7.07 -4.55 -8.44
CA LEU A 33 6.31 -4.01 -7.29
C LEU A 33 6.98 -4.43 -5.99
N LEU A 34 7.33 -5.72 -5.90
CA LEU A 34 8.00 -6.29 -4.71
C LEU A 34 9.46 -5.83 -4.57
N GLN A 35 10.05 -5.31 -5.66
CA GLN A 35 11.36 -4.61 -5.59
C GLN A 35 11.17 -3.24 -4.91
N GLN A 36 10.08 -2.55 -5.30
CA GLN A 36 9.73 -1.21 -4.77
C GLN A 36 8.97 -1.31 -3.43
N GLU A 37 8.62 -2.55 -3.03
CA GLU A 37 8.00 -2.86 -1.72
C GLU A 37 8.85 -2.34 -0.56
N VAL A 38 10.15 -2.74 -0.54
CA VAL A 38 11.11 -2.29 0.49
C VAL A 38 11.21 -0.76 0.48
N SER A 39 11.33 -0.18 -0.73
CA SER A 39 11.49 1.27 -0.93
C SER A 39 10.26 2.06 -0.44
N TYR A 40 9.05 1.49 -0.66
CA TYR A 40 7.78 2.14 -0.30
C TYR A 40 7.65 2.19 1.22
N LEU A 41 7.64 0.99 1.81
CA LEU A 41 7.41 0.78 3.24
C LEU A 41 8.47 1.52 4.09
N GLN A 42 9.75 1.44 3.64
CA GLN A 42 10.87 2.16 4.27
C GLN A 42 10.64 3.68 4.26
N SER A 43 10.43 4.26 3.04
CA SER A 43 10.29 5.72 2.87
C SER A 43 9.07 6.26 3.64
N ILE A 44 7.94 5.53 3.57
CA ILE A 44 6.65 5.97 4.13
C ILE A 44 6.72 6.06 5.67
N GLU A 45 7.37 5.04 6.30
CA GLU A 45 7.62 5.04 7.74
C GLU A 45 8.57 6.20 8.11
N THR A 46 9.73 6.27 7.42
CA THR A 46 10.80 7.24 7.74
C THR A 46 10.36 8.70 7.52
N VAL A 47 9.28 8.93 6.75
CA VAL A 47 8.63 10.24 6.63
C VAL A 47 7.71 10.50 7.83
N MET A 48 6.82 9.53 8.11
CA MET A 48 5.79 9.67 9.17
C MET A 48 6.39 9.65 10.60
N GLU A 49 7.67 9.24 10.74
CA GLU A 49 8.42 9.29 12.01
C GLU A 49 8.84 10.73 12.37
N LYS A 50 8.93 11.61 11.35
CA LYS A 50 9.25 13.04 11.56
C LYS A 50 8.02 13.82 12.05
N GLN A 51 8.28 14.83 12.87
CA GLN A 51 7.29 15.82 13.30
C GLN A 51 6.99 16.78 12.13
N THR A 52 5.75 17.29 12.05
CA THR A 52 5.37 18.30 11.05
C THR A 52 6.10 19.64 11.34
N PRO A 53 6.84 20.22 10.35
CA PRO A 53 7.48 21.54 10.49
C PRO A 53 6.46 22.70 10.41
N PRO A 54 6.86 23.94 10.86
CA PRO A 54 6.05 25.16 10.62
C PRO A 54 6.14 25.64 9.15
N GLY A 55 5.40 26.72 8.85
CA GLY A 55 5.38 27.31 7.50
C GLY A 55 4.27 26.75 6.62
N ILE A 56 3.38 25.95 7.23
CA ILE A 56 2.25 25.32 6.53
C ILE A 56 1.11 26.36 6.34
N THR A 57 1.05 26.94 5.14
CA THR A 57 -0.03 27.86 4.75
C THR A 57 -1.29 27.05 4.40
N ARG A 58 -2.38 27.77 4.04
CA ARG A 58 -3.63 27.17 3.52
C ARG A 58 -3.33 26.33 2.26
N SER A 59 -2.46 26.89 1.39
CA SER A 59 -2.00 26.25 0.16
C SER A 59 -1.35 24.89 0.45
N ILE A 60 -0.37 24.91 1.38
CA ILE A 60 0.43 23.73 1.77
C ILE A 60 -0.48 22.67 2.43
N GLN A 61 -1.41 23.17 3.27
CA GLN A 61 -2.34 22.35 4.07
C GLN A 61 -3.22 21.46 3.18
N ASP A 62 -3.93 22.08 2.23
CA ASP A 62 -4.87 21.36 1.33
C ASP A 62 -4.11 20.46 0.33
N MET A 63 -2.96 20.96 -0.14
CA MET A 63 -2.11 20.24 -1.11
C MET A 63 -1.54 18.93 -0.49
N VAL A 64 -0.95 19.06 0.72
CA VAL A 64 -0.42 17.91 1.47
C VAL A 64 -1.53 16.94 1.88
N ALA A 65 -2.69 17.49 2.29
CA ALA A 65 -3.89 16.71 2.59
C ALA A 65 -4.29 15.86 1.37
N GLY A 66 -4.15 16.47 0.18
CA GLY A 66 -4.41 15.80 -1.10
C GLY A 66 -3.41 14.69 -1.38
N TYR A 67 -2.11 14.90 -1.02
CA TYR A 67 -1.05 13.87 -1.19
C TYR A 67 -1.36 12.65 -0.34
N ILE A 68 -1.56 12.85 0.98
CA ILE A 68 -1.76 11.76 1.95
C ILE A 68 -3.02 10.97 1.57
N LYS A 69 -4.09 11.71 1.20
CA LYS A 69 -5.37 11.13 0.74
C LYS A 69 -5.19 10.33 -0.57
N GLN A 70 -4.28 10.82 -1.46
CA GLN A 70 -3.97 10.14 -2.73
C GLN A 70 -3.37 8.75 -2.44
N THR A 71 -2.32 8.73 -1.59
CA THR A 71 -1.65 7.48 -1.18
C THR A 71 -2.55 6.61 -0.27
N LEU A 72 -3.60 7.21 0.37
CA LEU A 72 -4.64 6.43 1.08
C LEU A 72 -5.41 5.56 0.08
N ASP A 73 -5.88 6.22 -1.00
CA ASP A 73 -6.73 5.58 -2.03
C ASP A 73 -5.92 4.62 -2.91
N ASN A 74 -4.66 4.98 -3.18
CA ASN A 74 -3.74 4.15 -3.99
C ASN A 74 -3.41 2.86 -3.24
N GLU A 75 -3.10 3.00 -1.93
CA GLU A 75 -2.91 1.86 -1.03
C GLU A 75 -4.19 1.00 -0.96
N GLN A 76 -5.35 1.67 -0.82
CA GLN A 76 -6.66 1.01 -0.60
C GLN A 76 -6.99 0.04 -1.77
N LEU A 77 -6.85 0.58 -2.99
CA LEU A 77 -7.05 -0.18 -4.23
C LEU A 77 -5.95 -1.26 -4.37
N LEU A 78 -4.73 -0.95 -3.89
CA LEU A 78 -3.60 -1.91 -3.87
C LEU A 78 -3.87 -3.05 -2.83
N LYS A 79 -4.70 -2.79 -1.77
CA LYS A 79 -5.09 -3.86 -0.81
C LYS A 79 -5.98 -4.85 -1.55
N GLY A 80 -7.09 -4.30 -2.12
CA GLY A 80 -8.11 -5.11 -2.80
C GLY A 80 -7.57 -5.87 -4.01
N LEU A 81 -6.68 -5.20 -4.75
CA LEU A 81 -6.06 -5.76 -5.97
C LEU A 81 -5.05 -6.85 -5.63
N LEU A 82 -4.18 -6.60 -4.61
CA LEU A 82 -3.16 -7.59 -4.21
C LEU A 82 -3.79 -8.76 -3.44
N GLN A 83 -4.97 -8.51 -2.86
CA GLN A 83 -5.82 -9.56 -2.28
C GLN A 83 -6.26 -10.52 -3.40
N GLN A 84 -6.81 -9.93 -4.49
CA GLN A 84 -7.16 -10.67 -5.72
C GLN A 84 -5.97 -11.51 -6.20
N ARG A 85 -4.76 -10.89 -6.19
CA ARG A 85 -3.50 -11.54 -6.58
C ARG A 85 -3.25 -12.79 -5.73
N LEU A 86 -3.37 -12.65 -4.40
CA LEU A 86 -3.08 -13.74 -3.44
C LEU A 86 -4.11 -14.87 -3.51
N ASP A 87 -5.36 -14.54 -3.87
CA ASP A 87 -6.41 -15.54 -4.15
C ASP A 87 -6.00 -16.39 -5.36
N GLU A 88 -5.49 -15.71 -6.41
CA GLU A 88 -5.01 -16.35 -7.65
C GLU A 88 -3.79 -17.25 -7.36
N LEU A 89 -2.84 -16.75 -6.55
CA LEU A 89 -1.58 -17.47 -6.23
C LEU A 89 -1.84 -18.70 -5.34
N SER A 90 -2.80 -18.59 -4.41
CA SER A 90 -3.18 -19.71 -3.54
C SER A 90 -3.93 -20.80 -4.36
N SER A 91 -4.89 -20.36 -5.18
CA SER A 91 -5.76 -21.27 -5.96
C SER A 91 -4.97 -22.00 -7.05
N LEU A 92 -4.02 -21.30 -7.67
CA LEU A 92 -3.18 -21.81 -8.75
C LEU A 92 -1.97 -22.57 -8.17
N ILE A 93 -1.11 -21.82 -7.47
CA ILE A 93 0.23 -22.27 -7.05
C ILE A 93 0.19 -23.07 -5.73
N GLY A 94 -0.85 -22.84 -4.88
CA GLY A 94 -0.91 -23.35 -3.51
C GLY A 94 -0.54 -24.83 -3.34
N GLN A 95 -1.28 -25.70 -4.04
CA GLN A 95 -1.05 -27.16 -3.98
C GLN A 95 0.13 -27.56 -4.88
N VAL A 96 1.35 -27.49 -4.31
CA VAL A 96 2.62 -27.88 -4.96
C VAL A 96 3.50 -28.61 -3.94
N LEU A 97 3.61 -28.01 -2.75
CA LEU A 97 4.42 -28.51 -1.62
C LEU A 97 3.60 -28.33 -0.34
N PHE A 98 2.98 -27.14 -0.24
CA PHE A 98 2.25 -26.69 0.95
C PHE A 98 0.77 -27.07 0.82
N GLN A 99 0.07 -27.12 1.96
CA GLN A 99 -1.29 -27.67 2.05
C GLN A 99 -2.29 -26.58 2.50
N GLY A 100 -3.44 -26.52 1.79
CA GLY A 100 -4.58 -25.68 2.16
C GLY A 100 -5.87 -26.50 2.22
N PRO A 101 -7.05 -25.89 2.60
CA PRO A 101 -8.36 -26.60 2.58
C PRO A 101 -8.76 -26.96 1.12
N SER A 102 -9.01 -25.92 0.31
CA SER A 102 -9.24 -26.01 -1.14
C SER A 102 -9.46 -24.60 -1.70
N ALA A 103 -9.02 -24.39 -2.95
CA ALA A 103 -9.14 -23.09 -3.64
C ALA A 103 -9.02 -23.32 -5.15
N GLY A 104 -10.13 -23.09 -5.89
CA GLY A 104 -10.15 -23.19 -7.35
C GLY A 104 -9.94 -21.84 -8.02
N LEU A 105 -9.19 -21.82 -9.13
CA LEU A 105 -8.89 -20.58 -9.89
C LEU A 105 -9.94 -20.36 -11.00
N VAL A 106 -9.87 -19.21 -11.66
CA VAL A 106 -10.73 -18.87 -12.81
C VAL A 106 -9.87 -18.36 -13.98
N PRO A 107 -10.31 -18.58 -15.27
CA PRO A 107 -9.73 -17.89 -16.43
C PRO A 107 -10.02 -16.37 -16.35
N ARG A 108 -9.09 -15.64 -15.71
CA ARG A 108 -9.19 -14.19 -15.46
C ARG A 108 -9.26 -13.37 -16.78
N GLY A 109 -9.47 -12.07 -16.63
CA GLY A 109 -9.36 -11.13 -17.74
C GLY A 109 -7.90 -10.85 -18.06
N SER A 110 -7.50 -11.12 -19.33
CA SER A 110 -6.13 -10.90 -19.82
C SER A 110 -5.77 -9.40 -19.78
N GLY A 111 -5.02 -9.01 -18.74
CA GLY A 111 -4.67 -7.60 -18.48
C GLY A 111 -4.50 -7.35 -16.98
N GLY A 112 -5.11 -8.23 -16.15
CA GLY A 112 -5.01 -8.18 -14.68
C GLY A 112 -6.32 -7.85 -13.99
N ILE A 113 -7.45 -8.14 -14.69
CA ILE A 113 -8.82 -7.85 -14.19
C ILE A 113 -9.64 -9.14 -14.08
N GLU A 114 -10.90 -8.97 -13.59
CA GLU A 114 -11.93 -10.03 -13.51
C GLU A 114 -11.64 -11.06 -12.39
N GLY A 115 -12.70 -11.47 -11.67
CA GLY A 115 -12.59 -12.40 -10.53
C GLY A 115 -13.04 -11.71 -9.25
N SER A 116 -14.00 -12.34 -8.52
CA SER A 116 -14.49 -11.81 -7.22
C SER A 116 -13.32 -11.73 -6.23
N ASN A 117 -12.75 -12.91 -5.93
CA ASN A 117 -11.53 -13.07 -5.13
C ASN A 117 -11.63 -12.33 -3.78
N LEU A 118 -12.46 -12.89 -2.89
CA LEU A 118 -12.81 -12.29 -1.59
C LEU A 118 -11.56 -12.24 -0.67
N ASN A 119 -11.04 -13.42 -0.29
CA ASN A 119 -9.77 -13.58 0.45
C ASN A 119 -9.44 -15.08 0.60
N THR A 120 -8.27 -15.49 0.08
CA THR A 120 -7.73 -16.85 0.28
C THR A 120 -6.35 -16.76 0.94
N ASP A 121 -6.37 -16.74 2.29
CA ASP A 121 -5.16 -16.66 3.13
C ASP A 121 -4.74 -18.06 3.58
N MET A 122 -5.70 -19.01 3.55
CA MET A 122 -5.49 -20.40 3.98
C MET A 122 -4.88 -21.20 2.82
N GLY A 123 -3.54 -21.27 2.80
CA GLY A 123 -2.79 -22.00 1.79
C GLY A 123 -1.83 -21.09 1.03
N ASN A 124 -0.59 -21.56 0.82
CA ASN A 124 0.46 -20.83 0.09
C ASN A 124 1.15 -21.77 -0.90
N GLY A 125 1.92 -21.21 -1.84
CA GLY A 125 2.55 -22.01 -2.90
C GLY A 125 4.02 -21.72 -3.08
N ILE A 126 4.62 -22.35 -4.10
CA ILE A 126 6.03 -22.14 -4.48
C ILE A 126 6.18 -20.74 -5.14
N ALA A 127 7.42 -20.32 -5.48
CA ALA A 127 7.77 -18.89 -5.63
C ALA A 127 7.60 -18.19 -4.28
N SER A 128 7.98 -18.94 -3.23
CA SER A 128 7.79 -18.58 -1.82
C SER A 128 8.49 -17.27 -1.45
N ASN A 129 9.54 -16.91 -2.23
CA ASN A 129 10.22 -15.62 -2.07
C ASN A 129 9.23 -14.47 -2.32
N ARG A 130 8.62 -14.46 -3.52
CA ARG A 130 7.66 -13.41 -3.91
C ARG A 130 6.34 -13.51 -3.11
N TRP A 131 5.99 -14.74 -2.69
CA TRP A 131 4.75 -15.01 -1.95
C TRP A 131 4.85 -14.41 -0.52
N ILE A 132 6.02 -14.59 0.12
CA ILE A 132 6.29 -14.04 1.47
C ILE A 132 6.61 -12.52 1.39
N ASN A 133 7.12 -12.07 0.23
CA ASN A 133 7.23 -10.62 -0.07
C ASN A 133 5.82 -9.98 -0.09
N TYR A 134 4.85 -10.72 -0.65
CA TYR A 134 3.43 -10.31 -0.71
C TYR A 134 2.76 -10.35 0.67
N GLN A 135 3.06 -11.40 1.45
CA GLN A 135 2.58 -11.57 2.84
C GLN A 135 3.02 -10.35 3.67
N GLN A 136 4.33 -10.05 3.60
CA GLN A 136 4.94 -8.90 4.25
C GLN A 136 4.39 -7.58 3.67
N PHE A 137 4.06 -7.59 2.36
CA PHE A 137 3.52 -6.41 1.68
C PHE A 137 2.18 -6.05 2.33
N ILE A 138 1.30 -7.05 2.51
CA ILE A 138 -0.04 -6.87 3.11
C ILE A 138 0.07 -6.44 4.57
N GLN A 139 0.99 -7.08 5.32
CA GLN A 139 1.19 -6.82 6.76
C GLN A 139 1.66 -5.36 7.00
N THR A 140 2.73 -4.97 6.33
CA THR A 140 3.34 -3.65 6.51
C THR A 140 2.48 -2.55 5.84
N LEU A 141 1.72 -2.92 4.76
CA LEU A 141 0.69 -2.05 4.16
C LEU A 141 -0.50 -1.86 5.11
N GLU A 142 -0.83 -2.90 5.90
CA GLU A 142 -1.95 -2.90 6.86
C GLU A 142 -1.65 -1.86 7.96
N LYS A 143 -0.44 -1.98 8.53
CA LYS A 143 0.06 -1.07 9.56
C LYS A 143 0.26 0.34 8.97
N ALA A 144 0.74 0.39 7.69
CA ALA A 144 0.96 1.65 6.97
C ALA A 144 -0.34 2.43 6.85
N ILE A 145 -1.37 1.82 6.22
CA ILE A 145 -2.67 2.48 5.92
C ILE A 145 -3.42 2.85 7.22
N GLU A 146 -3.25 2.01 8.28
CA GLU A 146 -3.78 2.29 9.62
C GLU A 146 -3.25 3.65 10.10
N GLN A 147 -1.91 3.73 10.21
CA GLN A 147 -1.20 4.91 10.73
C GLN A 147 -1.36 6.10 9.75
N HIS A 148 -1.47 5.80 8.45
CA HIS A 148 -1.46 6.80 7.36
C HIS A 148 -2.76 7.60 7.38
N ARG A 149 -3.87 6.85 7.55
CA ARG A 149 -5.23 7.39 7.63
C ARG A 149 -5.45 8.09 8.98
N LEU A 150 -4.85 7.52 10.05
CA LEU A 150 -4.88 8.13 11.40
C LEU A 150 -4.07 9.44 11.41
N GLN A 151 -2.95 9.49 10.65
CA GLN A 151 -2.11 10.70 10.53
C GLN A 151 -2.85 11.75 9.71
N LEU A 152 -3.57 11.32 8.65
CA LEU A 152 -4.33 12.22 7.78
C LEU A 152 -5.43 12.93 8.58
N THR A 153 -6.32 12.13 9.22
CA THR A 153 -7.48 12.66 9.97
C THR A 153 -7.01 13.54 11.15
N GLN A 154 -5.91 13.12 11.81
CA GLN A 154 -5.28 13.89 12.90
C GLN A 154 -4.76 15.25 12.39
N TRP A 155 -4.08 15.21 11.23
CA TRP A 155 -3.42 16.36 10.60
C TRP A 155 -4.43 17.39 10.04
N THR A 156 -5.56 16.92 9.53
CA THR A 156 -6.51 17.77 8.78
C THR A 156 -7.78 18.09 9.60
N GLN A 157 -8.50 17.04 10.06
CA GLN A 157 -9.80 17.16 10.75
C GLN A 157 -10.30 15.76 11.18
N LYS A 158 -10.49 15.54 12.48
CA LYS A 158 -11.04 14.29 13.00
C LYS A 158 -12.56 14.33 12.84
N VAL A 159 -13.07 13.49 11.92
CA VAL A 159 -14.51 13.31 11.72
C VAL A 159 -14.78 11.81 11.47
N ASP A 160 -15.76 11.27 12.22
CA ASP A 160 -16.26 9.91 11.98
C ASP A 160 -17.33 9.97 10.86
N LEU A 161 -17.04 9.30 9.74
CA LEU A 161 -17.95 9.24 8.58
C LEU A 161 -19.11 8.27 8.90
N ALA A 162 -20.36 8.79 8.86
CA ALA A 162 -21.58 8.05 9.20
C ALA A 162 -21.74 6.79 8.33
N LEU A 163 -21.71 5.61 8.99
CA LEU A 163 -21.77 4.27 8.35
C LEU A 163 -23.05 4.06 7.51
N LYS A 164 -24.10 4.85 7.82
CA LYS A 164 -25.36 4.87 7.05
C LYS A 164 -25.17 5.70 5.75
N SER A 165 -24.62 5.02 4.72
CA SER A 165 -24.39 5.60 3.38
C SER A 165 -25.73 5.93 2.70
N TRP A 166 -26.78 5.19 3.10
CA TRP A 166 -28.16 5.43 2.68
C TRP A 166 -28.75 6.53 3.59
N MET A 1 9.56 28.66 4.92
CA MET A 1 9.00 27.81 3.84
C MET A 1 9.98 26.67 3.46
N THR A 2 11.25 26.74 3.92
CA THR A 2 12.30 25.77 3.52
C THR A 2 11.93 24.33 3.95
N SER A 3 11.67 24.16 5.25
CA SER A 3 11.28 22.87 5.84
C SER A 3 9.82 22.50 5.45
N THR A 4 9.04 23.50 4.99
CA THR A 4 7.70 23.28 4.41
C THR A 4 7.84 22.55 3.04
N VAL A 5 8.81 23.01 2.22
CA VAL A 5 9.13 22.40 0.92
C VAL A 5 9.59 20.95 1.12
N GLU A 6 10.45 20.75 2.15
CA GLU A 6 10.91 19.43 2.60
C GLU A 6 9.73 18.48 2.93
N PHE A 7 8.79 19.00 3.74
CA PHE A 7 7.57 18.30 4.19
C PHE A 7 6.73 17.82 2.97
N ILE A 8 6.40 18.77 2.08
CA ILE A 8 5.60 18.52 0.87
C ILE A 8 6.33 17.54 -0.05
N ASN A 9 7.66 17.71 -0.18
CA ASN A 9 8.52 16.92 -1.09
C ASN A 9 8.51 15.43 -0.72
N ARG A 10 8.51 15.17 0.58
CA ARG A 10 8.47 13.81 1.12
C ARG A 10 7.04 13.24 1.08
N TRP A 11 6.03 14.13 1.06
CA TRP A 11 4.65 13.75 0.72
C TRP A 11 4.45 13.57 -0.80
N GLN A 12 5.31 14.20 -1.63
CA GLN A 12 5.35 13.97 -3.09
C GLN A 12 5.97 12.60 -3.32
N ARG A 13 6.98 12.28 -2.48
CA ARG A 13 7.62 10.97 -2.46
C ARG A 13 6.55 9.92 -2.26
N ILE A 14 5.85 9.94 -1.10
CA ILE A 14 4.87 8.88 -0.75
C ILE A 14 3.69 8.82 -1.76
N ALA A 15 3.10 10.01 -2.04
CA ALA A 15 1.86 10.11 -2.85
C ALA A 15 2.03 9.58 -4.27
N LEU A 16 3.07 10.08 -4.96
CA LEU A 16 3.29 9.81 -6.38
C LEU A 16 3.96 8.41 -6.56
N LEU A 17 4.73 7.99 -5.54
CA LEU A 17 5.32 6.63 -5.43
C LEU A 17 4.21 5.55 -5.40
N SER A 18 3.23 5.75 -4.50
CA SER A 18 2.14 4.79 -4.28
C SER A 18 1.18 4.73 -5.48
N GLN A 19 0.96 5.90 -6.14
CA GLN A 19 0.15 5.99 -7.38
C GLN A 19 0.84 5.18 -8.50
N SER A 20 2.17 5.37 -8.61
CA SER A 20 2.99 4.63 -9.58
C SER A 20 2.99 3.12 -9.28
N LEU A 21 2.99 2.76 -7.97
CA LEU A 21 2.99 1.35 -7.52
C LEU A 21 1.63 0.68 -7.72
N LEU A 22 0.57 1.47 -7.58
CA LEU A 22 -0.79 1.01 -7.83
C LEU A 22 -0.88 0.56 -9.31
N GLU A 23 -0.48 1.48 -10.21
CA GLU A 23 -0.46 1.21 -11.66
C GLU A 23 0.55 0.10 -12.02
N LEU A 24 1.67 0.05 -11.30
CA LEU A 24 2.77 -0.92 -11.53
C LEU A 24 2.27 -2.35 -11.25
N ALA A 25 1.42 -2.49 -10.21
CA ALA A 25 0.74 -3.75 -9.86
C ALA A 25 -0.30 -4.12 -10.94
N GLN A 26 -1.17 -3.13 -11.29
CA GLN A 26 -2.25 -3.28 -12.31
C GLN A 26 -1.70 -3.77 -13.67
N ARG A 27 -0.51 -3.29 -14.05
CA ARG A 27 0.13 -3.56 -15.36
C ARG A 27 0.85 -4.93 -15.38
N GLY A 28 0.88 -5.62 -14.23
CA GLY A 28 1.41 -6.99 -14.16
C GLY A 28 2.91 -7.06 -13.88
N GLU A 29 3.48 -5.95 -13.41
CA GLU A 29 4.90 -5.88 -13.01
C GLU A 29 5.01 -6.28 -11.52
N TRP A 30 4.60 -7.53 -11.26
CA TRP A 30 4.42 -8.09 -9.92
C TRP A 30 5.76 -8.24 -9.17
N ASP A 31 6.76 -8.78 -9.89
CA ASP A 31 8.13 -8.92 -9.38
C ASP A 31 8.76 -7.55 -9.13
N LEU A 32 8.58 -6.64 -10.11
CA LEU A 32 9.10 -5.27 -10.05
C LEU A 32 8.51 -4.54 -8.83
N LEU A 33 7.24 -4.85 -8.50
CA LEU A 33 6.53 -4.27 -7.34
C LEU A 33 7.19 -4.74 -6.04
N LEU A 34 7.53 -6.05 -5.98
CA LEU A 34 8.28 -6.64 -4.85
C LEU A 34 9.76 -6.17 -4.81
N GLN A 35 10.25 -5.64 -5.93
CA GLN A 35 11.58 -4.98 -5.99
C GLN A 35 11.46 -3.51 -5.54
N GLN A 36 10.22 -2.99 -5.47
CA GLN A 36 9.92 -1.63 -4.93
C GLN A 36 9.33 -1.72 -3.50
N GLU A 37 9.00 -2.96 -3.07
CA GLU A 37 8.43 -3.28 -1.73
C GLU A 37 9.13 -2.52 -0.58
N VAL A 38 10.42 -2.83 -0.35
CA VAL A 38 11.20 -2.32 0.79
C VAL A 38 11.32 -0.79 0.75
N SER A 39 11.60 -0.24 -0.45
CA SER A 39 11.78 1.20 -0.67
C SER A 39 10.48 1.97 -0.38
N TYR A 40 9.33 1.38 -0.75
CA TYR A 40 8.01 1.97 -0.46
C TYR A 40 7.78 2.05 1.04
N LEU A 41 7.77 0.86 1.67
CA LEU A 41 7.45 0.67 3.08
C LEU A 41 8.41 1.50 3.98
N GLN A 42 9.70 1.52 3.62
CA GLN A 42 10.74 2.28 4.34
C GLN A 42 10.48 3.80 4.22
N SER A 43 10.26 4.29 2.99
CA SER A 43 10.04 5.73 2.72
C SER A 43 8.77 6.25 3.42
N ILE A 44 7.69 5.45 3.35
CA ILE A 44 6.37 5.86 3.88
C ILE A 44 6.43 5.96 5.42
N GLU A 45 7.11 4.97 6.06
CA GLU A 45 7.31 4.95 7.51
C GLU A 45 8.17 6.13 8.00
N THR A 46 9.29 6.40 7.29
CA THR A 46 10.26 7.44 7.71
C THR A 46 9.69 8.86 7.60
N VAL A 47 8.89 9.12 6.54
CA VAL A 47 8.24 10.43 6.35
C VAL A 47 7.10 10.63 7.38
N MET A 48 6.33 9.55 7.65
CA MET A 48 5.26 9.59 8.68
C MET A 48 5.85 9.64 10.10
N GLU A 49 7.11 9.19 10.25
CA GLU A 49 7.87 9.26 11.53
C GLU A 49 8.22 10.72 11.85
N LYS A 50 8.32 11.55 10.80
CA LYS A 50 8.75 12.95 10.90
C LYS A 50 7.63 13.83 11.46
N GLN A 51 8.00 14.74 12.38
CA GLN A 51 7.13 15.80 12.88
C GLN A 51 6.90 16.85 11.78
N THR A 52 5.67 17.41 11.71
CA THR A 52 5.31 18.45 10.75
C THR A 52 6.08 19.77 11.06
N PRO A 53 6.92 20.29 10.11
CA PRO A 53 7.60 21.61 10.26
C PRO A 53 6.62 22.80 10.10
N PRO A 54 6.96 24.01 10.67
CA PRO A 54 6.17 25.26 10.47
C PRO A 54 6.21 25.78 9.00
N GLY A 55 5.34 26.76 8.71
CA GLY A 55 5.23 27.36 7.37
C GLY A 55 4.06 26.79 6.57
N ILE A 56 3.24 25.96 7.23
CA ILE A 56 2.08 25.30 6.61
C ILE A 56 0.93 26.31 6.45
N THR A 57 0.79 26.88 5.26
CA THR A 57 -0.32 27.78 4.92
C THR A 57 -1.54 26.95 4.47
N ARG A 58 -2.64 27.65 4.11
CA ARG A 58 -3.89 27.05 3.65
C ARG A 58 -3.63 26.14 2.43
N SER A 59 -3.10 26.75 1.35
CA SER A 59 -2.82 26.04 0.08
C SER A 59 -1.85 24.86 0.29
N ILE A 60 -0.86 25.04 1.22
CA ILE A 60 0.10 23.98 1.58
C ILE A 60 -0.63 22.78 2.19
N GLN A 61 -1.48 23.03 3.23
CA GLN A 61 -2.10 21.96 4.03
C GLN A 61 -3.11 21.16 3.20
N ASP A 62 -3.85 21.84 2.31
CA ASP A 62 -4.85 21.20 1.44
C ASP A 62 -4.19 20.41 0.31
N MET A 63 -3.08 20.95 -0.23
CA MET A 63 -2.29 20.25 -1.27
C MET A 63 -1.64 18.97 -0.69
N VAL A 64 -1.13 19.07 0.55
CA VAL A 64 -0.57 17.96 1.31
C VAL A 64 -1.67 16.97 1.71
N ALA A 65 -2.85 17.50 2.07
CA ALA A 65 -4.04 16.69 2.36
C ALA A 65 -4.44 15.92 1.10
N GLY A 66 -4.17 16.54 -0.07
CA GLY A 66 -4.35 15.92 -1.37
C GLY A 66 -3.38 14.79 -1.61
N TYR A 67 -2.08 14.98 -1.20
CA TYR A 67 -1.04 13.93 -1.30
C TYR A 67 -1.40 12.74 -0.40
N ILE A 68 -1.63 13.01 0.89
CA ILE A 68 -1.86 11.98 1.91
C ILE A 68 -3.11 11.16 1.54
N LYS A 69 -4.20 11.87 1.18
CA LYS A 69 -5.47 11.25 0.78
C LYS A 69 -5.28 10.43 -0.52
N GLN A 70 -4.46 10.98 -1.48
CA GLN A 70 -4.14 10.29 -2.75
C GLN A 70 -3.51 8.93 -2.45
N THR A 71 -2.46 8.93 -1.59
CA THR A 71 -1.74 7.72 -1.22
C THR A 71 -2.57 6.82 -0.29
N LEU A 72 -3.62 7.36 0.40
CA LEU A 72 -4.57 6.50 1.15
C LEU A 72 -5.40 5.66 0.15
N ASP A 73 -5.79 6.31 -0.97
CA ASP A 73 -6.58 5.65 -2.05
C ASP A 73 -5.70 4.66 -2.82
N ASN A 74 -4.45 5.08 -3.11
CA ASN A 74 -3.48 4.24 -3.86
C ASN A 74 -3.14 3.00 -3.04
N GLU A 75 -3.03 3.20 -1.71
CA GLU A 75 -2.82 2.12 -0.75
C GLU A 75 -4.01 1.15 -0.76
N GLN A 76 -5.24 1.66 -0.50
CA GLN A 76 -6.44 0.81 -0.30
C GLN A 76 -6.74 -0.04 -1.56
N LEU A 77 -6.49 0.56 -2.75
CA LEU A 77 -6.67 -0.11 -4.04
C LEU A 77 -5.53 -1.13 -4.26
N LEU A 78 -4.30 -0.80 -3.77
CA LEU A 78 -3.15 -1.73 -3.82
C LEU A 78 -3.42 -2.96 -2.92
N LYS A 79 -4.05 -2.75 -1.72
CA LYS A 79 -4.39 -3.88 -0.81
C LYS A 79 -5.40 -4.76 -1.54
N GLY A 80 -6.40 -4.09 -2.16
CA GLY A 80 -7.49 -4.75 -2.88
C GLY A 80 -7.03 -5.73 -3.94
N LEU A 81 -6.32 -5.22 -4.97
CA LEU A 81 -5.96 -6.04 -6.14
C LEU A 81 -4.79 -7.00 -5.83
N LEU A 82 -3.87 -6.61 -4.91
CA LEU A 82 -2.69 -7.44 -4.56
C LEU A 82 -3.13 -8.65 -3.71
N GLN A 83 -4.08 -8.43 -2.79
CA GLN A 83 -4.63 -9.51 -1.94
C GLN A 83 -5.51 -10.44 -2.79
N GLN A 84 -6.35 -9.84 -3.66
CA GLN A 84 -7.15 -10.59 -4.65
C GLN A 84 -6.22 -11.42 -5.58
N ARG A 85 -5.04 -10.84 -5.87
CA ARG A 85 -3.98 -11.50 -6.64
C ARG A 85 -3.42 -12.68 -5.84
N LEU A 86 -3.26 -12.51 -4.51
CA LEU A 86 -2.76 -13.59 -3.62
C LEU A 86 -3.68 -14.82 -3.65
N ASP A 87 -4.99 -14.55 -3.56
CA ASP A 87 -6.04 -15.60 -3.64
C ASP A 87 -5.94 -16.34 -4.97
N GLU A 88 -5.94 -15.58 -6.09
CA GLU A 88 -5.91 -16.18 -7.44
C GLU A 88 -4.53 -16.81 -7.77
N LEU A 89 -3.43 -16.37 -7.08
CA LEU A 89 -2.08 -16.99 -7.21
C LEU A 89 -2.13 -18.42 -6.63
N SER A 90 -2.57 -18.51 -5.37
CA SER A 90 -2.58 -19.79 -4.62
C SER A 90 -3.63 -20.77 -5.19
N SER A 91 -4.72 -20.23 -5.79
CA SER A 91 -5.76 -21.05 -6.44
C SER A 91 -5.31 -21.50 -7.84
N LEU A 92 -4.51 -20.66 -8.52
CA LEU A 92 -3.91 -20.96 -9.84
C LEU A 92 -2.99 -22.17 -9.73
N ILE A 93 -2.05 -22.09 -8.77
CA ILE A 93 -1.06 -23.14 -8.55
C ILE A 93 -1.75 -24.37 -7.95
N GLY A 94 -2.38 -24.18 -6.76
CA GLY A 94 -3.18 -25.22 -6.07
C GLY A 94 -2.38 -26.39 -5.43
N GLN A 95 -1.40 -26.90 -6.18
CA GLN A 95 -0.75 -28.20 -5.94
C GLN A 95 0.04 -28.23 -4.62
N VAL A 96 -0.65 -28.72 -3.55
CA VAL A 96 -0.07 -28.92 -2.20
C VAL A 96 -1.11 -29.59 -1.27
N LEU A 97 -2.32 -29.02 -1.23
CA LEU A 97 -3.45 -29.50 -0.40
C LEU A 97 -4.51 -30.15 -1.30
N PHE A 98 -4.52 -29.68 -2.56
CA PHE A 98 -5.53 -29.98 -3.58
C PHE A 98 -4.89 -29.88 -4.98
N GLN A 99 -5.68 -30.13 -6.01
CA GLN A 99 -5.28 -29.98 -7.42
C GLN A 99 -6.51 -29.56 -8.26
N GLY A 100 -6.29 -28.72 -9.27
CA GLY A 100 -7.36 -28.18 -10.10
C GLY A 100 -7.41 -26.66 -9.99
N PRO A 101 -6.72 -25.91 -10.91
CA PRO A 101 -6.64 -24.42 -10.86
C PRO A 101 -8.02 -23.72 -10.89
N SER A 102 -8.09 -22.57 -10.20
CA SER A 102 -9.28 -21.72 -10.17
C SER A 102 -8.81 -20.26 -9.94
N ALA A 103 -9.76 -19.34 -9.74
CA ALA A 103 -9.49 -17.92 -9.45
C ALA A 103 -10.73 -17.31 -8.79
N GLY A 104 -10.56 -16.75 -7.57
CA GLY A 104 -11.67 -16.12 -6.83
C GLY A 104 -12.00 -14.73 -7.35
N LEU A 105 -12.60 -14.69 -8.56
CA LEU A 105 -12.98 -13.45 -9.27
C LEU A 105 -14.51 -13.44 -9.47
N VAL A 106 -15.20 -12.66 -8.64
CA VAL A 106 -16.64 -12.41 -8.77
C VAL A 106 -16.95 -10.91 -8.46
N PRO A 107 -16.68 -9.99 -9.43
CA PRO A 107 -17.14 -8.58 -9.34
C PRO A 107 -18.66 -8.48 -9.58
N ARG A 108 -19.14 -9.33 -10.51
CA ARG A 108 -20.51 -9.34 -11.02
C ARG A 108 -20.69 -10.59 -11.89
N GLY A 109 -21.92 -11.09 -12.01
CA GLY A 109 -22.27 -12.15 -12.97
C GLY A 109 -22.56 -11.56 -14.34
N SER A 110 -21.54 -10.89 -14.90
CA SER A 110 -21.66 -10.12 -16.15
C SER A 110 -21.46 -11.07 -17.35
N GLY A 111 -22.46 -11.08 -18.25
CA GLY A 111 -22.54 -12.04 -19.36
C GLY A 111 -21.29 -12.08 -20.25
N GLY A 112 -20.50 -13.16 -20.10
CA GLY A 112 -19.29 -13.39 -20.86
C GLY A 112 -18.04 -12.97 -20.10
N ILE A 113 -17.77 -11.65 -20.10
CA ILE A 113 -16.54 -11.07 -19.53
C ILE A 113 -16.32 -11.44 -18.02
N GLU A 114 -17.30 -11.18 -17.15
CA GLU A 114 -17.27 -11.66 -15.73
C GLU A 114 -18.29 -12.80 -15.57
N GLY A 115 -18.24 -13.78 -16.50
CA GLY A 115 -19.09 -14.97 -16.44
C GLY A 115 -18.55 -15.97 -15.42
N SER A 116 -18.58 -15.58 -14.14
CA SER A 116 -17.94 -16.29 -13.04
C SER A 116 -18.64 -15.98 -11.71
N ASN A 117 -18.63 -16.98 -10.81
CA ASN A 117 -19.19 -16.88 -9.45
C ASN A 117 -18.13 -17.37 -8.43
N LEU A 118 -16.92 -17.74 -8.92
CA LEU A 118 -15.84 -18.28 -8.08
C LEU A 118 -15.35 -17.21 -7.10
N ASN A 119 -15.29 -17.57 -5.80
CA ASN A 119 -15.03 -16.62 -4.69
C ASN A 119 -14.21 -17.30 -3.60
N THR A 120 -14.84 -18.27 -2.90
CA THR A 120 -14.31 -18.88 -1.67
C THR A 120 -13.62 -20.24 -1.96
N ASP A 121 -12.94 -20.29 -3.11
CA ASP A 121 -12.25 -21.50 -3.60
C ASP A 121 -10.97 -21.77 -2.78
N MET A 122 -9.92 -20.95 -3.04
CA MET A 122 -8.57 -21.15 -2.47
C MET A 122 -7.88 -19.78 -2.27
N GLY A 123 -7.12 -19.64 -1.18
CA GLY A 123 -6.41 -18.40 -0.86
C GLY A 123 -5.35 -18.60 0.21
N ASN A 124 -4.61 -19.71 0.09
CA ASN A 124 -3.71 -20.22 1.15
C ASN A 124 -2.30 -19.58 1.04
N GLY A 125 -1.53 -20.00 0.02
CA GLY A 125 -0.14 -19.57 -0.16
C GLY A 125 0.75 -20.73 -0.56
N ILE A 126 1.33 -20.70 -1.77
CA ILE A 126 2.10 -21.85 -2.31
C ILE A 126 3.57 -21.46 -2.53
N ALA A 127 3.80 -20.56 -3.52
CA ALA A 127 5.15 -20.12 -3.92
C ALA A 127 5.79 -19.26 -2.82
N SER A 128 6.68 -19.90 -2.03
CA SER A 128 7.17 -19.36 -0.74
C SER A 128 7.71 -17.91 -0.85
N ASN A 129 8.82 -17.72 -1.61
CA ASN A 129 9.55 -16.44 -1.69
C ASN A 129 8.64 -15.27 -2.12
N ARG A 130 7.94 -15.44 -3.25
CA ARG A 130 7.07 -14.39 -3.82
C ARG A 130 5.88 -14.07 -2.88
N TRP A 131 5.24 -15.13 -2.34
CA TRP A 131 4.02 -15.03 -1.51
C TRP A 131 4.34 -14.45 -0.11
N ILE A 132 5.58 -14.68 0.38
CA ILE A 132 6.04 -14.19 1.70
C ILE A 132 6.55 -12.73 1.56
N ASN A 133 7.11 -12.39 0.39
CA ASN A 133 7.41 -10.98 0.03
C ASN A 133 6.11 -10.18 -0.02
N TYR A 134 5.09 -10.80 -0.63
CA TYR A 134 3.72 -10.25 -0.72
C TYR A 134 3.04 -10.19 0.65
N GLN A 135 3.27 -11.22 1.47
CA GLN A 135 2.68 -11.30 2.83
C GLN A 135 3.25 -10.16 3.68
N GLN A 136 4.58 -9.99 3.64
CA GLN A 136 5.31 -8.91 4.32
C GLN A 136 4.88 -7.53 3.74
N PHE A 137 4.58 -7.52 2.41
CA PHE A 137 4.10 -6.32 1.71
C PHE A 137 2.79 -5.89 2.38
N ILE A 138 1.82 -6.84 2.46
CA ILE A 138 0.48 -6.59 3.01
C ILE A 138 0.52 -6.20 4.49
N GLN A 139 1.40 -6.87 5.27
CA GLN A 139 1.53 -6.63 6.72
C GLN A 139 1.95 -5.17 6.99
N THR A 140 3.06 -4.74 6.36
CA THR A 140 3.59 -3.40 6.53
C THR A 140 2.72 -2.35 5.80
N LEU A 141 1.99 -2.79 4.73
CA LEU A 141 0.95 -1.97 4.07
C LEU A 141 -0.18 -1.67 5.07
N GLU A 142 -0.54 -2.71 5.86
CA GLU A 142 -1.72 -2.71 6.75
C GLU A 142 -1.48 -1.74 7.92
N LYS A 143 -0.30 -1.84 8.55
CA LYS A 143 0.08 -0.94 9.64
C LYS A 143 0.49 0.46 9.12
N ALA A 144 0.98 0.54 7.84
CA ALA A 144 1.24 1.84 7.19
C ALA A 144 -0.05 2.63 7.06
N ILE A 145 -1.04 2.06 6.32
CA ILE A 145 -2.37 2.70 6.09
C ILE A 145 -3.12 2.96 7.42
N GLU A 146 -2.85 2.10 8.45
CA GLU A 146 -3.36 2.29 9.82
C GLU A 146 -2.87 3.64 10.40
N GLN A 147 -1.53 3.78 10.49
CA GLN A 147 -0.87 4.96 11.06
C GLN A 147 -1.07 6.21 10.16
N HIS A 148 -1.29 5.94 8.87
CA HIS A 148 -1.42 6.96 7.81
C HIS A 148 -2.84 7.54 7.83
N ARG A 149 -3.82 6.68 8.17
CA ARG A 149 -5.23 7.03 8.33
C ARG A 149 -5.37 7.95 9.54
N LEU A 150 -4.77 7.48 10.67
CA LEU A 150 -4.77 8.19 11.96
C LEU A 150 -4.06 9.55 11.84
N GLN A 151 -2.91 9.56 11.15
CA GLN A 151 -2.13 10.78 10.92
C GLN A 151 -2.93 11.80 10.09
N LEU A 152 -3.59 11.31 9.00
CA LEU A 152 -4.39 12.16 8.08
C LEU A 152 -5.53 12.86 8.83
N THR A 153 -6.36 12.09 9.56
CA THR A 153 -7.54 12.63 10.28
C THR A 153 -7.10 13.65 11.34
N GLN A 154 -6.02 13.32 12.10
CA GLN A 154 -5.47 14.21 13.14
C GLN A 154 -4.83 15.47 12.53
N TRP A 155 -4.35 15.36 11.28
CA TRP A 155 -3.71 16.45 10.55
C TRP A 155 -4.75 17.43 9.96
N THR A 156 -5.87 16.90 9.44
CA THR A 156 -6.84 17.71 8.68
C THR A 156 -8.16 17.97 9.47
N GLN A 157 -8.85 16.87 9.86
CA GLN A 157 -10.21 16.93 10.48
C GLN A 157 -10.52 15.56 11.10
N LYS A 158 -10.91 15.55 12.39
CA LYS A 158 -11.37 14.34 13.09
C LYS A 158 -12.64 13.78 12.44
N VAL A 159 -13.75 14.52 12.63
CA VAL A 159 -15.05 14.19 12.04
C VAL A 159 -16.01 15.41 12.18
N ASP A 160 -16.18 16.13 11.06
CA ASP A 160 -17.20 17.18 10.94
C ASP A 160 -18.56 16.50 10.76
N LEU A 161 -19.35 16.43 11.84
CA LEU A 161 -20.63 15.71 11.87
C LEU A 161 -21.80 16.66 12.19
N ALA A 162 -22.99 16.27 11.71
CA ALA A 162 -24.26 16.96 11.97
C ALA A 162 -25.40 16.01 11.58
N LEU A 163 -25.59 14.96 12.40
CA LEU A 163 -26.63 13.93 12.20
C LEU A 163 -27.77 14.12 13.22
N LYS A 164 -28.66 13.10 13.32
CA LYS A 164 -29.70 13.04 14.35
C LYS A 164 -29.76 11.63 14.97
N SER A 165 -29.94 10.59 14.12
CA SER A 165 -30.07 9.17 14.53
C SER A 165 -31.34 8.95 15.38
N TRP A 166 -32.39 8.36 14.77
CA TRP A 166 -33.68 8.10 15.42
C TRP A 166 -33.86 6.58 15.65
#